data_2K1Q
#
_entry.id   2K1Q
#
_cell.length_a   1.000
_cell.length_b   1.000
_cell.length_c   1.000
_cell.angle_alpha   90.00
_cell.angle_beta   90.00
_cell.angle_gamma   90.00
#
_symmetry.space_group_name_H-M   'P 1'
#
loop_
_entity.id
_entity.type
_entity.pdbx_description
1 polymer 'NS3 PROTEASE'
2 polymer PHENETHYLAMIDE
3 non-polymer 'ZINC ION'
#
loop_
_entity_poly.entity_id
_entity_poly.type
_entity_poly.pdbx_seq_one_letter_code
_entity_poly.pdbx_strand_id
1 'polypeptide(L)'
;APITAYSQQTRGLLGCIITSLTGRDKNQVEGEVQVVSTATQSFLATCVNGVCWTVYHGAGSKTLAGPKGPITQMYTNVDQ
DLVGWQAPPGARSLTPCTCGSSDLYLVTRHADVIPVRRRGDSRGSLLSPRPVSYLKGSSGGPLLCPSGHAVGIFRAAVCT
RGVAKAVDFVPVESMETTMRASKKKK
;
A
2 'polypeptide(L)' (IBU)EL(OBF)(FE3) B
#
# COMPACT_ATOMS: atom_id res chain seq x y z
N THR A 22 -15.19 26.64 -12.43
CA THR A 22 -14.70 25.24 -12.23
C THR A 22 -15.89 24.28 -12.15
N GLY A 23 -16.96 24.56 -12.86
CA GLY A 23 -18.15 23.68 -12.83
C GLY A 23 -17.83 22.36 -13.53
N ARG A 24 -17.54 21.33 -12.76
CA ARG A 24 -17.20 20.01 -13.37
C ARG A 24 -18.00 18.89 -12.68
N ASP A 25 -18.60 18.02 -13.44
CA ASP A 25 -19.39 16.90 -12.83
C ASP A 25 -18.50 16.04 -11.93
N LYS A 26 -17.28 15.79 -12.36
CA LYS A 26 -16.31 14.96 -11.57
C LYS A 26 -16.98 13.76 -10.87
N ASN A 27 -17.87 13.09 -11.55
CA ASN A 27 -18.57 11.92 -10.93
C ASN A 27 -17.63 10.71 -10.89
N GLN A 28 -17.52 10.07 -9.76
CA GLN A 28 -16.62 8.89 -9.63
C GLN A 28 -17.18 7.91 -8.59
N VAL A 29 -16.76 6.67 -8.65
CA VAL A 29 -17.25 5.66 -7.66
C VAL A 29 -16.35 5.67 -6.42
N GLU A 30 -16.94 5.57 -5.25
CA GLU A 30 -16.13 5.57 -4.00
C GLU A 30 -15.14 4.40 -4.00
N GLY A 31 -13.89 4.66 -3.71
CA GLY A 31 -12.88 3.57 -3.69
C GLY A 31 -11.58 4.10 -3.09
N GLU A 32 -11.33 3.80 -1.83
CA GLU A 32 -10.08 4.29 -1.17
C GLU A 32 -8.85 3.68 -1.85
N VAL A 33 -8.97 2.46 -2.32
CA VAL A 33 -7.81 1.79 -2.99
C VAL A 33 -8.02 1.79 -4.51
N GLN A 34 -7.03 2.22 -5.25
CA GLN A 34 -7.18 2.26 -6.74
C GLN A 34 -6.16 1.31 -7.39
N VAL A 35 -6.42 0.91 -8.61
CA VAL A 35 -5.49 -0.01 -9.32
C VAL A 35 -4.38 0.80 -9.99
N VAL A 36 -3.15 0.54 -9.65
CA VAL A 36 -2.01 1.29 -10.25
C VAL A 36 -1.10 0.33 -11.00
N SER A 37 -0.57 0.75 -12.12
CA SER A 37 0.32 -0.16 -12.91
C SER A 37 1.49 0.61 -13.53
N THR A 38 2.54 -0.09 -13.88
CA THR A 38 3.73 0.56 -14.51
C THR A 38 4.02 -0.11 -15.84
N ALA A 39 5.15 0.20 -16.44
CA ALA A 39 5.50 -0.43 -17.74
C ALA A 39 6.16 -1.80 -17.54
N THR A 40 6.22 -2.29 -16.32
CA THR A 40 6.86 -3.61 -16.06
C THR A 40 5.94 -4.53 -15.25
N GLN A 41 5.23 -3.99 -14.29
CA GLN A 41 4.32 -4.84 -13.45
C GLN A 41 3.12 -4.04 -12.95
N SER A 42 2.15 -4.72 -12.38
CA SER A 42 0.94 -4.02 -11.85
C SER A 42 0.81 -4.27 -10.35
N PHE A 43 0.29 -3.31 -9.62
CA PHE A 43 0.15 -3.49 -8.13
C PHE A 43 -0.95 -2.57 -7.60
N LEU A 44 -1.19 -2.60 -6.31
CA LEU A 44 -2.27 -1.75 -5.73
C LEU A 44 -1.69 -0.67 -4.82
N ALA A 45 -2.40 0.43 -4.67
CA ALA A 45 -1.91 1.54 -3.80
C ALA A 45 -3.02 1.98 -2.84
N THR A 46 -2.66 2.66 -1.79
CA THR A 46 -3.70 3.12 -0.80
C THR A 46 -3.58 4.63 -0.58
N CYS A 47 -4.69 5.31 -0.46
CA CYS A 47 -4.65 6.79 -0.24
C CYS A 47 -4.84 7.12 1.23
N VAL A 48 -3.78 7.49 1.90
CA VAL A 48 -3.87 7.84 3.35
C VAL A 48 -3.68 9.35 3.53
N ASN A 49 -4.57 9.99 4.26
CA ASN A 49 -4.46 11.47 4.47
C ASN A 49 -4.46 12.21 3.13
N GLY A 50 -5.24 11.75 2.19
CA GLY A 50 -5.32 12.43 0.86
C GLY A 50 -4.03 12.20 0.06
N VAL A 51 -3.25 11.20 0.40
CA VAL A 51 -1.99 10.94 -0.34
C VAL A 51 -1.88 9.45 -0.71
N CYS A 52 -1.61 9.15 -1.96
CA CYS A 52 -1.48 7.72 -2.37
C CYS A 52 -0.15 7.15 -1.89
N TRP A 53 -0.11 5.89 -1.59
CA TRP A 53 1.18 5.29 -1.10
C TRP A 53 1.43 3.92 -1.74
N THR A 54 2.68 3.57 -1.90
CA THR A 54 3.03 2.26 -2.52
C THR A 54 4.53 1.99 -2.33
N VAL A 55 5.02 0.88 -2.82
CA VAL A 55 6.48 0.59 -2.67
C VAL A 55 7.26 1.17 -3.86
N TYR A 56 8.53 1.39 -3.70
CA TYR A 56 9.35 1.99 -4.79
C TYR A 56 9.67 0.97 -5.90
N HIS A 57 9.99 -0.25 -5.54
CA HIS A 57 10.33 -1.26 -6.59
C HIS A 57 9.11 -1.55 -7.49
N GLY A 58 7.93 -1.32 -6.98
CA GLY A 58 6.70 -1.55 -7.81
C GLY A 58 6.44 -0.32 -8.67
N ALA A 59 6.30 0.82 -8.04
CA ALA A 59 6.04 2.09 -8.79
C ALA A 59 7.36 2.84 -9.00
N GLY A 60 8.00 3.23 -7.93
CA GLY A 60 9.28 3.99 -8.05
C GLY A 60 8.99 5.45 -8.37
N SER A 61 10.01 6.25 -8.52
CA SER A 61 9.81 7.70 -8.83
C SER A 61 9.50 7.86 -10.32
N LYS A 62 8.40 7.32 -10.77
CA LYS A 62 8.03 7.43 -12.21
C LYS A 62 6.53 7.70 -12.35
N THR A 63 6.10 8.07 -13.53
CA THR A 63 4.64 8.35 -13.75
C THR A 63 3.84 7.07 -13.57
N LEU A 64 2.69 7.16 -12.94
CA LEU A 64 1.86 5.95 -12.71
C LEU A 64 0.55 6.06 -13.52
N ALA A 65 0.21 5.02 -14.24
CA ALA A 65 -1.05 5.05 -15.04
C ALA A 65 -2.18 4.38 -14.26
N GLY A 66 -3.12 5.15 -13.79
CA GLY A 66 -4.26 4.56 -13.02
C GLY A 66 -5.52 4.56 -13.89
N PRO A 67 -6.65 4.33 -13.25
CA PRO A 67 -7.91 4.32 -14.06
C PRO A 67 -8.22 5.71 -14.62
N LYS A 68 -7.84 6.74 -13.90
CA LYS A 68 -8.10 8.13 -14.37
C LYS A 68 -7.11 8.50 -15.47
N GLY A 69 -5.92 7.95 -15.42
CA GLY A 69 -4.90 8.26 -16.46
C GLY A 69 -3.52 8.34 -15.81
N PRO A 70 -2.72 9.30 -16.25
CA PRO A 70 -1.36 9.42 -15.65
C PRO A 70 -1.45 10.06 -14.26
N ILE A 71 -0.44 9.91 -13.46
CA ILE A 71 -0.46 10.50 -12.09
C ILE A 71 0.84 11.27 -11.81
N THR A 72 0.73 12.41 -11.17
CA THR A 72 1.95 13.22 -10.85
C THR A 72 2.64 12.67 -9.60
N GLN A 73 3.93 12.82 -9.49
CA GLN A 73 4.65 12.31 -8.29
C GLN A 73 4.66 13.37 -7.18
N MET A 74 4.32 12.98 -5.98
CA MET A 74 4.30 13.95 -4.85
C MET A 74 5.45 13.66 -3.87
N TYR A 75 5.65 12.40 -3.54
CA TYR A 75 6.74 12.04 -2.60
C TYR A 75 7.59 10.91 -3.17
N THR A 76 8.86 10.87 -2.83
CA THR A 76 9.75 9.79 -3.34
C THR A 76 10.83 9.46 -2.30
N ASN A 77 11.09 8.20 -2.09
CA ASN A 77 12.12 7.80 -1.09
C ASN A 77 12.77 6.47 -1.51
N VAL A 78 13.82 6.53 -2.28
CA VAL A 78 14.51 5.29 -2.73
C VAL A 78 15.04 4.52 -1.51
N ASP A 79 15.57 5.21 -0.54
CA ASP A 79 16.12 4.53 0.67
C ASP A 79 15.02 3.77 1.41
N GLN A 80 13.87 4.37 1.55
CA GLN A 80 12.74 3.69 2.27
C GLN A 80 11.92 2.84 1.29
N ASP A 81 12.28 2.83 0.01
CA ASP A 81 11.51 2.03 -0.99
C ASP A 81 10.01 2.40 -0.95
N LEU A 82 9.70 3.67 -0.91
CA LEU A 82 8.27 4.10 -0.86
C LEU A 82 8.06 5.38 -1.67
N VAL A 83 6.97 5.45 -2.40
CA VAL A 83 6.67 6.67 -3.21
C VAL A 83 5.20 7.06 -3.01
N GLY A 84 4.85 8.29 -3.25
CA GLY A 84 3.43 8.72 -3.07
C GLY A 84 3.00 9.65 -4.20
N TRP A 85 1.73 9.69 -4.49
CA TRP A 85 1.22 10.57 -5.59
C TRP A 85 0.21 11.57 -5.03
N GLN A 86 0.08 12.71 -5.63
CA GLN A 86 -0.91 13.72 -5.14
C GLN A 86 -2.33 13.20 -5.41
N ALA A 87 -3.08 12.95 -4.36
CA ALA A 87 -4.47 12.43 -4.55
C ALA A 87 -5.37 13.52 -5.14
N PRO A 88 -6.08 13.18 -6.20
CA PRO A 88 -6.98 14.20 -6.81
C PRO A 88 -8.16 14.49 -5.88
N PRO A 89 -8.79 15.63 -6.10
CA PRO A 89 -9.95 15.98 -5.23
C PRO A 89 -11.08 14.98 -5.42
N GLY A 90 -11.94 14.85 -4.44
CA GLY A 90 -13.07 13.88 -4.55
C GLY A 90 -12.57 12.45 -4.29
N ALA A 91 -11.52 12.32 -3.53
CA ALA A 91 -10.97 10.96 -3.22
C ALA A 91 -11.13 10.65 -1.73
N ARG A 92 -11.24 9.39 -1.39
CA ARG A 92 -11.40 9.01 0.05
C ARG A 92 -10.05 8.72 0.67
N SER A 93 -9.99 8.60 1.97
CA SER A 93 -8.71 8.31 2.65
C SER A 93 -8.91 7.26 3.75
N LEU A 94 -7.86 6.59 4.15
CA LEU A 94 -7.98 5.55 5.22
C LEU A 94 -7.35 6.04 6.52
N THR A 95 -8.05 5.91 7.62
CA THR A 95 -7.50 6.36 8.93
C THR A 95 -6.47 5.34 9.44
N PRO A 96 -5.63 5.78 10.34
CA PRO A 96 -4.60 4.84 10.87
C PRO A 96 -5.23 3.85 11.86
N CYS A 97 -4.53 2.78 12.14
CA CYS A 97 -5.08 1.76 13.10
C CYS A 97 -5.03 2.30 14.53
N THR A 98 -6.12 2.21 15.23
CA THR A 98 -6.16 2.71 16.65
C THR A 98 -6.87 1.68 17.53
N CYS A 99 -6.39 0.46 17.52
CA CYS A 99 -7.04 -0.60 18.36
C CYS A 99 -6.03 -1.60 18.95
N GLY A 100 -4.77 -1.52 18.57
CA GLY A 100 -3.75 -2.47 19.12
C GLY A 100 -4.13 -3.90 18.74
N SER A 101 -4.61 -4.09 17.54
CA SER A 101 -5.00 -5.46 17.10
C SER A 101 -3.89 -6.09 16.24
N SER A 102 -3.36 -7.20 16.67
CA SER A 102 -2.28 -7.88 15.88
C SER A 102 -2.83 -8.39 14.55
N ASP A 103 -4.01 -8.93 14.56
CA ASP A 103 -4.61 -9.47 13.30
C ASP A 103 -4.74 -8.37 12.25
N LEU A 104 -4.44 -8.69 11.01
CA LEU A 104 -4.53 -7.66 9.92
C LEU A 104 -5.13 -8.29 8.66
N TYR A 105 -5.76 -7.49 7.83
CA TYR A 105 -6.37 -8.02 6.57
C TYR A 105 -5.67 -7.40 5.36
N LEU A 106 -5.14 -8.22 4.49
CA LEU A 106 -4.44 -7.69 3.28
C LEU A 106 -5.35 -7.76 2.06
N VAL A 107 -5.42 -6.69 1.30
CA VAL A 107 -6.27 -6.68 0.07
C VAL A 107 -5.44 -7.13 -1.14
N THR A 108 -5.84 -8.20 -1.77
CA THR A 108 -5.08 -8.70 -2.96
C THR A 108 -5.73 -8.22 -4.26
N ARG A 109 -4.95 -8.08 -5.31
CA ARG A 109 -5.51 -7.60 -6.61
C ARG A 109 -6.61 -8.56 -7.11
N HIS A 110 -6.62 -9.78 -6.62
CA HIS A 110 -7.66 -10.75 -7.05
C HIS A 110 -8.85 -10.73 -6.08
N ALA A 111 -9.08 -9.63 -5.41
CA ALA A 111 -10.22 -9.53 -4.44
C ALA A 111 -10.13 -10.64 -3.39
N ASP A 112 -8.94 -10.93 -2.93
CA ASP A 112 -8.77 -12.01 -1.90
C ASP A 112 -8.18 -11.41 -0.62
N VAL A 113 -8.73 -11.76 0.52
CA VAL A 113 -8.20 -11.21 1.81
C VAL A 113 -7.48 -12.32 2.60
N ILE A 114 -6.22 -12.13 2.87
CA ILE A 114 -5.46 -13.16 3.64
C ILE A 114 -5.22 -12.66 5.07
N PRO A 115 -5.75 -13.38 6.03
CA PRO A 115 -5.56 -12.94 7.44
C PRO A 115 -4.07 -13.02 7.82
N VAL A 116 -3.49 -11.91 8.21
CA VAL A 116 -2.04 -11.91 8.59
C VAL A 116 -1.90 -11.44 10.03
N ARG A 117 -1.23 -12.21 10.85
CA ARG A 117 -1.05 -11.81 12.28
C ARG A 117 0.20 -10.93 12.42
N ARG A 118 0.06 -9.81 13.08
CA ARG A 118 1.23 -8.89 13.24
C ARG A 118 2.22 -9.47 14.26
N ARG A 119 3.47 -9.59 13.87
CA ARG A 119 4.49 -10.14 14.81
C ARG A 119 5.61 -9.11 15.04
N GLY A 120 5.32 -7.85 14.84
CA GLY A 120 6.35 -6.79 15.05
C GLY A 120 5.83 -5.46 14.50
N ASP A 121 6.63 -4.43 14.58
CA ASP A 121 6.19 -3.10 14.07
C ASP A 121 5.95 -3.15 12.56
N SER A 122 6.80 -3.85 11.84
CA SER A 122 6.62 -3.96 10.36
C SER A 122 6.75 -5.40 9.89
N ARG A 123 6.55 -6.35 10.77
CA ARG A 123 6.67 -7.79 10.38
C ARG A 123 5.38 -8.54 10.73
N GLY A 124 4.93 -9.41 9.85
CA GLY A 124 3.69 -10.18 10.11
C GLY A 124 3.91 -11.65 9.72
N SER A 125 2.98 -12.50 10.08
CA SER A 125 3.12 -13.95 9.73
C SER A 125 1.94 -14.41 8.89
N LEU A 126 2.12 -15.42 8.07
CA LEU A 126 1.02 -15.92 7.21
C LEU A 126 0.37 -17.15 7.85
N LEU A 127 -0.91 -17.07 8.15
CA LEU A 127 -1.60 -18.25 8.77
C LEU A 127 -1.72 -19.38 7.75
N SER A 128 -1.98 -19.05 6.51
CA SER A 128 -2.11 -20.10 5.46
C SER A 128 -0.91 -20.03 4.50
N PRO A 129 -0.13 -21.09 4.48
CA PRO A 129 1.06 -21.08 3.58
C PRO A 129 0.60 -21.06 2.12
N ARG A 130 0.92 -20.01 1.40
CA ARG A 130 0.52 -19.92 -0.04
C ARG A 130 1.75 -19.72 -0.92
N PRO A 131 1.60 -20.03 -2.18
CA PRO A 131 2.76 -19.87 -3.10
C PRO A 131 3.10 -18.38 -3.27
N VAL A 132 4.35 -18.08 -3.54
CA VAL A 132 4.76 -16.65 -3.72
C VAL A 132 3.97 -16.01 -4.88
N SER A 133 3.65 -16.78 -5.88
CA SER A 133 2.89 -16.22 -7.05
C SER A 133 1.55 -15.66 -6.58
N TYR A 134 0.91 -16.31 -5.65
CA TYR A 134 -0.41 -15.83 -5.14
C TYR A 134 -0.26 -14.43 -4.54
N LEU A 135 0.81 -14.19 -3.82
CA LEU A 135 1.01 -12.85 -3.19
C LEU A 135 1.58 -11.84 -4.20
N LYS A 136 2.14 -12.30 -5.29
CA LYS A 136 2.70 -11.36 -6.31
C LYS A 136 1.59 -10.44 -6.85
N GLY A 137 1.90 -9.18 -7.04
CA GLY A 137 0.87 -8.23 -7.56
C GLY A 137 0.05 -7.65 -6.41
N SER A 138 0.49 -7.82 -5.18
CA SER A 138 -0.26 -7.27 -4.01
C SER A 138 0.56 -6.20 -3.28
N SER A 139 1.82 -6.03 -3.64
CA SER A 139 2.65 -5.00 -2.95
C SER A 139 2.03 -3.62 -3.14
N GLY A 140 2.01 -2.80 -2.12
CA GLY A 140 1.40 -1.45 -2.22
C GLY A 140 -0.03 -1.51 -1.67
N GLY A 141 -0.63 -2.67 -1.64
CA GLY A 141 -2.02 -2.79 -1.10
C GLY A 141 -2.00 -2.41 0.39
N PRO A 142 -3.11 -1.91 0.87
CA PRO A 142 -3.14 -1.51 2.30
C PRO A 142 -3.68 -2.64 3.18
N LEU A 143 -3.20 -2.70 4.39
CA LEU A 143 -3.68 -3.75 5.34
C LEU A 143 -4.62 -3.08 6.35
N LEU A 144 -5.79 -3.62 6.57
CA LEU A 144 -6.74 -2.99 7.52
C LEU A 144 -7.06 -3.90 8.70
N CYS A 145 -6.98 -3.37 9.91
CA CYS A 145 -7.30 -4.19 11.11
C CYS A 145 -8.82 -4.47 11.14
N PRO A 146 -9.21 -5.50 11.87
CA PRO A 146 -10.67 -5.84 11.91
C PRO A 146 -11.54 -4.62 12.28
N SER A 147 -11.00 -3.66 12.99
CA SER A 147 -11.82 -2.46 13.36
C SER A 147 -12.24 -1.71 12.10
N GLY A 148 -11.35 -1.60 11.13
CA GLY A 148 -11.70 -0.89 9.86
C GLY A 148 -10.75 0.29 9.64
N HIS A 149 -9.50 0.14 10.00
CA HIS A 149 -8.51 1.25 9.80
C HIS A 149 -7.23 0.71 9.14
N ALA A 150 -6.57 1.54 8.37
CA ALA A 150 -5.32 1.08 7.70
C ALA A 150 -4.19 0.89 8.72
N VAL A 151 -3.38 -0.12 8.52
CA VAL A 151 -2.25 -0.37 9.48
C VAL A 151 -0.90 -0.24 8.77
N GLY A 152 -0.88 -0.38 7.46
CA GLY A 152 0.41 -0.25 6.71
C GLY A 152 0.24 -0.76 5.28
N ILE A 153 1.32 -0.90 4.56
CA ILE A 153 1.24 -1.40 3.15
C ILE A 153 2.18 -2.59 2.94
N PHE A 154 1.75 -3.58 2.21
CA PHE A 154 2.63 -4.77 1.96
C PHE A 154 3.84 -4.36 1.12
N ARG A 155 5.01 -4.84 1.47
CA ARG A 155 6.23 -4.48 0.71
C ARG A 155 6.83 -5.73 0.03
N ALA A 156 7.05 -6.78 0.78
CA ALA A 156 7.62 -8.02 0.18
C ALA A 156 7.20 -9.25 1.00
N ALA A 157 7.27 -10.41 0.41
CA ALA A 157 6.88 -11.65 1.14
C ALA A 157 8.11 -12.50 1.43
N VAL A 158 8.08 -13.27 2.49
CA VAL A 158 9.25 -14.12 2.85
C VAL A 158 8.91 -15.59 2.59
N CYS A 159 9.65 -16.22 1.71
CA CYS A 159 9.38 -17.66 1.41
C CYS A 159 10.69 -18.46 1.39
N THR A 160 10.60 -19.75 1.56
CA THR A 160 11.84 -20.60 1.56
C THR A 160 12.03 -21.26 0.21
N ARG A 161 11.01 -21.92 -0.29
CA ARG A 161 11.13 -22.60 -1.61
C ARG A 161 9.81 -22.46 -2.39
N GLY A 162 9.42 -21.25 -2.69
CA GLY A 162 8.14 -21.04 -3.44
C GLY A 162 6.96 -20.88 -2.46
N VAL A 163 7.18 -21.11 -1.19
CA VAL A 163 6.06 -20.97 -0.21
C VAL A 163 6.37 -19.84 0.78
N ALA A 164 5.47 -18.90 0.92
CA ALA A 164 5.70 -17.76 1.86
C ALA A 164 5.00 -18.03 3.20
N LYS A 165 5.74 -17.93 4.28
CA LYS A 165 5.13 -18.17 5.62
C LYS A 165 4.94 -16.85 6.39
N ALA A 166 5.62 -15.80 5.98
CA ALA A 166 5.48 -14.49 6.68
C ALA A 166 5.62 -13.34 5.67
N VAL A 167 5.13 -12.17 6.03
CA VAL A 167 5.22 -11.01 5.10
C VAL A 167 5.71 -9.76 5.84
N ASP A 168 6.21 -8.79 5.11
CA ASP A 168 6.70 -7.54 5.74
C ASP A 168 5.92 -6.33 5.21
N PHE A 169 5.56 -5.41 6.06
CA PHE A 169 4.79 -4.21 5.60
C PHE A 169 5.28 -2.94 6.31
N VAL A 170 5.08 -1.80 5.70
CA VAL A 170 5.51 -0.52 6.34
C VAL A 170 4.33 0.10 7.11
N PRO A 171 4.56 0.39 8.37
CA PRO A 171 3.45 0.98 9.18
C PRO A 171 3.14 2.39 8.70
N VAL A 172 1.95 2.87 8.99
CA VAL A 172 1.55 4.25 8.55
C VAL A 172 2.41 5.31 9.26
N GLU A 173 2.95 4.98 10.41
CA GLU A 173 3.79 5.97 11.17
C GLU A 173 4.98 6.42 10.31
N SER A 174 5.56 5.52 9.56
CA SER A 174 6.73 5.88 8.71
C SER A 174 6.34 6.98 7.70
N MET A 175 5.12 6.95 7.22
CA MET A 175 4.68 7.98 6.23
C MET A 175 4.76 9.38 6.85
N GLU A 176 4.38 9.51 8.10
CA GLU A 176 4.42 10.85 8.77
C GLU A 176 5.85 11.39 8.79
N THR A 177 6.82 10.56 9.08
CA THR A 177 8.24 11.03 9.12
C THR A 177 8.73 11.36 7.72
N THR A 178 8.36 10.56 6.74
CA THR A 178 8.82 10.82 5.34
C THR A 178 8.33 12.21 4.87
N MET A 179 7.07 12.48 5.03
CA MET A 179 6.52 13.80 4.60
C MET A 179 7.08 14.92 5.49
N ARG A 180 7.18 14.67 6.77
CA ARG A 180 7.71 15.72 7.70
C ARG A 180 9.17 16.03 7.36
N ALA A 181 9.94 15.03 7.03
CA ALA A 181 11.38 15.26 6.70
C ALA A 181 11.50 16.21 5.49
N SER A 182 10.71 16.01 4.48
CA SER A 182 10.78 16.89 3.27
C SER A 182 9.48 16.80 2.46
N LYS A 183 9.15 17.84 1.74
CA LYS A 183 7.91 17.82 0.91
C LYS A 183 8.24 17.76 -0.58
N LYS A 184 9.43 17.32 -0.92
CA LYS A 184 9.83 17.22 -2.36
C LYS A 184 9.63 18.57 -3.07
N LYS A 185 9.96 19.65 -2.41
CA LYS A 185 9.79 21.00 -3.03
C LYS A 185 11.14 21.50 -3.56
N LYS A 186 11.18 21.87 -4.82
CA LYS A 186 12.47 22.36 -5.41
C LYS A 186 12.96 23.60 -4.64
N GLU B 2 11.02 -11.32 -0.59
CA GLU B 2 10.79 -11.22 -2.07
C GLU B 2 9.87 -10.03 -2.37
N LEU B 3 10.27 -9.18 -3.30
CA LEU B 3 9.43 -8.01 -3.65
C LEU B 3 8.26 -8.44 -4.54
N THR A 22 -10.39 17.01 -14.94
CA THR A 22 -11.23 15.78 -14.81
C THR A 22 -12.42 15.86 -15.77
N GLY A 23 -12.87 14.73 -16.26
CA GLY A 23 -14.03 14.72 -17.19
C GLY A 23 -15.33 14.85 -16.39
N ARG A 24 -16.44 15.05 -17.07
CA ARG A 24 -17.75 15.17 -16.36
C ARG A 24 -18.04 13.89 -15.56
N ASP A 25 -17.75 12.75 -16.13
CA ASP A 25 -18.01 11.46 -15.41
C ASP A 25 -17.18 10.34 -16.03
N LYS A 26 -15.95 10.64 -16.39
CA LYS A 26 -15.08 9.58 -17.01
C LYS A 26 -14.70 8.54 -15.96
N ASN A 27 -14.41 8.96 -14.76
CA ASN A 27 -14.03 7.99 -13.68
C ASN A 27 -14.78 8.32 -12.38
N GLN A 28 -15.04 7.32 -11.58
CA GLN A 28 -15.76 7.56 -10.29
C GLN A 28 -14.99 6.91 -9.13
N VAL A 29 -15.14 7.43 -7.94
CA VAL A 29 -14.43 6.86 -6.77
C VAL A 29 -15.42 6.17 -5.82
N GLU A 30 -15.26 4.90 -5.60
CA GLU A 30 -16.19 4.16 -4.70
C GLU A 30 -15.40 3.29 -3.73
N GLY A 31 -14.23 3.73 -3.32
CA GLY A 31 -13.41 2.92 -2.37
C GLY A 31 -12.12 3.68 -2.04
N GLU A 32 -11.34 3.18 -1.12
CA GLU A 32 -10.08 3.87 -0.73
C GLU A 32 -8.86 3.16 -1.36
N VAL A 33 -9.07 2.23 -2.26
CA VAL A 33 -7.91 1.52 -2.89
C VAL A 33 -7.98 1.68 -4.41
N GLN A 34 -6.90 2.11 -5.02
CA GLN A 34 -6.88 2.29 -6.50
C GLN A 34 -5.86 1.33 -7.13
N VAL A 35 -6.14 0.85 -8.31
CA VAL A 35 -5.19 -0.09 -8.98
C VAL A 35 -4.22 0.71 -9.86
N VAL A 36 -2.95 0.55 -9.62
CA VAL A 36 -1.94 1.29 -10.44
C VAL A 36 -1.08 0.29 -11.23
N SER A 37 -0.77 0.62 -12.46
CA SER A 37 0.04 -0.32 -13.29
C SER A 37 1.09 0.45 -14.10
N THR A 38 2.09 -0.24 -14.59
CA THR A 38 3.16 0.42 -15.40
C THR A 38 3.32 -0.30 -16.74
N ALA A 39 4.35 0.02 -17.48
CA ALA A 39 4.56 -0.64 -18.80
C ALA A 39 4.75 -2.15 -18.62
N THR A 40 5.50 -2.57 -17.63
CA THR A 40 5.73 -4.04 -17.42
C THR A 40 5.43 -4.45 -15.97
N GLN A 41 5.17 -3.52 -15.08
CA GLN A 41 4.88 -3.89 -13.66
C GLN A 41 3.45 -3.51 -13.29
N SER A 42 2.90 -4.17 -12.29
CA SER A 42 1.51 -3.86 -11.85
C SER A 42 1.36 -4.11 -10.35
N PHE A 43 0.68 -3.25 -9.65
CA PHE A 43 0.51 -3.45 -8.18
C PHE A 43 -0.60 -2.55 -7.64
N LEU A 44 -0.86 -2.59 -6.35
CA LEU A 44 -1.96 -1.77 -5.77
C LEU A 44 -1.40 -0.69 -4.82
N ALA A 45 -2.16 0.34 -4.57
CA ALA A 45 -1.70 1.43 -3.66
C ALA A 45 -2.86 1.89 -2.77
N THR A 46 -2.55 2.57 -1.69
CA THR A 46 -3.64 3.04 -0.77
C THR A 46 -3.59 4.57 -0.62
N CYS A 47 -4.73 5.21 -0.58
CA CYS A 47 -4.76 6.70 -0.42
C CYS A 47 -5.02 7.07 1.04
N VAL A 48 -4.00 7.49 1.74
CA VAL A 48 -4.18 7.87 3.17
C VAL A 48 -4.03 9.39 3.33
N ASN A 49 -4.94 10.01 4.04
CA ASN A 49 -4.89 11.49 4.24
C ASN A 49 -4.82 12.23 2.90
N GLY A 50 -5.56 11.77 1.92
CA GLY A 50 -5.56 12.44 0.59
C GLY A 50 -4.22 12.23 -0.13
N VAL A 51 -3.47 11.22 0.26
CA VAL A 51 -2.16 10.96 -0.41
C VAL A 51 -2.06 9.49 -0.82
N CYS A 52 -1.69 9.22 -2.06
CA CYS A 52 -1.58 7.81 -2.52
C CYS A 52 -0.26 7.22 -2.01
N TRP A 53 -0.24 5.94 -1.73
CA TRP A 53 1.02 5.32 -1.22
C TRP A 53 1.36 4.06 -2.03
N THR A 54 2.62 3.77 -2.13
CA THR A 54 3.06 2.57 -2.90
C THR A 54 4.54 2.28 -2.58
N VAL A 55 5.11 1.26 -3.16
CA VAL A 55 6.53 0.92 -2.86
C VAL A 55 7.45 1.44 -3.99
N TYR A 56 8.69 1.70 -3.66
CA TYR A 56 9.66 2.23 -4.68
C TYR A 56 10.01 1.17 -5.74
N HIS A 57 10.20 -0.06 -5.34
CA HIS A 57 10.57 -1.11 -6.34
C HIS A 57 9.38 -1.44 -7.25
N GLY A 58 8.18 -1.15 -6.82
CA GLY A 58 6.98 -1.42 -7.66
C GLY A 58 6.63 -0.17 -8.45
N ALA A 59 6.61 0.97 -7.79
CA ALA A 59 6.29 2.25 -8.49
C ALA A 59 7.55 3.09 -8.67
N GLY A 60 8.31 3.27 -7.62
CA GLY A 60 9.56 4.08 -7.72
C GLY A 60 9.19 5.53 -8.03
N SER A 61 10.14 6.31 -8.50
CA SER A 61 9.86 7.73 -8.82
C SER A 61 9.48 7.85 -10.30
N LYS A 62 8.39 7.25 -10.70
CA LYS A 62 7.97 7.32 -12.13
C LYS A 62 6.45 7.48 -12.23
N THR A 63 5.96 7.91 -13.35
CA THR A 63 4.48 8.09 -13.51
C THR A 63 3.80 6.72 -13.44
N LEU A 64 2.67 6.66 -12.78
CA LEU A 64 1.94 5.36 -12.67
C LEU A 64 0.62 5.42 -13.45
N ALA A 65 0.25 4.35 -14.11
CA ALA A 65 -1.02 4.34 -14.88
C ALA A 65 -2.19 3.94 -13.99
N GLY A 66 -3.11 4.84 -13.77
CA GLY A 66 -4.29 4.51 -12.90
C GLY A 66 -5.58 4.67 -13.73
N PRO A 67 -6.69 4.34 -13.10
CA PRO A 67 -7.97 4.47 -13.84
C PRO A 67 -8.24 5.94 -14.20
N LYS A 68 -7.80 6.85 -13.37
CA LYS A 68 -8.01 8.30 -13.65
C LYS A 68 -7.12 8.74 -14.81
N GLY A 69 -5.97 8.14 -14.95
CA GLY A 69 -5.04 8.51 -16.05
C GLY A 69 -3.60 8.46 -15.54
N PRO A 70 -2.74 9.24 -16.16
CA PRO A 70 -1.33 9.24 -15.69
C PRO A 70 -1.22 9.93 -14.33
N ILE A 71 -0.33 9.47 -13.49
CA ILE A 71 -0.18 10.09 -12.14
C ILE A 71 1.25 10.63 -11.97
N THR A 72 1.39 11.86 -11.55
CA THR A 72 2.74 12.45 -11.34
C THR A 72 3.26 12.10 -9.94
N GLN A 73 4.47 11.60 -9.86
CA GLN A 73 5.04 11.23 -8.52
C GLN A 73 5.01 12.42 -7.56
N MET A 74 4.68 12.18 -6.31
CA MET A 74 4.63 13.29 -5.32
C MET A 74 5.72 13.10 -4.26
N TYR A 75 5.82 11.92 -3.70
CA TYR A 75 6.87 11.66 -2.67
C TYR A 75 7.80 10.54 -3.13
N THR A 76 9.08 10.67 -2.87
CA THR A 76 10.05 9.62 -3.29
C THR A 76 11.05 9.34 -2.16
N ASN A 77 11.23 8.10 -1.81
CA ASN A 77 12.18 7.75 -0.71
C ASN A 77 12.92 6.45 -1.04
N VAL A 78 14.10 6.56 -1.58
CA VAL A 78 14.89 5.34 -1.93
C VAL A 78 15.27 4.57 -0.66
N ASP A 79 15.64 5.28 0.38
CA ASP A 79 16.03 4.60 1.65
C ASP A 79 14.88 3.76 2.20
N GLN A 80 13.71 4.32 2.30
CA GLN A 80 12.54 3.55 2.83
C GLN A 80 11.80 2.83 1.69
N ASP A 81 12.26 2.96 0.47
CA ASP A 81 11.59 2.27 -0.69
C ASP A 81 10.08 2.59 -0.70
N LEU A 82 9.72 3.85 -0.56
CA LEU A 82 8.27 4.21 -0.56
C LEU A 82 8.04 5.54 -1.31
N VAL A 83 7.01 5.59 -2.11
CA VAL A 83 6.68 6.84 -2.86
C VAL A 83 5.17 7.08 -2.84
N GLY A 84 4.73 8.30 -3.10
CA GLY A 84 3.25 8.57 -3.06
C GLY A 84 2.87 9.53 -4.19
N TRP A 85 1.59 9.62 -4.48
CA TRP A 85 1.11 10.53 -5.54
C TRP A 85 0.08 11.50 -4.95
N GLN A 86 -0.15 12.61 -5.61
CA GLN A 86 -1.16 13.58 -5.08
C GLN A 86 -2.56 13.11 -5.45
N ALA A 87 -3.32 12.67 -4.48
CA ALA A 87 -4.71 12.19 -4.77
C ALA A 87 -5.61 13.37 -5.15
N PRO A 88 -6.48 13.14 -6.11
CA PRO A 88 -7.40 14.25 -6.53
C PRO A 88 -8.43 14.52 -5.42
N PRO A 89 -9.01 15.69 -5.46
CA PRO A 89 -10.03 16.02 -4.42
C PRO A 89 -11.24 15.10 -4.55
N GLY A 90 -12.02 14.98 -3.50
CA GLY A 90 -13.22 14.09 -3.56
C GLY A 90 -12.78 12.62 -3.52
N ALA A 91 -11.67 12.34 -2.90
CA ALA A 91 -11.17 10.93 -2.83
C ALA A 91 -11.36 10.38 -1.42
N ARG A 92 -11.68 9.11 -1.31
CA ARG A 92 -11.88 8.51 0.04
C ARG A 92 -10.53 8.06 0.61
N SER A 93 -10.23 8.46 1.81
CA SER A 93 -8.92 8.08 2.43
C SER A 93 -9.14 7.10 3.60
N LEU A 94 -8.11 6.41 4.00
CA LEU A 94 -8.24 5.43 5.12
C LEU A 94 -7.58 5.99 6.40
N THR A 95 -8.28 5.92 7.50
CA THR A 95 -7.71 6.41 8.79
C THR A 95 -6.67 5.41 9.31
N PRO A 96 -5.80 5.88 10.18
CA PRO A 96 -4.76 4.96 10.73
C PRO A 96 -5.39 3.97 11.71
N CYS A 97 -4.68 2.90 11.99
CA CYS A 97 -5.22 1.86 12.94
C CYS A 97 -5.02 2.33 14.38
N THR A 98 -6.06 2.29 15.17
CA THR A 98 -5.95 2.71 16.60
C THR A 98 -6.60 1.66 17.51
N CYS A 99 -6.16 0.42 17.40
CA CYS A 99 -6.76 -0.66 18.24
C CYS A 99 -5.72 -1.70 18.70
N GLY A 100 -4.50 -1.63 18.19
CA GLY A 100 -3.46 -2.63 18.61
C GLY A 100 -3.91 -4.04 18.21
N SER A 101 -4.59 -4.16 17.10
CA SER A 101 -5.07 -5.51 16.65
C SER A 101 -3.98 -6.21 15.83
N SER A 102 -3.43 -7.28 16.36
CA SER A 102 -2.37 -8.02 15.61
C SER A 102 -2.91 -8.53 14.28
N ASP A 103 -4.13 -9.00 14.27
CA ASP A 103 -4.74 -9.52 13.00
C ASP A 103 -4.84 -8.39 11.96
N LEU A 104 -4.43 -8.64 10.75
CA LEU A 104 -4.50 -7.59 9.70
C LEU A 104 -5.05 -8.19 8.39
N TYR A 105 -5.79 -7.40 7.65
CA TYR A 105 -6.36 -7.91 6.36
C TYR A 105 -5.62 -7.28 5.18
N LEU A 106 -5.04 -8.09 4.33
CA LEU A 106 -4.28 -7.55 3.15
C LEU A 106 -5.18 -7.53 1.92
N VAL A 107 -5.11 -6.47 1.15
CA VAL A 107 -5.95 -6.38 -0.09
C VAL A 107 -5.15 -6.87 -1.30
N THR A 108 -5.63 -7.90 -1.96
CA THR A 108 -4.89 -8.45 -3.14
C THR A 108 -5.49 -7.89 -4.45
N ARG A 109 -4.82 -8.12 -5.55
CA ARG A 109 -5.34 -7.62 -6.87
C ARG A 109 -6.59 -8.38 -7.29
N HIS A 110 -6.81 -9.55 -6.74
CA HIS A 110 -8.01 -10.35 -7.13
C HIS A 110 -9.16 -10.10 -6.15
N ALA A 111 -9.20 -8.95 -5.53
CA ALA A 111 -10.28 -8.62 -4.56
C ALA A 111 -10.40 -9.70 -3.48
N ASP A 112 -9.28 -10.21 -3.03
CA ASP A 112 -9.31 -11.26 -1.98
C ASP A 112 -8.55 -10.78 -0.73
N VAL A 113 -9.08 -11.02 0.43
CA VAL A 113 -8.39 -10.56 1.68
C VAL A 113 -8.07 -11.75 2.58
N ILE A 114 -6.93 -11.70 3.24
CA ILE A 114 -6.54 -12.82 4.15
C ILE A 114 -6.13 -12.26 5.52
N PRO A 115 -6.17 -13.10 6.52
CA PRO A 115 -5.79 -12.61 7.88
C PRO A 115 -4.29 -12.83 8.12
N VAL A 116 -3.61 -11.81 8.57
CA VAL A 116 -2.14 -11.94 8.84
C VAL A 116 -1.83 -11.41 10.24
N ARG A 117 -1.12 -12.17 11.04
CA ARG A 117 -0.79 -11.71 12.42
C ARG A 117 0.43 -10.79 12.39
N ARG A 118 0.50 -9.85 13.30
CA ARG A 118 1.65 -8.91 13.34
C ARG A 118 2.71 -9.42 14.33
N ARG A 119 3.90 -9.68 13.86
CA ARG A 119 4.98 -10.16 14.77
C ARG A 119 6.07 -9.09 14.96
N GLY A 120 5.73 -7.84 14.69
CA GLY A 120 6.74 -6.76 14.86
C GLY A 120 6.18 -5.45 14.29
N ASP A 121 6.92 -4.38 14.37
CA ASP A 121 6.43 -3.07 13.84
C ASP A 121 6.18 -3.18 12.33
N SER A 122 7.04 -3.87 11.62
CA SER A 122 6.84 -4.01 10.14
C SER A 122 6.96 -5.47 9.72
N ARG A 123 6.72 -6.40 10.63
CA ARG A 123 6.82 -7.84 10.28
C ARG A 123 5.51 -8.56 10.61
N GLY A 124 5.06 -9.42 9.74
CA GLY A 124 3.79 -10.17 10.00
C GLY A 124 3.97 -11.64 9.60
N SER A 125 3.10 -12.49 10.07
CA SER A 125 3.21 -13.95 9.73
C SER A 125 1.95 -14.41 8.99
N LEU A 126 2.10 -15.36 8.10
CA LEU A 126 0.92 -15.87 7.33
C LEU A 126 0.34 -17.12 8.01
N LEU A 127 -0.93 -17.11 8.31
CA LEU A 127 -1.56 -18.29 8.97
C LEU A 127 -1.44 -19.53 8.09
N SER A 128 -1.61 -19.38 6.80
CA SER A 128 -1.50 -20.55 5.88
C SER A 128 -0.38 -20.32 4.85
N PRO A 129 0.23 -21.40 4.42
CA PRO A 129 1.32 -21.25 3.41
C PRO A 129 0.73 -21.08 2.01
N ARG A 130 1.04 -19.98 1.36
CA ARG A 130 0.51 -19.74 -0.01
C ARG A 130 1.66 -19.55 -1.01
N PRO A 131 1.36 -19.73 -2.27
CA PRO A 131 2.44 -19.56 -3.28
C PRO A 131 2.88 -18.09 -3.36
N VAL A 132 4.13 -17.86 -3.71
CA VAL A 132 4.64 -16.45 -3.80
C VAL A 132 3.86 -15.69 -4.89
N SER A 133 3.40 -16.40 -5.89
CA SER A 133 2.63 -15.72 -6.99
C SER A 133 1.38 -15.05 -6.44
N TYR A 134 0.73 -15.68 -5.49
CA TYR A 134 -0.51 -15.08 -4.90
C TYR A 134 -0.19 -13.72 -4.27
N LEU A 135 0.94 -13.61 -3.61
CA LEU A 135 1.32 -12.31 -2.97
C LEU A 135 2.06 -11.41 -3.98
N LYS A 136 2.65 -12.00 -5.00
CA LYS A 136 3.39 -11.17 -6.01
C LYS A 136 2.44 -10.19 -6.68
N GLY A 137 2.81 -8.94 -6.73
CA GLY A 137 1.92 -7.91 -7.37
C GLY A 137 1.04 -7.23 -6.31
N SER A 138 1.01 -7.73 -5.10
CA SER A 138 0.16 -7.10 -4.04
C SER A 138 0.93 -6.02 -3.28
N SER A 139 2.19 -5.80 -3.62
CA SER A 139 2.98 -4.76 -2.89
C SER A 139 2.30 -3.39 -3.05
N GLY A 140 2.28 -2.61 -2.00
CA GLY A 140 1.62 -1.27 -2.07
C GLY A 140 0.20 -1.38 -1.50
N GLY A 141 -0.36 -2.57 -1.46
CA GLY A 141 -1.73 -2.74 -0.90
C GLY A 141 -1.74 -2.33 0.58
N PRO A 142 -2.89 -1.92 1.06
CA PRO A 142 -2.95 -1.50 2.48
C PRO A 142 -3.48 -2.63 3.37
N LEU A 143 -3.00 -2.69 4.59
CA LEU A 143 -3.46 -3.74 5.53
C LEU A 143 -4.42 -3.11 6.54
N LEU A 144 -5.69 -3.41 6.46
CA LEU A 144 -6.67 -2.80 7.38
C LEU A 144 -7.01 -3.73 8.55
N CYS A 145 -6.98 -3.23 9.75
CA CYS A 145 -7.32 -4.07 10.93
C CYS A 145 -8.82 -4.39 10.92
N PRO A 146 -9.22 -5.43 11.62
CA PRO A 146 -10.67 -5.80 11.62
C PRO A 146 -11.58 -4.61 11.94
N SER A 147 -11.10 -3.64 12.68
CA SER A 147 -11.95 -2.47 13.02
C SER A 147 -12.33 -1.72 11.74
N GLY A 148 -11.42 -1.58 10.81
CA GLY A 148 -11.72 -0.88 9.53
C GLY A 148 -10.79 0.33 9.36
N HIS A 149 -9.55 0.20 9.77
CA HIS A 149 -8.59 1.34 9.60
C HIS A 149 -7.28 0.84 9.00
N ALA A 150 -6.63 1.67 8.20
CA ALA A 150 -5.35 1.25 7.56
C ALA A 150 -4.28 1.04 8.64
N VAL A 151 -3.42 0.06 8.44
CA VAL A 151 -2.34 -0.21 9.44
C VAL A 151 -0.96 -0.03 8.80
N GLY A 152 -0.82 -0.42 7.55
CA GLY A 152 0.49 -0.26 6.87
C GLY A 152 0.36 -0.72 5.41
N ILE A 153 1.46 -0.83 4.71
CA ILE A 153 1.42 -1.26 3.28
C ILE A 153 2.38 -2.43 3.05
N PHE A 154 1.91 -3.46 2.37
CA PHE A 154 2.79 -4.64 2.10
C PHE A 154 3.99 -4.21 1.26
N ARG A 155 5.17 -4.70 1.59
CA ARG A 155 6.39 -4.33 0.82
C ARG A 155 6.99 -5.57 0.16
N ALA A 156 7.23 -6.61 0.92
CA ALA A 156 7.81 -7.86 0.35
C ALA A 156 7.33 -9.09 1.13
N ALA A 157 7.42 -10.25 0.54
CA ALA A 157 6.98 -11.49 1.24
C ALA A 157 8.16 -12.41 1.47
N VAL A 158 8.10 -13.22 2.51
CA VAL A 158 9.23 -14.16 2.80
C VAL A 158 8.81 -15.59 2.47
N CYS A 159 9.49 -16.22 1.55
CA CYS A 159 9.14 -17.62 1.18
C CYS A 159 10.38 -18.51 1.19
N THR A 160 10.21 -19.79 1.37
CA THR A 160 11.38 -20.73 1.39
C THR A 160 11.48 -21.49 0.08
N ARG A 161 10.46 -22.25 -0.25
CA ARG A 161 10.47 -23.03 -1.52
C ARG A 161 9.20 -22.75 -2.32
N GLY A 162 9.06 -21.54 -2.80
CA GLY A 162 7.84 -21.19 -3.60
C GLY A 162 6.62 -21.11 -2.67
N VAL A 163 6.83 -20.89 -1.39
CA VAL A 163 5.69 -20.79 -0.44
C VAL A 163 5.95 -19.65 0.57
N ALA A 164 5.01 -18.75 0.71
CA ALA A 164 5.21 -17.62 1.67
C ALA A 164 4.69 -17.99 3.06
N LYS A 165 5.52 -17.89 4.06
CA LYS A 165 5.09 -18.21 5.45
C LYS A 165 4.95 -16.93 6.27
N ALA A 166 5.59 -15.85 5.84
CA ALA A 166 5.49 -14.57 6.59
C ALA A 166 5.62 -13.38 5.62
N VAL A 167 5.13 -12.23 5.99
CA VAL A 167 5.22 -11.04 5.09
C VAL A 167 5.71 -9.81 5.86
N ASP A 168 6.13 -8.80 5.15
CA ASP A 168 6.63 -7.55 5.82
C ASP A 168 5.86 -6.33 5.30
N PHE A 169 5.44 -5.47 6.19
CA PHE A 169 4.70 -4.25 5.75
C PHE A 169 5.24 -3.00 6.47
N VAL A 170 5.03 -1.84 5.91
CA VAL A 170 5.53 -0.59 6.56
C VAL A 170 4.41 0.02 7.42
N PRO A 171 4.70 0.23 8.69
CA PRO A 171 3.66 0.82 9.57
C PRO A 171 3.34 2.25 9.13
N VAL A 172 2.11 2.67 9.30
CA VAL A 172 1.71 4.06 8.90
C VAL A 172 2.54 5.10 9.66
N GLU A 173 3.08 4.75 10.80
CA GLU A 173 3.89 5.74 11.58
C GLU A 173 5.09 6.21 10.76
N SER A 174 5.74 5.32 10.06
CA SER A 174 6.93 5.72 9.24
C SER A 174 6.48 6.58 8.04
N MET A 175 5.35 6.26 7.47
CA MET A 175 4.84 7.04 6.30
C MET A 175 4.65 8.51 6.69
N GLU A 176 4.14 8.77 7.87
CA GLU A 176 3.94 10.18 8.30
C GLU A 176 5.27 10.90 8.42
N THR A 177 6.27 10.22 8.92
CA THR A 177 7.62 10.87 9.07
C THR A 177 8.16 11.27 7.69
N THR A 178 7.97 10.42 6.70
CA THR A 178 8.47 10.74 5.34
C THR A 178 7.84 12.05 4.83
N MET A 179 6.57 12.25 5.09
CA MET A 179 5.89 13.50 4.63
C MET A 179 6.57 14.72 5.24
N ARG A 180 6.94 14.64 6.49
CA ARG A 180 7.62 15.81 7.16
C ARG A 180 8.98 16.06 6.52
N ALA A 181 9.70 15.01 6.22
CA ALA A 181 11.06 15.18 5.59
C ALA A 181 10.92 15.78 4.19
N SER A 182 9.93 15.35 3.45
CA SER A 182 9.73 15.88 2.07
C SER A 182 9.26 17.33 2.13
N LYS A 183 9.60 18.13 1.13
CA LYS A 183 9.17 19.56 1.13
C LYS A 183 7.95 19.74 0.24
N LYS A 184 6.97 20.49 0.69
CA LYS A 184 5.74 20.70 -0.13
C LYS A 184 6.10 21.38 -1.46
N LYS A 185 7.01 22.31 -1.43
CA LYS A 185 7.41 23.02 -2.69
C LYS A 185 7.98 22.01 -3.70
N LYS A 186 8.75 21.06 -3.23
CA LYS A 186 9.34 20.05 -4.15
C LYS A 186 9.53 18.72 -3.42
N GLU B 2 11.19 -11.07 -0.14
CA GLU B 2 11.10 -10.94 -1.62
C GLU B 2 10.15 -9.79 -1.98
N LEU B 3 10.58 -8.91 -2.86
CA LEU B 3 9.71 -7.77 -3.28
C LEU B 3 8.54 -8.27 -4.12
N THR A 22 -14.85 26.08 -7.95
CA THR A 22 -14.20 26.38 -9.27
C THR A 22 -13.74 25.08 -9.93
N GLY A 23 -14.52 24.04 -9.83
CA GLY A 23 -14.13 22.74 -10.45
C GLY A 23 -15.27 21.73 -10.30
N ARG A 24 -15.11 20.56 -10.86
CA ARG A 24 -16.19 19.53 -10.76
C ARG A 24 -15.65 18.27 -10.07
N ASP A 25 -16.46 17.67 -9.23
CA ASP A 25 -15.99 16.44 -8.51
C ASP A 25 -16.73 15.20 -9.07
N LYS A 26 -16.00 14.18 -9.42
CA LYS A 26 -16.65 12.95 -9.96
C LYS A 26 -17.56 12.32 -8.90
N ASN A 27 -18.70 11.83 -9.30
CA ASN A 27 -19.64 11.20 -8.32
C ASN A 27 -19.14 9.82 -7.91
N GLN A 28 -18.11 9.75 -7.11
CA GLN A 28 -17.58 8.43 -6.67
C GLN A 28 -18.08 8.11 -5.25
N VAL A 29 -18.91 7.10 -5.14
CA VAL A 29 -19.44 6.72 -3.80
C VAL A 29 -18.32 6.11 -2.95
N GLU A 30 -17.50 5.30 -3.56
CA GLU A 30 -16.37 4.66 -2.80
C GLU A 30 -15.20 4.39 -3.74
N GLY A 31 -14.02 4.20 -3.20
CA GLY A 31 -12.84 3.94 -4.06
C GLY A 31 -11.55 4.24 -3.28
N GLU A 32 -11.49 3.84 -2.04
CA GLU A 32 -10.27 4.09 -1.22
C GLU A 32 -9.06 3.39 -1.85
N VAL A 33 -9.27 2.20 -2.37
CA VAL A 33 -8.14 1.45 -3.01
C VAL A 33 -8.32 1.46 -4.53
N GLN A 34 -7.32 1.88 -5.25
CA GLN A 34 -7.41 1.94 -6.74
C GLN A 34 -6.34 1.05 -7.37
N VAL A 35 -6.53 0.66 -8.60
CA VAL A 35 -5.53 -0.21 -9.29
C VAL A 35 -4.48 0.67 -9.97
N VAL A 36 -3.25 0.58 -9.53
CA VAL A 36 -2.17 1.40 -10.14
C VAL A 36 -1.22 0.48 -10.90
N SER A 37 -0.63 0.96 -11.98
CA SER A 37 0.29 0.09 -12.77
C SER A 37 1.48 0.89 -13.32
N THR A 38 2.44 0.20 -13.87
CA THR A 38 3.64 0.87 -14.44
C THR A 38 4.06 0.19 -15.75
N ALA A 39 5.09 0.68 -16.38
CA ALA A 39 5.55 0.07 -17.66
C ALA A 39 6.29 -1.26 -17.39
N THR A 40 6.57 -1.59 -16.15
CA THR A 40 7.30 -2.87 -15.87
C THR A 40 6.39 -3.90 -15.19
N GLN A 41 5.58 -3.49 -14.23
CA GLN A 41 4.70 -4.47 -13.54
C GLN A 41 3.39 -3.81 -13.07
N SER A 42 2.50 -4.58 -12.48
CA SER A 42 1.21 -4.02 -12.00
C SER A 42 1.03 -4.29 -10.50
N PHE A 43 0.36 -3.41 -9.79
CA PHE A 43 0.16 -3.63 -8.32
C PHE A 43 -0.98 -2.73 -7.80
N LEU A 44 -1.22 -2.77 -6.51
CA LEU A 44 -2.34 -1.95 -5.95
C LEU A 44 -1.78 -0.86 -5.02
N ALA A 45 -2.37 0.31 -5.06
CA ALA A 45 -1.90 1.43 -4.19
C ALA A 45 -2.99 1.80 -3.17
N THR A 46 -2.60 2.36 -2.06
CA THR A 46 -3.61 2.75 -1.02
C THR A 46 -3.55 4.25 -0.75
N CYS A 47 -4.68 4.90 -0.75
CA CYS A 47 -4.70 6.38 -0.50
C CYS A 47 -4.93 6.67 0.99
N VAL A 48 -3.91 7.16 1.66
CA VAL A 48 -4.05 7.48 3.11
C VAL A 48 -3.92 8.99 3.32
N ASN A 49 -4.81 9.58 4.06
CA ASN A 49 -4.76 11.07 4.32
C ASN A 49 -4.75 11.84 2.99
N GLY A 50 -5.51 11.40 2.03
CA GLY A 50 -5.57 12.11 0.71
C GLY A 50 -4.26 11.95 -0.06
N VAL A 51 -3.45 10.98 0.29
CA VAL A 51 -2.16 10.78 -0.43
C VAL A 51 -2.01 9.31 -0.84
N CYS A 52 -1.70 9.05 -2.10
CA CYS A 52 -1.54 7.64 -2.55
C CYS A 52 -0.19 7.10 -2.07
N TRP A 53 -0.15 5.87 -1.63
CA TRP A 53 1.13 5.30 -1.14
C TRP A 53 1.37 3.90 -1.73
N THR A 54 2.58 3.65 -2.16
CA THR A 54 2.92 2.30 -2.74
C THR A 54 4.40 2.03 -2.46
N VAL A 55 4.91 0.91 -2.89
CA VAL A 55 6.35 0.61 -2.65
C VAL A 55 7.21 1.16 -3.80
N TYR A 56 8.44 1.54 -3.50
CA TYR A 56 9.32 2.12 -4.55
C TYR A 56 9.56 1.15 -5.71
N HIS A 57 9.92 -0.08 -5.43
CA HIS A 57 10.18 -1.05 -6.54
C HIS A 57 8.92 -1.24 -7.41
N GLY A 58 7.76 -0.99 -6.85
CA GLY A 58 6.51 -1.13 -7.64
C GLY A 58 6.37 0.08 -8.56
N ALA A 59 6.65 1.26 -8.04
CA ALA A 59 6.56 2.50 -8.87
C ALA A 59 7.56 3.54 -8.35
N GLY A 60 8.72 3.60 -8.95
CA GLY A 60 9.74 4.59 -8.50
C GLY A 60 9.29 6.01 -8.87
N SER A 61 10.18 6.96 -8.82
CA SER A 61 9.80 8.37 -9.17
C SER A 61 9.55 8.48 -10.67
N LYS A 62 8.48 7.88 -11.15
CA LYS A 62 8.17 7.94 -12.61
C LYS A 62 6.67 8.13 -12.82
N THR A 63 6.25 8.22 -14.05
CA THR A 63 4.79 8.40 -14.34
C THR A 63 4.01 7.17 -13.87
N LEU A 64 2.86 7.37 -13.29
CA LEU A 64 2.04 6.23 -12.80
C LEU A 64 0.75 6.12 -13.63
N ALA A 65 0.37 4.92 -13.98
CA ALA A 65 -0.88 4.72 -14.77
C ALA A 65 -2.03 4.32 -13.86
N GLY A 66 -2.98 5.21 -13.65
CA GLY A 66 -4.13 4.90 -12.77
C GLY A 66 -5.43 4.97 -13.58
N PRO A 67 -6.55 4.81 -12.89
CA PRO A 67 -7.84 4.88 -13.63
C PRO A 67 -8.06 6.28 -14.21
N LYS A 68 -7.58 7.29 -13.53
CA LYS A 68 -7.76 8.68 -14.04
C LYS A 68 -6.82 8.95 -15.21
N GLY A 69 -5.67 8.32 -15.21
CA GLY A 69 -4.69 8.53 -16.31
C GLY A 69 -3.27 8.54 -15.75
N PRO A 70 -2.41 9.32 -16.36
CA PRO A 70 -1.01 9.37 -15.86
C PRO A 70 -0.92 10.28 -14.62
N ILE A 71 -0.13 9.89 -13.65
CA ILE A 71 0.00 10.72 -12.41
C ILE A 71 1.48 10.93 -12.08
N THR A 72 1.84 12.12 -11.64
CA THR A 72 3.26 12.40 -11.29
C THR A 72 3.51 12.16 -9.80
N GLN A 73 4.57 11.46 -9.47
CA GLN A 73 4.87 11.18 -8.03
C GLN A 73 5.33 12.45 -7.31
N MET A 74 4.90 12.63 -6.08
CA MET A 74 5.30 13.84 -5.31
C MET A 74 6.32 13.48 -4.24
N TYR A 75 6.27 12.26 -3.75
CA TYR A 75 7.25 11.84 -2.69
C TYR A 75 8.09 10.67 -3.20
N THR A 76 9.37 10.67 -2.90
CA THR A 76 10.25 9.57 -3.36
C THR A 76 11.26 9.19 -2.26
N ASN A 77 11.44 7.92 -2.04
CA ASN A 77 12.39 7.45 -0.98
C ASN A 77 12.99 6.10 -1.37
N VAL A 78 14.18 6.10 -1.92
CA VAL A 78 14.82 4.81 -2.33
C VAL A 78 15.22 4.00 -1.09
N ASP A 79 15.80 4.63 -0.11
CA ASP A 79 16.23 3.89 1.12
C ASP A 79 15.01 3.25 1.80
N GLN A 80 13.97 4.02 2.01
CA GLN A 80 12.74 3.46 2.66
C GLN A 80 11.89 2.70 1.65
N ASP A 81 12.22 2.77 0.37
CA ASP A 81 11.42 2.06 -0.67
C ASP A 81 9.94 2.49 -0.61
N LEU A 82 9.70 3.78 -0.49
CA LEU A 82 8.29 4.27 -0.42
C LEU A 82 8.07 5.41 -1.42
N VAL A 83 6.87 5.53 -1.94
CA VAL A 83 6.56 6.61 -2.92
C VAL A 83 5.07 7.01 -2.79
N GLY A 84 4.67 8.08 -3.42
CA GLY A 84 3.24 8.50 -3.32
C GLY A 84 2.90 9.52 -4.41
N TRP A 85 1.64 9.69 -4.70
CA TRP A 85 1.21 10.68 -5.74
C TRP A 85 0.10 11.56 -5.17
N GLN A 86 0.01 12.79 -5.63
CA GLN A 86 -1.05 13.69 -5.11
C GLN A 86 -2.43 13.10 -5.44
N ALA A 87 -3.22 12.83 -4.42
CA ALA A 87 -4.56 12.23 -4.66
C ALA A 87 -5.53 13.30 -5.19
N PRO A 88 -6.38 12.90 -6.11
CA PRO A 88 -7.36 13.88 -6.66
C PRO A 88 -8.41 14.24 -5.61
N PRO A 89 -9.06 15.37 -5.80
CA PRO A 89 -10.09 15.77 -4.82
C PRO A 89 -11.33 14.89 -4.95
N GLY A 90 -11.98 14.58 -3.85
CA GLY A 90 -13.20 13.72 -3.92
C GLY A 90 -12.83 12.27 -3.58
N ALA A 91 -11.58 11.90 -3.74
CA ALA A 91 -11.17 10.49 -3.43
C ALA A 91 -11.22 10.25 -1.92
N ARG A 92 -11.48 9.03 -1.51
CA ARG A 92 -11.54 8.71 -0.05
C ARG A 92 -10.18 8.24 0.44
N SER A 93 -9.99 8.20 1.73
CA SER A 93 -8.68 7.74 2.29
C SER A 93 -8.90 6.69 3.38
N LEU A 94 -7.85 6.06 3.82
CA LEU A 94 -7.99 5.01 4.88
C LEU A 94 -7.53 5.56 6.23
N THR A 95 -8.32 5.37 7.27
CA THR A 95 -7.94 5.87 8.62
C THR A 95 -6.79 5.02 9.18
N PRO A 96 -6.09 5.57 10.15
CA PRO A 96 -4.96 4.80 10.73
C PRO A 96 -5.46 3.83 11.81
N CYS A 97 -4.79 2.73 11.99
CA CYS A 97 -5.22 1.73 13.03
C CYS A 97 -5.09 2.34 14.43
N THR A 98 -6.12 2.20 15.22
CA THR A 98 -6.08 2.77 16.61
C THR A 98 -6.65 1.74 17.59
N CYS A 99 -6.14 0.53 17.57
CA CYS A 99 -6.66 -0.51 18.50
C CYS A 99 -5.56 -1.46 19.01
N GLY A 100 -4.33 -1.30 18.55
CA GLY A 100 -3.23 -2.20 19.03
C GLY A 100 -3.57 -3.65 18.68
N SER A 101 -4.25 -3.87 17.59
CA SER A 101 -4.62 -5.26 17.20
C SER A 101 -3.55 -5.85 16.28
N SER A 102 -3.09 -7.04 16.59
CA SER A 102 -2.03 -7.69 15.75
C SER A 102 -2.66 -8.27 14.47
N ASP A 103 -3.90 -8.67 14.54
CA ASP A 103 -4.57 -9.25 13.33
C ASP A 103 -4.62 -8.22 12.20
N LEU A 104 -4.26 -8.63 11.00
CA LEU A 104 -4.28 -7.69 9.85
C LEU A 104 -4.93 -8.34 8.63
N TYR A 105 -5.52 -7.55 7.77
CA TYR A 105 -6.18 -8.13 6.55
C TYR A 105 -5.53 -7.55 5.29
N LEU A 106 -5.03 -8.39 4.43
CA LEU A 106 -4.37 -7.90 3.18
C LEU A 106 -5.34 -8.00 1.99
N VAL A 107 -5.45 -6.97 1.20
CA VAL A 107 -6.36 -7.01 0.03
C VAL A 107 -5.57 -7.39 -1.23
N THR A 108 -5.92 -8.47 -1.87
CA THR A 108 -5.18 -8.91 -3.09
C THR A 108 -5.83 -8.34 -4.35
N ARG A 109 -5.17 -8.44 -5.47
CA ARG A 109 -5.75 -7.89 -6.75
C ARG A 109 -7.07 -8.60 -7.07
N HIS A 110 -7.23 -9.82 -6.61
CA HIS A 110 -8.49 -10.57 -6.89
C HIS A 110 -9.50 -10.39 -5.75
N ALA A 111 -9.45 -9.27 -5.06
CA ALA A 111 -10.40 -9.01 -3.94
C ALA A 111 -10.38 -10.16 -2.92
N ASP A 112 -9.21 -10.68 -2.62
CA ASP A 112 -9.10 -11.79 -1.64
C ASP A 112 -8.67 -11.24 -0.28
N VAL A 113 -8.75 -12.04 0.76
CA VAL A 113 -8.35 -11.57 2.11
C VAL A 113 -7.38 -12.57 2.76
N ILE A 114 -6.27 -12.09 3.26
CA ILE A 114 -5.28 -13.01 3.91
C ILE A 114 -5.06 -12.57 5.37
N PRO A 115 -5.64 -13.30 6.29
CA PRO A 115 -5.46 -12.93 7.72
C PRO A 115 -3.99 -13.05 8.13
N VAL A 116 -3.31 -11.94 8.27
CA VAL A 116 -1.87 -11.98 8.67
C VAL A 116 -1.71 -11.45 10.10
N ARG A 117 -1.20 -12.28 10.98
CA ARG A 117 -1.01 -11.83 12.40
C ARG A 117 0.23 -10.92 12.50
N ARG A 118 0.17 -9.91 13.32
CA ARG A 118 1.34 -8.99 13.47
C ARG A 118 2.42 -9.63 14.35
N ARG A 119 3.64 -9.64 13.89
CA ARG A 119 4.75 -10.24 14.69
C ARG A 119 5.92 -9.25 14.80
N GLY A 120 5.66 -7.97 14.64
CA GLY A 120 6.75 -6.96 14.73
C GLY A 120 6.21 -5.60 14.31
N ASP A 121 7.04 -4.59 14.33
CA ASP A 121 6.58 -3.22 13.93
C ASP A 121 6.24 -3.19 12.43
N SER A 122 7.03 -3.85 11.62
CA SER A 122 6.77 -3.86 10.15
C SER A 122 6.78 -5.29 9.62
N ARG A 123 6.47 -6.25 10.44
CA ARG A 123 6.47 -7.68 9.98
C ARG A 123 5.18 -8.39 10.44
N GLY A 124 4.87 -9.50 9.84
CA GLY A 124 3.65 -10.25 10.22
C GLY A 124 3.79 -11.71 9.79
N SER A 125 2.82 -12.53 10.13
CA SER A 125 2.90 -13.98 9.74
C SER A 125 1.58 -14.41 9.07
N LEU A 126 1.66 -15.35 8.15
CA LEU A 126 0.44 -15.81 7.45
C LEU A 126 -0.05 -17.14 8.04
N LEU A 127 -1.28 -17.18 8.50
CA LEU A 127 -1.81 -18.45 9.09
C LEU A 127 -1.87 -19.53 8.01
N SER A 128 -2.26 -19.16 6.82
CA SER A 128 -2.35 -20.16 5.71
C SER A 128 -1.21 -19.91 4.70
N PRO A 129 -0.28 -20.85 4.65
CA PRO A 129 0.85 -20.66 3.69
C PRO A 129 0.35 -20.65 2.25
N ARG A 130 0.71 -19.66 1.48
CA ARG A 130 0.26 -19.60 0.06
C ARG A 130 1.48 -19.47 -0.87
N PRO A 131 1.29 -19.81 -2.12
CA PRO A 131 2.43 -19.70 -3.07
C PRO A 131 2.86 -18.25 -3.24
N VAL A 132 4.10 -18.03 -3.58
CA VAL A 132 4.60 -16.63 -3.77
C VAL A 132 3.85 -15.95 -4.93
N SER A 133 3.52 -16.70 -5.95
CA SER A 133 2.80 -16.11 -7.12
C SER A 133 1.46 -15.50 -6.68
N TYR A 134 0.80 -16.12 -5.73
CA TYR A 134 -0.51 -15.57 -5.25
C TYR A 134 -0.32 -14.16 -4.68
N LEU A 135 0.76 -13.94 -3.97
CA LEU A 135 1.02 -12.59 -3.39
C LEU A 135 1.71 -11.67 -4.39
N LYS A 136 2.28 -12.22 -5.45
CA LYS A 136 2.97 -11.36 -6.47
C LYS A 136 1.97 -10.36 -7.07
N GLY A 137 2.35 -9.11 -7.16
CA GLY A 137 1.43 -8.08 -7.74
C GLY A 137 0.57 -7.46 -6.63
N SER A 138 0.63 -7.98 -5.43
CA SER A 138 -0.20 -7.41 -4.31
C SER A 138 0.57 -6.35 -3.53
N SER A 139 1.81 -6.08 -3.89
CA SER A 139 2.60 -5.05 -3.15
C SER A 139 1.89 -3.70 -3.23
N GLY A 140 1.89 -2.95 -2.16
CA GLY A 140 1.19 -1.64 -2.17
C GLY A 140 -0.20 -1.78 -1.55
N GLY A 141 -0.72 -2.99 -1.49
CA GLY A 141 -2.08 -3.19 -0.88
C GLY A 141 -2.10 -2.64 0.56
N PRO A 142 -3.29 -2.54 1.11
CA PRO A 142 -3.36 -2.00 2.50
C PRO A 142 -3.65 -3.11 3.51
N LEU A 143 -3.15 -2.95 4.71
CA LEU A 143 -3.41 -3.97 5.78
C LEU A 143 -4.34 -3.34 6.82
N LEU A 144 -5.60 -3.67 6.79
CA LEU A 144 -6.57 -3.07 7.77
C LEU A 144 -6.82 -4.00 8.96
N CYS A 145 -6.78 -3.46 10.15
CA CYS A 145 -7.05 -4.27 11.37
C CYS A 145 -8.53 -4.66 11.40
N PRO A 146 -8.86 -5.70 12.14
CA PRO A 146 -10.30 -6.13 12.18
C PRO A 146 -11.25 -4.97 12.52
N SER A 147 -10.78 -3.96 13.21
CA SER A 147 -11.67 -2.82 13.55
C SER A 147 -12.14 -2.12 12.27
N GLY A 148 -11.26 -1.96 11.31
CA GLY A 148 -11.65 -1.31 10.02
C GLY A 148 -10.77 -0.07 9.77
N HIS A 149 -9.52 -0.14 10.12
CA HIS A 149 -8.61 1.03 9.89
C HIS A 149 -7.30 0.56 9.24
N ALA A 150 -6.76 1.35 8.34
CA ALA A 150 -5.49 0.96 7.67
C ALA A 150 -4.33 0.88 8.68
N VAL A 151 -3.45 -0.06 8.52
CA VAL A 151 -2.30 -0.20 9.46
C VAL A 151 -0.99 0.07 8.72
N GLY A 152 -0.84 -0.46 7.55
CA GLY A 152 0.41 -0.25 6.76
C GLY A 152 0.23 -0.77 5.34
N ILE A 153 1.30 -0.85 4.58
CA ILE A 153 1.19 -1.34 3.17
C ILE A 153 2.13 -2.53 2.95
N PHE A 154 1.67 -3.52 2.23
CA PHE A 154 2.52 -4.72 1.96
C PHE A 154 3.74 -4.30 1.12
N ARG A 155 4.91 -4.80 1.47
CA ARG A 155 6.14 -4.44 0.70
C ARG A 155 6.72 -5.68 0.03
N ALA A 156 6.95 -6.72 0.77
CA ALA A 156 7.52 -7.97 0.19
C ALA A 156 7.10 -9.19 1.03
N ALA A 157 7.17 -10.36 0.44
CA ALA A 157 6.78 -11.59 1.19
C ALA A 157 8.01 -12.50 1.40
N VAL A 158 8.02 -13.24 2.47
CA VAL A 158 9.18 -14.15 2.74
C VAL A 158 8.76 -15.61 2.55
N CYS A 159 9.39 -16.31 1.65
CA CYS A 159 9.03 -17.73 1.41
C CYS A 159 10.28 -18.61 1.43
N THR A 160 10.16 -19.82 1.92
CA THR A 160 11.34 -20.74 1.97
C THR A 160 11.73 -21.18 0.56
N ARG A 161 10.77 -21.62 -0.20
CA ARG A 161 11.06 -22.07 -1.59
C ARG A 161 9.76 -22.13 -2.41
N GLY A 162 9.04 -21.04 -2.45
CA GLY A 162 7.76 -21.01 -3.20
C GLY A 162 6.58 -20.84 -2.23
N VAL A 163 6.79 -21.11 -0.96
CA VAL A 163 5.68 -20.96 0.02
C VAL A 163 5.97 -19.80 0.98
N ALA A 164 5.11 -18.81 1.01
CA ALA A 164 5.34 -17.63 1.91
C ALA A 164 4.63 -17.83 3.24
N LYS A 165 5.36 -17.76 4.32
CA LYS A 165 4.74 -17.93 5.67
C LYS A 165 4.71 -16.60 6.42
N ALA A 166 5.58 -15.68 6.07
CA ALA A 166 5.59 -14.35 6.75
C ALA A 166 5.76 -13.24 5.72
N VAL A 167 5.37 -12.04 6.07
CA VAL A 167 5.49 -10.89 5.10
C VAL A 167 5.95 -9.62 5.83
N ASP A 168 6.28 -8.60 5.10
CA ASP A 168 6.73 -7.32 5.74
C ASP A 168 5.94 -6.15 5.16
N PHE A 169 5.56 -5.22 5.99
CA PHE A 169 4.78 -4.04 5.50
C PHE A 169 5.27 -2.75 6.17
N VAL A 170 5.03 -1.63 5.54
CA VAL A 170 5.48 -0.33 6.14
C VAL A 170 4.31 0.31 6.91
N PRO A 171 4.53 0.55 8.18
CA PRO A 171 3.42 1.16 8.98
C PRO A 171 3.11 2.57 8.48
N VAL A 172 1.88 2.99 8.61
CA VAL A 172 1.50 4.36 8.15
C VAL A 172 2.29 5.43 8.89
N GLU A 173 2.75 5.14 10.09
CA GLU A 173 3.53 6.14 10.88
C GLU A 173 4.79 6.56 10.12
N SER A 174 5.42 5.62 9.44
CA SER A 174 6.67 5.96 8.67
C SER A 174 6.39 7.04 7.62
N MET A 175 5.20 7.03 7.06
CA MET A 175 4.87 8.06 6.02
C MET A 175 4.98 9.48 6.59
N GLU A 176 4.54 9.66 7.81
CA GLU A 176 4.62 11.02 8.45
C GLU A 176 6.07 11.50 8.52
N THR A 177 6.98 10.61 8.83
CA THR A 177 8.42 11.01 8.93
C THR A 177 8.91 11.53 7.58
N THR A 178 8.50 10.89 6.51
CA THR A 178 8.96 11.35 5.14
C THR A 178 8.37 12.73 4.83
N MET A 179 7.07 12.88 4.99
CA MET A 179 6.44 14.21 4.71
C MET A 179 6.89 15.25 5.73
N ARG A 180 7.00 14.85 6.97
CA ARG A 180 7.43 15.81 8.03
C ARG A 180 8.83 16.35 7.71
N ALA A 181 9.70 15.51 7.23
CA ALA A 181 11.10 15.98 6.89
C ALA A 181 11.04 17.08 5.83
N SER A 182 10.21 16.92 4.82
CA SER A 182 10.10 17.94 3.76
C SER A 182 8.68 17.96 3.17
N LYS A 183 7.86 18.89 3.59
CA LYS A 183 6.46 18.96 3.08
C LYS A 183 6.49 19.19 1.56
N LYS A 184 7.37 20.02 1.09
CA LYS A 184 7.45 20.29 -0.38
C LYS A 184 8.21 19.16 -1.09
N LYS A 185 7.97 18.99 -2.36
CA LYS A 185 8.67 17.91 -3.13
C LYS A 185 10.08 18.36 -3.52
N LYS A 186 10.95 17.42 -3.81
CA LYS A 186 12.34 17.79 -4.19
C LYS A 186 13.05 16.57 -4.80
N GLU B 2 10.68 -11.79 -1.16
CA GLU B 2 10.69 -11.40 -2.61
C GLU B 2 9.75 -10.22 -2.84
N LEU B 3 10.19 -9.24 -3.57
CA LEU B 3 9.33 -8.05 -3.84
C LEU B 3 8.14 -8.43 -4.74
N THR A 22 -18.97 22.11 -9.40
CA THR A 22 -17.95 22.70 -10.32
C THR A 22 -16.56 22.63 -9.68
N GLY A 23 -16.43 23.11 -8.47
CA GLY A 23 -15.10 23.07 -7.79
C GLY A 23 -14.62 21.62 -7.65
N ARG A 24 -15.52 20.72 -7.34
CA ARG A 24 -15.13 19.29 -7.18
C ARG A 24 -16.08 18.39 -7.99
N ASP A 25 -15.58 17.28 -8.47
CA ASP A 25 -16.45 16.36 -9.28
C ASP A 25 -16.33 14.93 -8.73
N LYS A 26 -17.43 14.22 -8.68
CA LYS A 26 -17.40 12.82 -8.16
C LYS A 26 -17.41 11.82 -9.33
N ASN A 27 -16.40 11.00 -9.43
CA ASN A 27 -16.33 10.00 -10.54
C ASN A 27 -16.91 8.66 -10.08
N GLN A 28 -16.61 8.28 -8.86
CA GLN A 28 -17.12 6.97 -8.34
C GLN A 28 -17.55 7.12 -6.87
N VAL A 29 -18.51 6.34 -6.45
CA VAL A 29 -18.98 6.43 -5.02
C VAL A 29 -17.83 6.12 -4.07
N GLU A 30 -17.05 5.11 -4.38
CA GLU A 30 -15.90 4.74 -3.50
C GLU A 30 -14.59 4.78 -4.29
N GLY A 31 -13.54 5.27 -3.70
CA GLY A 31 -12.24 5.34 -4.41
C GLY A 31 -11.08 5.27 -3.41
N GLU A 32 -11.30 4.65 -2.27
CA GLU A 32 -10.22 4.56 -1.24
C GLU A 32 -9.07 3.70 -1.77
N VAL A 33 -9.39 2.63 -2.46
CA VAL A 33 -8.32 1.75 -3.02
C VAL A 33 -8.37 1.79 -4.56
N GLN A 34 -7.26 2.04 -5.18
CA GLN A 34 -7.23 2.09 -6.68
C GLN A 34 -6.21 1.10 -7.23
N VAL A 35 -6.34 0.75 -8.48
CA VAL A 35 -5.38 -0.22 -9.11
C VAL A 35 -4.48 0.53 -10.10
N VAL A 36 -3.20 0.47 -9.90
CA VAL A 36 -2.26 1.17 -10.83
C VAL A 36 -1.33 0.17 -11.51
N SER A 37 -0.79 0.52 -12.65
CA SER A 37 0.12 -0.42 -13.37
C SER A 37 1.35 0.30 -13.90
N THR A 38 2.34 -0.44 -14.33
CA THR A 38 3.59 0.19 -14.86
C THR A 38 4.01 -0.50 -16.15
N ALA A 39 4.98 0.05 -16.84
CA ALA A 39 5.44 -0.56 -18.13
C ALA A 39 6.08 -1.93 -17.87
N THR A 40 6.44 -2.24 -16.65
CA THR A 40 7.09 -3.57 -16.38
C THR A 40 6.24 -4.42 -15.43
N GLN A 41 5.56 -3.82 -14.48
CA GLN A 41 4.74 -4.62 -13.53
C GLN A 41 3.54 -3.81 -13.01
N SER A 42 2.63 -4.45 -12.32
CA SER A 42 1.43 -3.74 -11.78
C SER A 42 1.24 -4.06 -10.30
N PHE A 43 0.58 -3.18 -9.57
CA PHE A 43 0.36 -3.41 -8.11
C PHE A 43 -0.76 -2.51 -7.60
N LEU A 44 -1.06 -2.58 -6.32
CA LEU A 44 -2.17 -1.76 -5.76
C LEU A 44 -1.63 -0.70 -4.79
N ALA A 45 -2.34 0.39 -4.66
CA ALA A 45 -1.90 1.48 -3.72
C ALA A 45 -3.07 1.93 -2.85
N THR A 46 -2.79 2.59 -1.75
CA THR A 46 -3.88 3.05 -0.84
C THR A 46 -3.79 4.57 -0.63
N CYS A 47 -4.91 5.24 -0.63
CA CYS A 47 -4.90 6.72 -0.44
C CYS A 47 -5.10 7.07 1.04
N VAL A 48 -4.04 7.46 1.72
CA VAL A 48 -4.16 7.82 3.15
C VAL A 48 -3.92 9.33 3.33
N ASN A 49 -4.75 9.99 4.09
CA ASN A 49 -4.60 11.46 4.32
C ASN A 49 -4.58 12.23 2.98
N GLY A 50 -5.40 11.81 2.04
CA GLY A 50 -5.46 12.51 0.72
C GLY A 50 -4.18 12.29 -0.07
N VAL A 51 -3.50 11.19 0.16
CA VAL A 51 -2.23 10.93 -0.58
C VAL A 51 -2.13 9.43 -0.91
N CYS A 52 -1.82 9.10 -2.14
CA CYS A 52 -1.69 7.66 -2.53
C CYS A 52 -0.36 7.12 -1.99
N TRP A 53 -0.33 5.88 -1.58
CA TRP A 53 0.94 5.31 -1.05
C TRP A 53 1.26 3.97 -1.71
N THR A 54 2.52 3.66 -1.80
CA THR A 54 2.96 2.37 -2.43
C THR A 54 4.44 2.14 -2.16
N VAL A 55 4.99 1.06 -2.64
CA VAL A 55 6.43 0.78 -2.41
C VAL A 55 7.28 1.40 -3.53
N TYR A 56 8.55 1.61 -3.29
CA TYR A 56 9.43 2.23 -4.32
C TYR A 56 9.75 1.26 -5.47
N HIS A 57 10.08 0.02 -5.15
CA HIS A 57 10.42 -0.95 -6.25
C HIS A 57 9.22 -1.13 -7.21
N GLY A 58 8.02 -0.89 -6.74
CA GLY A 58 6.83 -1.02 -7.62
C GLY A 58 6.78 0.21 -8.54
N ALA A 59 6.95 1.38 -7.99
CA ALA A 59 6.94 2.62 -8.80
C ALA A 59 8.06 3.55 -8.33
N GLY A 60 9.21 3.49 -8.96
CA GLY A 60 10.35 4.35 -8.54
C GLY A 60 10.09 5.81 -8.92
N SER A 61 9.06 6.41 -8.37
CA SER A 61 8.75 7.84 -8.69
C SER A 61 8.63 8.04 -10.22
N LYS A 62 8.03 7.10 -10.90
CA LYS A 62 7.89 7.23 -12.38
C LYS A 62 6.42 7.47 -12.75
N THR A 63 6.13 7.61 -14.01
CA THR A 63 4.71 7.83 -14.43
C THR A 63 3.88 6.58 -14.09
N LEU A 64 2.69 6.77 -13.60
CA LEU A 64 1.83 5.61 -13.24
C LEU A 64 0.48 5.71 -13.94
N ALA A 65 0.03 4.63 -14.53
CA ALA A 65 -1.28 4.65 -15.23
C ALA A 65 -2.38 4.10 -14.32
N GLY A 66 -3.30 4.95 -13.92
CA GLY A 66 -4.40 4.48 -13.02
C GLY A 66 -5.75 4.64 -13.74
N PRO A 67 -6.81 4.28 -13.05
CA PRO A 67 -8.15 4.40 -13.69
C PRO A 67 -8.46 5.87 -14.03
N LYS A 68 -7.95 6.79 -13.26
CA LYS A 68 -8.21 8.23 -13.52
C LYS A 68 -7.36 8.73 -14.70
N GLY A 69 -6.30 8.02 -15.02
CA GLY A 69 -5.43 8.45 -16.15
C GLY A 69 -3.97 8.47 -15.68
N PRO A 70 -3.28 9.54 -16.00
CA PRO A 70 -1.86 9.63 -15.56
C PRO A 70 -1.78 10.16 -14.13
N ILE A 71 -0.82 9.69 -13.37
CA ILE A 71 -0.70 10.16 -11.95
C ILE A 71 0.67 10.82 -11.72
N THR A 72 0.68 12.01 -11.16
CA THR A 72 1.98 12.71 -10.91
C THR A 72 2.57 12.29 -9.56
N GLN A 73 3.87 12.25 -9.45
CA GLN A 73 4.53 11.85 -8.18
C GLN A 73 4.73 13.05 -7.25
N MET A 74 4.50 12.87 -5.98
CA MET A 74 4.67 14.00 -5.01
C MET A 74 5.75 13.66 -3.97
N TYR A 75 5.75 12.45 -3.48
CA TYR A 75 6.76 12.05 -2.46
C TYR A 75 7.62 10.88 -2.97
N THR A 76 8.90 10.91 -2.70
CA THR A 76 9.79 9.81 -3.16
C THR A 76 10.82 9.47 -2.07
N ASN A 77 10.95 8.21 -1.73
CA ASN A 77 11.93 7.82 -0.67
C ASN A 77 12.60 6.49 -1.04
N VAL A 78 13.79 6.55 -1.60
CA VAL A 78 14.51 5.29 -1.98
C VAL A 78 14.97 4.54 -0.72
N ASP A 79 15.42 5.27 0.27
CA ASP A 79 15.90 4.61 1.52
C ASP A 79 14.76 3.83 2.18
N GLN A 80 13.61 4.43 2.31
CA GLN A 80 12.44 3.73 2.94
C GLN A 80 11.67 2.91 1.90
N ASP A 81 12.08 2.93 0.66
CA ASP A 81 11.37 2.16 -0.41
C ASP A 81 9.87 2.51 -0.41
N LEU A 82 9.54 3.77 -0.33
CA LEU A 82 8.11 4.20 -0.32
C LEU A 82 7.89 5.45 -1.17
N VAL A 83 6.79 5.54 -1.85
CA VAL A 83 6.48 6.74 -2.69
C VAL A 83 4.97 6.99 -2.71
N GLY A 84 4.57 8.18 -3.04
CA GLY A 84 3.10 8.50 -3.07
C GLY A 84 2.79 9.50 -4.20
N TRP A 85 1.55 9.55 -4.60
CA TRP A 85 1.15 10.51 -5.68
C TRP A 85 0.13 11.50 -5.14
N GLN A 86 -0.14 12.56 -5.85
CA GLN A 86 -1.15 13.55 -5.39
C GLN A 86 -2.55 12.95 -5.53
N ALA A 87 -3.28 12.82 -4.44
CA ALA A 87 -4.65 12.24 -4.52
C ALA A 87 -5.57 13.14 -5.34
N PRO A 88 -6.40 12.52 -6.14
CA PRO A 88 -7.33 13.34 -6.98
C PRO A 88 -8.40 14.00 -6.08
N PRO A 89 -9.00 15.05 -6.60
CA PRO A 89 -10.05 15.73 -5.80
C PRO A 89 -11.33 14.89 -5.75
N GLY A 90 -11.99 14.87 -4.62
CA GLY A 90 -13.24 14.06 -4.51
C GLY A 90 -12.89 12.59 -4.29
N ALA A 91 -11.77 12.32 -3.68
CA ALA A 91 -11.36 10.90 -3.43
C ALA A 91 -11.46 10.58 -1.94
N ARG A 92 -11.68 9.33 -1.61
CA ARG A 92 -11.79 8.95 -0.17
C ARG A 92 -10.41 8.59 0.38
N SER A 93 -10.29 8.47 1.67
CA SER A 93 -8.97 8.13 2.28
C SER A 93 -9.17 7.21 3.50
N LEU A 94 -8.12 6.58 3.94
CA LEU A 94 -8.24 5.67 5.12
C LEU A 94 -7.53 6.27 6.34
N THR A 95 -8.02 5.97 7.51
CA THR A 95 -7.38 6.51 8.76
C THR A 95 -6.30 5.54 9.26
N PRO A 96 -5.63 5.91 10.33
CA PRO A 96 -4.57 5.00 10.85
C PRO A 96 -5.17 4.02 11.86
N CYS A 97 -4.49 2.92 12.08
CA CYS A 97 -5.01 1.90 13.05
C CYS A 97 -4.95 2.44 14.48
N THR A 98 -6.03 2.35 15.20
CA THR A 98 -6.04 2.85 16.61
C THR A 98 -6.71 1.82 17.53
N CYS A 99 -6.20 0.60 17.51
CA CYS A 99 -6.81 -0.46 18.37
C CYS A 99 -5.75 -1.43 18.93
N GLY A 100 -4.50 -1.31 18.52
CA GLY A 100 -3.46 -2.24 19.05
C GLY A 100 -3.82 -3.68 18.69
N SER A 101 -4.36 -3.90 17.52
CA SER A 101 -4.75 -5.28 17.10
C SER A 101 -3.69 -5.88 16.18
N SER A 102 -3.14 -7.00 16.56
CA SER A 102 -2.10 -7.66 15.71
C SER A 102 -2.72 -8.21 14.43
N ASP A 103 -3.97 -8.59 14.49
CA ASP A 103 -4.65 -9.15 13.28
C ASP A 103 -4.75 -8.07 12.20
N LEU A 104 -4.40 -8.42 10.98
CA LEU A 104 -4.46 -7.42 9.86
C LEU A 104 -5.05 -8.08 8.61
N TYR A 105 -5.72 -7.30 7.79
CA TYR A 105 -6.32 -7.86 6.54
C TYR A 105 -5.61 -7.28 5.32
N LEU A 106 -5.03 -8.13 4.51
CA LEU A 106 -4.31 -7.64 3.28
C LEU A 106 -5.24 -7.67 2.07
N VAL A 107 -5.28 -6.59 1.34
CA VAL A 107 -6.16 -6.53 0.12
C VAL A 107 -5.35 -6.94 -1.12
N THR A 108 -5.77 -7.98 -1.78
CA THR A 108 -5.02 -8.45 -3.00
C THR A 108 -5.68 -7.91 -4.27
N ARG A 109 -5.02 -8.07 -5.39
CA ARG A 109 -5.59 -7.57 -6.68
C ARG A 109 -6.90 -8.30 -7.00
N HIS A 110 -7.03 -9.51 -6.51
CA HIS A 110 -8.29 -10.30 -6.78
C HIS A 110 -9.28 -10.13 -5.63
N ALA A 111 -9.24 -9.01 -4.95
CA ALA A 111 -10.19 -8.76 -3.82
C ALA A 111 -10.13 -9.90 -2.79
N ASP A 112 -8.95 -10.37 -2.47
CA ASP A 112 -8.82 -11.47 -1.47
C ASP A 112 -8.41 -10.90 -0.11
N VAL A 113 -9.21 -11.14 0.90
CA VAL A 113 -8.88 -10.60 2.26
C VAL A 113 -8.20 -11.68 3.11
N ILE A 114 -6.98 -12.02 2.77
CA ILE A 114 -6.24 -13.05 3.56
C ILE A 114 -5.89 -12.50 4.96
N PRO A 115 -6.22 -13.27 5.98
CA PRO A 115 -5.90 -12.78 7.35
C PRO A 115 -4.40 -12.93 7.65
N VAL A 116 -3.80 -11.91 8.20
CA VAL A 116 -2.35 -11.97 8.52
C VAL A 116 -2.12 -11.53 9.97
N ARG A 117 -1.40 -12.31 10.73
CA ARG A 117 -1.16 -11.93 12.16
C ARG A 117 0.14 -11.13 12.28
N ARG A 118 0.11 -10.04 13.02
CA ARG A 118 1.33 -9.20 13.17
C ARG A 118 2.25 -9.80 14.23
N ARG A 119 3.50 -10.03 13.88
CA ARG A 119 4.45 -10.62 14.87
C ARG A 119 5.67 -9.69 15.04
N GLY A 120 5.50 -8.42 14.76
CA GLY A 120 6.63 -7.46 14.89
C GLY A 120 6.15 -6.05 14.55
N ASP A 121 7.04 -5.09 14.56
CA ASP A 121 6.63 -3.68 14.23
C ASP A 121 6.28 -3.57 12.75
N SER A 122 7.04 -4.21 11.89
CA SER A 122 6.74 -4.14 10.43
C SER A 122 6.77 -5.54 9.80
N ARG A 123 6.54 -6.57 10.59
CA ARG A 123 6.56 -7.95 10.03
C ARG A 123 5.30 -8.71 10.46
N GLY A 124 4.86 -9.65 9.67
CA GLY A 124 3.64 -10.44 10.02
C GLY A 124 3.81 -11.89 9.59
N SER A 125 2.90 -12.74 9.98
CA SER A 125 3.00 -14.18 9.60
C SER A 125 1.84 -14.57 8.68
N LEU A 126 2.02 -15.58 7.87
CA LEU A 126 0.92 -16.01 6.95
C LEU A 126 0.20 -17.22 7.53
N LEU A 127 -1.09 -17.10 7.77
CA LEU A 127 -1.86 -18.25 8.33
C LEU A 127 -1.93 -19.39 7.30
N SER A 128 -2.11 -19.05 6.05
CA SER A 128 -2.19 -20.11 5.00
C SER A 128 -0.95 -20.06 4.10
N PRO A 129 -0.15 -21.09 4.15
CA PRO A 129 1.08 -21.09 3.30
C PRO A 129 0.70 -21.09 1.82
N ARG A 130 1.01 -20.03 1.12
CA ARG A 130 0.68 -19.96 -0.34
C ARG A 130 1.94 -19.65 -1.15
N PRO A 131 1.88 -19.95 -2.43
CA PRO A 131 3.08 -19.68 -3.27
C PRO A 131 3.35 -18.17 -3.33
N VAL A 132 4.57 -17.79 -3.63
CA VAL A 132 4.92 -16.34 -3.69
C VAL A 132 4.20 -15.66 -4.87
N SER A 133 3.83 -16.43 -5.87
CA SER A 133 3.14 -15.83 -7.06
C SER A 133 1.83 -15.16 -6.62
N TYR A 134 1.11 -15.78 -5.71
CA TYR A 134 -0.18 -15.18 -5.23
C TYR A 134 0.09 -13.81 -4.60
N LEU A 135 1.05 -13.73 -3.71
CA LEU A 135 1.38 -12.42 -3.07
C LEU A 135 2.04 -11.49 -4.08
N LYS A 136 2.68 -12.03 -5.08
CA LYS A 136 3.35 -11.19 -6.12
C LYS A 136 2.34 -10.26 -6.79
N GLY A 137 2.65 -8.99 -6.86
CA GLY A 137 1.70 -8.02 -7.51
C GLY A 137 0.78 -7.37 -6.46
N SER A 138 0.79 -7.86 -5.24
CA SER A 138 -0.10 -7.25 -4.19
C SER A 138 0.66 -6.20 -3.36
N SER A 139 1.94 -6.02 -3.61
CA SER A 139 2.72 -4.99 -2.84
C SER A 139 2.10 -3.61 -3.03
N GLY A 140 2.02 -2.83 -1.99
CA GLY A 140 1.42 -1.48 -2.11
C GLY A 140 -0.01 -1.51 -1.53
N GLY A 141 -0.61 -2.67 -1.46
CA GLY A 141 -1.98 -2.78 -0.89
C GLY A 141 -1.95 -2.36 0.59
N PRO A 142 -3.08 -1.92 1.09
CA PRO A 142 -3.09 -1.49 2.51
C PRO A 142 -3.58 -2.62 3.43
N LEU A 143 -3.10 -2.64 4.64
CA LEU A 143 -3.53 -3.69 5.62
C LEU A 143 -4.46 -3.05 6.64
N LEU A 144 -5.74 -3.36 6.59
CA LEU A 144 -6.70 -2.74 7.54
C LEU A 144 -7.01 -3.67 8.71
N CYS A 145 -6.92 -3.17 9.91
CA CYS A 145 -7.22 -4.00 11.11
C CYS A 145 -8.74 -4.28 11.16
N PRO A 146 -9.13 -5.31 11.88
CA PRO A 146 -10.58 -5.65 11.93
C PRO A 146 -11.45 -4.44 12.31
N SER A 147 -10.90 -3.49 13.02
CA SER A 147 -11.71 -2.28 13.41
C SER A 147 -12.15 -1.52 12.16
N GLY A 148 -11.28 -1.41 11.18
CA GLY A 148 -11.64 -0.69 9.93
C GLY A 148 -10.69 0.50 9.71
N HIS A 149 -9.44 0.36 10.06
CA HIS A 149 -8.47 1.48 9.86
C HIS A 149 -7.19 0.97 9.19
N ALA A 150 -6.54 1.81 8.41
CA ALA A 150 -5.29 1.38 7.72
C ALA A 150 -4.17 1.15 8.75
N VAL A 151 -3.38 0.13 8.55
CA VAL A 151 -2.27 -0.16 9.51
C VAL A 151 -0.92 0.01 8.80
N GLY A 152 -0.84 -0.34 7.55
CA GLY A 152 0.44 -0.21 6.79
C GLY A 152 0.25 -0.71 5.36
N ILE A 153 1.33 -0.92 4.65
CA ILE A 153 1.22 -1.40 3.24
C ILE A 153 2.17 -2.59 3.02
N PHE A 154 1.72 -3.58 2.29
CA PHE A 154 2.58 -4.77 2.01
C PHE A 154 3.80 -4.35 1.18
N ARG A 155 4.96 -4.87 1.51
CA ARG A 155 6.19 -4.50 0.75
C ARG A 155 6.79 -5.72 0.07
N ALA A 156 7.02 -6.78 0.81
CA ALA A 156 7.61 -8.01 0.22
C ALA A 156 7.17 -9.25 1.02
N ALA A 157 7.26 -10.41 0.43
CA ALA A 157 6.85 -11.66 1.15
C ALA A 157 8.07 -12.50 1.47
N VAL A 158 8.00 -13.28 2.52
CA VAL A 158 9.16 -14.14 2.90
C VAL A 158 8.83 -15.60 2.62
N CYS A 159 9.57 -16.22 1.73
CA CYS A 159 9.31 -17.66 1.40
C CYS A 159 10.61 -18.46 1.47
N THR A 160 10.54 -19.68 1.96
CA THR A 160 11.77 -20.52 2.06
C THR A 160 12.25 -20.92 0.66
N ARG A 161 11.37 -21.42 -0.16
CA ARG A 161 11.76 -21.83 -1.54
C ARG A 161 10.52 -21.97 -2.41
N GLY A 162 9.71 -20.95 -2.48
CA GLY A 162 8.46 -21.02 -3.29
C GLY A 162 7.23 -20.93 -2.39
N VAL A 163 7.40 -21.19 -1.11
CA VAL A 163 6.22 -21.11 -0.18
C VAL A 163 6.42 -19.95 0.79
N ALA A 164 5.50 -19.02 0.80
CA ALA A 164 5.62 -17.84 1.72
C ALA A 164 5.01 -18.17 3.09
N LYS A 165 5.73 -17.91 4.14
CA LYS A 165 5.19 -18.19 5.51
C LYS A 165 4.96 -16.88 6.27
N ALA A 166 5.69 -15.85 5.92
CA ALA A 166 5.52 -14.54 6.62
C ALA A 166 5.68 -13.39 5.62
N VAL A 167 5.14 -12.24 5.92
CA VAL A 167 5.26 -11.08 4.98
C VAL A 167 5.87 -9.87 5.70
N ASP A 168 6.03 -8.79 4.98
CA ASP A 168 6.61 -7.55 5.59
C ASP A 168 5.79 -6.34 5.15
N PHE A 169 5.45 -5.45 6.06
CA PHE A 169 4.64 -4.26 5.67
C PHE A 169 5.16 -3.00 6.37
N VAL A 170 4.96 -1.85 5.78
CA VAL A 170 5.43 -0.59 6.41
C VAL A 170 4.28 0.04 7.19
N PRO A 171 4.47 0.20 8.49
CA PRO A 171 3.38 0.79 9.31
C PRO A 171 3.07 2.22 8.86
N VAL A 172 1.89 2.69 9.10
CA VAL A 172 1.51 4.07 8.68
C VAL A 172 2.47 5.11 9.29
N GLU A 173 3.12 4.77 10.37
CA GLU A 173 4.07 5.73 11.01
C GLU A 173 5.19 6.11 10.03
N SER A 174 5.59 5.19 9.18
CA SER A 174 6.68 5.51 8.20
C SER A 174 6.26 6.67 7.30
N MET A 175 5.01 6.73 6.91
CA MET A 175 4.54 7.84 6.02
C MET A 175 4.76 9.19 6.70
N GLU A 176 4.51 9.28 7.98
CA GLU A 176 4.70 10.57 8.70
C GLU A 176 6.17 10.99 8.63
N THR A 177 7.08 10.06 8.78
CA THR A 177 8.54 10.39 8.71
C THR A 177 8.93 10.79 7.29
N THR A 178 8.41 10.10 6.31
CA THR A 178 8.74 10.43 4.89
C THR A 178 8.34 11.86 4.56
N MET A 179 7.13 12.24 4.88
CA MET A 179 6.67 13.63 4.58
C MET A 179 7.42 14.63 5.45
N ARG A 180 7.64 14.30 6.71
CA ARG A 180 8.37 15.23 7.62
C ARG A 180 9.84 15.32 7.21
N ALA A 181 10.43 14.22 6.84
CA ALA A 181 11.87 14.23 6.44
C ALA A 181 12.03 14.96 5.10
N SER A 182 11.03 14.92 4.27
CA SER A 182 11.12 15.60 2.94
C SER A 182 10.57 17.03 3.03
N LYS A 183 10.90 17.74 4.08
CA LYS A 183 10.39 19.14 4.22
C LYS A 183 10.86 20.00 3.05
N LYS A 184 12.13 19.97 2.74
CA LYS A 184 12.66 20.78 1.61
C LYS A 184 13.88 20.11 1.00
N LYS A 185 13.81 19.77 -0.27
CA LYS A 185 14.97 19.09 -0.94
C LYS A 185 15.10 19.59 -2.39
N LYS A 186 16.25 19.43 -2.98
CA LYS A 186 16.47 19.88 -4.40
C LYS A 186 16.06 21.35 -4.56
N GLU B 2 11.34 -11.27 -0.58
CA GLU B 2 11.10 -11.08 -2.04
C GLU B 2 10.13 -9.91 -2.26
N LEU B 3 10.49 -8.99 -3.13
CA LEU B 3 9.59 -7.83 -3.41
C LEU B 3 8.39 -8.28 -4.24
N THR A 22 -12.64 27.87 -14.57
CA THR A 22 -12.60 26.66 -15.44
C THR A 22 -12.07 25.46 -14.66
N GLY A 23 -12.70 24.32 -14.82
CA GLY A 23 -12.24 23.10 -14.09
C GLY A 23 -13.16 21.93 -14.43
N ARG A 24 -13.00 20.82 -13.75
CA ARG A 24 -13.85 19.63 -14.02
C ARG A 24 -14.64 19.24 -12.76
N ASP A 25 -15.88 18.87 -12.91
CA ASP A 25 -16.70 18.48 -11.73
C ASP A 25 -16.94 16.96 -11.72
N LYS A 26 -16.13 16.20 -12.41
CA LYS A 26 -16.31 14.72 -12.43
C LYS A 26 -15.34 14.05 -11.45
N ASN A 27 -15.87 13.33 -10.49
CA ASN A 27 -14.97 12.65 -9.49
C ASN A 27 -15.72 11.49 -8.83
N GLN A 28 -15.00 10.56 -8.26
CA GLN A 28 -15.66 9.39 -7.59
C GLN A 28 -15.71 9.60 -6.09
N VAL A 29 -16.89 9.55 -5.51
CA VAL A 29 -17.02 9.76 -4.04
C VAL A 29 -16.43 8.57 -3.27
N GLU A 30 -16.40 7.41 -3.88
CA GLU A 30 -15.84 6.20 -3.20
C GLU A 30 -14.72 5.59 -4.04
N GLY A 31 -13.74 5.00 -3.41
CA GLY A 31 -12.61 4.37 -4.16
C GLY A 31 -11.30 4.63 -3.43
N GLU A 32 -11.20 4.19 -2.19
CA GLU A 32 -9.95 4.41 -1.41
C GLU A 32 -8.80 3.59 -2.03
N VAL A 33 -9.10 2.41 -2.50
CA VAL A 33 -8.04 1.55 -3.12
C VAL A 33 -8.27 1.45 -4.64
N GLN A 34 -7.28 1.83 -5.41
CA GLN A 34 -7.43 1.76 -6.91
C GLN A 34 -6.33 0.92 -7.52
N VAL A 35 -6.55 0.40 -8.70
CA VAL A 35 -5.51 -0.44 -9.37
C VAL A 35 -4.56 0.45 -10.16
N VAL A 36 -3.27 0.25 -10.01
CA VAL A 36 -2.28 1.08 -10.76
C VAL A 36 -1.30 0.18 -11.51
N SER A 37 -0.75 0.67 -12.59
CA SER A 37 0.23 -0.13 -13.38
C SER A 37 1.42 0.72 -13.78
N THR A 38 2.34 0.15 -14.52
CA THR A 38 3.54 0.90 -14.96
C THR A 38 3.93 0.43 -16.37
N ALA A 39 5.09 0.82 -16.84
CA ALA A 39 5.52 0.40 -18.21
C ALA A 39 5.60 -1.14 -18.27
N THR A 40 6.05 -1.77 -17.22
CA THR A 40 6.15 -3.27 -17.23
C THR A 40 5.70 -3.90 -15.90
N GLN A 41 5.42 -3.11 -14.88
CA GLN A 41 5.00 -3.69 -13.57
C GLN A 41 3.55 -3.32 -13.23
N SER A 42 2.88 -4.15 -12.48
CA SER A 42 1.46 -3.85 -12.10
C SER A 42 1.23 -4.17 -10.61
N PHE A 43 0.47 -3.35 -9.93
CA PHE A 43 0.20 -3.59 -8.48
C PHE A 43 -0.89 -2.66 -7.98
N LEU A 44 -1.22 -2.71 -6.70
CA LEU A 44 -2.31 -1.84 -6.16
C LEU A 44 -1.72 -0.80 -5.20
N ALA A 45 -2.50 0.18 -4.83
CA ALA A 45 -1.99 1.23 -3.89
C ALA A 45 -3.13 1.71 -2.99
N THR A 46 -2.80 2.31 -1.87
CA THR A 46 -3.85 2.82 -0.93
C THR A 46 -3.70 4.32 -0.73
N CYS A 47 -4.80 5.03 -0.67
CA CYS A 47 -4.72 6.52 -0.49
C CYS A 47 -4.97 6.88 0.98
N VAL A 48 -3.96 7.33 1.66
CA VAL A 48 -4.11 7.71 3.10
C VAL A 48 -3.99 9.24 3.24
N ASN A 49 -4.93 9.85 3.92
CA ASN A 49 -4.89 11.33 4.11
C ASN A 49 -4.83 12.06 2.75
N GLY A 50 -5.55 11.58 1.78
CA GLY A 50 -5.57 12.24 0.44
C GLY A 50 -4.22 12.03 -0.27
N VAL A 51 -3.45 11.05 0.13
CA VAL A 51 -2.13 10.81 -0.54
C VAL A 51 -1.99 9.33 -0.89
N CYS A 52 -1.63 9.03 -2.12
CA CYS A 52 -1.47 7.60 -2.52
C CYS A 52 -0.14 7.07 -1.98
N TRP A 53 -0.12 5.84 -1.51
CA TRP A 53 1.14 5.27 -0.96
C TRP A 53 1.42 3.90 -1.56
N THR A 54 2.67 3.57 -1.73
CA THR A 54 3.05 2.25 -2.30
C THR A 54 4.55 2.02 -2.10
N VAL A 55 5.07 0.91 -2.55
CA VAL A 55 6.52 0.64 -2.38
C VAL A 55 7.32 1.23 -3.57
N TYR A 56 8.58 1.50 -3.37
CA TYR A 56 9.41 2.10 -4.47
C TYR A 56 9.68 1.09 -5.59
N HIS A 57 10.02 -0.13 -5.26
CA HIS A 57 10.32 -1.13 -6.34
C HIS A 57 9.09 -1.35 -7.24
N GLY A 58 7.91 -1.09 -6.73
CA GLY A 58 6.68 -1.25 -7.56
C GLY A 58 6.57 -0.07 -8.51
N ALA A 59 6.71 1.12 -7.98
CA ALA A 59 6.63 2.35 -8.84
C ALA A 59 7.86 3.24 -8.57
N GLY A 60 8.83 3.19 -9.45
CA GLY A 60 10.05 4.01 -9.26
C GLY A 60 9.69 5.50 -9.40
N SER A 61 10.68 6.35 -9.55
CA SER A 61 10.40 7.80 -9.71
C SER A 61 9.78 8.08 -11.07
N LYS A 62 8.60 7.58 -11.31
CA LYS A 62 7.93 7.79 -12.62
C LYS A 62 6.42 8.01 -12.44
N THR A 63 5.75 8.41 -13.48
CA THR A 63 4.27 8.62 -13.39
C THR A 63 3.56 7.28 -13.24
N LEU A 64 2.35 7.29 -12.74
CA LEU A 64 1.60 6.01 -12.56
C LEU A 64 0.37 5.98 -13.47
N ALA A 65 0.07 4.84 -14.04
CA ALA A 65 -1.11 4.73 -14.94
C ALA A 65 -2.31 4.17 -14.16
N GLY A 66 -3.30 5.00 -13.90
CA GLY A 66 -4.49 4.53 -13.15
C GLY A 66 -5.74 4.73 -14.03
N PRO A 67 -6.88 4.35 -13.49
CA PRO A 67 -8.13 4.52 -14.30
C PRO A 67 -8.40 6.01 -14.57
N LYS A 68 -8.02 6.87 -13.66
CA LYS A 68 -8.26 8.33 -13.86
C LYS A 68 -7.33 8.87 -14.95
N GLY A 69 -6.15 8.29 -15.06
CA GLY A 69 -5.18 8.76 -16.10
C GLY A 69 -3.77 8.78 -15.50
N PRO A 70 -2.88 9.50 -16.15
CA PRO A 70 -1.50 9.56 -15.62
C PRO A 70 -1.47 10.34 -14.31
N ILE A 71 -0.73 9.87 -13.33
CA ILE A 71 -0.65 10.57 -12.02
C ILE A 71 0.78 11.00 -11.71
N THR A 72 0.99 12.24 -11.35
CA THR A 72 2.36 12.72 -11.02
C THR A 72 2.73 12.31 -9.60
N GLN A 73 4.00 12.09 -9.34
CA GLN A 73 4.42 11.68 -7.96
C GLN A 73 5.00 12.86 -7.18
N MET A 74 4.75 12.90 -5.89
CA MET A 74 5.28 14.01 -5.05
C MET A 74 6.24 13.47 -3.99
N TYR A 75 6.14 12.20 -3.67
CA TYR A 75 7.06 11.62 -2.63
C TYR A 75 7.79 10.40 -3.19
N THR A 76 9.00 10.17 -2.76
CA THR A 76 9.78 8.99 -3.24
C THR A 76 11.05 8.81 -2.39
N ASN A 77 11.27 7.62 -1.90
CA ASN A 77 12.48 7.37 -1.06
C ASN A 77 13.14 6.05 -1.45
N VAL A 78 14.34 6.09 -1.95
CA VAL A 78 15.05 4.83 -2.34
C VAL A 78 15.40 4.01 -1.09
N ASP A 79 16.01 4.64 -0.12
CA ASP A 79 16.38 3.91 1.14
C ASP A 79 15.13 3.34 1.81
N GLN A 80 14.12 4.15 1.98
CA GLN A 80 12.86 3.66 2.63
C GLN A 80 12.02 2.86 1.64
N ASP A 81 12.37 2.88 0.36
CA ASP A 81 11.57 2.12 -0.66
C ASP A 81 10.08 2.50 -0.60
N LEU A 82 9.78 3.78 -0.60
CA LEU A 82 8.35 4.22 -0.54
C LEU A 82 8.10 5.46 -1.41
N VAL A 83 7.09 5.42 -2.23
CA VAL A 83 6.75 6.60 -3.10
C VAL A 83 5.26 6.94 -2.95
N GLY A 84 4.87 8.14 -3.31
CA GLY A 84 3.44 8.53 -3.17
C GLY A 84 3.04 9.47 -4.32
N TRP A 85 1.77 9.57 -4.59
CA TRP A 85 1.28 10.47 -5.68
C TRP A 85 0.28 11.48 -5.11
N GLN A 86 0.06 12.57 -5.79
CA GLN A 86 -0.92 13.59 -5.30
C GLN A 86 -2.34 13.11 -5.60
N ALA A 87 -3.06 12.71 -4.59
CA ALA A 87 -4.46 12.22 -4.81
C ALA A 87 -5.37 13.40 -5.19
N PRO A 88 -6.23 13.16 -6.16
CA PRO A 88 -7.15 14.25 -6.58
C PRO A 88 -8.19 14.53 -5.48
N PRO A 89 -8.76 15.71 -5.51
CA PRO A 89 -9.78 16.04 -4.48
C PRO A 89 -11.05 15.21 -4.70
N GLY A 90 -11.72 14.84 -3.63
CA GLY A 90 -12.97 14.04 -3.76
C GLY A 90 -12.66 12.56 -3.49
N ALA A 91 -11.44 12.15 -3.71
CA ALA A 91 -11.07 10.72 -3.47
C ALA A 91 -11.11 10.41 -1.96
N ARG A 92 -11.61 9.26 -1.60
CA ARG A 92 -11.67 8.90 -0.15
C ARG A 92 -10.33 8.36 0.31
N SER A 93 -10.07 8.40 1.59
CA SER A 93 -8.76 7.90 2.11
C SER A 93 -9.00 6.93 3.28
N LEU A 94 -7.97 6.25 3.72
CA LEU A 94 -8.12 5.28 4.84
C LEU A 94 -7.51 5.85 6.13
N THR A 95 -8.24 5.78 7.21
CA THR A 95 -7.71 6.29 8.51
C THR A 95 -6.65 5.34 9.05
N PRO A 96 -5.81 5.84 9.95
CA PRO A 96 -4.76 4.95 10.50
C PRO A 96 -5.35 4.00 11.57
N CYS A 97 -4.65 2.93 11.86
CA CYS A 97 -5.16 1.97 12.88
C CYS A 97 -5.01 2.55 14.28
N THR A 98 -6.07 2.51 15.06
CA THR A 98 -6.00 3.05 16.45
C THR A 98 -6.64 2.05 17.42
N CYS A 99 -6.17 0.82 17.40
CA CYS A 99 -6.75 -0.21 18.31
C CYS A 99 -5.69 -1.19 18.85
N GLY A 100 -4.46 -1.13 18.36
CA GLY A 100 -3.40 -2.06 18.85
C GLY A 100 -3.83 -3.51 18.60
N SER A 101 -4.39 -3.79 17.44
CA SER A 101 -4.82 -5.18 17.13
C SER A 101 -3.78 -5.89 16.26
N SER A 102 -3.24 -6.98 16.75
CA SER A 102 -2.22 -7.73 15.95
C SER A 102 -2.83 -8.27 14.66
N ASP A 103 -4.05 -8.75 14.74
CA ASP A 103 -4.71 -9.31 13.51
C ASP A 103 -4.84 -8.23 12.44
N LEU A 104 -4.43 -8.53 11.23
CA LEU A 104 -4.52 -7.53 10.13
C LEU A 104 -5.11 -8.17 8.87
N TYR A 105 -5.80 -7.41 8.06
CA TYR A 105 -6.40 -7.97 6.82
C TYR A 105 -5.77 -7.31 5.58
N LEU A 106 -5.17 -8.10 4.72
CA LEU A 106 -4.51 -7.53 3.51
C LEU A 106 -5.41 -7.71 2.28
N VAL A 107 -5.42 -6.76 1.39
CA VAL A 107 -6.26 -6.86 0.17
C VAL A 107 -5.38 -7.10 -1.07
N THR A 108 -5.70 -8.10 -1.85
CA THR A 108 -4.87 -8.39 -3.07
C THR A 108 -5.62 -7.97 -4.34
N ARG A 109 -5.01 -8.15 -5.49
CA ARG A 109 -5.67 -7.76 -6.77
C ARG A 109 -6.98 -8.53 -6.96
N HIS A 110 -7.07 -9.72 -6.40
CA HIS A 110 -8.31 -10.54 -6.55
C HIS A 110 -9.31 -10.24 -5.41
N ALA A 111 -9.16 -9.13 -4.74
CA ALA A 111 -10.10 -8.78 -3.62
C ALA A 111 -10.18 -9.92 -2.60
N ASP A 112 -9.06 -10.54 -2.31
CA ASP A 112 -9.06 -11.67 -1.33
C ASP A 112 -8.57 -11.17 0.04
N VAL A 113 -9.19 -11.61 1.10
CA VAL A 113 -8.77 -11.15 2.46
C VAL A 113 -7.77 -12.15 3.05
N ILE A 114 -6.56 -11.71 3.31
CA ILE A 114 -5.53 -12.62 3.88
C ILE A 114 -5.29 -12.25 5.35
N PRO A 115 -5.72 -13.12 6.25
CA PRO A 115 -5.51 -12.81 7.69
C PRO A 115 -4.03 -12.90 8.05
N VAL A 116 -3.44 -11.81 8.45
CA VAL A 116 -2.00 -11.81 8.83
C VAL A 116 -1.84 -11.37 10.28
N ARG A 117 -1.19 -12.18 11.08
CA ARG A 117 -1.01 -11.80 12.52
C ARG A 117 0.24 -10.93 12.68
N ARG A 118 0.11 -9.81 13.36
CA ARG A 118 1.28 -8.91 13.55
C ARG A 118 2.35 -9.58 14.40
N ARG A 119 3.56 -9.61 13.93
CA ARG A 119 4.67 -10.25 14.72
C ARG A 119 5.86 -9.30 14.81
N GLY A 120 5.64 -8.02 14.65
CA GLY A 120 6.76 -7.03 14.73
C GLY A 120 6.27 -5.66 14.29
N ASP A 121 7.12 -4.68 14.30
CA ASP A 121 6.70 -3.31 13.88
C ASP A 121 6.36 -3.28 12.39
N SER A 122 7.15 -3.95 11.58
CA SER A 122 6.87 -3.97 10.11
C SER A 122 6.92 -5.40 9.57
N ARG A 123 6.72 -6.38 10.42
CA ARG A 123 6.75 -7.81 9.95
C ARG A 123 5.56 -8.57 10.52
N GLY A 124 5.11 -9.59 9.83
CA GLY A 124 3.95 -10.37 10.33
C GLY A 124 4.11 -11.84 9.92
N SER A 125 3.12 -12.65 10.18
CA SER A 125 3.20 -14.09 9.81
C SER A 125 2.00 -14.49 8.95
N LEU A 126 2.15 -15.51 8.14
CA LEU A 126 1.02 -15.94 7.27
C LEU A 126 0.32 -17.16 7.88
N LEU A 127 -0.95 -17.03 8.18
CA LEU A 127 -1.70 -18.19 8.78
C LEU A 127 -1.84 -19.31 7.75
N SER A 128 -2.04 -18.95 6.50
CA SER A 128 -2.18 -20.00 5.44
C SER A 128 -0.96 -19.98 4.51
N PRO A 129 -0.19 -21.04 4.56
CA PRO A 129 1.02 -21.07 3.67
C PRO A 129 0.61 -21.07 2.19
N ARG A 130 0.97 -20.03 1.48
CA ARG A 130 0.61 -19.96 0.03
C ARG A 130 1.87 -19.68 -0.81
N PRO A 131 1.77 -20.00 -2.09
CA PRO A 131 2.96 -19.75 -2.97
C PRO A 131 3.22 -18.24 -3.09
N VAL A 132 4.44 -17.88 -3.42
CA VAL A 132 4.78 -16.43 -3.56
C VAL A 132 4.03 -15.81 -4.75
N SER A 133 3.64 -16.62 -5.71
CA SER A 133 2.90 -16.10 -6.90
C SER A 133 1.60 -15.44 -6.46
N TYR A 134 0.94 -16.01 -5.49
CA TYR A 134 -0.36 -15.43 -5.01
C TYR A 134 -0.14 -14.01 -4.48
N LEU A 135 0.95 -13.77 -3.79
CA LEU A 135 1.22 -12.41 -3.25
C LEU A 135 1.87 -11.51 -4.32
N LYS A 136 2.40 -12.09 -5.38
CA LYS A 136 3.04 -11.26 -6.44
C LYS A 136 2.00 -10.35 -7.09
N GLY A 137 2.36 -9.13 -7.39
CA GLY A 137 1.41 -8.18 -8.03
C GLY A 137 0.45 -7.59 -6.98
N SER A 138 0.66 -7.88 -5.71
CA SER A 138 -0.23 -7.33 -4.65
C SER A 138 0.52 -6.32 -3.78
N SER A 139 1.61 -5.78 -4.25
CA SER A 139 2.38 -4.79 -3.43
C SER A 139 1.62 -3.46 -3.38
N GLY A 140 1.73 -2.75 -2.30
CA GLY A 140 1.02 -1.44 -2.17
C GLY A 140 -0.37 -1.66 -1.54
N GLY A 141 -0.85 -2.89 -1.50
CA GLY A 141 -2.18 -3.15 -0.89
C GLY A 141 -2.16 -2.70 0.58
N PRO A 142 -3.25 -2.10 1.01
CA PRO A 142 -3.29 -1.64 2.43
C PRO A 142 -3.77 -2.75 3.37
N LEU A 143 -3.29 -2.74 4.58
CA LEU A 143 -3.73 -3.75 5.58
C LEU A 143 -4.67 -3.09 6.58
N LEU A 144 -5.89 -3.55 6.68
CA LEU A 144 -6.86 -2.91 7.62
C LEU A 144 -7.15 -3.81 8.83
N CYS A 145 -7.08 -3.24 10.00
CA CYS A 145 -7.37 -4.04 11.24
C CYS A 145 -8.88 -4.36 11.29
N PRO A 146 -9.24 -5.36 12.06
CA PRO A 146 -10.70 -5.73 12.12
C PRO A 146 -11.59 -4.51 12.44
N SER A 147 -11.05 -3.49 13.05
CA SER A 147 -11.88 -2.28 13.37
C SER A 147 -12.31 -1.59 12.07
N GLY A 148 -11.42 -1.52 11.10
CA GLY A 148 -11.78 -0.86 9.80
C GLY A 148 -10.85 0.32 9.53
N HIS A 149 -9.61 0.22 9.93
CA HIS A 149 -8.65 1.35 9.68
C HIS A 149 -7.35 0.81 9.08
N ALA A 150 -6.74 1.57 8.20
CA ALA A 150 -5.46 1.12 7.57
C ALA A 150 -4.33 1.13 8.60
N VAL A 151 -3.49 0.13 8.59
CA VAL A 151 -2.37 0.08 9.56
C VAL A 151 -1.01 0.09 8.84
N GLY A 152 -0.98 -0.28 7.58
CA GLY A 152 0.31 -0.28 6.84
C GLY A 152 0.09 -0.79 5.40
N ILE A 153 1.15 -0.96 4.66
CA ILE A 153 1.02 -1.45 3.26
C ILE A 153 1.99 -2.61 3.00
N PHE A 154 1.56 -3.61 2.28
CA PHE A 154 2.46 -4.78 1.99
C PHE A 154 3.69 -4.32 1.20
N ARG A 155 4.84 -4.85 1.53
CA ARG A 155 6.10 -4.45 0.81
C ARG A 155 6.73 -5.67 0.13
N ALA A 156 6.95 -6.73 0.88
CA ALA A 156 7.56 -7.95 0.30
C ALA A 156 7.15 -9.19 1.08
N ALA A 157 7.28 -10.35 0.50
CA ALA A 157 6.89 -11.61 1.20
C ALA A 157 8.14 -12.43 1.55
N VAL A 158 8.05 -13.24 2.58
CA VAL A 158 9.23 -14.07 2.97
C VAL A 158 8.94 -15.55 2.67
N CYS A 159 9.74 -16.15 1.82
CA CYS A 159 9.52 -17.59 1.47
C CYS A 159 10.86 -18.34 1.44
N THR A 160 10.83 -19.64 1.58
CA THR A 160 12.09 -20.43 1.57
C THR A 160 12.32 -21.05 0.19
N ARG A 161 11.33 -21.74 -0.33
CA ARG A 161 11.49 -22.37 -1.67
C ARG A 161 10.16 -22.30 -2.43
N GLY A 162 9.71 -21.12 -2.72
CA GLY A 162 8.41 -20.96 -3.46
C GLY A 162 7.24 -20.88 -2.48
N VAL A 163 7.48 -21.12 -1.21
CA VAL A 163 6.35 -21.05 -0.21
C VAL A 163 6.61 -19.91 0.78
N ALA A 164 5.66 -19.03 0.94
CA ALA A 164 5.83 -17.90 1.90
C ALA A 164 5.10 -18.19 3.21
N LYS A 165 5.77 -18.00 4.32
CA LYS A 165 5.12 -18.26 5.64
C LYS A 165 4.95 -16.95 6.43
N ALA A 166 5.64 -15.90 6.04
CA ALA A 166 5.50 -14.60 6.75
C ALA A 166 5.51 -13.45 5.74
N VAL A 167 4.99 -12.30 6.14
CA VAL A 167 4.96 -11.14 5.19
C VAL A 167 5.52 -9.89 5.88
N ASP A 168 5.93 -8.92 5.10
CA ASP A 168 6.49 -7.66 5.68
C ASP A 168 5.70 -6.46 5.17
N PHE A 169 5.37 -5.54 6.05
CA PHE A 169 4.59 -4.34 5.62
C PHE A 169 5.14 -3.07 6.31
N VAL A 170 4.85 -1.92 5.76
CA VAL A 170 5.33 -0.65 6.37
C VAL A 170 4.20 -0.01 7.17
N PRO A 171 4.46 0.25 8.44
CA PRO A 171 3.39 0.88 9.27
C PRO A 171 3.07 2.28 8.76
N VAL A 172 1.84 2.69 8.88
CA VAL A 172 1.44 4.05 8.39
C VAL A 172 2.23 5.15 9.12
N GLU A 173 2.70 4.88 10.30
CA GLU A 173 3.47 5.90 11.06
C GLU A 173 4.73 6.32 10.29
N SER A 174 5.40 5.39 9.67
CA SER A 174 6.64 5.72 8.89
C SER A 174 6.32 6.69 7.75
N MET A 175 5.26 6.46 7.03
CA MET A 175 4.91 7.37 5.89
C MET A 175 4.61 8.78 6.41
N GLU A 176 3.93 8.89 7.53
CA GLU A 176 3.61 10.24 8.08
C GLU A 176 4.90 11.00 8.39
N THR A 177 5.89 10.33 8.91
CA THR A 177 7.19 10.99 9.23
C THR A 177 7.93 11.36 7.94
N THR A 178 7.68 10.66 6.87
CA THR A 178 8.39 10.97 5.59
C THR A 178 8.08 12.40 5.14
N MET A 179 6.85 12.83 5.29
CA MET A 179 6.49 14.22 4.88
C MET A 179 7.13 15.24 5.81
N ARG A 180 7.17 14.95 7.09
CA ARG A 180 7.79 15.89 8.06
C ARG A 180 9.31 15.92 7.88
N ALA A 181 9.91 14.79 7.63
CA ALA A 181 11.39 14.73 7.44
C ALA A 181 11.81 15.59 6.25
N SER A 182 11.16 15.43 5.12
CA SER A 182 11.52 16.23 3.92
C SER A 182 10.32 16.31 2.96
N LYS A 183 10.31 17.28 2.08
CA LYS A 183 9.18 17.42 1.12
C LYS A 183 9.60 16.89 -0.26
N LYS A 184 8.94 17.31 -1.30
CA LYS A 184 9.29 16.84 -2.67
C LYS A 184 10.75 17.20 -3.00
N LYS A 185 11.17 18.38 -2.62
CA LYS A 185 12.57 18.81 -2.90
C LYS A 185 13.25 19.30 -1.62
N LYS A 186 12.83 18.79 -0.49
CA LYS A 186 13.45 19.21 0.81
C LYS A 186 13.35 20.73 1.00
N GLU B 2 11.28 -11.37 -0.51
CA GLU B 2 11.02 -11.25 -1.97
C GLU B 2 10.10 -10.06 -2.24
N LEU B 3 10.38 -9.29 -3.26
CA LEU B 3 9.53 -8.11 -3.58
C LEU B 3 8.39 -8.52 -4.53
N THR A 22 -12.02 21.54 -16.73
CA THR A 22 -11.30 20.52 -15.93
C THR A 22 -12.24 19.91 -14.89
N GLY A 23 -12.80 20.72 -14.04
CA GLY A 23 -13.73 20.20 -12.99
C GLY A 23 -15.11 19.95 -13.60
N ARG A 24 -15.95 19.25 -12.90
CA ARG A 24 -17.33 18.96 -13.43
C ARG A 24 -18.38 19.31 -12.38
N ASP A 25 -19.56 19.70 -12.82
CA ASP A 25 -20.64 20.05 -11.84
C ASP A 25 -20.97 18.85 -10.95
N LYS A 26 -21.00 17.67 -11.52
CA LYS A 26 -21.32 16.45 -10.71
C LYS A 26 -20.22 15.40 -10.89
N ASN A 27 -19.46 15.15 -9.85
CA ASN A 27 -18.37 14.13 -9.94
C ASN A 27 -18.14 13.48 -8.58
N GLN A 28 -18.78 12.36 -8.34
CA GLN A 28 -18.60 11.66 -7.03
C GLN A 28 -18.07 10.24 -7.25
N VAL A 29 -17.03 9.87 -6.56
CA VAL A 29 -16.47 8.50 -6.73
C VAL A 29 -16.27 7.83 -5.37
N GLU A 30 -16.17 6.52 -5.35
CA GLU A 30 -15.99 5.80 -4.06
C GLU A 30 -14.96 4.67 -4.23
N GLY A 31 -14.05 4.53 -3.30
CA GLY A 31 -13.02 3.46 -3.41
C GLY A 31 -11.66 4.01 -2.94
N GLU A 32 -11.34 3.82 -1.68
CA GLU A 32 -10.04 4.32 -1.15
C GLU A 32 -8.86 3.56 -1.80
N VAL A 33 -9.11 2.37 -2.29
CA VAL A 33 -8.01 1.58 -2.92
C VAL A 33 -8.22 1.53 -4.44
N GLN A 34 -7.21 1.89 -5.19
CA GLN A 34 -7.34 1.86 -6.69
C GLN A 34 -6.28 0.94 -7.30
N VAL A 35 -6.54 0.43 -8.47
CA VAL A 35 -5.57 -0.49 -9.14
C VAL A 35 -4.63 0.33 -10.03
N VAL A 36 -3.35 0.28 -9.77
CA VAL A 36 -2.37 1.05 -10.58
C VAL A 36 -1.43 0.09 -11.31
N SER A 37 -0.83 0.55 -12.38
CA SER A 37 0.10 -0.33 -13.15
C SER A 37 1.26 0.48 -13.72
N THR A 38 2.22 -0.18 -14.29
CA THR A 38 3.38 0.53 -14.89
C THR A 38 3.66 -0.04 -16.28
N ALA A 39 4.74 0.34 -16.91
CA ALA A 39 5.04 -0.19 -18.28
C ALA A 39 5.18 -1.71 -18.23
N THR A 40 5.81 -2.24 -17.21
CA THR A 40 5.99 -3.72 -17.11
C THR A 40 5.59 -4.26 -15.72
N GLN A 41 5.29 -3.40 -14.77
CA GLN A 41 4.92 -3.89 -13.41
C GLN A 41 3.45 -3.56 -13.10
N SER A 42 2.86 -4.26 -12.15
CA SER A 42 1.45 -3.99 -11.77
C SER A 42 1.24 -4.22 -10.27
N PHE A 43 0.51 -3.35 -9.61
CA PHE A 43 0.29 -3.52 -8.13
C PHE A 43 -0.83 -2.59 -7.65
N LEU A 44 -1.10 -2.59 -6.38
CA LEU A 44 -2.21 -1.73 -5.84
C LEU A 44 -1.66 -0.63 -4.95
N ALA A 45 -2.41 0.43 -4.76
CA ALA A 45 -1.95 1.55 -3.90
C ALA A 45 -3.06 1.97 -2.93
N THR A 46 -2.71 2.58 -1.83
CA THR A 46 -3.74 3.01 -0.84
C THR A 46 -3.67 4.53 -0.61
N CYS A 47 -4.81 5.19 -0.61
CA CYS A 47 -4.81 6.67 -0.40
C CYS A 47 -5.00 6.99 1.09
N VAL A 48 -3.97 7.50 1.73
CA VAL A 48 -4.07 7.86 3.17
C VAL A 48 -3.81 9.36 3.35
N ASN A 49 -4.62 10.01 4.15
CA ASN A 49 -4.45 11.48 4.39
C ASN A 49 -4.44 12.26 3.07
N GLY A 50 -5.25 11.87 2.12
CA GLY A 50 -5.30 12.60 0.81
C GLY A 50 -4.02 12.36 0.01
N VAL A 51 -3.36 11.26 0.23
CA VAL A 51 -2.10 10.97 -0.53
C VAL A 51 -2.05 9.48 -0.90
N CYS A 52 -1.76 9.17 -2.14
CA CYS A 52 -1.69 7.75 -2.56
C CYS A 52 -0.38 7.13 -2.03
N TRP A 53 -0.39 5.86 -1.73
CA TRP A 53 0.85 5.22 -1.19
C TRP A 53 1.18 3.94 -1.95
N THR A 54 2.45 3.62 -2.01
CA THR A 54 2.89 2.39 -2.73
C THR A 54 4.37 2.12 -2.42
N VAL A 55 4.93 1.07 -2.97
CA VAL A 55 6.36 0.78 -2.70
C VAL A 55 7.25 1.35 -3.82
N TYR A 56 8.50 1.61 -3.53
CA TYR A 56 9.41 2.18 -4.57
C TYR A 56 9.74 1.16 -5.67
N HIS A 57 9.97 -0.08 -5.31
CA HIS A 57 10.30 -1.10 -6.37
C HIS A 57 9.08 -1.40 -7.24
N GLY A 58 7.89 -1.20 -6.72
CA GLY A 58 6.66 -1.45 -7.53
C GLY A 58 6.39 -0.22 -8.40
N ALA A 59 6.27 0.93 -7.78
CA ALA A 59 6.00 2.18 -8.56
C ALA A 59 7.30 2.99 -8.69
N GLY A 60 7.95 3.28 -7.60
CA GLY A 60 9.21 4.06 -7.65
C GLY A 60 8.90 5.51 -8.04
N SER A 61 9.92 6.28 -8.34
CA SER A 61 9.70 7.70 -8.74
C SER A 61 9.42 7.78 -10.24
N LYS A 62 8.33 7.21 -10.68
CA LYS A 62 7.99 7.25 -12.14
C LYS A 62 6.49 7.46 -12.33
N THR A 63 6.07 7.72 -13.54
CA THR A 63 4.62 7.95 -13.81
C THR A 63 3.82 6.67 -13.53
N LEU A 64 2.68 6.79 -12.93
CA LEU A 64 1.85 5.58 -12.63
C LEU A 64 0.56 5.61 -13.45
N ALA A 65 0.19 4.49 -14.01
CA ALA A 65 -1.05 4.44 -14.84
C ALA A 65 -2.23 3.96 -13.98
N GLY A 66 -3.24 4.78 -13.84
CA GLY A 66 -4.43 4.38 -13.02
C GLY A 66 -5.69 4.47 -13.89
N PRO A 67 -6.80 4.08 -13.32
CA PRO A 67 -8.07 4.14 -14.11
C PRO A 67 -8.40 5.60 -14.47
N LYS A 68 -8.05 6.52 -13.61
CA LYS A 68 -8.34 7.96 -13.89
C LYS A 68 -7.43 8.48 -15.00
N GLY A 69 -6.24 7.95 -15.10
CA GLY A 69 -5.29 8.41 -16.15
C GLY A 69 -3.86 8.41 -15.59
N PRO A 70 -3.01 9.21 -16.21
CA PRO A 70 -1.61 9.26 -15.72
C PRO A 70 -1.54 9.94 -14.35
N ILE A 71 -0.53 9.62 -13.57
CA ILE A 71 -0.40 10.24 -12.22
C ILE A 71 1.02 10.80 -12.03
N THR A 72 1.15 11.91 -11.36
CA THR A 72 2.50 12.52 -11.12
C THR A 72 3.01 12.19 -9.72
N GLN A 73 4.28 11.89 -9.59
CA GLN A 73 4.85 11.54 -8.25
C GLN A 73 4.94 12.78 -7.36
N MET A 74 4.72 12.60 -6.08
CA MET A 74 4.81 13.76 -5.13
C MET A 74 5.90 13.51 -4.08
N TYR A 75 5.94 12.33 -3.53
CA TYR A 75 6.98 12.02 -2.50
C TYR A 75 7.86 10.84 -2.95
N THR A 76 9.14 10.93 -2.71
CA THR A 76 10.06 9.82 -3.12
C THR A 76 10.95 9.40 -1.95
N ASN A 77 11.18 8.12 -1.80
CA ASN A 77 12.04 7.64 -0.67
C ASN A 77 12.79 6.36 -1.10
N VAL A 78 13.89 6.52 -1.80
CA VAL A 78 14.67 5.32 -2.24
C VAL A 78 15.17 4.54 -1.02
N ASP A 79 15.70 5.23 -0.04
CA ASP A 79 16.22 4.54 1.18
C ASP A 79 15.09 3.76 1.87
N GLN A 80 13.94 4.36 2.00
CA GLN A 80 12.79 3.67 2.66
C GLN A 80 11.95 2.89 1.62
N ASP A 81 12.32 2.94 0.35
CA ASP A 81 11.54 2.21 -0.70
C ASP A 81 10.06 2.59 -0.63
N LEU A 82 9.77 3.87 -0.60
CA LEU A 82 8.34 4.31 -0.51
C LEU A 82 8.10 5.54 -1.40
N VAL A 83 6.94 5.62 -1.99
CA VAL A 83 6.60 6.80 -2.87
C VAL A 83 5.09 7.06 -2.82
N GLY A 84 4.67 8.25 -3.18
CA GLY A 84 3.21 8.57 -3.13
C GLY A 84 2.85 9.52 -4.28
N TRP A 85 1.58 9.60 -4.59
CA TRP A 85 1.13 10.52 -5.69
C TRP A 85 0.11 11.52 -5.13
N GLN A 86 -0.09 12.61 -5.80
CA GLN A 86 -1.09 13.62 -5.31
C GLN A 86 -2.50 13.02 -5.44
N ALA A 87 -3.22 12.95 -4.36
CA ALA A 87 -4.60 12.38 -4.41
C ALA A 87 -5.57 13.40 -5.04
N PRO A 88 -6.33 12.94 -6.00
CA PRO A 88 -7.30 13.87 -6.66
C PRO A 88 -8.42 14.23 -5.68
N PRO A 89 -9.09 15.34 -5.96
CA PRO A 89 -10.20 15.75 -5.05
C PRO A 89 -11.37 14.76 -5.16
N GLY A 90 -12.23 14.74 -4.17
CA GLY A 90 -13.38 13.81 -4.20
C GLY A 90 -12.89 12.37 -4.01
N ALA A 91 -11.81 12.19 -3.30
CA ALA A 91 -11.27 10.82 -3.06
C ALA A 91 -11.42 10.44 -1.59
N ARG A 92 -11.45 9.17 -1.30
CA ARG A 92 -11.58 8.72 0.12
C ARG A 92 -10.21 8.34 0.69
N SER A 93 -9.95 8.70 1.92
CA SER A 93 -8.64 8.38 2.54
C SER A 93 -8.84 7.49 3.76
N LEU A 94 -7.82 6.75 4.15
CA LEU A 94 -7.95 5.85 5.34
C LEU A 94 -7.08 6.35 6.50
N THR A 95 -7.64 6.44 7.68
CA THR A 95 -6.85 6.91 8.85
C THR A 95 -6.03 5.75 9.44
N PRO A 96 -5.01 6.08 10.18
CA PRO A 96 -4.18 5.00 10.78
C PRO A 96 -4.95 4.27 11.88
N CYS A 97 -4.46 3.12 12.29
CA CYS A 97 -5.18 2.35 13.36
C CYS A 97 -4.71 2.80 14.75
N THR A 98 -5.60 2.70 15.69
CA THR A 98 -5.26 3.07 17.09
C THR A 98 -5.78 1.95 18.00
N CYS A 99 -5.26 0.76 17.82
CA CYS A 99 -5.76 -0.40 18.63
C CYS A 99 -4.61 -1.35 19.04
N GLY A 100 -3.42 -1.16 18.52
CA GLY A 100 -2.29 -2.06 18.90
C GLY A 100 -2.66 -3.52 18.56
N SER A 101 -3.53 -3.72 17.60
CA SER A 101 -3.94 -5.10 17.24
C SER A 101 -2.89 -5.76 16.34
N SER A 102 -2.89 -7.07 16.27
CA SER A 102 -1.89 -7.79 15.41
C SER A 102 -2.58 -8.36 14.17
N ASP A 103 -3.85 -8.65 14.25
CA ASP A 103 -4.58 -9.20 13.07
C ASP A 103 -4.82 -8.09 12.03
N LEU A 104 -4.47 -8.34 10.79
CA LEU A 104 -4.66 -7.31 9.74
C LEU A 104 -5.26 -7.93 8.47
N TYR A 105 -6.02 -7.17 7.72
CA TYR A 105 -6.63 -7.71 6.47
C TYR A 105 -5.94 -7.08 5.25
N LEU A 106 -5.34 -7.88 4.41
CA LEU A 106 -4.63 -7.32 3.21
C LEU A 106 -5.50 -7.48 1.96
N VAL A 107 -5.48 -6.51 1.09
CA VAL A 107 -6.28 -6.59 -0.17
C VAL A 107 -5.34 -6.75 -1.37
N THR A 108 -5.62 -7.72 -2.21
CA THR A 108 -4.74 -7.95 -3.40
C THR A 108 -5.49 -7.60 -4.70
N ARG A 109 -4.78 -7.56 -5.80
CA ARG A 109 -5.44 -7.24 -7.11
C ARG A 109 -6.45 -8.32 -7.51
N HIS A 110 -6.38 -9.48 -6.89
CA HIS A 110 -7.35 -10.57 -7.23
C HIS A 110 -8.61 -10.47 -6.35
N ALA A 111 -8.84 -9.34 -5.72
CA ALA A 111 -10.06 -9.19 -4.85
C ALA A 111 -10.11 -10.31 -3.79
N ASP A 112 -8.97 -10.65 -3.24
CA ASP A 112 -8.93 -11.72 -2.20
C ASP A 112 -8.54 -11.13 -0.85
N VAL A 113 -8.91 -11.78 0.23
CA VAL A 113 -8.56 -11.25 1.58
C VAL A 113 -7.92 -12.35 2.43
N ILE A 114 -6.80 -12.06 3.04
CA ILE A 114 -6.10 -13.07 3.88
C ILE A 114 -5.72 -12.45 5.24
N PRO A 115 -6.07 -13.13 6.30
CA PRO A 115 -5.72 -12.58 7.65
C PRO A 115 -4.21 -12.69 7.89
N VAL A 116 -3.59 -11.59 8.23
CA VAL A 116 -2.13 -11.60 8.50
C VAL A 116 -1.85 -11.15 9.93
N ARG A 117 -1.14 -11.95 10.68
CA ARG A 117 -0.83 -11.57 12.10
C ARG A 117 0.41 -10.69 12.15
N ARG A 118 0.50 -9.81 13.12
CA ARG A 118 1.69 -8.93 13.23
C ARG A 118 2.73 -9.53 14.18
N ARG A 119 3.91 -9.78 13.68
CA ARG A 119 4.98 -10.37 14.54
C ARG A 119 6.08 -9.32 14.82
N GLY A 120 5.77 -8.06 14.66
CA GLY A 120 6.79 -7.00 14.90
C GLY A 120 6.27 -5.67 14.36
N ASP A 121 7.06 -4.63 14.45
CA ASP A 121 6.61 -3.29 13.94
C ASP A 121 6.31 -3.37 12.44
N SER A 122 7.12 -4.08 11.69
CA SER A 122 6.90 -4.20 10.22
C SER A 122 6.99 -5.66 9.78
N ARG A 123 6.72 -6.58 10.68
CA ARG A 123 6.81 -8.03 10.32
C ARG A 123 5.48 -8.73 10.61
N GLY A 124 5.07 -9.62 9.73
CA GLY A 124 3.79 -10.36 9.95
C GLY A 124 3.98 -11.81 9.54
N SER A 125 3.04 -12.67 9.90
CA SER A 125 3.16 -14.10 9.53
C SER A 125 1.98 -14.52 8.64
N LEU A 126 2.18 -15.51 7.81
CA LEU A 126 1.07 -15.96 6.91
C LEU A 126 0.31 -17.12 7.55
N LEU A 127 -0.96 -16.94 7.80
CA LEU A 127 -1.76 -18.04 8.43
C LEU A 127 -1.86 -19.23 7.46
N SER A 128 -2.04 -18.96 6.20
CA SER A 128 -2.14 -20.06 5.20
C SER A 128 -0.91 -20.06 4.28
N PRO A 129 -0.17 -21.15 4.31
CA PRO A 129 1.05 -21.20 3.44
C PRO A 129 0.65 -21.19 1.97
N ARG A 130 1.05 -20.17 1.24
CA ARG A 130 0.69 -20.09 -0.21
C ARG A 130 1.95 -19.81 -1.05
N PRO A 131 1.86 -20.11 -2.33
CA PRO A 131 3.04 -19.87 -3.20
C PRO A 131 3.33 -18.37 -3.29
N VAL A 132 4.53 -18.02 -3.68
CA VAL A 132 4.90 -16.57 -3.80
C VAL A 132 4.12 -15.91 -4.94
N SER A 133 3.70 -16.67 -5.92
CA SER A 133 2.94 -16.08 -7.06
C SER A 133 1.65 -15.40 -6.55
N TYR A 134 0.99 -16.01 -5.60
CA TYR A 134 -0.27 -15.41 -5.06
C TYR A 134 0.04 -14.03 -4.47
N LEU A 135 1.03 -13.94 -3.63
CA LEU A 135 1.40 -12.62 -3.01
C LEU A 135 2.00 -11.70 -4.08
N LYS A 136 2.65 -12.27 -5.06
CA LYS A 136 3.27 -11.44 -6.13
C LYS A 136 2.19 -10.62 -6.86
N GLY A 137 2.42 -9.34 -7.02
CA GLY A 137 1.40 -8.48 -7.71
C GLY A 137 0.46 -7.83 -6.69
N SER A 138 0.72 -7.99 -5.41
CA SER A 138 -0.16 -7.37 -4.38
C SER A 138 0.61 -6.31 -3.56
N SER A 139 1.77 -5.92 -4.00
CA SER A 139 2.55 -4.90 -3.24
C SER A 139 1.78 -3.58 -3.18
N GLY A 140 1.88 -2.88 -2.08
CA GLY A 140 1.14 -1.59 -1.96
C GLY A 140 -0.24 -1.85 -1.32
N GLY A 141 -0.66 -3.09 -1.24
CA GLY A 141 -1.99 -3.40 -0.63
C GLY A 141 -2.02 -2.87 0.81
N PRO A 142 -3.15 -2.32 1.21
CA PRO A 142 -3.21 -1.77 2.60
C PRO A 142 -3.73 -2.81 3.58
N LEU A 143 -3.30 -2.72 4.81
CA LEU A 143 -3.79 -3.65 5.86
C LEU A 143 -4.86 -2.94 6.68
N LEU A 144 -6.11 -3.25 6.44
CA LEU A 144 -7.21 -2.55 7.16
C LEU A 144 -7.52 -3.20 8.52
N CYS A 145 -7.95 -2.39 9.44
CA CYS A 145 -8.31 -2.88 10.80
C CYS A 145 -9.78 -3.32 10.78
N PRO A 146 -10.12 -4.36 11.53
CA PRO A 146 -11.56 -4.78 11.52
C PRO A 146 -12.46 -3.58 11.87
N SER A 147 -11.93 -2.61 12.58
CA SER A 147 -12.73 -1.40 12.93
C SER A 147 -12.94 -0.56 11.66
N GLY A 148 -11.95 -0.51 10.81
CA GLY A 148 -12.06 0.28 9.54
C GLY A 148 -10.97 1.34 9.49
N HIS A 149 -9.77 1.01 9.91
CA HIS A 149 -8.66 2.00 9.87
C HIS A 149 -7.41 1.40 9.21
N ALA A 150 -6.74 2.15 8.38
CA ALA A 150 -5.52 1.63 7.70
C ALA A 150 -4.43 1.34 8.75
N VAL A 151 -3.69 0.28 8.57
CA VAL A 151 -2.62 -0.07 9.55
C VAL A 151 -1.24 0.02 8.89
N GLY A 152 -1.10 -0.51 7.70
CA GLY A 152 0.24 -0.46 7.01
C GLY A 152 0.10 -0.91 5.56
N ILE A 153 1.20 -1.09 4.87
CA ILE A 153 1.16 -1.52 3.44
C ILE A 153 2.13 -2.68 3.19
N PHE A 154 1.73 -3.65 2.41
CA PHE A 154 2.64 -4.80 2.12
C PHE A 154 3.83 -4.32 1.26
N ARG A 155 5.01 -4.80 1.56
CA ARG A 155 6.21 -4.37 0.78
C ARG A 155 6.94 -5.60 0.21
N ALA A 156 7.26 -6.56 1.05
CA ALA A 156 7.98 -7.77 0.56
C ALA A 156 7.42 -9.03 1.25
N ALA A 157 7.63 -10.18 0.66
CA ALA A 157 7.11 -11.44 1.27
C ALA A 157 8.26 -12.42 1.55
N VAL A 158 8.26 -13.04 2.70
CA VAL A 158 9.33 -14.02 3.03
C VAL A 158 8.87 -15.42 2.65
N CYS A 159 9.58 -16.07 1.77
CA CYS A 159 9.17 -17.45 1.34
C CYS A 159 10.37 -18.39 1.25
N THR A 160 10.12 -19.66 1.28
CA THR A 160 11.21 -20.67 1.19
C THR A 160 10.77 -21.82 0.28
N ARG A 161 11.66 -22.35 -0.52
CA ARG A 161 11.30 -23.48 -1.44
C ARG A 161 10.08 -23.11 -2.30
N GLY A 162 9.90 -21.84 -2.56
CA GLY A 162 8.74 -21.40 -3.40
C GLY A 162 7.47 -21.34 -2.56
N VAL A 163 7.59 -21.20 -1.25
CA VAL A 163 6.38 -21.13 -0.38
C VAL A 163 6.49 -19.92 0.56
N ALA A 164 5.46 -19.11 0.62
CA ALA A 164 5.48 -17.92 1.52
C ALA A 164 4.91 -18.27 2.89
N LYS A 165 5.67 -18.04 3.93
CA LYS A 165 5.17 -18.36 5.30
C LYS A 165 4.97 -17.07 6.11
N ALA A 166 5.69 -16.04 5.78
CA ALA A 166 5.55 -14.74 6.51
C ALA A 166 5.71 -13.56 5.55
N VAL A 167 5.26 -12.39 5.93
CA VAL A 167 5.38 -11.21 5.01
C VAL A 167 5.97 -10.00 5.74
N ASP A 168 6.15 -8.92 5.02
CA ASP A 168 6.70 -7.67 5.63
C ASP A 168 5.86 -6.47 5.20
N PHE A 169 5.53 -5.58 6.11
CA PHE A 169 4.72 -4.39 5.72
C PHE A 169 5.22 -3.14 6.44
N VAL A 170 5.15 -1.99 5.80
CA VAL A 170 5.62 -0.73 6.44
C VAL A 170 4.45 -0.13 7.25
N PRO A 171 4.69 0.11 8.52
CA PRO A 171 3.59 0.69 9.35
C PRO A 171 3.27 2.11 8.89
N VAL A 172 2.12 2.61 9.27
CA VAL A 172 1.72 3.99 8.85
C VAL A 172 2.59 5.04 9.57
N GLU A 173 3.13 4.70 10.71
CA GLU A 173 3.98 5.69 11.46
C GLU A 173 5.15 6.16 10.59
N SER A 174 5.76 5.27 9.84
CA SER A 174 6.91 5.66 8.97
C SER A 174 6.41 6.54 7.82
N MET A 175 5.25 6.22 7.28
CA MET A 175 4.70 7.04 6.15
C MET A 175 4.50 8.49 6.58
N GLU A 176 4.03 8.70 7.79
CA GLU A 176 3.79 10.09 8.29
C GLU A 176 5.13 10.81 8.50
N THR A 177 6.11 10.10 9.03
CA THR A 177 7.44 10.73 9.28
C THR A 177 8.05 11.21 7.95
N THR A 178 7.90 10.43 6.91
CA THR A 178 8.47 10.83 5.58
C THR A 178 7.86 12.16 5.12
N MET A 179 6.56 12.28 5.19
CA MET A 179 5.89 13.55 4.75
C MET A 179 6.41 14.74 5.57
N ARG A 180 6.42 14.61 6.88
CA ARG A 180 6.90 15.72 7.75
C ARG A 180 8.42 15.89 7.60
N ALA A 181 9.13 14.79 7.52
CA ALA A 181 10.62 14.87 7.38
C ALA A 181 11.00 15.40 5.99
N SER A 182 10.15 15.20 5.01
CA SER A 182 10.45 15.69 3.63
C SER A 182 10.14 17.19 3.53
N LYS A 183 11.11 18.02 3.81
CA LYS A 183 10.88 19.50 3.73
C LYS A 183 12.22 20.23 3.63
N LYS A 184 13.21 19.59 3.07
CA LYS A 184 14.56 20.24 2.94
C LYS A 184 14.49 21.43 1.98
N LYS A 185 13.60 21.38 1.02
CA LYS A 185 13.48 22.51 0.05
C LYS A 185 13.12 23.80 0.78
N LYS A 186 12.25 23.71 1.75
CA LYS A 186 11.85 24.94 2.51
C LYS A 186 11.56 24.58 3.97
N GLU B 2 11.60 -11.33 -0.50
CA GLU B 2 11.49 -11.10 -1.97
C GLU B 2 10.47 -10.00 -2.26
N LEU B 3 10.84 -9.03 -3.06
CA LEU B 3 9.89 -7.93 -3.40
C LEU B 3 8.76 -8.45 -4.29
N THR A 22 -15.28 20.31 2.61
CA THR A 22 -14.61 21.56 2.15
C THR A 22 -14.64 21.64 0.61
N GLY A 23 -14.13 20.63 -0.05
CA GLY A 23 -14.13 20.65 -1.55
C GLY A 23 -15.44 20.06 -2.06
N ARG A 24 -15.59 19.99 -3.37
CA ARG A 24 -16.85 19.44 -3.95
C ARG A 24 -16.58 18.06 -4.56
N ASP A 25 -17.49 17.14 -4.39
CA ASP A 25 -17.29 15.78 -4.98
C ASP A 25 -18.66 15.14 -5.30
N LYS A 26 -18.67 14.22 -6.23
CA LYS A 26 -19.95 13.54 -6.61
C LYS A 26 -20.29 12.46 -5.60
N ASN A 27 -21.53 12.05 -5.54
CA ASN A 27 -21.94 10.99 -4.57
C ASN A 27 -21.16 9.69 -4.84
N GLN A 28 -20.97 9.36 -6.09
CA GLN A 28 -20.22 8.11 -6.43
C GLN A 28 -18.77 8.22 -5.91
N VAL A 29 -18.25 7.14 -5.39
CA VAL A 29 -16.85 7.17 -4.85
C VAL A 29 -15.98 6.17 -5.61
N GLU A 30 -14.84 6.60 -6.10
CA GLU A 30 -13.94 5.67 -6.85
C GLU A 30 -13.47 4.54 -5.94
N GLY A 31 -13.16 4.85 -4.71
CA GLY A 31 -12.69 3.80 -3.76
C GLY A 31 -11.40 4.27 -3.08
N GLU A 32 -11.21 3.88 -1.84
CA GLU A 32 -9.97 4.29 -1.11
C GLU A 32 -8.74 3.64 -1.75
N VAL A 33 -8.87 2.42 -2.20
CA VAL A 33 -7.71 1.72 -2.84
C VAL A 33 -7.87 1.72 -4.36
N GLN A 34 -6.87 2.18 -5.07
CA GLN A 34 -6.95 2.22 -6.55
C GLN A 34 -5.86 1.33 -7.16
N VAL A 35 -6.10 0.78 -8.33
CA VAL A 35 -5.09 -0.10 -8.97
C VAL A 35 -4.14 0.73 -9.85
N VAL A 36 -2.87 0.47 -9.77
CA VAL A 36 -1.87 1.23 -10.59
C VAL A 36 -0.95 0.28 -11.33
N SER A 37 -0.67 0.55 -12.58
CA SER A 37 0.21 -0.34 -13.38
C SER A 37 1.21 0.48 -14.20
N THR A 38 2.17 -0.19 -14.79
CA THR A 38 3.18 0.54 -15.62
C THR A 38 3.37 -0.18 -16.96
N ALA A 39 4.35 0.22 -17.72
CA ALA A 39 4.58 -0.44 -19.04
C ALA A 39 4.95 -1.91 -18.90
N THR A 40 5.49 -2.30 -17.76
CA THR A 40 5.90 -3.74 -17.59
C THR A 40 5.51 -4.31 -16.21
N GLN A 41 5.19 -3.49 -15.24
CA GLN A 41 4.84 -4.04 -13.90
C GLN A 41 3.46 -3.54 -13.44
N SER A 42 2.78 -4.34 -12.65
CA SER A 42 1.43 -3.93 -12.15
C SER A 42 1.34 -4.19 -10.63
N PHE A 43 0.69 -3.32 -9.92
CA PHE A 43 0.55 -3.50 -8.43
C PHE A 43 -0.57 -2.59 -7.90
N LEU A 44 -0.78 -2.60 -6.61
CA LEU A 44 -1.88 -1.77 -6.04
C LEU A 44 -1.33 -0.63 -5.18
N ALA A 45 -2.19 0.17 -4.63
CA ALA A 45 -1.74 1.32 -3.79
C ALA A 45 -2.85 1.71 -2.80
N THR A 46 -2.51 2.41 -1.75
CA THR A 46 -3.54 2.82 -0.74
C THR A 46 -3.49 4.33 -0.53
N CYS A 47 -4.64 4.97 -0.44
CA CYS A 47 -4.66 6.45 -0.24
C CYS A 47 -4.83 6.79 1.24
N VAL A 48 -3.78 7.25 1.88
CA VAL A 48 -3.88 7.62 3.32
C VAL A 48 -3.78 9.14 3.46
N ASN A 49 -4.68 9.73 4.19
CA ASN A 49 -4.66 11.22 4.38
C ASN A 49 -4.70 11.95 3.03
N GLY A 50 -5.42 11.42 2.08
CA GLY A 50 -5.52 12.07 0.74
C GLY A 50 -4.24 11.88 -0.08
N VAL A 51 -3.40 10.93 0.29
CA VAL A 51 -2.14 10.71 -0.47
C VAL A 51 -1.97 9.21 -0.79
N CYS A 52 -1.71 8.89 -2.03
CA CYS A 52 -1.54 7.45 -2.41
C CYS A 52 -0.20 6.95 -1.87
N TRP A 53 -0.11 5.67 -1.55
CA TRP A 53 1.17 5.12 -1.02
C TRP A 53 1.51 3.78 -1.68
N THR A 54 2.77 3.48 -1.80
CA THR A 54 3.20 2.20 -2.42
C THR A 54 4.69 1.99 -2.18
N VAL A 55 5.25 0.90 -2.67
CA VAL A 55 6.71 0.65 -2.46
C VAL A 55 7.51 1.24 -3.64
N TYR A 56 8.77 1.52 -3.42
CA TYR A 56 9.61 2.12 -4.51
C TYR A 56 9.95 1.10 -5.60
N HIS A 57 10.33 -0.11 -5.24
CA HIS A 57 10.70 -1.10 -6.29
C HIS A 57 9.50 -1.38 -7.22
N GLY A 58 8.30 -1.16 -6.76
CA GLY A 58 7.11 -1.38 -7.62
C GLY A 58 6.78 -0.07 -8.34
N ALA A 59 6.99 1.04 -7.67
CA ALA A 59 6.71 2.37 -8.28
C ALA A 59 7.86 3.33 -7.98
N GLY A 60 8.79 3.48 -8.90
CA GLY A 60 9.93 4.41 -8.67
C GLY A 60 9.48 5.84 -8.94
N SER A 61 10.41 6.76 -9.06
CA SER A 61 10.03 8.17 -9.34
C SER A 61 9.54 8.30 -10.78
N LYS A 62 8.43 7.69 -11.10
CA LYS A 62 7.89 7.75 -12.48
C LYS A 62 6.37 7.86 -12.46
N THR A 63 5.78 8.14 -13.59
CA THR A 63 4.28 8.27 -13.64
C THR A 63 3.64 6.88 -13.57
N LEU A 64 2.56 6.76 -12.83
CA LEU A 64 1.87 5.45 -12.71
C LEU A 64 0.54 5.50 -13.47
N ALA A 65 0.25 4.50 -14.26
CA ALA A 65 -1.02 4.49 -15.02
C ALA A 65 -2.16 3.96 -14.15
N GLY A 66 -3.11 4.80 -13.82
CA GLY A 66 -4.26 4.36 -12.96
C GLY A 66 -5.54 4.38 -13.80
N PRO A 67 -6.65 4.09 -13.16
CA PRO A 67 -7.93 4.09 -13.92
C PRO A 67 -8.25 5.50 -14.43
N LYS A 68 -7.86 6.50 -13.69
CA LYS A 68 -8.14 7.91 -14.12
C LYS A 68 -7.20 8.31 -15.25
N GLY A 69 -6.01 7.76 -15.26
CA GLY A 69 -5.03 8.10 -16.34
C GLY A 69 -3.61 8.15 -15.74
N PRO A 70 -2.81 9.06 -16.23
CA PRO A 70 -1.42 9.16 -15.70
C PRO A 70 -1.44 9.79 -14.30
N ILE A 71 -0.45 9.51 -13.50
CA ILE A 71 -0.40 10.08 -12.12
C ILE A 71 0.96 10.74 -11.85
N THR A 72 0.96 11.87 -11.18
CA THR A 72 2.25 12.56 -10.88
C THR A 72 2.66 12.30 -9.43
N GLN A 73 3.82 11.72 -9.24
CA GLN A 73 4.28 11.41 -7.84
C GLN A 73 4.80 12.69 -7.15
N MET A 74 4.48 12.85 -5.89
CA MET A 74 4.94 14.06 -5.15
C MET A 74 6.01 13.68 -4.12
N TYR A 75 5.94 12.49 -3.59
CA TYR A 75 6.94 12.05 -2.57
C TYR A 75 7.83 10.94 -3.13
N THR A 76 9.11 11.00 -2.85
CA THR A 76 10.04 9.94 -3.35
C THR A 76 11.06 9.59 -2.26
N ASN A 77 11.20 8.33 -1.95
CA ASN A 77 12.17 7.92 -0.89
C ASN A 77 12.84 6.60 -1.28
N VAL A 78 13.95 6.65 -1.97
CA VAL A 78 14.66 5.41 -2.38
C VAL A 78 15.19 4.68 -1.14
N ASP A 79 15.71 5.40 -0.19
CA ASP A 79 16.25 4.75 1.05
C ASP A 79 15.14 3.99 1.78
N GLN A 80 13.99 4.58 1.93
CA GLN A 80 12.86 3.89 2.63
C GLN A 80 12.05 3.04 1.64
N ASP A 81 12.42 3.03 0.37
CA ASP A 81 11.66 2.21 -0.64
C ASP A 81 10.16 2.57 -0.60
N LEU A 82 9.84 3.84 -0.50
CA LEU A 82 8.41 4.25 -0.45
C LEU A 82 8.18 5.54 -1.26
N VAL A 83 7.01 5.66 -1.84
CA VAL A 83 6.69 6.89 -2.64
C VAL A 83 5.18 7.18 -2.53
N GLY A 84 4.71 8.26 -3.12
CA GLY A 84 3.26 8.58 -3.03
C GLY A 84 2.84 9.47 -4.21
N TRP A 85 1.56 9.48 -4.52
CA TRP A 85 1.05 10.32 -5.63
C TRP A 85 0.02 11.31 -5.11
N GLN A 86 -0.25 12.36 -5.84
CA GLN A 86 -1.28 13.35 -5.40
C GLN A 86 -2.67 12.77 -5.62
N ALA A 87 -3.36 12.45 -4.55
CA ALA A 87 -4.73 11.87 -4.70
C ALA A 87 -5.67 12.90 -5.32
N PRO A 88 -6.70 12.41 -5.98
CA PRO A 88 -7.66 13.36 -6.61
C PRO A 88 -8.47 14.10 -5.54
N PRO A 89 -9.03 15.22 -5.92
CA PRO A 89 -9.83 15.99 -4.91
C PRO A 89 -11.07 15.19 -4.50
N GLY A 90 -11.42 15.25 -3.24
CA GLY A 90 -12.62 14.49 -2.76
C GLY A 90 -12.32 12.99 -2.78
N ALA A 91 -11.08 12.61 -2.63
CA ALA A 91 -10.73 11.16 -2.63
C ALA A 91 -10.94 10.57 -1.24
N ARG A 92 -11.27 9.30 -1.16
CA ARG A 92 -11.49 8.66 0.17
C ARG A 92 -10.16 8.13 0.69
N SER A 93 -9.90 8.28 1.96
CA SER A 93 -8.62 7.80 2.54
C SER A 93 -8.87 6.92 3.78
N LEU A 94 -7.86 6.25 4.24
CA LEU A 94 -8.02 5.37 5.44
C LEU A 94 -7.25 5.93 6.63
N THR A 95 -7.89 6.01 7.78
CA THR A 95 -7.20 6.54 8.99
C THR A 95 -6.21 5.49 9.53
N PRO A 96 -5.28 5.94 10.32
CA PRO A 96 -4.28 4.97 10.87
C PRO A 96 -4.95 4.03 11.88
N CYS A 97 -4.33 2.91 12.16
CA CYS A 97 -4.93 1.93 13.13
C CYS A 97 -4.85 2.51 14.55
N THR A 98 -5.92 2.39 15.29
CA THR A 98 -5.94 2.91 16.69
C THR A 98 -6.60 1.90 17.62
N CYS A 99 -6.15 0.67 17.59
CA CYS A 99 -6.77 -0.38 18.46
C CYS A 99 -5.74 -1.39 18.99
N GLY A 100 -4.51 -1.34 18.53
CA GLY A 100 -3.48 -2.30 19.03
C GLY A 100 -3.92 -3.74 18.73
N SER A 101 -4.45 -3.98 17.57
CA SER A 101 -4.91 -5.36 17.22
C SER A 101 -3.86 -6.06 16.34
N SER A 102 -3.34 -7.17 16.81
CA SER A 102 -2.31 -7.92 16.02
C SER A 102 -2.91 -8.40 14.70
N ASP A 103 -4.13 -8.86 14.72
CA ASP A 103 -4.76 -9.36 13.46
C ASP A 103 -4.83 -8.25 12.41
N LEU A 104 -4.52 -8.57 11.18
CA LEU A 104 -4.56 -7.53 10.10
C LEU A 104 -5.18 -8.10 8.82
N TYR A 105 -5.94 -7.31 8.11
CA TYR A 105 -6.57 -7.79 6.84
C TYR A 105 -5.86 -7.15 5.64
N LEU A 106 -5.30 -7.96 4.77
CA LEU A 106 -4.58 -7.40 3.59
C LEU A 106 -5.44 -7.53 2.32
N VAL A 107 -5.32 -6.58 1.42
CA VAL A 107 -6.11 -6.62 0.16
C VAL A 107 -5.20 -7.01 -1.01
N THR A 108 -5.60 -7.99 -1.79
CA THR A 108 -4.76 -8.43 -2.94
C THR A 108 -5.23 -7.79 -4.25
N ARG A 109 -4.49 -8.00 -5.31
CA ARG A 109 -4.86 -7.42 -6.64
C ARG A 109 -6.12 -8.11 -7.19
N HIS A 110 -6.38 -9.32 -6.78
CA HIS A 110 -7.58 -10.05 -7.29
C HIS A 110 -8.77 -9.86 -6.34
N ALA A 111 -8.83 -8.74 -5.64
CA ALA A 111 -9.96 -8.48 -4.70
C ALA A 111 -10.09 -9.61 -3.68
N ASP A 112 -8.98 -10.10 -3.20
CA ASP A 112 -9.02 -11.20 -2.19
C ASP A 112 -8.42 -10.71 -0.86
N VAL A 113 -8.94 -11.17 0.25
CA VAL A 113 -8.40 -10.72 1.56
C VAL A 113 -8.09 -11.92 2.47
N ILE A 114 -6.94 -11.92 3.08
CA ILE A 114 -6.55 -13.04 3.99
C ILE A 114 -6.20 -12.49 5.37
N PRO A 115 -6.43 -13.28 6.39
CA PRO A 115 -6.10 -12.80 7.76
C PRO A 115 -4.61 -12.98 8.05
N VAL A 116 -3.93 -11.91 8.38
CA VAL A 116 -2.47 -11.99 8.69
C VAL A 116 -2.22 -11.53 10.12
N ARG A 117 -1.59 -12.35 10.92
CA ARG A 117 -1.32 -11.95 12.33
C ARG A 117 -0.07 -11.08 12.40
N ARG A 118 -0.15 -9.96 13.06
CA ARG A 118 1.04 -9.05 13.17
C ARG A 118 2.03 -9.59 14.20
N ARG A 119 3.28 -9.71 13.82
CA ARG A 119 4.31 -10.24 14.77
C ARG A 119 5.42 -9.18 14.99
N GLY A 120 5.12 -7.93 14.75
CA GLY A 120 6.13 -6.86 14.93
C GLY A 120 5.64 -5.57 14.29
N ASP A 121 6.39 -4.50 14.43
CA ASP A 121 5.97 -3.20 13.83
C ASP A 121 5.82 -3.33 12.30
N SER A 122 6.72 -4.04 11.68
CA SER A 122 6.64 -4.22 10.20
C SER A 122 6.77 -5.71 9.84
N ARG A 123 6.39 -6.59 10.73
CA ARG A 123 6.49 -8.05 10.45
C ARG A 123 5.15 -8.74 10.73
N GLY A 124 4.74 -9.62 9.86
CA GLY A 124 3.44 -10.34 10.07
C GLY A 124 3.59 -11.80 9.65
N SER A 125 2.64 -12.63 10.01
CA SER A 125 2.71 -14.07 9.64
C SER A 125 1.44 -14.49 8.89
N LEU A 126 1.57 -15.40 7.95
CA LEU A 126 0.37 -15.84 7.18
C LEU A 126 -0.18 -17.15 7.75
N LEU A 127 -1.44 -17.18 8.10
CA LEU A 127 -2.04 -18.43 8.66
C LEU A 127 -2.08 -19.52 7.59
N SER A 128 -2.40 -19.14 6.38
CA SER A 128 -2.45 -20.14 5.27
C SER A 128 -1.26 -19.95 4.32
N PRO A 129 -0.38 -20.92 4.28
CA PRO A 129 0.81 -20.78 3.38
C PRO A 129 0.36 -20.74 1.92
N ARG A 130 0.74 -19.72 1.20
CA ARG A 130 0.36 -19.62 -0.24
C ARG A 130 1.62 -19.54 -1.11
N PRO A 131 1.44 -19.86 -2.38
CA PRO A 131 2.62 -19.81 -3.28
C PRO A 131 3.13 -18.37 -3.42
N VAL A 132 4.38 -18.21 -3.77
CA VAL A 132 4.96 -16.83 -3.93
C VAL A 132 4.29 -16.12 -5.13
N SER A 133 3.87 -16.87 -6.12
CA SER A 133 3.23 -16.25 -7.31
C SER A 133 1.97 -15.49 -6.90
N TYR A 134 1.20 -16.04 -5.99
CA TYR A 134 -0.05 -15.34 -5.54
C TYR A 134 0.32 -13.99 -4.90
N LEU A 135 1.37 -13.95 -4.14
CA LEU A 135 1.78 -12.68 -3.48
C LEU A 135 2.29 -11.68 -4.52
N LYS A 136 2.87 -12.15 -5.59
CA LYS A 136 3.39 -11.23 -6.64
C LYS A 136 2.26 -10.37 -7.21
N GLY A 137 2.52 -9.11 -7.47
CA GLY A 137 1.46 -8.22 -8.01
C GLY A 137 0.54 -7.74 -6.88
N SER A 138 0.95 -7.90 -5.64
CA SER A 138 0.09 -7.45 -4.50
C SER A 138 0.77 -6.32 -3.73
N SER A 139 1.84 -5.77 -4.24
CA SER A 139 2.53 -4.65 -3.52
C SER A 139 1.59 -3.46 -3.38
N GLY A 140 1.61 -2.80 -2.25
CA GLY A 140 0.73 -1.62 -2.05
C GLY A 140 -0.53 -2.04 -1.26
N GLY A 141 -0.83 -3.31 -1.21
CA GLY A 141 -2.04 -3.77 -0.45
C GLY A 141 -1.92 -3.33 1.01
N PRO A 142 -2.80 -2.43 1.41
CA PRO A 142 -2.72 -1.95 2.83
C PRO A 142 -3.34 -2.98 3.78
N LEU A 143 -2.85 -3.03 5.00
CA LEU A 143 -3.40 -3.98 6.00
C LEU A 143 -4.33 -3.23 6.94
N LEU A 144 -5.62 -3.47 6.84
CA LEU A 144 -6.59 -2.75 7.72
C LEU A 144 -7.02 -3.63 8.89
N CYS A 145 -6.95 -3.11 10.08
CA CYS A 145 -7.37 -3.89 11.29
C CYS A 145 -8.90 -4.08 11.27
N PRO A 146 -9.37 -5.08 11.97
CA PRO A 146 -10.86 -5.34 11.97
C PRO A 146 -11.67 -4.10 12.34
N SER A 147 -11.08 -3.14 13.02
CA SER A 147 -11.85 -1.92 13.39
C SER A 147 -12.23 -1.12 12.14
N GLY A 148 -11.35 -1.09 11.16
CA GLY A 148 -11.66 -0.35 9.90
C GLY A 148 -10.62 0.77 9.69
N HIS A 149 -9.39 0.54 10.07
CA HIS A 149 -8.34 1.58 9.87
C HIS A 149 -7.09 0.96 9.24
N ALA A 150 -6.39 1.72 8.43
CA ALA A 150 -5.16 1.18 7.76
C ALA A 150 -4.04 1.01 8.79
N VAL A 151 -3.22 0.01 8.61
CA VAL A 151 -2.10 -0.22 9.57
C VAL A 151 -0.75 -0.08 8.86
N GLY A 152 -0.66 -0.58 7.65
CA GLY A 152 0.63 -0.47 6.89
C GLY A 152 0.42 -0.95 5.45
N ILE A 153 1.47 -1.13 4.71
CA ILE A 153 1.35 -1.59 3.29
C ILE A 153 2.32 -2.75 3.00
N PHE A 154 1.87 -3.73 2.26
CA PHE A 154 2.76 -4.89 1.93
C PHE A 154 4.01 -4.40 1.16
N ARG A 155 5.15 -4.95 1.48
CA ARG A 155 6.40 -4.52 0.78
C ARG A 155 7.09 -5.73 0.13
N ALA A 156 7.31 -6.77 0.89
CA ALA A 156 7.97 -8.00 0.34
C ALA A 156 7.43 -9.26 1.02
N ALA A 157 7.60 -10.39 0.40
CA ALA A 157 7.10 -11.67 1.01
C ALA A 157 8.28 -12.61 1.29
N VAL A 158 8.19 -13.36 2.36
CA VAL A 158 9.29 -14.30 2.71
C VAL A 158 8.82 -15.74 2.51
N CYS A 159 9.48 -16.47 1.66
CA CYS A 159 9.09 -17.90 1.41
C CYS A 159 10.31 -18.81 1.50
N THR A 160 10.11 -20.01 1.98
CA THR A 160 11.27 -20.97 2.11
C THR A 160 11.72 -21.43 0.71
N ARG A 161 10.80 -21.84 -0.10
CA ARG A 161 11.17 -22.31 -1.48
C ARG A 161 9.91 -22.36 -2.36
N GLY A 162 9.18 -21.28 -2.43
CA GLY A 162 7.94 -21.26 -3.26
C GLY A 162 6.72 -21.04 -2.35
N VAL A 163 6.86 -21.25 -1.06
CA VAL A 163 5.69 -21.06 -0.14
C VAL A 163 5.98 -19.88 0.81
N ALA A 164 5.10 -18.92 0.86
CA ALA A 164 5.32 -17.75 1.75
C ALA A 164 4.62 -17.96 3.10
N LYS A 165 5.34 -17.82 4.18
CA LYS A 165 4.73 -18.02 5.53
C LYS A 165 4.67 -16.69 6.30
N ALA A 166 5.44 -15.71 5.89
CA ALA A 166 5.43 -14.39 6.60
C ALA A 166 5.74 -13.27 5.62
N VAL A 167 5.37 -12.05 5.95
CA VAL A 167 5.64 -10.90 5.03
C VAL A 167 6.08 -9.66 5.81
N ASP A 168 6.59 -8.67 5.12
CA ASP A 168 7.04 -7.42 5.81
C ASP A 168 6.26 -6.23 5.26
N PHE A 169 5.82 -5.34 6.11
CA PHE A 169 5.05 -4.16 5.64
C PHE A 169 5.49 -2.90 6.38
N VAL A 170 5.31 -1.74 5.79
CA VAL A 170 5.71 -0.47 6.46
C VAL A 170 4.51 0.10 7.24
N PRO A 171 4.71 0.32 8.52
CA PRO A 171 3.57 0.86 9.33
C PRO A 171 3.25 2.29 8.89
N VAL A 172 2.02 2.72 9.09
CA VAL A 172 1.62 4.10 8.69
C VAL A 172 2.47 5.14 9.44
N GLU A 173 3.02 4.79 10.57
CA GLU A 173 3.85 5.77 11.34
C GLU A 173 5.02 6.28 10.48
N SER A 174 5.62 5.42 9.68
CA SER A 174 6.76 5.86 8.82
C SER A 174 6.32 6.96 7.87
N MET A 175 5.10 6.88 7.37
CA MET A 175 4.60 7.93 6.43
C MET A 175 4.61 9.31 7.11
N GLU A 176 4.22 9.37 8.36
CA GLU A 176 4.20 10.67 9.08
C GLU A 176 5.60 11.30 9.11
N THR A 177 6.61 10.50 9.35
CA THR A 177 8.00 11.04 9.39
C THR A 177 8.48 11.41 7.98
N THR A 178 8.16 10.59 7.01
CA THR A 178 8.59 10.88 5.61
C THR A 178 7.83 12.08 5.06
N MET A 179 6.54 12.12 5.28
CA MET A 179 5.73 13.27 4.77
C MET A 179 6.21 14.58 5.37
N ARG A 180 6.55 14.58 6.64
CA ARG A 180 7.04 15.83 7.29
C ARG A 180 8.30 16.34 6.59
N ALA A 181 9.18 15.44 6.22
CA ALA A 181 10.44 15.87 5.53
C ALA A 181 10.12 16.41 4.13
N SER A 182 9.21 15.78 3.43
CA SER A 182 8.84 16.24 2.06
C SER A 182 10.09 16.42 1.18
N LYS A 183 9.98 17.18 0.12
CA LYS A 183 11.16 17.40 -0.77
C LYS A 183 11.07 18.78 -1.42
N LYS A 184 12.06 19.61 -1.19
CA LYS A 184 12.05 20.99 -1.78
C LYS A 184 13.08 21.08 -2.91
N LYS A 185 14.15 20.32 -2.80
CA LYS A 185 15.21 20.36 -3.86
C LYS A 185 16.02 19.06 -3.85
N LYS A 186 16.69 18.77 -4.94
CA LYS A 186 17.50 17.52 -5.01
C LYS A 186 18.77 17.67 -4.16
N GLU B 2 11.17 -11.15 -0.43
CA GLU B 2 11.09 -10.98 -1.92
C GLU B 2 10.20 -9.79 -2.26
N LEU B 3 10.61 -8.99 -3.22
CA LEU B 3 9.79 -7.80 -3.62
C LEU B 3 8.70 -8.21 -4.62
N THR A 22 -21.54 25.59 -6.89
CA THR A 22 -20.82 24.70 -7.86
C THR A 22 -20.17 23.53 -7.12
N GLY A 23 -19.69 22.56 -7.85
CA GLY A 23 -19.04 21.38 -7.20
C GLY A 23 -20.10 20.40 -6.72
N ARG A 24 -19.73 19.42 -5.94
CA ARG A 24 -20.71 18.40 -5.43
C ARG A 24 -21.49 17.77 -6.59
N ASP A 25 -20.83 17.50 -7.69
CA ASP A 25 -21.53 16.90 -8.87
C ASP A 25 -20.56 16.02 -9.65
N LYS A 26 -20.46 14.77 -9.29
CA LYS A 26 -19.53 13.84 -10.03
C LYS A 26 -20.24 12.54 -10.37
N ASN A 27 -19.85 11.91 -11.45
CA ASN A 27 -20.49 10.62 -11.85
C ASN A 27 -19.52 9.45 -11.66
N GLN A 28 -18.55 9.61 -10.79
CA GLN A 28 -17.57 8.51 -10.55
C GLN A 28 -17.80 7.87 -9.18
N VAL A 29 -17.47 6.61 -9.03
CA VAL A 29 -17.66 5.92 -7.73
C VAL A 29 -16.44 6.14 -6.83
N GLU A 30 -16.66 6.42 -5.57
CA GLU A 30 -15.52 6.64 -4.63
C GLU A 30 -14.72 5.35 -4.46
N GLY A 31 -13.41 5.45 -4.40
CA GLY A 31 -12.56 4.23 -4.23
C GLY A 31 -11.28 4.60 -3.49
N GLU A 32 -11.14 4.15 -2.26
CA GLU A 32 -9.91 4.47 -1.48
C GLU A 32 -8.68 3.79 -2.12
N VAL A 33 -8.85 2.59 -2.61
CA VAL A 33 -7.71 1.88 -3.26
C VAL A 33 -7.90 1.85 -4.77
N GLN A 34 -6.91 2.32 -5.51
CA GLN A 34 -7.02 2.33 -7.00
C GLN A 34 -5.97 1.40 -7.62
N VAL A 35 -6.31 0.73 -8.69
CA VAL A 35 -5.34 -0.18 -9.35
C VAL A 35 -4.41 0.62 -10.26
N VAL A 36 -3.13 0.38 -10.17
CA VAL A 36 -2.15 1.12 -11.02
C VAL A 36 -1.22 0.14 -11.74
N SER A 37 -0.60 0.57 -12.80
CA SER A 37 0.32 -0.34 -13.56
C SER A 37 1.57 0.42 -14.01
N THR A 38 2.61 -0.31 -14.32
CA THR A 38 3.88 0.35 -14.77
C THR A 38 4.35 -0.27 -16.08
N ALA A 39 5.49 0.16 -16.58
CA ALA A 39 6.01 -0.41 -17.85
C ALA A 39 6.69 -1.77 -17.62
N THR A 40 6.94 -2.13 -16.39
CA THR A 40 7.61 -3.44 -16.11
C THR A 40 6.72 -4.34 -15.23
N GLN A 41 5.90 -3.76 -14.39
CA GLN A 41 5.02 -4.60 -13.51
C GLN A 41 3.79 -3.80 -13.06
N SER A 42 2.83 -4.46 -12.46
CA SER A 42 1.60 -3.75 -11.99
C SER A 42 1.34 -4.05 -10.51
N PHE A 43 0.61 -3.20 -9.85
CA PHE A 43 0.31 -3.41 -8.40
C PHE A 43 -0.78 -2.44 -7.95
N LEU A 44 -1.11 -2.44 -6.67
CA LEU A 44 -2.19 -1.55 -6.18
C LEU A 44 -1.61 -0.46 -5.27
N ALA A 45 -2.44 0.44 -4.81
CA ALA A 45 -1.96 1.54 -3.94
C ALA A 45 -3.06 1.95 -2.95
N THR A 46 -2.68 2.60 -1.87
CA THR A 46 -3.70 3.01 -0.86
C THR A 46 -3.68 4.54 -0.68
N CYS A 47 -4.84 5.16 -0.73
CA CYS A 47 -4.89 6.64 -0.57
C CYS A 47 -5.13 7.01 0.90
N VAL A 48 -4.13 7.56 1.53
CA VAL A 48 -4.28 7.95 2.98
C VAL A 48 -4.06 9.46 3.12
N ASN A 49 -4.95 10.13 3.81
CA ASN A 49 -4.82 11.61 4.01
C ASN A 49 -4.78 12.34 2.66
N GLY A 50 -5.58 11.90 1.71
CA GLY A 50 -5.61 12.57 0.37
C GLY A 50 -4.30 12.33 -0.40
N VAL A 51 -3.56 11.32 -0.04
CA VAL A 51 -2.28 11.03 -0.77
C VAL A 51 -2.18 9.54 -1.11
N CYS A 52 -1.89 9.21 -2.34
CA CYS A 52 -1.78 7.77 -2.72
C CYS A 52 -0.48 7.19 -2.15
N TRP A 53 -0.47 5.92 -1.84
CA TRP A 53 0.77 5.31 -1.27
C TRP A 53 1.13 4.01 -1.99
N THR A 54 2.39 3.70 -2.02
CA THR A 54 2.86 2.45 -2.68
C THR A 54 4.32 2.19 -2.29
N VAL A 55 4.91 1.13 -2.80
CA VAL A 55 6.33 0.84 -2.45
C VAL A 55 7.26 1.37 -3.56
N TYR A 56 8.45 1.79 -3.19
CA TYR A 56 9.40 2.35 -4.19
C TYR A 56 9.76 1.32 -5.27
N HIS A 57 10.08 0.10 -4.91
CA HIS A 57 10.45 -0.91 -5.95
C HIS A 57 9.27 -1.21 -6.88
N GLY A 58 8.07 -1.00 -6.41
CA GLY A 58 6.88 -1.27 -7.27
C GLY A 58 6.63 -0.05 -8.17
N ALA A 59 6.53 1.10 -7.57
CA ALA A 59 6.29 2.34 -8.37
C ALA A 59 7.55 3.21 -8.38
N GLY A 60 8.03 3.60 -7.22
CA GLY A 60 9.25 4.45 -7.15
C GLY A 60 8.92 5.86 -7.66
N SER A 61 9.93 6.63 -7.97
CA SER A 61 9.68 8.02 -8.47
C SER A 61 9.53 8.01 -9.99
N LYS A 62 8.49 7.40 -10.49
CA LYS A 62 8.28 7.33 -11.97
C LYS A 62 6.80 7.53 -12.30
N THR A 63 6.49 7.74 -13.56
CA THR A 63 5.06 7.95 -13.95
C THR A 63 4.26 6.68 -13.68
N LEU A 64 3.06 6.82 -13.19
CA LEU A 64 2.21 5.62 -12.90
C LEU A 64 0.95 5.66 -13.77
N ALA A 65 0.55 4.53 -14.30
CA ALA A 65 -0.67 4.49 -15.15
C ALA A 65 -1.87 4.01 -14.34
N GLY A 66 -2.80 4.89 -14.06
CA GLY A 66 -4.00 4.48 -13.27
C GLY A 66 -5.25 4.58 -14.16
N PRO A 67 -6.39 4.27 -13.59
CA PRO A 67 -7.63 4.34 -14.41
C PRO A 67 -7.90 5.78 -14.87
N LYS A 68 -7.51 6.74 -14.07
CA LYS A 68 -7.73 8.17 -14.45
C LYS A 68 -6.76 8.57 -15.56
N GLY A 69 -5.60 7.98 -15.58
CA GLY A 69 -4.59 8.32 -16.63
C GLY A 69 -3.19 8.36 -16.00
N PRO A 70 -2.33 9.18 -16.56
CA PRO A 70 -0.96 9.27 -15.99
C PRO A 70 -0.98 10.02 -14.66
N ILE A 71 -0.12 9.66 -13.74
CA ILE A 71 -0.10 10.33 -12.41
C ILE A 71 1.32 10.78 -12.05
N THR A 72 1.47 11.95 -11.48
CA THR A 72 2.82 12.44 -11.09
C THR A 72 3.04 12.21 -9.59
N GLN A 73 4.25 11.88 -9.20
CA GLN A 73 4.53 11.62 -7.75
C GLN A 73 4.95 12.91 -7.03
N MET A 74 4.64 13.00 -5.75
CA MET A 74 5.02 14.21 -4.97
C MET A 74 6.01 13.85 -3.86
N TYR A 75 6.00 12.62 -3.41
CA TYR A 75 6.94 12.20 -2.33
C TYR A 75 7.80 11.01 -2.79
N THR A 76 9.06 11.01 -2.45
CA THR A 76 9.96 9.90 -2.86
C THR A 76 10.93 9.55 -1.73
N ASN A 77 11.09 8.29 -1.43
CA ASN A 77 12.03 7.89 -0.34
C ASN A 77 12.69 6.55 -0.69
N VAL A 78 13.87 6.60 -1.26
CA VAL A 78 14.58 5.33 -1.64
C VAL A 78 14.96 4.55 -0.37
N ASP A 79 15.46 5.23 0.63
CA ASP A 79 15.85 4.52 1.90
C ASP A 79 14.64 3.82 2.51
N GLN A 80 13.55 4.51 2.66
CA GLN A 80 12.33 3.88 3.25
C GLN A 80 11.56 3.08 2.18
N ASP A 81 11.95 3.20 0.93
CA ASP A 81 11.25 2.46 -0.17
C ASP A 81 9.76 2.81 -0.19
N LEU A 82 9.45 4.09 -0.10
CA LEU A 82 8.01 4.51 -0.11
C LEU A 82 7.82 5.77 -0.96
N VAL A 83 6.75 5.80 -1.74
CA VAL A 83 6.47 6.99 -2.60
C VAL A 83 4.96 7.23 -2.65
N GLY A 84 4.54 8.43 -2.96
CA GLY A 84 3.07 8.73 -3.02
C GLY A 84 2.76 9.64 -4.22
N TRP A 85 1.53 9.63 -4.66
CA TRP A 85 1.12 10.50 -5.80
C TRP A 85 0.07 11.51 -5.33
N GLN A 86 -0.12 12.57 -6.07
CA GLN A 86 -1.14 13.59 -5.67
C GLN A 86 -2.54 13.00 -5.88
N ALA A 87 -3.28 12.80 -4.82
CA ALA A 87 -4.65 12.21 -4.96
C ALA A 87 -5.59 13.23 -5.62
N PRO A 88 -6.39 12.77 -6.55
CA PRO A 88 -7.33 13.71 -7.22
C PRO A 88 -8.43 14.15 -6.25
N PRO A 89 -9.06 15.26 -6.56
CA PRO A 89 -10.13 15.75 -5.66
C PRO A 89 -11.32 14.77 -5.67
N GLY A 90 -12.08 14.73 -4.60
CA GLY A 90 -13.24 13.80 -4.53
C GLY A 90 -12.75 12.37 -4.32
N ALA A 91 -11.60 12.21 -3.71
CA ALA A 91 -11.06 10.83 -3.47
C ALA A 91 -11.20 10.46 -1.99
N ARG A 92 -11.55 9.24 -1.71
CA ARG A 92 -11.69 8.81 -0.28
C ARG A 92 -10.32 8.49 0.29
N SER A 93 -10.20 8.49 1.59
CA SER A 93 -8.88 8.19 2.22
C SER A 93 -9.03 7.11 3.30
N LEU A 94 -7.93 6.56 3.76
CA LEU A 94 -8.02 5.50 4.81
C LEU A 94 -7.50 6.03 6.16
N THR A 95 -8.24 5.82 7.21
CA THR A 95 -7.80 6.29 8.56
C THR A 95 -6.69 5.37 9.09
N PRO A 96 -5.94 5.89 10.05
CA PRO A 96 -4.84 5.05 10.60
C PRO A 96 -5.36 4.13 11.71
N CYS A 97 -4.59 3.13 12.06
CA CYS A 97 -5.03 2.17 13.13
C CYS A 97 -4.72 2.75 14.51
N THR A 98 -5.62 2.59 15.44
CA THR A 98 -5.41 3.11 16.82
C THR A 98 -5.84 2.06 17.84
N CYS A 99 -5.35 0.86 17.71
CA CYS A 99 -5.75 -0.22 18.67
C CYS A 99 -4.58 -1.19 18.99
N GLY A 100 -3.47 -1.08 18.31
CA GLY A 100 -2.31 -1.99 18.59
C GLY A 100 -2.73 -3.45 18.40
N SER A 101 -3.61 -3.71 17.47
CA SER A 101 -4.07 -5.12 17.24
C SER A 101 -2.99 -5.91 16.48
N SER A 102 -2.91 -7.20 16.70
CA SER A 102 -1.90 -8.03 15.99
C SER A 102 -2.50 -8.62 14.71
N ASP A 103 -3.79 -8.85 14.70
CA ASP A 103 -4.44 -9.43 13.49
C ASP A 103 -4.62 -8.35 12.42
N LEU A 104 -4.31 -8.66 11.19
CA LEU A 104 -4.46 -7.65 10.10
C LEU A 104 -5.12 -8.29 8.87
N TYR A 105 -5.76 -7.49 8.05
CA TYR A 105 -6.42 -8.03 6.82
C TYR A 105 -5.82 -7.37 5.58
N LEU A 106 -5.15 -8.14 4.76
CA LEU A 106 -4.53 -7.57 3.52
C LEU A 106 -5.40 -7.86 2.29
N VAL A 107 -5.52 -6.90 1.41
CA VAL A 107 -6.36 -7.10 0.19
C VAL A 107 -5.46 -7.19 -1.06
N THR A 108 -5.65 -8.20 -1.86
CA THR A 108 -4.80 -8.35 -3.09
C THR A 108 -5.58 -7.91 -4.33
N ARG A 109 -4.97 -7.99 -5.49
CA ARG A 109 -5.67 -7.57 -6.75
C ARG A 109 -6.94 -8.40 -6.97
N HIS A 110 -7.02 -9.57 -6.38
CA HIS A 110 -8.23 -10.43 -6.57
C HIS A 110 -9.29 -10.14 -5.49
N ALA A 111 -9.21 -8.99 -4.84
CA ALA A 111 -10.22 -8.64 -3.78
C ALA A 111 -10.29 -9.74 -2.72
N ASP A 112 -9.16 -10.31 -2.35
CA ASP A 112 -9.16 -11.38 -1.32
C ASP A 112 -8.60 -10.85 -0.01
N VAL A 113 -9.24 -11.15 1.09
CA VAL A 113 -8.76 -10.66 2.41
C VAL A 113 -8.20 -11.82 3.24
N ILE A 114 -6.97 -11.73 3.66
CA ILE A 114 -6.36 -12.83 4.47
C ILE A 114 -5.93 -12.29 5.85
N PRO A 115 -5.96 -13.15 6.84
CA PRO A 115 -5.56 -12.69 8.20
C PRO A 115 -4.05 -12.84 8.38
N VAL A 116 -3.38 -11.81 8.79
CA VAL A 116 -1.90 -11.88 9.00
C VAL A 116 -1.56 -11.44 10.42
N ARG A 117 -0.81 -12.23 11.14
CA ARG A 117 -0.43 -11.87 12.54
C ARG A 117 0.72 -10.86 12.53
N ARG A 118 0.83 -10.10 13.59
CA ARG A 118 1.94 -9.09 13.67
C ARG A 118 3.08 -9.61 14.55
N ARG A 119 4.25 -9.77 13.99
CA ARG A 119 5.40 -10.28 14.77
C ARG A 119 6.47 -9.19 14.92
N GLY A 120 6.10 -7.94 14.75
CA GLY A 120 7.08 -6.83 14.87
C GLY A 120 6.47 -5.54 14.33
N ASP A 121 7.25 -4.51 14.21
CA ASP A 121 6.72 -3.22 13.67
C ASP A 121 6.30 -3.37 12.21
N SER A 122 7.08 -4.09 11.44
CA SER A 122 6.74 -4.28 9.99
C SER A 122 6.85 -5.75 9.59
N ARG A 123 6.72 -6.65 10.54
CA ARG A 123 6.84 -8.11 10.20
C ARG A 123 5.60 -8.86 10.72
N GLY A 124 5.11 -9.80 9.93
CA GLY A 124 3.92 -10.59 10.36
C GLY A 124 4.04 -12.02 9.80
N SER A 125 3.19 -12.92 10.25
CA SER A 125 3.26 -14.32 9.75
C SER A 125 2.02 -14.65 8.90
N LEU A 126 2.13 -15.63 8.03
CA LEU A 126 0.97 -16.00 7.17
C LEU A 126 0.26 -17.22 7.77
N LEU A 127 -1.01 -17.08 8.10
CA LEU A 127 -1.77 -18.24 8.68
C LEU A 127 -1.80 -19.41 7.69
N SER A 128 -1.98 -19.13 6.43
CA SER A 128 -2.03 -20.22 5.42
C SER A 128 -0.87 -20.06 4.42
N PRO A 129 -0.11 -21.12 4.24
CA PRO A 129 1.03 -21.02 3.28
C PRO A 129 0.50 -20.92 1.85
N ARG A 130 0.79 -19.83 1.17
CA ARG A 130 0.31 -19.67 -0.23
C ARG A 130 1.51 -19.49 -1.18
N PRO A 131 1.27 -19.74 -2.45
CA PRO A 131 2.38 -19.59 -3.42
C PRO A 131 2.80 -18.12 -3.54
N VAL A 132 4.06 -17.87 -3.81
CA VAL A 132 4.54 -16.46 -3.93
C VAL A 132 3.83 -15.76 -5.09
N SER A 133 3.38 -16.50 -6.08
CA SER A 133 2.68 -15.88 -7.24
C SER A 133 1.41 -15.15 -6.77
N TYR A 134 0.71 -15.71 -5.83
CA TYR A 134 -0.54 -15.05 -5.32
C TYR A 134 -0.20 -13.67 -4.73
N LEU A 135 0.79 -13.61 -3.87
CA LEU A 135 1.16 -12.31 -3.25
C LEU A 135 1.80 -11.38 -4.29
N LYS A 136 2.44 -11.94 -5.28
CA LYS A 136 3.09 -11.09 -6.33
C LYS A 136 2.04 -10.22 -7.03
N GLY A 137 2.37 -8.99 -7.32
CA GLY A 137 1.40 -8.08 -8.00
C GLY A 137 0.41 -7.51 -6.98
N SER A 138 0.63 -7.71 -5.71
CA SER A 138 -0.31 -7.19 -4.67
C SER A 138 0.36 -6.07 -3.86
N SER A 139 1.44 -5.50 -4.34
CA SER A 139 2.12 -4.41 -3.58
C SER A 139 1.16 -3.22 -3.39
N GLY A 140 1.18 -2.62 -2.24
CA GLY A 140 0.27 -1.46 -1.98
C GLY A 140 -0.97 -1.94 -1.21
N GLY A 141 -1.26 -3.22 -1.21
CA GLY A 141 -2.45 -3.74 -0.47
C GLY A 141 -2.45 -3.21 0.97
N PRO A 142 -3.53 -2.57 1.36
CA PRO A 142 -3.56 -2.03 2.75
C PRO A 142 -3.92 -3.11 3.77
N LEU A 143 -3.37 -3.01 4.95
CA LEU A 143 -3.68 -4.01 6.02
C LEU A 143 -4.59 -3.35 7.05
N LEU A 144 -5.85 -3.70 7.08
CA LEU A 144 -6.78 -3.06 8.05
C LEU A 144 -6.94 -3.91 9.30
N CYS A 145 -6.81 -3.30 10.46
CA CYS A 145 -6.97 -4.06 11.74
C CYS A 145 -8.45 -4.45 11.91
N PRO A 146 -8.69 -5.46 12.73
CA PRO A 146 -10.11 -5.92 12.90
C PRO A 146 -11.07 -4.77 13.25
N SER A 147 -10.57 -3.68 13.77
CA SER A 147 -11.49 -2.54 14.12
C SER A 147 -12.02 -1.89 12.83
N GLY A 148 -11.19 -1.78 11.82
CA GLY A 148 -11.65 -1.18 10.53
C GLY A 148 -10.80 0.05 10.20
N HIS A 149 -9.52 0.01 10.49
CA HIS A 149 -8.63 1.17 10.18
C HIS A 149 -7.35 0.70 9.50
N ALA A 150 -6.78 1.52 8.65
CA ALA A 150 -5.52 1.12 7.95
C ALA A 150 -4.39 0.93 8.97
N VAL A 151 -3.57 -0.07 8.78
CA VAL A 151 -2.44 -0.33 9.72
C VAL A 151 -1.10 -0.15 9.00
N GLY A 152 -1.04 -0.54 7.76
CA GLY A 152 0.23 -0.39 6.98
C GLY A 152 0.01 -0.84 5.54
N ILE A 153 1.06 -0.98 4.78
CA ILE A 153 0.93 -1.41 3.35
C ILE A 153 1.88 -2.56 3.05
N PHE A 154 1.43 -3.53 2.29
CA PHE A 154 2.31 -4.70 1.95
C PHE A 154 3.56 -4.22 1.20
N ARG A 155 4.69 -4.79 1.52
CA ARG A 155 5.96 -4.37 0.84
C ARG A 155 6.59 -5.57 0.11
N ALA A 156 6.78 -6.66 0.81
CA ALA A 156 7.40 -7.87 0.17
C ALA A 156 6.92 -9.14 0.87
N ALA A 157 7.16 -10.28 0.27
CA ALA A 157 6.73 -11.58 0.89
C ALA A 157 7.95 -12.46 1.14
N VAL A 158 7.89 -13.26 2.17
CA VAL A 158 9.04 -14.17 2.49
C VAL A 158 8.66 -15.62 2.19
N CYS A 159 9.38 -16.25 1.31
CA CYS A 159 9.07 -17.68 0.97
C CYS A 159 10.36 -18.52 0.95
N THR A 160 10.25 -19.78 1.28
CA THR A 160 11.47 -20.66 1.28
C THR A 160 11.80 -21.11 -0.14
N ARG A 161 10.82 -21.56 -0.87
CA ARG A 161 11.07 -22.02 -2.28
C ARG A 161 9.75 -22.07 -3.06
N GLY A 162 9.06 -20.96 -3.13
CA GLY A 162 7.76 -20.93 -3.87
C GLY A 162 6.59 -20.85 -2.87
N VAL A 163 6.85 -21.05 -1.60
CA VAL A 163 5.74 -20.98 -0.59
C VAL A 163 6.04 -19.85 0.40
N ALA A 164 5.11 -18.95 0.58
CA ALA A 164 5.32 -17.81 1.54
C ALA A 164 4.70 -18.12 2.89
N LYS A 165 5.49 -18.07 3.94
CA LYS A 165 4.97 -18.35 5.31
C LYS A 165 4.84 -17.05 6.11
N ALA A 166 5.52 -16.00 5.68
CA ALA A 166 5.45 -14.70 6.41
C ALA A 166 5.60 -13.54 5.43
N VAL A 167 5.15 -12.37 5.80
CA VAL A 167 5.27 -11.19 4.88
C VAL A 167 5.88 -10.00 5.62
N ASP A 168 5.91 -8.86 4.99
CA ASP A 168 6.47 -7.64 5.62
C ASP A 168 5.71 -6.41 5.13
N PHE A 169 5.21 -5.60 6.04
CA PHE A 169 4.44 -4.39 5.63
C PHE A 169 4.99 -3.13 6.29
N VAL A 170 4.77 -1.99 5.69
CA VAL A 170 5.27 -0.71 6.28
C VAL A 170 4.17 -0.11 7.16
N PRO A 171 4.48 0.09 8.42
CA PRO A 171 3.44 0.67 9.33
C PRO A 171 3.08 2.09 8.88
N VAL A 172 1.89 2.55 9.21
CA VAL A 172 1.46 3.92 8.82
C VAL A 172 2.42 4.98 9.39
N GLU A 173 3.11 4.66 10.46
CA GLU A 173 4.05 5.65 11.06
C GLU A 173 5.13 6.05 10.06
N SER A 174 5.62 5.11 9.29
CA SER A 174 6.68 5.43 8.27
C SER A 174 6.11 6.41 7.23
N MET A 175 4.87 6.21 6.84
CA MET A 175 4.25 7.11 5.82
C MET A 175 4.25 8.55 6.30
N GLU A 176 3.93 8.77 7.55
CA GLU A 176 3.91 10.16 8.10
C GLU A 176 5.33 10.72 8.18
N THR A 177 6.28 9.91 8.57
CA THR A 177 7.69 10.39 8.67
C THR A 177 8.19 10.84 7.29
N THR A 178 7.85 10.12 6.25
CA THR A 178 8.30 10.51 4.88
C THR A 178 7.79 11.91 4.52
N MET A 179 6.56 12.22 4.88
CA MET A 179 6.00 13.57 4.58
C MET A 179 6.73 14.64 5.40
N ARG A 180 7.01 14.35 6.64
CA ARG A 180 7.71 15.34 7.52
C ARG A 180 9.13 15.61 6.98
N ALA A 181 9.80 14.59 6.53
CA ALA A 181 11.19 14.78 6.00
C ALA A 181 11.17 15.73 4.80
N SER A 182 10.19 15.61 3.95
CA SER A 182 10.10 16.51 2.75
C SER A 182 11.41 16.52 1.96
N LYS A 183 11.59 17.48 1.09
CA LYS A 183 12.84 17.56 0.28
C LYS A 183 14.05 17.79 1.20
N LYS A 184 13.84 18.43 2.34
CA LYS A 184 14.97 18.70 3.27
C LYS A 184 15.61 17.38 3.73
N LYS A 185 14.82 16.38 3.98
CA LYS A 185 15.37 15.07 4.42
C LYS A 185 15.00 13.96 3.43
N LYS A 186 15.91 13.06 3.14
CA LYS A 186 15.61 11.96 2.18
C LYS A 186 16.53 10.76 2.43
N GLU B 2 11.22 -11.29 -0.58
CA GLU B 2 10.95 -11.10 -2.04
C GLU B 2 10.04 -9.88 -2.24
N LEU B 3 10.33 -9.09 -3.24
CA LEU B 3 9.48 -7.88 -3.50
C LEU B 3 8.34 -8.24 -4.45
N THR A 22 -25.73 19.81 -15.62
CA THR A 22 -24.92 19.52 -16.84
C THR A 22 -24.32 18.12 -16.75
N GLY A 23 -23.50 17.88 -15.76
CA GLY A 23 -22.87 16.53 -15.61
C GLY A 23 -23.87 15.58 -14.95
N ARG A 24 -23.50 14.34 -14.79
CA ARG A 24 -24.42 13.34 -14.17
C ARG A 24 -24.04 13.13 -12.70
N ASP A 25 -24.98 13.30 -11.80
CA ASP A 25 -24.69 13.12 -10.35
C ASP A 25 -24.22 11.68 -10.08
N LYS A 26 -24.84 10.71 -10.72
CA LYS A 26 -24.44 9.28 -10.52
C LYS A 26 -24.54 8.89 -9.04
N ASN A 27 -24.47 7.62 -8.75
CA ASN A 27 -24.56 7.17 -7.33
C ASN A 27 -23.22 7.34 -6.62
N GLN A 28 -23.21 7.24 -5.32
CA GLN A 28 -21.93 7.41 -4.56
C GLN A 28 -21.01 6.21 -4.81
N VAL A 29 -19.72 6.46 -4.95
CA VAL A 29 -18.76 5.35 -5.20
C VAL A 29 -17.48 5.56 -4.38
N GLU A 30 -16.94 4.49 -3.84
CA GLU A 30 -15.69 4.61 -3.01
C GLU A 30 -14.47 4.35 -3.89
N GLY A 31 -13.41 5.11 -3.70
CA GLY A 31 -12.19 4.92 -4.51
C GLY A 31 -10.96 4.85 -3.59
N GLU A 32 -11.14 4.36 -2.40
CA GLU A 32 -9.98 4.27 -1.44
C GLU A 32 -8.86 3.40 -2.03
N VAL A 33 -9.23 2.36 -2.72
CA VAL A 33 -8.19 1.45 -3.33
C VAL A 33 -8.38 1.41 -4.85
N GLN A 34 -7.33 1.63 -5.60
CA GLN A 34 -7.44 1.60 -7.09
C GLN A 34 -6.35 0.70 -7.68
N VAL A 35 -6.56 0.23 -8.89
CA VAL A 35 -5.54 -0.64 -9.54
C VAL A 35 -4.59 0.22 -10.37
N VAL A 36 -3.31 0.08 -10.12
CA VAL A 36 -2.32 0.90 -10.89
C VAL A 36 -1.29 -0.02 -11.55
N SER A 37 -0.64 0.45 -12.57
CA SER A 37 0.38 -0.39 -13.27
C SER A 37 1.66 0.41 -13.51
N THR A 38 2.67 -0.24 -13.98
CA THR A 38 3.96 0.45 -14.26
C THR A 38 4.55 -0.09 -15.57
N ALA A 39 5.59 0.52 -16.06
CA ALA A 39 6.19 0.06 -17.36
C ALA A 39 6.59 -1.43 -17.29
N THR A 40 6.90 -1.93 -16.11
CA THR A 40 7.30 -3.36 -16.00
C THR A 40 6.62 -4.08 -14.82
N GLN A 41 5.91 -3.38 -13.96
CA GLN A 41 5.26 -4.04 -12.79
C GLN A 41 3.78 -3.68 -12.68
N SER A 42 3.02 -4.50 -11.99
CA SER A 42 1.57 -4.21 -11.79
C SER A 42 1.23 -4.40 -10.31
N PHE A 43 0.50 -3.48 -9.73
CA PHE A 43 0.16 -3.61 -8.26
C PHE A 43 -0.99 -2.67 -7.88
N LEU A 44 -1.34 -2.64 -6.62
CA LEU A 44 -2.47 -1.77 -6.18
C LEU A 44 -1.95 -0.66 -5.27
N ALA A 45 -2.57 0.50 -5.33
CA ALA A 45 -2.14 1.65 -4.49
C ALA A 45 -3.19 1.94 -3.41
N THR A 46 -2.81 2.64 -2.38
CA THR A 46 -3.79 2.97 -1.29
C THR A 46 -3.83 4.48 -1.05
N CYS A 47 -4.98 5.02 -0.76
CA CYS A 47 -5.09 6.49 -0.52
C CYS A 47 -5.20 6.78 0.98
N VAL A 48 -4.20 7.41 1.53
CA VAL A 48 -4.23 7.75 2.99
C VAL A 48 -3.95 9.25 3.17
N ASN A 49 -4.78 9.93 3.93
CA ASN A 49 -4.59 11.40 4.16
C ASN A 49 -4.53 12.15 2.83
N GLY A 50 -5.31 11.73 1.86
CA GLY A 50 -5.32 12.43 0.53
C GLY A 50 -4.01 12.18 -0.22
N VAL A 51 -3.26 11.17 0.15
CA VAL A 51 -1.98 10.88 -0.56
C VAL A 51 -1.89 9.40 -0.92
N CYS A 52 -1.58 9.09 -2.14
CA CYS A 52 -1.47 7.65 -2.55
C CYS A 52 -0.13 7.08 -2.08
N TRP A 53 -0.12 5.83 -1.69
CA TRP A 53 1.17 5.22 -1.20
C TRP A 53 1.46 3.91 -1.93
N THR A 54 2.71 3.58 -2.05
CA THR A 54 3.11 2.33 -2.75
C THR A 54 4.59 2.05 -2.48
N VAL A 55 5.12 0.98 -3.02
CA VAL A 55 6.56 0.67 -2.79
C VAL A 55 7.43 1.21 -3.95
N TYR A 56 8.67 1.48 -3.68
CA TYR A 56 9.59 2.04 -4.73
C TYR A 56 9.92 1.00 -5.81
N HIS A 57 10.13 -0.25 -5.43
CA HIS A 57 10.48 -1.27 -6.46
C HIS A 57 9.26 -1.56 -7.37
N GLY A 58 8.07 -1.31 -6.88
CA GLY A 58 6.85 -1.54 -7.71
C GLY A 58 6.64 -0.34 -8.62
N ALA A 59 6.47 0.83 -8.04
CA ALA A 59 6.26 2.06 -8.85
C ALA A 59 7.55 2.88 -8.92
N GLY A 60 8.19 3.10 -7.80
CA GLY A 60 9.45 3.88 -7.79
C GLY A 60 9.16 5.33 -8.19
N SER A 61 10.19 6.08 -8.51
CA SER A 61 9.97 7.50 -8.92
C SER A 61 9.62 7.57 -10.41
N LYS A 62 8.49 7.02 -10.78
CA LYS A 62 8.09 7.05 -12.22
C LYS A 62 6.58 7.30 -12.34
N THR A 63 6.12 7.65 -13.51
CA THR A 63 4.67 7.92 -13.70
C THR A 63 3.86 6.63 -13.49
N LEU A 64 2.73 6.72 -12.85
CA LEU A 64 1.89 5.51 -12.59
C LEU A 64 0.63 5.56 -13.45
N ALA A 65 0.32 4.49 -14.15
CA ALA A 65 -0.90 4.48 -15.00
C ALA A 65 -2.09 3.92 -14.21
N GLY A 66 -3.11 4.72 -14.02
CA GLY A 66 -4.31 4.25 -13.26
C GLY A 66 -5.56 4.38 -14.14
N PRO A 67 -6.68 3.96 -13.60
CA PRO A 67 -7.94 4.05 -14.40
C PRO A 67 -8.27 5.52 -14.70
N LYS A 68 -7.92 6.40 -13.79
CA LYS A 68 -8.21 7.85 -14.00
C LYS A 68 -7.31 8.41 -15.10
N GLY A 69 -6.12 7.87 -15.23
CA GLY A 69 -5.18 8.35 -16.27
C GLY A 69 -3.75 8.35 -15.71
N PRO A 70 -2.95 9.26 -16.22
CA PRO A 70 -1.54 9.31 -15.71
C PRO A 70 -1.51 9.90 -14.30
N ILE A 71 -0.50 9.59 -13.54
CA ILE A 71 -0.40 10.13 -12.14
C ILE A 71 0.94 10.83 -11.94
N THR A 72 0.93 11.95 -11.24
CA THR A 72 2.21 12.69 -10.99
C THR A 72 2.81 12.27 -9.65
N GLN A 73 4.11 12.09 -9.60
CA GLN A 73 4.77 11.69 -8.32
C GLN A 73 4.75 12.84 -7.31
N MET A 74 4.51 12.54 -6.06
CA MET A 74 4.49 13.62 -5.02
C MET A 74 5.63 13.38 -4.01
N TYR A 75 5.73 12.19 -3.48
CA TYR A 75 6.81 11.90 -2.50
C TYR A 75 7.70 10.77 -3.00
N THR A 76 8.99 10.88 -2.81
CA THR A 76 9.93 9.81 -3.28
C THR A 76 10.89 9.42 -2.16
N ASN A 77 11.14 8.14 -2.00
CA ASN A 77 12.08 7.68 -0.93
C ASN A 77 12.78 6.38 -1.35
N VAL A 78 13.91 6.50 -1.99
CA VAL A 78 14.64 5.26 -2.44
C VAL A 78 15.17 4.50 -1.22
N ASP A 79 15.70 5.21 -0.26
CA ASP A 79 16.24 4.53 0.96
C ASP A 79 15.14 3.75 1.67
N GLN A 80 13.96 4.33 1.79
CA GLN A 80 12.83 3.63 2.46
C GLN A 80 12.01 2.81 1.45
N ASP A 81 12.39 2.82 0.19
CA ASP A 81 11.63 2.03 -0.84
C ASP A 81 10.14 2.40 -0.82
N LEU A 82 9.82 3.67 -0.73
CA LEU A 82 8.39 4.08 -0.69
C LEU A 82 8.17 5.35 -1.53
N VAL A 83 7.04 5.44 -2.17
CA VAL A 83 6.73 6.65 -3.00
C VAL A 83 5.21 6.91 -2.98
N GLY A 84 4.80 8.13 -3.21
CA GLY A 84 3.34 8.46 -3.19
C GLY A 84 3.00 9.42 -4.31
N TRP A 85 1.73 9.50 -4.65
CA TRP A 85 1.30 10.44 -5.74
C TRP A 85 0.33 11.47 -5.17
N GLN A 86 0.16 12.58 -5.84
CA GLN A 86 -0.78 13.63 -5.33
C GLN A 86 -2.22 13.17 -5.57
N ALA A 87 -2.89 12.74 -4.52
CA ALA A 87 -4.30 12.28 -4.67
C ALA A 87 -5.23 13.48 -4.94
N PRO A 88 -6.05 13.36 -5.96
CA PRO A 88 -6.97 14.49 -6.27
C PRO A 88 -8.05 14.60 -5.18
N PRO A 89 -8.66 15.76 -5.10
CA PRO A 89 -9.73 15.93 -4.07
C PRO A 89 -10.99 15.17 -4.48
N GLY A 90 -11.83 14.85 -3.53
CA GLY A 90 -13.08 14.10 -3.85
C GLY A 90 -12.89 12.61 -3.53
N ALA A 91 -11.67 12.13 -3.54
CA ALA A 91 -11.42 10.69 -3.25
C ALA A 91 -11.45 10.44 -1.74
N ARG A 92 -11.65 9.22 -1.33
CA ARG A 92 -11.68 8.91 0.13
C ARG A 92 -10.36 8.31 0.58
N SER A 93 -10.06 8.37 1.85
CA SER A 93 -8.77 7.82 2.36
C SER A 93 -9.03 6.88 3.55
N LEU A 94 -8.02 6.17 3.97
CA LEU A 94 -8.19 5.23 5.13
C LEU A 94 -7.60 5.84 6.40
N THR A 95 -8.28 5.69 7.51
CA THR A 95 -7.77 6.25 8.80
C THR A 95 -6.63 5.36 9.34
N PRO A 96 -5.82 5.93 10.21
CA PRO A 96 -4.70 5.11 10.77
C PRO A 96 -5.22 4.14 11.84
N CYS A 97 -4.53 3.04 12.03
CA CYS A 97 -4.97 2.05 13.06
C CYS A 97 -4.79 2.62 14.46
N THR A 98 -5.77 2.46 15.31
CA THR A 98 -5.66 2.99 16.70
C THR A 98 -6.18 1.93 17.69
N CYS A 99 -5.66 0.73 17.60
CA CYS A 99 -6.13 -0.35 18.52
C CYS A 99 -5.00 -1.30 18.94
N GLY A 100 -3.83 -1.19 18.35
CA GLY A 100 -2.70 -2.10 18.73
C GLY A 100 -3.10 -3.55 18.48
N SER A 101 -3.88 -3.80 17.46
CA SER A 101 -4.31 -5.21 17.16
C SER A 101 -3.29 -5.89 16.25
N SER A 102 -3.00 -7.14 16.51
CA SER A 102 -2.00 -7.88 15.66
C SER A 102 -2.67 -8.40 14.38
N ASP A 103 -3.95 -8.70 14.45
CA ASP A 103 -4.67 -9.21 13.24
C ASP A 103 -4.74 -8.12 12.17
N LEU A 104 -4.37 -8.44 10.96
CA LEU A 104 -4.41 -7.42 9.86
C LEU A 104 -4.96 -8.04 8.57
N TYR A 105 -5.78 -7.31 7.86
CA TYR A 105 -6.36 -7.83 6.59
C TYR A 105 -5.71 -7.14 5.39
N LEU A 106 -5.09 -7.88 4.52
CA LEU A 106 -4.42 -7.27 3.34
C LEU A 106 -5.26 -7.48 2.07
N VAL A 107 -5.34 -6.49 1.22
CA VAL A 107 -6.15 -6.62 -0.03
C VAL A 107 -5.25 -7.15 -1.16
N THR A 108 -5.76 -8.05 -1.96
CA THR A 108 -4.95 -8.62 -3.08
C THR A 108 -5.49 -8.14 -4.43
N ARG A 109 -4.67 -8.20 -5.45
CA ARG A 109 -5.12 -7.74 -6.81
C ARG A 109 -6.33 -8.56 -7.29
N HIS A 110 -6.52 -9.74 -6.74
CA HIS A 110 -7.68 -10.59 -7.17
C HIS A 110 -8.87 -10.38 -6.22
N ALA A 111 -8.96 -9.22 -5.61
CA ALA A 111 -10.11 -8.94 -4.68
C ALA A 111 -10.18 -10.02 -3.58
N ASP A 112 -9.06 -10.45 -3.09
CA ASP A 112 -9.05 -11.48 -2.02
C ASP A 112 -8.28 -10.97 -0.80
N VAL A 113 -8.76 -11.23 0.39
CA VAL A 113 -8.06 -10.75 1.62
C VAL A 113 -7.78 -11.92 2.56
N ILE A 114 -6.62 -11.93 3.17
CA ILE A 114 -6.26 -13.03 4.11
C ILE A 114 -5.87 -12.42 5.47
N PRO A 115 -6.11 -13.17 6.52
CA PRO A 115 -5.75 -12.63 7.86
C PRO A 115 -4.25 -12.80 8.12
N VAL A 116 -3.60 -11.78 8.60
CA VAL A 116 -2.14 -11.86 8.88
C VAL A 116 -1.86 -11.35 10.29
N ARG A 117 -1.13 -12.10 11.07
CA ARG A 117 -0.82 -11.67 12.47
C ARG A 117 0.41 -10.76 12.48
N ARG A 118 0.47 -9.84 13.41
CA ARG A 118 1.64 -8.91 13.47
C ARG A 118 2.73 -9.49 14.39
N ARG A 119 3.91 -9.72 13.85
CA ARG A 119 5.02 -10.27 14.67
C ARG A 119 6.11 -9.20 14.89
N GLY A 120 5.77 -7.94 14.72
CA GLY A 120 6.78 -6.86 14.93
C GLY A 120 6.21 -5.55 14.42
N ASP A 121 7.01 -4.51 14.41
CA ASP A 121 6.51 -3.18 13.93
C ASP A 121 6.19 -3.25 12.43
N SER A 122 7.01 -3.92 11.67
CA SER A 122 6.75 -4.04 10.20
C SER A 122 6.83 -5.50 9.74
N ARG A 123 6.62 -6.43 10.63
CA ARG A 123 6.69 -7.87 10.26
C ARG A 123 5.39 -8.58 10.62
N GLY A 124 4.92 -9.46 9.77
CA GLY A 124 3.65 -10.19 10.05
C GLY A 124 3.81 -11.66 9.63
N SER A 125 2.91 -12.51 10.07
CA SER A 125 3.00 -13.95 9.69
C SER A 125 1.79 -14.35 8.85
N LEU A 126 1.93 -15.37 8.03
CA LEU A 126 0.79 -15.80 7.17
C LEU A 126 0.11 -17.03 7.78
N LEU A 127 -1.15 -16.92 8.10
CA LEU A 127 -1.89 -18.08 8.69
C LEU A 127 -2.05 -19.18 7.65
N SER A 128 -2.31 -18.81 6.42
CA SER A 128 -2.48 -19.83 5.34
C SER A 128 -1.29 -19.77 4.37
N PRO A 129 -0.51 -20.83 4.35
CA PRO A 129 0.66 -20.82 3.43
C PRO A 129 0.20 -20.79 1.97
N ARG A 130 0.56 -19.75 1.26
CA ARG A 130 0.15 -19.65 -0.17
C ARG A 130 1.39 -19.52 -1.08
N PRO A 131 1.21 -19.83 -2.34
CA PRO A 131 2.38 -19.73 -3.27
C PRO A 131 2.82 -18.27 -3.41
N VAL A 132 4.07 -18.06 -3.75
CA VAL A 132 4.59 -16.66 -3.91
C VAL A 132 3.83 -15.95 -5.04
N SER A 133 3.54 -16.64 -6.11
CA SER A 133 2.80 -16.01 -7.25
C SER A 133 1.47 -15.41 -6.77
N TYR A 134 0.84 -16.04 -5.80
CA TYR A 134 -0.46 -15.51 -5.29
C TYR A 134 -0.27 -14.09 -4.74
N LEU A 135 0.82 -13.85 -4.06
CA LEU A 135 1.08 -12.50 -3.48
C LEU A 135 1.71 -11.57 -4.52
N LYS A 136 2.34 -12.12 -5.54
CA LYS A 136 2.98 -11.27 -6.58
C LYS A 136 1.93 -10.36 -7.24
N GLY A 137 2.28 -9.13 -7.50
CA GLY A 137 1.31 -8.19 -8.13
C GLY A 137 0.34 -7.64 -7.07
N SER A 138 0.60 -7.89 -5.81
CA SER A 138 -0.32 -7.37 -4.74
C SER A 138 0.41 -6.37 -3.84
N SER A 139 1.59 -5.93 -4.22
CA SER A 139 2.32 -4.94 -3.38
C SER A 139 1.55 -3.63 -3.34
N GLY A 140 1.67 -2.89 -2.27
CA GLY A 140 0.94 -1.58 -2.17
C GLY A 140 -0.38 -1.81 -1.41
N GLY A 141 -0.88 -3.02 -1.37
CA GLY A 141 -2.15 -3.29 -0.64
C GLY A 141 -2.05 -2.80 0.81
N PRO A 142 -3.16 -2.37 1.36
CA PRO A 142 -3.12 -1.87 2.75
C PRO A 142 -3.57 -2.93 3.74
N LEU A 143 -3.01 -2.92 4.92
CA LEU A 143 -3.41 -3.91 5.96
C LEU A 143 -4.35 -3.23 6.95
N LEU A 144 -5.61 -3.56 6.92
CA LEU A 144 -6.59 -2.90 7.83
C LEU A 144 -6.90 -3.79 9.04
N CYS A 145 -6.80 -3.24 10.22
CA CYS A 145 -7.10 -4.02 11.47
C CYS A 145 -8.61 -4.31 11.52
N PRO A 146 -8.99 -5.33 12.27
CA PRO A 146 -10.45 -5.69 12.33
C PRO A 146 -11.32 -4.48 12.69
N SER A 147 -10.77 -3.49 13.37
CA SER A 147 -11.59 -2.29 13.73
C SER A 147 -12.06 -1.57 12.47
N GLY A 148 -11.20 -1.48 11.48
CA GLY A 148 -11.60 -0.80 10.20
C GLY A 148 -10.68 0.39 9.94
N HIS A 149 -9.42 0.26 10.25
CA HIS A 149 -8.46 1.39 10.02
C HIS A 149 -7.18 0.88 9.34
N ALA A 150 -6.61 1.64 8.45
CA ALA A 150 -5.37 1.20 7.75
C ALA A 150 -4.22 1.08 8.76
N VAL A 151 -3.38 0.10 8.59
CA VAL A 151 -2.22 -0.09 9.53
C VAL A 151 -0.90 0.11 8.78
N GLY A 152 -0.82 -0.35 7.56
CA GLY A 152 0.43 -0.20 6.77
C GLY A 152 0.23 -0.73 5.35
N ILE A 153 1.29 -0.90 4.60
CA ILE A 153 1.16 -1.41 3.20
C ILE A 153 2.13 -2.57 2.96
N PHE A 154 1.69 -3.58 2.27
CA PHE A 154 2.58 -4.76 1.99
C PHE A 154 3.79 -4.32 1.13
N ARG A 155 4.94 -4.85 1.43
CA ARG A 155 6.16 -4.46 0.64
C ARG A 155 6.78 -5.71 -0.02
N ALA A 156 7.03 -6.74 0.75
CA ALA A 156 7.63 -7.98 0.17
C ALA A 156 7.18 -9.21 0.97
N ALA A 157 7.25 -10.37 0.39
CA ALA A 157 6.82 -11.61 1.10
C ALA A 157 8.02 -12.52 1.34
N VAL A 158 7.97 -13.32 2.38
CA VAL A 158 9.12 -14.24 2.67
C VAL A 158 8.69 -15.69 2.40
N CYS A 159 9.35 -16.35 1.50
CA CYS A 159 8.99 -17.77 1.19
C CYS A 159 10.24 -18.65 1.20
N THR A 160 10.11 -19.88 1.64
CA THR A 160 11.30 -20.79 1.68
C THR A 160 11.71 -21.19 0.25
N ARG A 161 10.75 -21.62 -0.53
CA ARG A 161 11.06 -22.03 -1.94
C ARG A 161 9.76 -22.10 -2.75
N GLY A 162 9.00 -21.04 -2.75
CA GLY A 162 7.72 -21.04 -3.51
C GLY A 162 6.54 -20.89 -2.55
N VAL A 163 6.75 -21.14 -1.27
CA VAL A 163 5.63 -21.02 -0.29
C VAL A 163 5.93 -19.87 0.69
N ALA A 164 5.02 -18.93 0.80
CA ALA A 164 5.25 -17.78 1.73
C ALA A 164 4.59 -18.05 3.09
N LYS A 165 5.37 -18.00 4.15
CA LYS A 165 4.80 -18.24 5.51
C LYS A 165 4.69 -16.92 6.28
N ALA A 166 5.44 -15.92 5.88
CA ALA A 166 5.38 -14.60 6.58
C ALA A 166 5.57 -13.46 5.56
N VAL A 167 5.14 -12.28 5.91
CA VAL A 167 5.29 -11.11 4.97
C VAL A 167 5.88 -9.90 5.70
N ASP A 168 5.99 -8.79 5.02
CA ASP A 168 6.56 -7.56 5.65
C ASP A 168 5.81 -6.33 5.14
N PHE A 169 5.39 -5.46 6.03
CA PHE A 169 4.64 -4.24 5.59
C PHE A 169 5.20 -2.99 6.26
N VAL A 170 5.02 -1.84 5.66
CA VAL A 170 5.51 -0.57 6.26
C VAL A 170 4.39 0.06 7.11
N PRO A 171 4.69 0.30 8.37
CA PRO A 171 3.63 0.90 9.24
C PRO A 171 3.33 2.34 8.80
N VAL A 172 2.11 2.79 9.02
CA VAL A 172 1.73 4.18 8.63
C VAL A 172 2.62 5.20 9.37
N GLU A 173 3.17 4.83 10.50
CA GLU A 173 4.04 5.78 11.27
C GLU A 173 5.22 6.22 10.41
N SER A 174 5.79 5.33 9.64
CA SER A 174 6.95 5.71 8.78
C SER A 174 6.54 6.81 7.79
N MET A 175 5.36 6.72 7.25
CA MET A 175 4.89 7.75 6.28
C MET A 175 4.88 9.14 6.94
N GLU A 176 4.45 9.21 8.17
CA GLU A 176 4.40 10.53 8.88
C GLU A 176 5.81 11.15 8.95
N THR A 177 6.80 10.34 9.21
CA THR A 177 8.20 10.86 9.30
C THR A 177 8.61 11.51 7.97
N THR A 178 8.25 10.90 6.87
CA THR A 178 8.61 11.47 5.53
C THR A 178 7.82 12.75 5.28
N MET A 179 6.57 12.76 5.63
CA MET A 179 5.74 13.98 5.40
C MET A 179 6.19 15.11 6.33
N ARG A 180 6.52 14.80 7.55
CA ARG A 180 6.96 15.85 8.52
C ARG A 180 8.24 16.53 8.00
N ALA A 181 9.15 15.76 7.45
CA ALA A 181 10.42 16.35 6.93
C ALA A 181 10.12 17.39 5.84
N SER A 182 9.33 17.02 4.85
CA SER A 182 8.98 17.98 3.75
C SER A 182 10.25 18.62 3.17
N LYS A 183 11.30 17.87 3.01
CA LYS A 183 12.56 18.43 2.45
C LYS A 183 13.09 17.53 1.34
N LYS A 184 13.72 18.10 0.34
CA LYS A 184 14.27 17.29 -0.78
C LYS A 184 15.77 17.07 -0.60
N LYS A 185 16.23 17.03 0.62
CA LYS A 185 17.69 16.82 0.88
C LYS A 185 18.14 15.47 0.30
N LYS A 186 17.32 14.46 0.44
CA LYS A 186 17.68 13.11 -0.09
C LYS A 186 16.43 12.35 -0.52
N GLU B 2 11.06 -11.36 -0.45
CA GLU B 2 11.01 -11.20 -1.93
C GLU B 2 10.07 -10.04 -2.29
N LEU B 3 10.52 -9.14 -3.13
CA LEU B 3 9.67 -7.99 -3.53
C LEU B 3 8.55 -8.46 -4.46
N THR A 22 -21.86 17.63 -7.87
CA THR A 22 -22.14 17.73 -9.33
C THR A 22 -20.84 17.93 -10.11
N GLY A 23 -20.53 17.02 -11.00
CA GLY A 23 -19.28 17.15 -11.81
C GLY A 23 -18.20 16.24 -11.21
N ARG A 24 -18.28 15.95 -9.94
CA ARG A 24 -17.25 15.08 -9.30
C ARG A 24 -17.92 14.02 -8.43
N ASP A 25 -17.46 12.79 -8.50
CA ASP A 25 -18.06 11.69 -7.68
C ASP A 25 -19.59 11.62 -7.89
N LYS A 26 -20.03 11.70 -9.11
CA LYS A 26 -21.50 11.65 -9.38
C LYS A 26 -22.09 10.33 -8.90
N ASN A 27 -21.39 9.25 -9.11
CA ASN A 27 -21.90 7.92 -8.67
C ASN A 27 -20.77 7.06 -8.08
N GLN A 28 -19.72 7.68 -7.59
CA GLN A 28 -18.59 6.90 -7.01
C GLN A 28 -18.77 6.73 -5.51
N VAL A 29 -18.88 5.51 -5.05
CA VAL A 29 -19.07 5.26 -3.58
C VAL A 29 -17.78 5.60 -2.82
N GLU A 30 -16.66 5.09 -3.28
CA GLU A 30 -15.37 5.38 -2.58
C GLU A 30 -14.19 5.11 -3.51
N GLY A 31 -13.04 5.68 -3.21
CA GLY A 31 -11.84 5.47 -4.06
C GLY A 31 -10.59 5.34 -3.19
N GLU A 32 -10.75 4.84 -1.99
CA GLU A 32 -9.57 4.69 -1.07
C GLU A 32 -8.53 3.76 -1.70
N VAL A 33 -8.96 2.73 -2.38
CA VAL A 33 -7.99 1.79 -3.02
C VAL A 33 -8.15 1.83 -4.54
N GLN A 34 -7.08 2.02 -5.27
CA GLN A 34 -7.17 2.07 -6.75
C GLN A 34 -6.15 1.14 -7.40
N VAL A 35 -6.43 0.69 -8.59
CA VAL A 35 -5.48 -0.23 -9.29
C VAL A 35 -4.51 0.60 -10.15
N VAL A 36 -3.23 0.38 -9.99
CA VAL A 36 -2.24 1.16 -10.79
C VAL A 36 -1.29 0.21 -11.53
N SER A 37 -0.65 0.70 -12.56
CA SER A 37 0.28 -0.17 -13.35
C SER A 37 1.56 0.58 -13.70
N THR A 38 2.59 -0.15 -14.07
CA THR A 38 3.88 0.51 -14.44
C THR A 38 4.42 -0.13 -15.73
N ALA A 39 5.43 0.46 -16.31
CA ALA A 39 6.01 -0.10 -17.58
C ALA A 39 6.69 -1.46 -17.33
N THR A 40 6.91 -1.83 -16.09
CA THR A 40 7.58 -3.15 -15.81
C THR A 40 6.67 -4.09 -15.01
N GLN A 41 5.80 -3.56 -14.18
CA GLN A 41 4.91 -4.46 -13.38
C GLN A 41 3.68 -3.69 -12.88
N SER A 42 2.71 -4.38 -12.34
CA SER A 42 1.47 -3.71 -11.84
C SER A 42 1.23 -4.05 -10.36
N PHE A 43 0.54 -3.19 -9.66
CA PHE A 43 0.26 -3.44 -8.21
C PHE A 43 -0.84 -2.50 -7.71
N LEU A 44 -1.16 -2.55 -6.44
CA LEU A 44 -2.25 -1.68 -5.90
C LEU A 44 -1.67 -0.65 -4.93
N ALA A 45 -2.33 0.48 -4.78
CA ALA A 45 -1.84 1.53 -3.86
C ALA A 45 -2.95 1.96 -2.89
N THR A 46 -2.59 2.57 -1.80
CA THR A 46 -3.61 3.02 -0.79
C THR A 46 -3.54 4.53 -0.62
N CYS A 47 -4.67 5.20 -0.70
CA CYS A 47 -4.69 6.69 -0.54
C CYS A 47 -4.88 7.06 0.94
N VAL A 48 -3.83 7.48 1.59
CA VAL A 48 -3.94 7.87 3.03
C VAL A 48 -3.74 9.38 3.16
N ASN A 49 -4.60 10.04 3.90
CA ASN A 49 -4.48 11.52 4.08
C ASN A 49 -4.49 12.25 2.72
N GLY A 50 -5.30 11.77 1.80
CA GLY A 50 -5.37 12.43 0.46
C GLY A 50 -4.09 12.20 -0.35
N VAL A 51 -3.32 11.19 0.00
CA VAL A 51 -2.06 10.92 -0.75
C VAL A 51 -1.96 9.43 -1.09
N CYS A 52 -1.70 9.10 -2.34
CA CYS A 52 -1.58 7.67 -2.73
C CYS A 52 -0.28 7.09 -2.17
N TRP A 53 -0.29 5.83 -1.81
CA TRP A 53 0.95 5.23 -1.24
C TRP A 53 1.31 3.92 -1.95
N THR A 54 2.57 3.60 -1.99
CA THR A 54 3.02 2.34 -2.66
C THR A 54 4.49 2.09 -2.34
N VAL A 55 5.06 1.04 -2.86
CA VAL A 55 6.51 0.76 -2.58
C VAL A 55 7.38 1.32 -3.71
N TYR A 56 8.63 1.59 -3.42
CA TYR A 56 9.53 2.17 -4.47
C TYR A 56 9.87 1.15 -5.57
N HIS A 57 10.14 -0.08 -5.20
CA HIS A 57 10.48 -1.10 -6.25
C HIS A 57 9.28 -1.35 -7.18
N GLY A 58 8.08 -1.03 -6.73
CA GLY A 58 6.89 -1.24 -7.59
C GLY A 58 6.69 0.01 -8.47
N ALA A 59 6.76 1.18 -7.86
CA ALA A 59 6.60 2.44 -8.65
C ALA A 59 7.79 3.36 -8.41
N GLY A 60 8.81 3.25 -9.23
CA GLY A 60 10.00 4.13 -9.05
C GLY A 60 9.61 5.58 -9.29
N SER A 61 10.55 6.47 -9.37
CA SER A 61 10.21 7.91 -9.60
C SER A 61 9.73 8.10 -11.05
N LYS A 62 8.59 7.54 -11.38
CA LYS A 62 8.07 7.68 -12.76
C LYS A 62 6.55 7.87 -12.75
N THR A 63 5.99 8.26 -13.87
CA THR A 63 4.51 8.48 -13.93
C THR A 63 3.78 7.15 -13.74
N LEU A 64 2.70 7.15 -13.00
CA LEU A 64 1.94 5.90 -12.76
C LEU A 64 0.62 5.92 -13.54
N ALA A 65 0.31 4.86 -14.22
CA ALA A 65 -0.96 4.82 -15.01
C ALA A 65 -2.10 4.22 -14.16
N GLY A 66 -3.12 4.99 -13.91
CA GLY A 66 -4.27 4.50 -13.09
C GLY A 66 -5.53 4.45 -13.96
N PRO A 67 -6.64 4.09 -13.37
CA PRO A 67 -7.89 4.03 -14.16
C PRO A 67 -8.27 5.42 -14.68
N LYS A 68 -7.96 6.45 -13.92
CA LYS A 68 -8.30 7.83 -14.36
C LYS A 68 -7.34 8.29 -15.46
N GLY A 69 -6.12 7.81 -15.42
CA GLY A 69 -5.12 8.21 -16.45
C GLY A 69 -3.74 8.32 -15.81
N PRO A 70 -2.99 9.32 -16.21
CA PRO A 70 -1.63 9.48 -15.61
C PRO A 70 -1.74 10.01 -14.18
N ILE A 71 -0.74 9.77 -13.37
CA ILE A 71 -0.77 10.26 -11.96
C ILE A 71 0.49 11.06 -11.64
N THR A 72 0.35 12.15 -10.91
CA THR A 72 1.54 12.99 -10.57
C THR A 72 2.20 12.50 -9.27
N GLN A 73 3.49 12.69 -9.15
CA GLN A 73 4.21 12.24 -7.92
C GLN A 73 4.36 13.39 -6.92
N MET A 74 4.19 13.12 -5.65
CA MET A 74 4.32 14.20 -4.63
C MET A 74 5.45 13.89 -3.64
N TYR A 75 5.67 12.63 -3.36
CA TYR A 75 6.75 12.25 -2.38
C TYR A 75 7.62 11.11 -2.95
N THR A 76 8.87 11.09 -2.57
CA THR A 76 9.78 10.01 -3.06
C THR A 76 10.76 9.60 -1.95
N ASN A 77 10.99 8.32 -1.79
CA ASN A 77 11.94 7.86 -0.73
C ASN A 77 12.62 6.56 -1.17
N VAL A 78 13.78 6.66 -1.75
CA VAL A 78 14.51 5.43 -2.20
C VAL A 78 15.02 4.65 -0.99
N ASP A 79 15.56 5.32 -0.01
CA ASP A 79 16.09 4.63 1.20
C ASP A 79 14.96 3.85 1.90
N GLN A 80 13.82 4.47 2.07
CA GLN A 80 12.68 3.78 2.74
C GLN A 80 11.88 2.94 1.73
N ASP A 81 12.27 2.94 0.47
CA ASP A 81 11.53 2.14 -0.56
C ASP A 81 10.04 2.50 -0.55
N LEU A 82 9.72 3.77 -0.51
CA LEU A 82 8.28 4.20 -0.49
C LEU A 82 8.08 5.47 -1.31
N VAL A 83 6.94 5.60 -1.94
CA VAL A 83 6.64 6.82 -2.75
C VAL A 83 5.14 7.10 -2.74
N GLY A 84 4.75 8.32 -3.04
CA GLY A 84 3.30 8.67 -3.03
C GLY A 84 2.97 9.60 -4.19
N TRP A 85 1.75 9.59 -4.65
CA TRP A 85 1.33 10.47 -5.77
C TRP A 85 0.30 11.48 -5.28
N GLN A 86 0.01 12.49 -6.06
CA GLN A 86 -1.00 13.50 -5.63
C GLN A 86 -2.41 12.93 -5.83
N ALA A 87 -3.10 12.63 -4.75
CA ALA A 87 -4.47 12.05 -4.88
C ALA A 87 -5.45 13.11 -5.41
N PRO A 88 -6.20 12.75 -6.43
CA PRO A 88 -7.16 13.73 -6.99
C PRO A 88 -8.32 13.97 -6.00
N PRO A 89 -9.00 15.08 -6.17
CA PRO A 89 -10.13 15.37 -5.25
C PRO A 89 -11.29 14.42 -5.51
N GLY A 90 -12.18 14.26 -4.57
CA GLY A 90 -13.35 13.34 -4.76
C GLY A 90 -12.93 11.92 -4.40
N ALA A 91 -11.99 11.76 -3.52
CA ALA A 91 -11.53 10.39 -3.11
C ALA A 91 -11.59 10.24 -1.60
N ARG A 92 -11.83 9.04 -1.12
CA ARG A 92 -11.90 8.82 0.36
C ARG A 92 -10.58 8.24 0.88
N SER A 93 -9.93 8.94 1.78
CA SER A 93 -8.64 8.44 2.33
C SER A 93 -8.90 7.41 3.42
N LEU A 94 -7.87 6.73 3.87
CA LEU A 94 -8.06 5.70 4.94
C LEU A 94 -7.44 6.17 6.26
N THR A 95 -8.17 6.06 7.34
CA THR A 95 -7.64 6.50 8.67
C THR A 95 -6.58 5.51 9.16
N PRO A 96 -5.75 5.95 10.08
CA PRO A 96 -4.70 5.04 10.60
C PRO A 96 -5.29 4.07 11.63
N CYS A 97 -4.57 3.02 11.94
CA CYS A 97 -5.07 2.03 12.94
C CYS A 97 -4.83 2.54 14.37
N THR A 98 -5.86 2.52 15.19
CA THR A 98 -5.71 2.99 16.60
C THR A 98 -6.35 1.97 17.54
N CYS A 99 -5.92 0.73 17.47
CA CYS A 99 -6.52 -0.32 18.36
C CYS A 99 -5.48 -1.36 18.82
N GLY A 100 -4.27 -1.32 18.29
CA GLY A 100 -3.25 -2.32 18.72
C GLY A 100 -3.72 -3.73 18.37
N SER A 101 -4.41 -3.88 17.27
CA SER A 101 -4.91 -5.23 16.86
C SER A 101 -3.83 -5.99 16.09
N SER A 102 -3.33 -7.06 16.67
CA SER A 102 -2.28 -7.86 15.99
C SER A 102 -2.80 -8.40 14.65
N ASP A 103 -4.04 -8.84 14.62
CA ASP A 103 -4.62 -9.38 13.35
C ASP A 103 -4.71 -8.28 12.29
N LEU A 104 -4.38 -8.60 11.07
CA LEU A 104 -4.44 -7.58 9.97
C LEU A 104 -5.09 -8.18 8.72
N TYR A 105 -5.75 -7.37 7.94
CA TYR A 105 -6.41 -7.88 6.70
C TYR A 105 -5.79 -7.21 5.47
N LEU A 106 -5.12 -7.96 4.63
CA LEU A 106 -4.48 -7.37 3.42
C LEU A 106 -5.40 -7.55 2.20
N VAL A 107 -5.39 -6.59 1.31
CA VAL A 107 -6.25 -6.70 0.08
C VAL A 107 -5.38 -6.92 -1.15
N THR A 108 -5.68 -7.93 -1.94
CA THR A 108 -4.86 -8.21 -3.16
C THR A 108 -5.62 -7.76 -4.42
N ARG A 109 -5.04 -7.97 -5.58
CA ARG A 109 -5.70 -7.56 -6.85
C ARG A 109 -6.93 -8.45 -7.13
N HIS A 110 -6.98 -9.62 -6.55
CA HIS A 110 -8.14 -10.54 -6.79
C HIS A 110 -9.24 -10.31 -5.74
N ALA A 111 -9.25 -9.16 -5.09
CA ALA A 111 -10.30 -8.88 -4.06
C ALA A 111 -10.32 -9.98 -2.99
N ASP A 112 -9.18 -10.47 -2.60
CA ASP A 112 -9.12 -11.54 -1.57
C ASP A 112 -8.63 -10.96 -0.24
N VAL A 113 -8.75 -11.71 0.82
CA VAL A 113 -8.29 -11.22 2.16
C VAL A 113 -7.40 -12.26 2.83
N ILE A 114 -6.25 -11.83 3.30
CA ILE A 114 -5.30 -12.78 3.97
C ILE A 114 -5.06 -12.34 5.41
N PRO A 115 -5.59 -13.09 6.36
CA PRO A 115 -5.39 -12.70 7.78
C PRO A 115 -3.91 -12.81 8.15
N VAL A 116 -3.26 -11.69 8.35
CA VAL A 116 -1.81 -11.71 8.72
C VAL A 116 -1.63 -11.25 10.17
N ARG A 117 -1.00 -12.07 10.98
CA ARG A 117 -0.79 -11.69 12.40
C ARG A 117 0.40 -10.73 12.53
N ARG A 118 0.43 -9.92 13.56
CA ARG A 118 1.55 -8.95 13.74
C ARG A 118 2.59 -9.53 14.71
N ARG A 119 3.80 -9.70 14.25
CA ARG A 119 4.87 -10.24 15.14
C ARG A 119 6.05 -9.27 15.21
N GLY A 120 5.81 -8.00 14.93
CA GLY A 120 6.91 -6.99 14.98
C GLY A 120 6.37 -5.65 14.48
N ASP A 121 7.23 -4.66 14.41
CA ASP A 121 6.77 -3.30 13.95
C ASP A 121 6.43 -3.34 12.46
N SER A 122 7.21 -4.04 11.67
CA SER A 122 6.94 -4.09 10.20
C SER A 122 6.97 -5.55 9.70
N ARG A 123 6.63 -6.48 10.55
CA ARG A 123 6.65 -7.92 10.13
C ARG A 123 5.43 -8.66 10.68
N GLY A 124 5.12 -9.79 10.12
CA GLY A 124 3.94 -10.57 10.60
C GLY A 124 4.05 -12.02 10.10
N SER A 125 3.09 -12.85 10.42
CA SER A 125 3.15 -14.27 9.98
C SER A 125 1.91 -14.61 9.13
N LEU A 126 2.07 -15.51 8.19
CA LEU A 126 0.91 -15.88 7.31
C LEU A 126 0.19 -17.10 7.90
N LEU A 127 -1.07 -16.95 8.24
CA LEU A 127 -1.83 -18.10 8.80
C LEU A 127 -1.97 -19.21 7.76
N SER A 128 -2.20 -18.85 6.52
CA SER A 128 -2.34 -19.87 5.44
C SER A 128 -1.13 -19.79 4.49
N PRO A 129 -0.41 -20.89 4.38
CA PRO A 129 0.76 -20.87 3.47
C PRO A 129 0.30 -20.75 2.02
N ARG A 130 0.68 -19.69 1.35
CA ARG A 130 0.26 -19.50 -0.08
C ARG A 130 1.49 -19.39 -0.98
N PRO A 131 1.29 -19.64 -2.26
CA PRO A 131 2.46 -19.56 -3.19
C PRO A 131 2.90 -18.10 -3.35
N VAL A 132 4.12 -17.89 -3.78
CA VAL A 132 4.63 -16.50 -3.97
C VAL A 132 3.84 -15.80 -5.07
N SER A 133 3.41 -16.53 -6.06
CA SER A 133 2.62 -15.91 -7.18
C SER A 133 1.34 -15.26 -6.64
N TYR A 134 0.72 -15.88 -5.68
CA TYR A 134 -0.54 -15.31 -5.10
C TYR A 134 -0.26 -13.91 -4.50
N LEU A 135 0.86 -13.75 -3.85
CA LEU A 135 1.19 -12.43 -3.24
C LEU A 135 1.82 -11.50 -4.29
N LYS A 136 2.41 -12.05 -5.33
CA LYS A 136 3.04 -11.19 -6.38
C LYS A 136 1.98 -10.27 -7.01
N GLY A 137 2.34 -9.04 -7.27
CA GLY A 137 1.36 -8.07 -7.88
C GLY A 137 0.43 -7.51 -6.79
N SER A 138 0.65 -7.86 -5.54
CA SER A 138 -0.22 -7.33 -4.45
C SER A 138 0.53 -6.32 -3.58
N SER A 139 1.79 -6.06 -3.87
CA SER A 139 2.56 -5.07 -3.05
C SER A 139 1.89 -3.70 -3.11
N GLY A 140 1.87 -2.99 -2.01
CA GLY A 140 1.20 -1.65 -2.00
C GLY A 140 -0.19 -1.77 -1.38
N GLY A 141 -0.76 -2.97 -1.34
CA GLY A 141 -2.11 -3.15 -0.75
C GLY A 141 -2.08 -2.71 0.72
N PRO A 142 -3.18 -2.18 1.18
CA PRO A 142 -3.20 -1.71 2.59
C PRO A 142 -3.71 -2.80 3.53
N LEU A 143 -3.17 -2.87 4.71
CA LEU A 143 -3.62 -3.89 5.71
C LEU A 143 -4.55 -3.21 6.72
N LEU A 144 -5.82 -3.55 6.69
CA LEU A 144 -6.79 -2.89 7.63
C LEU A 144 -7.08 -3.78 8.83
N CYS A 145 -7.01 -3.22 10.02
CA CYS A 145 -7.31 -4.03 11.24
C CYS A 145 -8.81 -4.33 11.29
N PRO A 146 -9.19 -5.34 12.05
CA PRO A 146 -10.64 -5.70 12.11
C PRO A 146 -11.53 -4.50 12.42
N SER A 147 -10.99 -3.47 13.04
CA SER A 147 -11.82 -2.27 13.36
C SER A 147 -12.25 -1.57 12.06
N GLY A 148 -11.35 -1.48 11.10
CA GLY A 148 -11.70 -0.83 9.81
C GLY A 148 -10.77 0.37 9.55
N HIS A 149 -9.53 0.26 9.93
CA HIS A 149 -8.56 1.39 9.71
C HIS A 149 -7.26 0.87 9.08
N ALA A 150 -6.62 1.67 8.27
CA ALA A 150 -5.34 1.23 7.63
C ALA A 150 -4.28 0.98 8.69
N VAL A 151 -3.45 -0.02 8.49
CA VAL A 151 -2.37 -0.34 9.48
C VAL A 151 -1.00 -0.17 8.84
N GLY A 152 -0.85 -0.62 7.61
CA GLY A 152 0.47 -0.50 6.93
C GLY A 152 0.32 -0.94 5.47
N ILE A 153 1.42 -0.98 4.74
CA ILE A 153 1.36 -1.40 3.30
C ILE A 153 2.28 -2.60 3.06
N PHE A 154 1.77 -3.62 2.42
CA PHE A 154 2.61 -4.83 2.13
C PHE A 154 3.81 -4.43 1.26
N ARG A 155 4.99 -4.89 1.59
CA ARG A 155 6.20 -4.54 0.79
C ARG A 155 6.76 -5.79 0.09
N ALA A 156 6.98 -6.84 0.83
CA ALA A 156 7.53 -8.09 0.21
C ALA A 156 7.14 -9.32 1.04
N ALA A 157 7.18 -10.48 0.44
CA ALA A 157 6.83 -11.73 1.18
C ALA A 157 8.06 -12.60 1.38
N VAL A 158 8.06 -13.41 2.41
CA VAL A 158 9.23 -14.29 2.67
C VAL A 158 8.85 -15.75 2.40
N CYS A 159 9.52 -16.38 1.47
CA CYS A 159 9.20 -17.80 1.15
C CYS A 159 10.49 -18.63 1.05
N THR A 160 10.42 -19.90 1.39
CA THR A 160 11.64 -20.76 1.32
C THR A 160 11.88 -21.26 -0.10
N ARG A 161 10.84 -21.67 -0.77
CA ARG A 161 10.99 -22.18 -2.17
C ARG A 161 9.65 -22.13 -2.89
N GLY A 162 9.07 -20.96 -3.02
CA GLY A 162 7.76 -20.84 -3.71
C GLY A 162 6.62 -20.77 -2.69
N VAL A 163 6.91 -21.03 -1.42
CA VAL A 163 5.82 -20.98 -0.38
C VAL A 163 6.13 -19.87 0.62
N ALA A 164 5.23 -18.93 0.77
CA ALA A 164 5.46 -17.81 1.73
C ALA A 164 4.79 -18.10 3.08
N LYS A 165 5.55 -18.04 4.15
CA LYS A 165 4.96 -18.29 5.50
C LYS A 165 4.84 -16.98 6.28
N ALA A 166 5.65 -16.00 5.96
CA ALA A 166 5.59 -14.70 6.68
C ALA A 166 5.79 -13.55 5.70
N VAL A 167 5.27 -12.38 6.01
CA VAL A 167 5.43 -11.21 5.10
C VAL A 167 6.03 -10.01 5.83
N ASP A 168 6.06 -8.87 5.19
CA ASP A 168 6.62 -7.65 5.82
C ASP A 168 5.86 -6.41 5.34
N PHE A 169 5.49 -5.52 6.21
CA PHE A 169 4.73 -4.31 5.79
C PHE A 169 5.25 -3.06 6.51
N VAL A 170 5.00 -1.90 5.94
CA VAL A 170 5.45 -0.63 6.59
C VAL A 170 4.29 -0.01 7.37
N PRO A 171 4.48 0.16 8.66
CA PRO A 171 3.39 0.75 9.48
C PRO A 171 3.05 2.16 9.00
N VAL A 172 1.88 2.65 9.32
CA VAL A 172 1.47 4.01 8.88
C VAL A 172 2.28 5.09 9.61
N GLU A 173 2.76 4.81 10.79
CA GLU A 173 3.55 5.83 11.55
C GLU A 173 4.79 6.27 10.74
N SER A 174 5.43 5.35 10.06
CA SER A 174 6.63 5.72 9.25
C SER A 174 6.23 6.60 8.08
N MET A 175 5.11 6.32 7.47
CA MET A 175 4.64 7.13 6.30
C MET A 175 4.45 8.59 6.71
N GLU A 176 3.92 8.82 7.88
CA GLU A 176 3.71 10.24 8.35
C GLU A 176 5.05 10.95 8.51
N THR A 177 6.03 10.26 9.03
CA THR A 177 7.38 10.89 9.23
C THR A 177 8.03 11.19 7.88
N THR A 178 7.71 10.41 6.87
CA THR A 178 8.32 10.63 5.51
C THR A 178 7.97 12.04 5.01
N MET A 179 6.75 12.47 5.23
CA MET A 179 6.34 13.84 4.76
C MET A 179 7.20 14.90 5.43
N ARG A 180 7.45 14.76 6.70
CA ARG A 180 8.29 15.77 7.43
C ARG A 180 9.75 15.68 6.96
N ALA A 181 10.23 14.48 6.76
CA ALA A 181 11.65 14.30 6.31
C ALA A 181 11.78 14.51 4.79
N SER A 182 10.67 14.54 4.08
CA SER A 182 10.74 14.72 2.59
C SER A 182 11.41 16.05 2.25
N LYS A 183 10.97 17.12 2.87
CA LYS A 183 11.57 18.48 2.59
C LYS A 183 11.65 18.75 1.08
N LYS A 184 10.52 18.98 0.46
CA LYS A 184 10.51 19.25 -1.01
C LYS A 184 11.35 20.49 -1.33
N LYS A 185 12.15 20.43 -2.36
CA LYS A 185 12.99 21.61 -2.73
C LYS A 185 12.83 21.93 -4.22
N LYS A 186 11.69 21.60 -4.79
CA LYS A 186 11.47 21.88 -6.24
C LYS A 186 10.38 22.95 -6.40
N GLU B 2 11.18 -11.50 -0.79
CA GLU B 2 11.02 -11.21 -2.25
C GLU B 2 10.08 -10.03 -2.46
N LEU B 3 10.39 -9.17 -3.39
CA LEU B 3 9.52 -7.98 -3.65
C LEU B 3 8.36 -8.35 -4.57
N THR A 22 -12.62 17.81 -14.82
CA THR A 22 -12.10 16.69 -14.00
C THR A 22 -13.18 16.17 -13.05
N GLY A 23 -13.40 14.88 -13.03
CA GLY A 23 -14.44 14.30 -12.13
C GLY A 23 -14.85 12.93 -12.63
N ARG A 24 -13.90 12.11 -13.01
CA ARG A 24 -14.22 10.74 -13.51
C ARG A 24 -14.02 9.71 -12.41
N ASP A 25 -15.06 8.99 -12.05
CA ASP A 25 -14.94 7.96 -10.99
C ASP A 25 -15.48 6.61 -11.48
N LYS A 26 -15.45 6.38 -12.77
CA LYS A 26 -15.96 5.08 -13.33
C LYS A 26 -17.43 4.88 -12.92
N ASN A 27 -17.90 3.66 -12.98
CA ASN A 27 -19.32 3.37 -12.59
C ASN A 27 -19.52 3.56 -11.09
N GLN A 28 -18.57 3.14 -10.30
CA GLN A 28 -18.71 3.27 -8.81
C GLN A 28 -18.45 4.72 -8.40
N VAL A 29 -18.92 5.12 -7.24
CA VAL A 29 -18.71 6.52 -6.77
C VAL A 29 -17.74 6.55 -5.58
N GLU A 30 -17.08 5.46 -5.28
CA GLU A 30 -16.12 5.44 -4.14
C GLU A 30 -15.02 4.40 -4.38
N GLY A 31 -13.91 4.53 -3.71
CA GLY A 31 -12.79 3.54 -3.91
C GLY A 31 -11.51 4.08 -3.26
N GLU A 32 -11.31 3.81 -2.00
CA GLU A 32 -10.08 4.30 -1.31
C GLU A 32 -8.83 3.70 -1.97
N VAL A 33 -8.92 2.47 -2.43
CA VAL A 33 -7.75 1.82 -3.08
C VAL A 33 -7.96 1.77 -4.60
N GLN A 34 -7.00 2.24 -5.36
CA GLN A 34 -7.14 2.23 -6.85
C GLN A 34 -6.06 1.34 -7.46
N VAL A 35 -6.34 0.74 -8.59
CA VAL A 35 -5.34 -0.14 -9.26
C VAL A 35 -4.32 0.71 -10.02
N VAL A 36 -3.05 0.48 -9.79
CA VAL A 36 -2.01 1.27 -10.51
C VAL A 36 -1.04 0.33 -11.23
N SER A 37 -0.42 0.81 -12.27
CA SER A 37 0.54 -0.06 -13.03
C SER A 37 1.65 0.79 -13.65
N THR A 38 2.64 0.13 -14.19
CA THR A 38 3.76 0.87 -14.83
C THR A 38 4.20 0.14 -16.11
N ALA A 39 5.27 0.58 -16.72
CA ALA A 39 5.74 -0.10 -17.96
C ALA A 39 6.47 -1.40 -17.64
N THR A 40 6.61 -1.76 -16.37
CA THR A 40 7.32 -3.02 -16.02
C THR A 40 6.41 -4.00 -15.29
N GLN A 41 5.66 -3.54 -14.31
CA GLN A 41 4.77 -4.46 -13.55
C GLN A 41 3.50 -3.74 -13.07
N SER A 42 2.55 -4.48 -12.55
CA SER A 42 1.28 -3.87 -12.05
C SER A 42 1.12 -4.15 -10.55
N PHE A 43 0.54 -3.23 -9.82
CA PHE A 43 0.35 -3.43 -8.35
C PHE A 43 -0.78 -2.54 -7.84
N LEU A 44 -1.02 -2.56 -6.55
CA LEU A 44 -2.14 -1.74 -5.98
C LEU A 44 -1.58 -0.59 -5.14
N ALA A 45 -2.42 0.35 -4.78
CA ALA A 45 -1.96 1.51 -3.96
C ALA A 45 -3.05 1.90 -2.96
N THR A 46 -2.67 2.54 -1.88
CA THR A 46 -3.68 2.95 -0.86
C THR A 46 -3.64 4.47 -0.67
N CYS A 47 -4.78 5.11 -0.74
CA CYS A 47 -4.82 6.59 -0.58
C CYS A 47 -5.04 6.97 0.89
N VAL A 48 -4.01 7.46 1.54
CA VAL A 48 -4.14 7.86 2.97
C VAL A 48 -3.94 9.37 3.10
N ASN A 49 -4.77 10.02 3.88
CA ASN A 49 -4.65 11.50 4.06
C ASN A 49 -4.68 12.23 2.71
N GLY A 50 -5.47 11.75 1.79
CA GLY A 50 -5.57 12.41 0.45
C GLY A 50 -4.27 12.21 -0.36
N VAL A 51 -3.52 11.19 -0.05
CA VAL A 51 -2.25 10.95 -0.80
C VAL A 51 -2.10 9.45 -1.09
N CYS A 52 -1.83 9.09 -2.32
CA CYS A 52 -1.65 7.65 -2.67
C CYS A 52 -0.37 7.12 -2.02
N TRP A 53 -0.34 5.86 -1.65
CA TRP A 53 0.88 5.30 -1.00
C TRP A 53 1.17 3.88 -1.50
N THR A 54 2.43 3.57 -1.66
CA THR A 54 2.82 2.21 -2.14
C THR A 54 4.34 2.04 -1.99
N VAL A 55 4.88 0.91 -2.39
CA VAL A 55 6.34 0.71 -2.26
C VAL A 55 7.07 1.34 -3.46
N TYR A 56 8.34 1.62 -3.31
CA TYR A 56 9.12 2.26 -4.42
C TYR A 56 9.50 1.26 -5.52
N HIS A 57 9.87 0.05 -5.16
CA HIS A 57 10.27 -0.94 -6.20
C HIS A 57 9.11 -1.23 -7.16
N GLY A 58 7.89 -1.03 -6.71
CA GLY A 58 6.72 -1.29 -7.59
C GLY A 58 6.59 -0.17 -8.63
N ALA A 59 6.65 1.06 -8.19
CA ALA A 59 6.55 2.21 -9.14
C ALA A 59 7.85 3.00 -9.18
N GLY A 60 8.31 3.46 -8.04
CA GLY A 60 9.57 4.24 -8.01
C GLY A 60 9.27 5.71 -8.31
N SER A 61 10.29 6.52 -8.47
CA SER A 61 10.07 7.96 -8.77
C SER A 61 9.75 8.15 -10.25
N LYS A 62 8.65 7.62 -10.70
CA LYS A 62 8.27 7.74 -12.15
C LYS A 62 6.76 7.94 -12.28
N THR A 63 6.30 8.28 -13.46
CA THR A 63 4.84 8.50 -13.68
C THR A 63 4.08 7.18 -13.46
N LEU A 64 2.94 7.23 -12.83
CA LEU A 64 2.15 6.00 -12.59
C LEU A 64 0.90 6.00 -13.47
N ALA A 65 0.54 4.85 -14.00
CA ALA A 65 -0.67 4.77 -14.86
C ALA A 65 -1.86 4.24 -14.06
N GLY A 66 -2.84 5.08 -13.82
CA GLY A 66 -4.03 4.64 -13.05
C GLY A 66 -5.27 4.71 -13.94
N PRO A 67 -6.41 4.38 -13.38
CA PRO A 67 -7.66 4.43 -14.20
C PRO A 67 -7.92 5.86 -14.69
N LYS A 68 -7.55 6.83 -13.93
CA LYS A 68 -7.78 8.25 -14.33
C LYS A 68 -6.78 8.65 -15.43
N GLY A 69 -5.61 8.07 -15.40
CA GLY A 69 -4.58 8.40 -16.42
C GLY A 69 -3.21 8.51 -15.75
N PRO A 70 -2.32 9.27 -16.35
CA PRO A 70 -0.97 9.41 -15.74
C PRO A 70 -1.08 10.20 -14.43
N ILE A 71 -0.24 9.89 -13.48
CA ILE A 71 -0.30 10.62 -12.17
C ILE A 71 1.10 11.10 -11.76
N THR A 72 1.18 12.29 -11.21
CA THR A 72 2.51 12.84 -10.78
C THR A 72 2.81 12.45 -9.33
N GLN A 73 4.03 12.09 -9.02
CA GLN A 73 4.39 11.68 -7.63
C GLN A 73 4.67 12.90 -6.75
N MET A 74 4.40 12.77 -5.47
CA MET A 74 4.65 13.90 -4.53
C MET A 74 5.82 13.55 -3.60
N TYR A 75 6.00 12.28 -3.31
CA TYR A 75 7.11 11.87 -2.40
C TYR A 75 7.90 10.72 -3.01
N THR A 76 9.18 10.65 -2.73
CA THR A 76 10.03 9.54 -3.27
C THR A 76 11.14 9.23 -2.28
N ASN A 77 11.27 7.98 -1.89
CA ASN A 77 12.35 7.60 -0.92
C ASN A 77 12.91 6.23 -1.29
N VAL A 78 14.00 6.22 -2.02
CA VAL A 78 14.62 4.92 -2.42
C VAL A 78 15.06 4.14 -1.17
N ASP A 79 15.68 4.80 -0.23
CA ASP A 79 16.12 4.11 1.03
C ASP A 79 14.91 3.52 1.76
N GLN A 80 13.88 4.29 1.95
CA GLN A 80 12.67 3.78 2.63
C GLN A 80 11.80 2.97 1.67
N ASP A 81 12.11 2.98 0.39
CA ASP A 81 11.31 2.20 -0.61
C ASP A 81 9.83 2.63 -0.56
N LEU A 82 9.57 3.91 -0.57
CA LEU A 82 8.15 4.39 -0.52
C LEU A 82 7.94 5.56 -1.50
N VAL A 83 6.74 5.69 -2.02
CA VAL A 83 6.44 6.80 -2.97
C VAL A 83 4.96 7.19 -2.84
N GLY A 84 4.63 8.43 -3.09
CA GLY A 84 3.20 8.87 -2.97
C GLY A 84 2.80 9.70 -4.19
N TRP A 85 1.55 9.65 -4.57
CA TRP A 85 1.06 10.44 -5.74
C TRP A 85 -0.05 11.41 -5.30
N GLN A 86 -0.41 12.34 -6.15
CA GLN A 86 -1.50 13.28 -5.81
C GLN A 86 -2.85 12.54 -5.86
N ALA A 87 -3.56 12.50 -4.76
CA ALA A 87 -4.87 11.79 -4.76
C ALA A 87 -5.89 12.55 -5.63
N PRO A 88 -6.56 11.83 -6.49
CA PRO A 88 -7.57 12.51 -7.35
C PRO A 88 -8.77 12.98 -6.52
N PRO A 89 -9.46 13.96 -7.03
CA PRO A 89 -10.65 14.47 -6.28
C PRO A 89 -11.79 13.45 -6.33
N GLY A 90 -12.72 13.54 -5.43
CA GLY A 90 -13.86 12.56 -5.42
C GLY A 90 -13.35 11.18 -5.01
N ALA A 91 -12.32 11.14 -4.19
CA ALA A 91 -11.77 9.82 -3.74
C ALA A 91 -11.83 9.73 -2.21
N ARG A 92 -11.76 8.53 -1.69
CA ARG A 92 -11.81 8.35 -0.21
C ARG A 92 -10.42 8.04 0.34
N SER A 93 -10.17 8.36 1.59
CA SER A 93 -8.83 8.10 2.19
C SER A 93 -8.95 7.01 3.26
N LEU A 94 -7.85 6.39 3.61
CA LEU A 94 -7.88 5.31 4.64
C LEU A 94 -7.42 5.86 6.00
N THR A 95 -8.17 5.57 7.03
CA THR A 95 -7.78 6.06 8.39
C THR A 95 -6.64 5.20 8.96
N PRO A 96 -5.93 5.74 9.93
CA PRO A 96 -4.82 4.95 10.52
C PRO A 96 -5.34 4.03 11.63
N CYS A 97 -4.60 2.99 11.93
CA CYS A 97 -5.04 2.04 13.00
C CYS A 97 -4.71 2.61 14.38
N THR A 98 -5.68 2.63 15.26
CA THR A 98 -5.44 3.17 16.64
C THR A 98 -6.01 2.20 17.67
N CYS A 99 -5.57 0.96 17.63
CA CYS A 99 -6.10 -0.05 18.61
C CYS A 99 -5.01 -1.05 19.07
N GLY A 100 -3.84 -1.03 18.46
CA GLY A 100 -2.77 -1.98 18.87
C GLY A 100 -3.25 -3.42 18.69
N SER A 101 -3.84 -3.71 17.55
CA SER A 101 -4.34 -5.09 17.29
C SER A 101 -3.36 -5.87 16.42
N SER A 102 -2.83 -6.96 16.92
CA SER A 102 -1.86 -7.77 16.12
C SER A 102 -2.54 -8.33 14.87
N ASP A 103 -3.77 -8.75 14.98
CA ASP A 103 -4.49 -9.31 13.79
C ASP A 103 -4.66 -8.23 12.72
N LEU A 104 -4.35 -8.55 11.49
CA LEU A 104 -4.50 -7.56 10.39
C LEU A 104 -5.11 -8.22 9.15
N TYR A 105 -5.91 -7.48 8.41
CA TYR A 105 -6.54 -8.05 7.18
C TYR A 105 -5.89 -7.44 5.94
N LEU A 106 -5.34 -8.26 5.08
CA LEU A 106 -4.68 -7.73 3.84
C LEU A 106 -5.57 -7.94 2.61
N VAL A 107 -5.53 -7.03 1.67
CA VAL A 107 -6.37 -7.17 0.44
C VAL A 107 -5.47 -7.49 -0.76
N THR A 108 -5.81 -8.50 -1.52
CA THR A 108 -4.98 -8.86 -2.71
C THR A 108 -5.50 -8.18 -3.97
N ARG A 109 -4.76 -8.25 -5.04
CA ARG A 109 -5.20 -7.61 -6.33
C ARG A 109 -6.47 -8.28 -6.86
N HIS A 110 -6.74 -9.49 -6.44
CA HIS A 110 -7.96 -10.20 -6.93
C HIS A 110 -9.12 -9.99 -5.94
N ALA A 111 -9.15 -8.88 -5.25
CA ALA A 111 -10.26 -8.60 -4.27
C ALA A 111 -10.36 -9.73 -3.24
N ASP A 112 -9.25 -10.24 -2.79
CA ASP A 112 -9.27 -11.35 -1.78
C ASP A 112 -8.84 -10.82 -0.42
N VAL A 113 -9.22 -11.48 0.64
CA VAL A 113 -8.84 -11.02 2.01
C VAL A 113 -8.23 -12.18 2.80
N ILE A 114 -7.09 -11.97 3.40
CA ILE A 114 -6.45 -13.05 4.21
C ILE A 114 -6.08 -12.52 5.60
N PRO A 115 -6.08 -13.41 6.57
CA PRO A 115 -5.73 -12.95 7.94
C PRO A 115 -4.22 -13.01 8.16
N VAL A 116 -3.65 -11.96 8.68
CA VAL A 116 -2.18 -11.94 8.93
C VAL A 116 -1.91 -11.48 10.37
N ARG A 117 -1.11 -12.22 11.09
CA ARG A 117 -0.81 -11.83 12.50
C ARG A 117 0.45 -10.96 12.55
N ARG A 118 0.41 -9.90 13.33
CA ARG A 118 1.60 -9.00 13.42
C ARG A 118 2.66 -9.59 14.35
N ARG A 119 3.88 -9.68 13.90
CA ARG A 119 4.97 -10.25 14.75
C ARG A 119 6.09 -9.21 14.94
N GLY A 120 5.78 -7.95 14.77
CA GLY A 120 6.82 -6.89 14.93
C GLY A 120 6.26 -5.56 14.43
N ASP A 121 7.03 -4.51 14.50
CA ASP A 121 6.55 -3.17 14.03
C ASP A 121 6.21 -3.23 12.54
N SER A 122 7.02 -3.90 11.76
CA SER A 122 6.77 -4.00 10.29
C SER A 122 6.89 -5.45 9.81
N ARG A 123 6.68 -6.39 10.69
CA ARG A 123 6.80 -7.83 10.28
C ARG A 123 5.55 -8.60 10.71
N GLY A 124 5.07 -9.50 9.87
CA GLY A 124 3.86 -10.29 10.22
C GLY A 124 4.01 -11.72 9.68
N SER A 125 3.13 -12.60 10.08
CA SER A 125 3.21 -14.02 9.61
C SER A 125 2.00 -14.35 8.75
N LEU A 126 2.12 -15.35 7.90
CA LEU A 126 0.97 -15.73 7.03
C LEU A 126 0.25 -16.95 7.60
N LEU A 127 -1.00 -16.81 7.93
CA LEU A 127 -1.77 -17.97 8.49
C LEU A 127 -1.99 -19.02 7.40
N SER A 128 -2.23 -18.57 6.19
CA SER A 128 -2.45 -19.53 5.07
C SER A 128 -1.24 -19.52 4.11
N PRO A 129 -0.50 -20.60 4.12
CA PRO A 129 0.69 -20.64 3.23
C PRO A 129 0.26 -20.60 1.76
N ARG A 130 0.63 -19.56 1.05
CA ARG A 130 0.24 -19.46 -0.38
C ARG A 130 1.49 -19.39 -1.27
N PRO A 131 1.32 -19.69 -2.53
CA PRO A 131 2.50 -19.64 -3.45
C PRO A 131 2.95 -18.20 -3.66
N VAL A 132 4.19 -18.02 -4.04
CA VAL A 132 4.71 -16.63 -4.27
C VAL A 132 3.92 -15.95 -5.39
N SER A 133 3.52 -16.69 -6.39
CA SER A 133 2.75 -16.10 -7.51
C SER A 133 1.45 -15.47 -7.00
N TYR A 134 0.79 -16.14 -6.07
CA TYR A 134 -0.49 -15.58 -5.52
C TYR A 134 -0.25 -14.21 -4.89
N LEU A 135 0.85 -14.05 -4.19
CA LEU A 135 1.14 -12.73 -3.54
C LEU A 135 1.77 -11.76 -4.54
N LYS A 136 2.40 -12.27 -5.58
CA LYS A 136 3.02 -11.36 -6.59
C LYS A 136 1.95 -10.48 -7.24
N GLY A 137 2.26 -9.23 -7.47
CA GLY A 137 1.26 -8.31 -8.08
C GLY A 137 0.28 -7.80 -7.02
N SER A 138 0.56 -8.06 -5.75
CA SER A 138 -0.36 -7.58 -4.67
C SER A 138 0.35 -6.57 -3.77
N SER A 139 1.42 -5.98 -4.23
CA SER A 139 2.15 -4.98 -3.40
C SER A 139 1.30 -3.70 -3.26
N GLY A 140 1.44 -3.00 -2.16
CA GLY A 140 0.65 -1.76 -1.97
C GLY A 140 -0.69 -2.09 -1.28
N GLY A 141 -1.05 -3.34 -1.18
CA GLY A 141 -2.33 -3.72 -0.51
C GLY A 141 -2.35 -3.16 0.92
N PRO A 142 -3.47 -2.62 1.32
CA PRO A 142 -3.52 -2.05 2.69
C PRO A 142 -3.91 -3.12 3.73
N LEU A 143 -3.29 -3.06 4.89
CA LEU A 143 -3.63 -4.03 5.96
C LEU A 143 -4.51 -3.33 7.00
N LEU A 144 -5.77 -3.69 7.06
CA LEU A 144 -6.69 -3.02 8.02
C LEU A 144 -6.96 -3.87 9.25
N CYS A 145 -6.84 -3.29 10.42
CA CYS A 145 -7.11 -4.06 11.68
C CYS A 145 -8.61 -4.40 11.76
N PRO A 146 -8.95 -5.39 12.56
CA PRO A 146 -10.39 -5.79 12.65
C PRO A 146 -11.30 -4.60 12.96
N SER A 147 -10.79 -3.57 13.59
CA SER A 147 -11.65 -2.38 13.90
C SER A 147 -12.13 -1.73 12.60
N GLY A 148 -11.28 -1.66 11.60
CA GLY A 148 -11.68 -1.05 10.30
C GLY A 148 -10.78 0.13 9.95
N HIS A 149 -9.52 0.06 10.32
CA HIS A 149 -8.58 1.18 10.00
C HIS A 149 -7.28 0.63 9.39
N ALA A 150 -6.69 1.36 8.48
CA ALA A 150 -5.42 0.88 7.84
C ALA A 150 -4.26 1.01 8.83
N VAL A 151 -3.42 0.01 8.90
CA VAL A 151 -2.26 0.06 9.85
C VAL A 151 -0.92 0.05 9.08
N GLY A 152 -0.93 -0.40 7.85
CA GLY A 152 0.35 -0.44 7.06
C GLY A 152 0.08 -0.94 5.64
N ILE A 153 1.11 -1.10 4.85
CA ILE A 153 0.92 -1.59 3.45
C ILE A 153 1.90 -2.73 3.16
N PHE A 154 1.45 -3.74 2.45
CA PHE A 154 2.35 -4.89 2.11
C PHE A 154 3.54 -4.39 1.27
N ARG A 155 4.71 -4.91 1.52
CA ARG A 155 5.92 -4.47 0.75
C ARG A 155 6.55 -5.67 0.04
N ALA A 156 6.83 -6.73 0.77
CA ALA A 156 7.45 -7.93 0.14
C ALA A 156 7.02 -9.20 0.87
N ALA A 157 7.09 -10.33 0.20
CA ALA A 157 6.69 -11.61 0.86
C ALA A 157 7.92 -12.49 1.11
N VAL A 158 7.90 -13.23 2.19
CA VAL A 158 9.07 -14.11 2.50
C VAL A 158 8.67 -15.58 2.33
N CYS A 159 9.34 -16.27 1.44
CA CYS A 159 9.01 -17.72 1.21
C CYS A 159 10.28 -18.57 1.25
N THR A 160 10.16 -19.82 1.62
CA THR A 160 11.35 -20.71 1.68
C THR A 160 11.75 -21.17 0.28
N ARG A 161 10.79 -21.57 -0.51
CA ARG A 161 11.10 -22.04 -1.90
C ARG A 161 9.82 -22.07 -2.73
N GLY A 162 9.11 -20.98 -2.79
CA GLY A 162 7.85 -20.94 -3.58
C GLY A 162 6.65 -20.78 -2.64
N VAL A 163 6.83 -21.01 -1.36
CA VAL A 163 5.69 -20.86 -0.40
C VAL A 163 5.96 -19.73 0.59
N ALA A 164 5.12 -18.73 0.62
CA ALA A 164 5.33 -17.59 1.56
C ALA A 164 4.77 -17.93 2.94
N LYS A 165 5.55 -17.74 3.97
CA LYS A 165 5.07 -18.03 5.36
C LYS A 165 4.92 -16.73 6.16
N ALA A 166 5.63 -15.71 5.79
CA ALA A 166 5.53 -14.41 6.52
C ALA A 166 5.63 -13.24 5.54
N VAL A 167 5.16 -12.08 5.92
CA VAL A 167 5.23 -10.90 5.01
C VAL A 167 5.70 -9.66 5.76
N ASP A 168 6.05 -8.62 5.05
CA ASP A 168 6.53 -7.37 5.69
C ASP A 168 5.72 -6.17 5.20
N PHE A 169 5.37 -5.25 6.06
CA PHE A 169 4.57 -4.08 5.62
C PHE A 169 5.09 -2.79 6.28
N VAL A 170 4.86 -1.66 5.64
CA VAL A 170 5.33 -0.36 6.23
C VAL A 170 4.20 0.26 7.05
N PRO A 171 4.47 0.48 8.32
CA PRO A 171 3.40 1.08 9.18
C PRO A 171 3.10 2.51 8.74
N VAL A 172 1.90 2.98 9.00
CA VAL A 172 1.53 4.38 8.60
C VAL A 172 2.40 5.40 9.33
N GLU A 173 2.91 5.05 10.49
CA GLU A 173 3.77 6.00 11.25
C GLU A 173 4.99 6.40 10.42
N SER A 174 5.58 5.48 9.72
CA SER A 174 6.77 5.79 8.88
C SER A 174 6.43 6.86 7.84
N MET A 175 5.24 6.78 7.28
CA MET A 175 4.84 7.79 6.25
C MET A 175 4.81 9.20 6.85
N GLU A 176 4.34 9.31 8.07
CA GLU A 176 4.27 10.66 8.73
C GLU A 176 5.66 11.27 8.84
N THR A 177 6.65 10.48 9.20
CA THR A 177 8.04 11.02 9.33
C THR A 177 8.61 11.38 7.95
N THR A 178 8.15 10.71 6.91
CA THR A 178 8.66 11.00 5.54
C THR A 178 8.37 12.46 5.17
N MET A 179 7.18 12.93 5.44
CA MET A 179 6.84 14.34 5.10
C MET A 179 7.64 15.30 5.98
N ARG A 180 7.80 14.97 7.24
CA ARG A 180 8.58 15.86 8.16
C ARG A 180 10.07 15.83 7.80
N ALA A 181 10.52 14.77 7.19
CA ALA A 181 11.96 14.67 6.80
C ALA A 181 12.36 15.81 5.85
N SER A 182 11.52 16.12 4.88
CA SER A 182 11.87 17.21 3.93
C SER A 182 10.63 18.06 3.59
N LYS A 183 9.68 17.48 2.90
CA LYS A 183 8.46 18.26 2.54
C LYS A 183 7.28 17.87 3.44
N LYS A 184 6.82 18.77 4.26
CA LYS A 184 5.68 18.47 5.18
C LYS A 184 4.38 18.33 4.37
N LYS A 185 4.20 19.17 3.38
CA LYS A 185 2.97 19.10 2.55
C LYS A 185 3.32 19.28 1.07
N LYS A 186 2.45 18.86 0.19
CA LYS A 186 2.71 19.00 -1.29
C LYS A 186 4.06 18.38 -1.67
N GLU B 2 11.76 -11.30 -1.15
CA GLU B 2 11.42 -10.99 -2.56
C GLU B 2 10.45 -9.80 -2.62
N LEU B 3 10.35 -9.16 -3.76
CA LEU B 3 9.43 -7.99 -3.88
C LEU B 3 8.25 -8.35 -4.80
N THR A 22 -15.53 24.38 -8.09
CA THR A 22 -14.42 24.37 -9.09
C THR A 22 -13.19 23.67 -8.49
N GLY A 23 -12.63 24.21 -7.44
CA GLY A 23 -11.43 23.59 -6.82
C GLY A 23 -11.78 22.17 -6.34
N ARG A 24 -12.95 21.99 -5.79
CA ARG A 24 -13.36 20.65 -5.30
C ARG A 24 -14.43 20.05 -6.21
N ASP A 25 -14.24 18.84 -6.65
CA ASP A 25 -15.25 18.19 -7.54
C ASP A 25 -15.79 16.91 -6.90
N LYS A 26 -17.07 16.64 -7.08
CA LYS A 26 -17.66 15.42 -6.47
C LYS A 26 -17.79 14.32 -7.52
N ASN A 27 -17.28 13.15 -7.23
CA ASN A 27 -17.37 12.01 -8.20
C ASN A 27 -18.17 10.86 -7.61
N GLN A 28 -19.15 11.17 -6.77
CA GLN A 28 -19.98 10.11 -6.14
C GLN A 28 -19.10 9.13 -5.35
N VAL A 29 -18.58 8.10 -5.99
CA VAL A 29 -17.71 7.12 -5.27
C VAL A 29 -16.46 6.81 -6.09
N GLU A 30 -15.30 6.90 -5.48
CA GLU A 30 -14.03 6.61 -6.22
C GLU A 30 -13.37 5.36 -5.65
N GLY A 31 -13.55 5.11 -4.38
CA GLY A 31 -12.93 3.90 -3.75
C GLY A 31 -11.55 4.28 -3.19
N GLU A 32 -11.32 4.03 -1.93
CA GLU A 32 -10.00 4.36 -1.32
C GLU A 32 -8.87 3.53 -1.96
N VAL A 33 -9.20 2.39 -2.52
CA VAL A 33 -8.16 1.54 -3.16
C VAL A 33 -8.34 1.57 -4.69
N GLN A 34 -7.29 1.88 -5.40
CA GLN A 34 -7.38 1.94 -6.89
C GLN A 34 -6.34 1.01 -7.53
N VAL A 35 -6.60 0.55 -8.73
CA VAL A 35 -5.64 -0.35 -9.42
C VAL A 35 -4.67 0.49 -10.26
N VAL A 36 -3.39 0.36 -10.00
CA VAL A 36 -2.39 1.16 -10.76
C VAL A 36 -1.43 0.23 -11.51
N SER A 37 -0.87 0.69 -12.59
CA SER A 37 0.07 -0.16 -13.37
C SER A 37 1.23 0.67 -13.91
N THR A 38 2.23 0.03 -14.43
CA THR A 38 3.40 0.76 -14.99
C THR A 38 3.75 0.20 -16.37
N ALA A 39 4.87 0.58 -16.92
CA ALA A 39 5.26 0.06 -18.27
C ALA A 39 5.35 -1.47 -18.27
N THR A 40 5.91 -2.04 -17.23
CA THR A 40 6.04 -3.53 -17.16
C THR A 40 5.63 -4.08 -15.79
N GLN A 41 5.34 -3.23 -14.83
CA GLN A 41 4.95 -3.74 -13.46
C GLN A 41 3.48 -3.41 -13.17
N SER A 42 2.88 -4.11 -12.23
CA SER A 42 1.46 -3.85 -11.87
C SER A 42 1.22 -4.11 -10.38
N PHE A 43 0.46 -3.26 -9.73
CA PHE A 43 0.19 -3.46 -8.26
C PHE A 43 -0.91 -2.51 -7.79
N LEU A 44 -1.23 -2.53 -6.51
CA LEU A 44 -2.33 -1.65 -6.00
C LEU A 44 -1.77 -0.58 -5.06
N ALA A 45 -2.51 0.47 -4.85
CA ALA A 45 -2.03 1.57 -3.94
C ALA A 45 -3.18 2.03 -3.04
N THR A 46 -2.86 2.66 -1.94
CA THR A 46 -3.92 3.15 -1.01
C THR A 46 -3.80 4.65 -0.78
N CYS A 47 -4.91 5.35 -0.73
CA CYS A 47 -4.86 6.82 -0.52
C CYS A 47 -5.02 7.16 0.97
N VAL A 48 -3.98 7.64 1.59
CA VAL A 48 -4.07 8.00 3.04
C VAL A 48 -3.82 9.51 3.21
N ASN A 49 -4.68 10.19 3.93
CA ASN A 49 -4.51 11.66 4.15
C ASN A 49 -4.48 12.41 2.81
N GLY A 50 -5.30 12.00 1.87
CA GLY A 50 -5.33 12.69 0.54
C GLY A 50 -4.05 12.43 -0.25
N VAL A 51 -3.32 11.39 0.08
CA VAL A 51 -2.06 11.09 -0.67
C VAL A 51 -2.00 9.59 -1.01
N CYS A 52 -1.75 9.27 -2.26
CA CYS A 52 -1.67 7.83 -2.65
C CYS A 52 -0.37 7.23 -2.15
N TRP A 53 -0.37 5.96 -1.80
CA TRP A 53 0.88 5.33 -1.29
C TRP A 53 1.17 4.02 -2.03
N THR A 54 2.42 3.66 -2.12
CA THR A 54 2.80 2.41 -2.83
C THR A 54 4.26 2.06 -2.53
N VAL A 55 4.77 0.99 -3.08
CA VAL A 55 6.19 0.62 -2.82
C VAL A 55 7.11 1.26 -3.87
N TYR A 56 8.37 1.40 -3.55
CA TYR A 56 9.33 2.03 -4.51
C TYR A 56 9.67 1.09 -5.66
N HIS A 57 9.90 -0.18 -5.39
CA HIS A 57 10.26 -1.11 -6.50
C HIS A 57 9.05 -1.37 -7.42
N GLY A 58 7.86 -1.15 -6.92
CA GLY A 58 6.64 -1.36 -7.76
C GLY A 58 6.43 -0.12 -8.63
N ALA A 59 6.24 1.02 -8.01
CA ALA A 59 6.03 2.28 -8.79
C ALA A 59 7.38 2.97 -9.06
N GLY A 60 8.15 3.18 -8.01
CA GLY A 60 9.47 3.86 -8.19
C GLY A 60 9.25 5.35 -8.47
N SER A 61 10.30 6.07 -8.76
CA SER A 61 10.16 7.52 -9.05
C SER A 61 9.73 7.72 -10.51
N LYS A 62 8.57 7.21 -10.86
CA LYS A 62 8.09 7.36 -12.27
C LYS A 62 6.58 7.60 -12.30
N THR A 63 6.05 7.95 -13.44
CA THR A 63 4.58 8.21 -13.55
C THR A 63 3.81 6.90 -13.30
N LEU A 64 2.58 7.00 -12.90
CA LEU A 64 1.78 5.76 -12.64
C LEU A 64 0.56 5.72 -13.56
N ALA A 65 0.24 4.55 -14.06
CA ALA A 65 -0.93 4.42 -14.98
C ALA A 65 -2.18 4.04 -14.18
N GLY A 66 -3.11 4.94 -14.04
CA GLY A 66 -4.36 4.63 -13.28
C GLY A 66 -5.57 4.77 -14.21
N PRO A 67 -6.74 4.65 -13.64
CA PRO A 67 -7.97 4.77 -14.50
C PRO A 67 -8.06 6.18 -15.10
N LYS A 68 -7.59 7.17 -14.38
CA LYS A 68 -7.66 8.57 -14.89
C LYS A 68 -6.56 8.80 -15.95
N GLY A 69 -5.45 8.12 -15.80
CA GLY A 69 -4.34 8.28 -16.78
C GLY A 69 -3.00 8.27 -16.04
N PRO A 70 -2.03 8.96 -16.59
CA PRO A 70 -0.70 9.00 -15.91
C PRO A 70 -0.74 9.91 -14.69
N ILE A 71 -0.13 9.49 -13.62
CA ILE A 71 -0.13 10.32 -12.37
C ILE A 71 1.30 10.70 -11.96
N THR A 72 1.55 11.96 -11.71
CA THR A 72 2.92 12.39 -11.30
C THR A 72 3.11 12.16 -9.79
N GLN A 73 4.29 11.75 -9.39
CA GLN A 73 4.53 11.50 -7.93
C GLN A 73 5.07 12.74 -7.22
N MET A 74 4.76 12.88 -5.96
CA MET A 74 5.24 14.06 -5.18
C MET A 74 6.20 13.62 -4.08
N TYR A 75 6.07 12.41 -3.61
CA TYR A 75 6.98 11.92 -2.52
C TYR A 75 7.77 10.69 -2.98
N THR A 76 9.03 10.62 -2.61
CA THR A 76 9.87 9.45 -3.01
C THR A 76 10.78 9.04 -1.85
N ASN A 77 10.80 7.78 -1.51
CA ASN A 77 11.66 7.31 -0.38
C ASN A 77 12.37 6.00 -0.75
N VAL A 78 13.63 6.07 -1.08
CA VAL A 78 14.38 4.83 -1.45
C VAL A 78 14.62 3.97 -0.21
N ASP A 79 15.04 4.57 0.88
CA ASP A 79 15.29 3.78 2.13
C ASP A 79 14.02 3.08 2.58
N GLN A 80 12.93 3.80 2.67
CA GLN A 80 11.63 3.18 3.11
C GLN A 80 10.98 2.43 1.93
N ASP A 81 11.49 2.60 0.73
CA ASP A 81 10.89 1.91 -0.46
C ASP A 81 9.40 2.26 -0.57
N LEU A 82 9.07 3.52 -0.42
CA LEU A 82 7.64 3.93 -0.51
C LEU A 82 7.51 5.29 -1.22
N VAL A 83 6.62 5.38 -2.17
CA VAL A 83 6.41 6.67 -2.89
C VAL A 83 4.91 6.99 -2.92
N GLY A 84 4.56 8.24 -3.14
CA GLY A 84 3.11 8.61 -3.14
C GLY A 84 2.81 9.57 -4.30
N TRP A 85 1.57 9.62 -4.72
CA TRP A 85 1.18 10.53 -5.82
C TRP A 85 0.20 11.59 -5.30
N GLN A 86 0.10 12.71 -5.96
CA GLN A 86 -0.84 13.77 -5.49
C GLN A 86 -2.28 13.29 -5.71
N ALA A 87 -2.97 12.96 -4.65
CA ALA A 87 -4.39 12.49 -4.80
C ALA A 87 -5.30 13.64 -5.23
N PRO A 88 -6.26 13.32 -6.07
CA PRO A 88 -7.19 14.39 -6.54
C PRO A 88 -8.10 14.84 -5.38
N PRO A 89 -8.64 16.02 -5.52
CA PRO A 89 -9.53 16.53 -4.44
C PRO A 89 -10.86 15.76 -4.44
N GLY A 90 -11.52 15.66 -3.31
CA GLY A 90 -12.81 14.92 -3.25
C GLY A 90 -12.55 13.42 -3.32
N ALA A 91 -11.41 12.98 -2.83
CA ALA A 91 -11.10 11.52 -2.85
C ALA A 91 -11.22 10.92 -1.45
N ARG A 92 -11.48 9.64 -1.36
CA ARG A 92 -11.62 9.00 -0.02
C ARG A 92 -10.23 8.70 0.56
N SER A 93 -10.15 8.53 1.84
CA SER A 93 -8.83 8.24 2.47
C SER A 93 -8.99 7.19 3.58
N LEU A 94 -7.93 6.54 3.95
CA LEU A 94 -8.01 5.49 5.02
C LEU A 94 -7.39 6.02 6.31
N THR A 95 -8.07 5.85 7.41
CA THR A 95 -7.53 6.33 8.72
C THR A 95 -6.51 5.32 9.27
N PRO A 96 -5.45 5.83 9.86
CA PRO A 96 -4.43 4.89 10.40
C PRO A 96 -5.02 4.05 11.54
N CYS A 97 -4.36 2.97 11.90
CA CYS A 97 -4.89 2.10 12.98
C CYS A 97 -4.40 2.57 14.36
N THR A 98 -5.33 2.84 15.23
CA THR A 98 -4.97 3.27 16.61
C THR A 98 -5.52 2.21 17.58
N CYS A 99 -5.09 0.98 17.43
CA CYS A 99 -5.63 -0.11 18.30
C CYS A 99 -4.54 -1.12 18.70
N GLY A 100 -3.36 -1.05 18.12
CA GLY A 100 -2.28 -2.03 18.47
C GLY A 100 -2.79 -3.46 18.22
N SER A 101 -3.73 -3.61 17.33
CA SER A 101 -4.29 -4.97 17.04
C SER A 101 -3.25 -5.83 16.30
N SER A 102 -3.04 -7.04 16.77
CA SER A 102 -2.05 -7.94 16.11
C SER A 102 -2.62 -8.49 14.80
N ASP A 103 -3.89 -8.82 14.78
CA ASP A 103 -4.51 -9.37 13.53
C ASP A 103 -4.62 -8.27 12.46
N LEU A 104 -4.17 -8.56 11.26
CA LEU A 104 -4.25 -7.55 10.16
C LEU A 104 -4.86 -8.17 8.90
N TYR A 105 -5.69 -7.43 8.20
CA TYR A 105 -6.31 -7.96 6.96
C TYR A 105 -5.68 -7.29 5.74
N LEU A 106 -5.15 -8.06 4.82
CA LEU A 106 -4.51 -7.46 3.60
C LEU A 106 -5.37 -7.70 2.35
N VAL A 107 -5.37 -6.75 1.45
CA VAL A 107 -6.18 -6.91 0.20
C VAL A 107 -5.23 -7.09 -1.01
N THR A 108 -5.37 -8.19 -1.70
CA THR A 108 -4.49 -8.46 -2.88
C THR A 108 -5.16 -8.01 -4.18
N ARG A 109 -4.46 -8.05 -5.28
CA ARG A 109 -5.06 -7.63 -6.59
C ARG A 109 -6.12 -8.63 -7.05
N HIS A 110 -6.20 -9.79 -6.43
CA HIS A 110 -7.21 -10.81 -6.85
C HIS A 110 -8.49 -10.65 -6.01
N ALA A 111 -8.71 -9.49 -5.42
CA ALA A 111 -9.92 -9.27 -4.58
C ALA A 111 -10.03 -10.34 -3.49
N ASP A 112 -8.93 -10.70 -2.90
CA ASP A 112 -8.95 -11.72 -1.82
C ASP A 112 -8.31 -11.16 -0.55
N VAL A 113 -8.77 -11.57 0.60
CA VAL A 113 -8.20 -11.05 1.87
C VAL A 113 -7.83 -12.20 2.81
N ILE A 114 -6.63 -12.19 3.34
CA ILE A 114 -6.20 -13.27 4.27
C ILE A 114 -5.82 -12.67 5.63
N PRO A 115 -6.02 -13.44 6.67
CA PRO A 115 -5.67 -12.92 8.01
C PRO A 115 -4.17 -13.05 8.28
N VAL A 116 -3.51 -11.96 8.57
CA VAL A 116 -2.05 -12.00 8.84
C VAL A 116 -1.77 -11.49 10.26
N ARG A 117 -1.17 -12.31 11.08
CA ARG A 117 -0.88 -11.88 12.48
C ARG A 117 0.33 -10.93 12.50
N ARG A 118 0.37 -10.02 13.44
CA ARG A 118 1.50 -9.06 13.51
C ARG A 118 2.61 -9.62 14.42
N ARG A 119 3.79 -9.81 13.87
CA ARG A 119 4.92 -10.34 14.69
C ARG A 119 5.97 -9.25 14.93
N GLY A 120 5.60 -8.00 14.78
CA GLY A 120 6.56 -6.89 14.99
C GLY A 120 5.98 -5.59 14.42
N ASP A 121 6.70 -4.50 14.52
CA ASP A 121 6.18 -3.21 13.98
C ASP A 121 5.94 -3.32 12.47
N SER A 122 6.81 -3.99 11.76
CA SER A 122 6.65 -4.14 10.29
C SER A 122 6.81 -5.60 9.87
N ARG A 123 6.56 -6.52 10.77
CA ARG A 123 6.71 -7.96 10.43
C ARG A 123 5.41 -8.72 10.71
N GLY A 124 5.03 -9.61 9.84
CA GLY A 124 3.77 -10.39 10.07
C GLY A 124 3.97 -11.84 9.62
N SER A 125 3.09 -12.71 9.99
CA SER A 125 3.22 -14.15 9.60
C SER A 125 2.00 -14.58 8.78
N LEU A 126 2.16 -15.59 7.96
CA LEU A 126 1.02 -16.08 7.13
C LEU A 126 0.38 -17.31 7.77
N LEU A 127 -0.87 -17.23 8.11
CA LEU A 127 -1.56 -18.41 8.73
C LEU A 127 -1.63 -19.57 7.73
N SER A 128 -1.90 -19.26 6.49
CA SER A 128 -1.99 -20.34 5.45
C SER A 128 -0.81 -20.21 4.48
N PRO A 129 -0.01 -21.26 4.40
CA PRO A 129 1.15 -21.21 3.47
C PRO A 129 0.67 -21.17 2.02
N ARG A 130 1.02 -20.15 1.29
CA ARG A 130 0.61 -20.05 -0.14
C ARG A 130 1.81 -19.73 -1.03
N PRO A 131 1.66 -20.02 -2.31
CA PRO A 131 2.80 -19.75 -3.24
C PRO A 131 3.07 -18.25 -3.33
N VAL A 132 4.26 -17.86 -3.69
CA VAL A 132 4.60 -16.41 -3.81
C VAL A 132 3.82 -15.76 -4.95
N SER A 133 3.42 -16.54 -5.93
CA SER A 133 2.66 -15.97 -7.08
C SER A 133 1.36 -15.33 -6.59
N TYR A 134 0.69 -15.96 -5.65
CA TYR A 134 -0.59 -15.39 -5.12
C TYR A 134 -0.34 -14.00 -4.52
N LEU A 135 0.75 -13.83 -3.82
CA LEU A 135 1.07 -12.50 -3.22
C LEU A 135 1.75 -11.59 -4.26
N LYS A 136 2.40 -12.17 -5.23
CA LYS A 136 3.08 -11.35 -6.28
C LYS A 136 2.06 -10.46 -7.02
N GLY A 137 2.36 -9.20 -7.16
CA GLY A 137 1.42 -8.28 -7.86
C GLY A 137 0.47 -7.61 -6.85
N SER A 138 0.61 -7.89 -5.57
CA SER A 138 -0.27 -7.26 -4.56
C SER A 138 0.51 -6.25 -3.70
N SER A 139 1.63 -5.78 -4.19
CA SER A 139 2.43 -4.80 -3.39
C SER A 139 1.68 -3.46 -3.33
N GLY A 140 1.84 -2.75 -2.24
CA GLY A 140 1.12 -1.45 -2.10
C GLY A 140 -0.24 -1.66 -1.43
N GLY A 141 -0.71 -2.88 -1.35
CA GLY A 141 -2.03 -3.15 -0.70
C GLY A 141 -1.98 -2.68 0.77
N PRO A 142 -3.10 -2.25 1.28
CA PRO A 142 -3.09 -1.78 2.69
C PRO A 142 -3.56 -2.87 3.64
N LEU A 143 -3.04 -2.88 4.84
CA LEU A 143 -3.45 -3.89 5.85
C LEU A 143 -4.38 -3.21 6.86
N LEU A 144 -5.65 -3.54 6.83
CA LEU A 144 -6.62 -2.90 7.77
C LEU A 144 -6.93 -3.78 8.97
N CYS A 145 -6.93 -3.22 10.14
CA CYS A 145 -7.25 -4.00 11.36
C CYS A 145 -8.75 -4.36 11.36
N PRO A 146 -9.12 -5.38 12.11
CA PRO A 146 -10.57 -5.78 12.11
C PRO A 146 -11.49 -4.59 12.40
N SER A 147 -11.00 -3.55 13.03
CA SER A 147 -11.86 -2.36 13.32
C SER A 147 -12.25 -1.66 12.01
N GLY A 148 -11.33 -1.50 11.10
CA GLY A 148 -11.64 -0.84 9.80
C GLY A 148 -10.70 0.35 9.54
N HIS A 149 -9.46 0.25 9.93
CA HIS A 149 -8.51 1.38 9.68
C HIS A 149 -7.20 0.84 9.10
N ALA A 150 -6.59 1.60 8.22
CA ALA A 150 -5.30 1.14 7.59
C ALA A 150 -4.21 0.99 8.66
N VAL A 151 -3.35 0.03 8.50
CA VAL A 151 -2.25 -0.18 9.50
C VAL A 151 -0.88 -0.02 8.84
N GLY A 152 -0.74 -0.50 7.62
CA GLY A 152 0.57 -0.38 6.91
C GLY A 152 0.42 -0.85 5.47
N ILE A 153 1.49 -0.85 4.71
CA ILE A 153 1.42 -1.30 3.28
C ILE A 153 2.37 -2.48 3.04
N PHE A 154 1.88 -3.52 2.41
CA PHE A 154 2.76 -4.70 2.12
C PHE A 154 3.95 -4.27 1.25
N ARG A 155 5.12 -4.76 1.54
CA ARG A 155 6.32 -4.38 0.74
C ARG A 155 6.97 -5.64 0.14
N ALA A 156 7.27 -6.61 0.96
CA ALA A 156 7.92 -7.85 0.46
C ALA A 156 7.38 -9.07 1.21
N ALA A 157 7.52 -10.24 0.65
CA ALA A 157 7.01 -11.46 1.32
C ALA A 157 8.16 -12.47 1.54
N VAL A 158 8.22 -13.05 2.71
CA VAL A 158 9.29 -14.06 2.98
C VAL A 158 8.79 -15.45 2.60
N CYS A 159 9.45 -16.10 1.67
CA CYS A 159 9.00 -17.45 1.24
C CYS A 159 10.17 -18.43 1.13
N THR A 160 9.90 -19.70 1.28
CA THR A 160 10.98 -20.72 1.18
C THR A 160 10.52 -21.84 0.24
N ARG A 161 11.40 -22.31 -0.63
CA ARG A 161 11.03 -23.40 -1.59
C ARG A 161 9.78 -23.01 -2.39
N GLY A 162 9.66 -21.76 -2.75
CA GLY A 162 8.47 -21.32 -3.54
C GLY A 162 7.21 -21.27 -2.66
N VAL A 163 7.37 -21.13 -1.37
CA VAL A 163 6.18 -21.06 -0.47
C VAL A 163 6.31 -19.86 0.48
N ALA A 164 5.28 -19.05 0.56
CA ALA A 164 5.33 -17.87 1.46
C ALA A 164 4.80 -18.23 2.86
N LYS A 165 5.57 -17.99 3.88
CA LYS A 165 5.11 -18.32 5.26
C LYS A 165 4.91 -17.05 6.08
N ALA A 166 5.65 -16.00 5.79
CA ALA A 166 5.50 -14.73 6.55
C ALA A 166 5.64 -13.54 5.59
N VAL A 167 5.20 -12.37 6.01
CA VAL A 167 5.31 -11.18 5.12
C VAL A 167 5.80 -9.95 5.90
N ASP A 168 6.22 -8.92 5.20
CA ASP A 168 6.71 -7.69 5.87
C ASP A 168 5.95 -6.46 5.35
N PHE A 169 5.55 -5.58 6.23
CA PHE A 169 4.80 -4.36 5.78
C PHE A 169 5.26 -3.13 6.58
N VAL A 170 5.24 -1.97 5.96
CA VAL A 170 5.66 -0.73 6.67
C VAL A 170 4.43 -0.09 7.35
N PRO A 171 4.52 0.12 8.64
CA PRO A 171 3.35 0.72 9.34
C PRO A 171 3.08 2.14 8.82
N VAL A 172 1.89 2.64 9.04
CA VAL A 172 1.53 4.00 8.55
C VAL A 172 2.45 5.06 9.20
N GLU A 173 3.00 4.77 10.34
CA GLU A 173 3.90 5.76 11.03
C GLU A 173 5.09 6.10 10.12
N SER A 174 5.62 5.13 9.42
CA SER A 174 6.78 5.40 8.52
C SER A 174 6.41 6.44 7.46
N MET A 175 5.22 6.36 6.93
CA MET A 175 4.78 7.34 5.88
C MET A 175 4.57 8.72 6.50
N GLU A 176 4.05 8.77 7.70
CA GLU A 176 3.81 10.09 8.37
C GLU A 176 5.12 10.86 8.53
N THR A 177 6.19 10.19 8.86
CA THR A 177 7.50 10.88 9.05
C THR A 177 7.98 11.44 7.70
N THR A 178 7.75 10.73 6.63
CA THR A 178 8.19 11.22 5.28
C THR A 178 7.53 12.57 4.97
N MET A 179 6.27 12.71 5.31
CA MET A 179 5.56 14.00 5.03
C MET A 179 6.13 15.12 5.90
N ARG A 180 6.51 14.80 7.12
CA ARG A 180 7.08 15.85 8.03
C ARG A 180 8.36 16.44 7.41
N ALA A 181 9.17 15.62 6.80
CA ALA A 181 10.44 16.13 6.18
C ALA A 181 10.11 17.16 5.10
N SER A 182 9.08 16.92 4.33
CA SER A 182 8.71 17.90 3.25
C SER A 182 8.07 19.15 3.87
N LYS A 183 8.06 20.24 3.14
CA LYS A 183 7.47 21.50 3.69
C LYS A 183 5.96 21.60 3.33
N LYS A 184 5.36 20.51 2.91
CA LYS A 184 3.90 20.53 2.56
C LYS A 184 3.64 21.56 1.44
N LYS A 185 2.51 21.47 0.79
CA LYS A 185 2.17 22.43 -0.30
C LYS A 185 2.14 23.86 0.23
N LYS A 186 1.60 24.04 1.42
CA LYS A 186 1.53 25.42 2.03
C LYS A 186 0.87 26.40 1.05
N GLU B 2 11.02 -11.38 -0.27
CA GLU B 2 11.07 -11.17 -1.74
C GLU B 2 10.12 -10.03 -2.14
N LEU B 3 10.57 -9.15 -3.00
CA LEU B 3 9.70 -8.02 -3.43
C LEU B 3 8.56 -8.54 -4.32
N THR A 22 -14.67 25.02 1.44
CA THR A 22 -15.72 25.83 0.74
C THR A 22 -16.63 24.91 -0.06
N GLY A 23 -17.85 24.75 0.37
CA GLY A 23 -18.81 23.87 -0.37
C GLY A 23 -18.53 22.42 -0.02
N ARG A 24 -19.03 21.49 -0.81
CA ARG A 24 -18.80 20.05 -0.53
C ARG A 24 -17.67 19.51 -1.41
N ASP A 25 -16.67 18.93 -0.81
CA ASP A 25 -15.53 18.38 -1.62
C ASP A 25 -15.23 16.94 -1.20
N LYS A 26 -14.39 16.26 -1.94
CA LYS A 26 -14.04 14.84 -1.61
C LYS A 26 -15.30 13.99 -1.44
N ASN A 27 -16.29 14.20 -2.28
CA ASN A 27 -17.54 13.40 -2.18
C ASN A 27 -18.18 13.24 -3.57
N GLN A 28 -17.85 12.17 -4.25
CA GLN A 28 -18.42 11.95 -5.61
C GLN A 28 -18.30 10.46 -6.00
N VAL A 29 -17.17 9.87 -5.73
CA VAL A 29 -16.97 8.43 -6.07
C VAL A 29 -16.27 7.70 -4.91
N GLU A 30 -16.69 6.49 -4.63
CA GLU A 30 -16.05 5.73 -3.53
C GLU A 30 -14.97 4.79 -4.08
N GLY A 31 -13.80 4.82 -3.50
CA GLY A 31 -12.69 3.95 -3.99
C GLY A 31 -11.40 4.29 -3.25
N GLU A 32 -11.31 3.92 -1.99
CA GLU A 32 -10.07 4.21 -1.21
C GLU A 32 -8.87 3.50 -1.82
N VAL A 33 -9.06 2.30 -2.30
CA VAL A 33 -7.92 1.54 -2.91
C VAL A 33 -8.13 1.44 -4.43
N GLN A 34 -7.18 1.86 -5.20
CA GLN A 34 -7.31 1.81 -6.69
C GLN A 34 -6.21 0.93 -7.29
N VAL A 35 -6.45 0.37 -8.45
CA VAL A 35 -5.44 -0.49 -9.11
C VAL A 35 -4.55 0.37 -10.02
N VAL A 36 -3.25 0.23 -9.90
CA VAL A 36 -2.32 1.04 -10.74
C VAL A 36 -1.38 0.13 -11.52
N SER A 37 -0.83 0.62 -12.60
CA SER A 37 0.09 -0.22 -13.42
C SER A 37 1.29 0.61 -13.87
N THR A 38 2.20 0.00 -14.60
CA THR A 38 3.40 0.73 -15.10
C THR A 38 3.73 0.27 -16.51
N ALA A 39 4.87 0.67 -17.03
CA ALA A 39 5.25 0.26 -18.40
C ALA A 39 5.36 -1.26 -18.50
N THR A 40 5.88 -1.89 -17.46
CA THR A 40 6.02 -3.39 -17.50
C THR A 40 5.60 -4.06 -16.17
N GLN A 41 5.31 -3.29 -15.14
CA GLN A 41 4.91 -3.92 -13.84
C GLN A 41 3.49 -3.50 -13.43
N SER A 42 2.85 -4.30 -12.61
CA SER A 42 1.45 -3.97 -12.17
C SER A 42 1.30 -4.22 -10.65
N PHE A 43 0.60 -3.35 -9.97
CA PHE A 43 0.41 -3.54 -8.49
C PHE A 43 -0.70 -2.63 -7.98
N LEU A 44 -0.95 -2.62 -6.70
CA LEU A 44 -2.07 -1.79 -6.16
C LEU A 44 -1.50 -0.66 -5.28
N ALA A 45 -2.35 0.22 -4.82
CA ALA A 45 -1.89 1.36 -3.97
C ALA A 45 -2.98 1.75 -2.98
N THR A 46 -2.60 2.38 -1.89
CA THR A 46 -3.61 2.79 -0.87
C THR A 46 -3.58 4.32 -0.70
N CYS A 47 -4.73 4.94 -0.55
CA CYS A 47 -4.76 6.42 -0.38
C CYS A 47 -4.98 6.78 1.09
N VAL A 48 -3.96 7.31 1.73
CA VAL A 48 -4.08 7.69 3.16
C VAL A 48 -3.81 9.19 3.32
N ASN A 49 -4.63 9.87 4.07
CA ASN A 49 -4.44 11.35 4.29
C ASN A 49 -4.38 12.10 2.96
N GLY A 50 -5.18 11.71 2.00
CA GLY A 50 -5.20 12.41 0.68
C GLY A 50 -3.90 12.14 -0.08
N VAL A 51 -3.25 11.03 0.18
CA VAL A 51 -1.98 10.71 -0.55
C VAL A 51 -1.93 9.22 -0.89
N CYS A 52 -1.64 8.88 -2.12
CA CYS A 52 -1.58 7.45 -2.52
C CYS A 52 -0.17 6.92 -2.24
N TRP A 53 -0.03 6.07 -1.24
CA TRP A 53 1.31 5.52 -0.90
C TRP A 53 1.58 4.22 -1.64
N THR A 54 2.82 3.94 -1.92
CA THR A 54 3.18 2.68 -2.64
C THR A 54 4.66 2.36 -2.38
N VAL A 55 5.16 1.28 -2.95
CA VAL A 55 6.59 0.92 -2.74
C VAL A 55 7.44 1.42 -3.91
N TYR A 56 8.70 1.69 -3.65
CA TYR A 56 9.60 2.22 -4.73
C TYR A 56 9.91 1.16 -5.78
N HIS A 57 10.14 -0.08 -5.39
CA HIS A 57 10.47 -1.13 -6.41
C HIS A 57 9.25 -1.44 -7.30
N GLY A 58 8.07 -1.10 -6.87
CA GLY A 58 6.86 -1.36 -7.70
C GLY A 58 6.59 -0.14 -8.56
N ALA A 59 6.51 1.02 -7.95
CA ALA A 59 6.25 2.28 -8.73
C ALA A 59 7.55 3.07 -8.89
N GLY A 60 8.28 3.25 -7.83
CA GLY A 60 9.56 4.02 -7.91
C GLY A 60 9.25 5.49 -8.20
N SER A 61 10.24 6.27 -8.52
CA SER A 61 10.02 7.72 -8.83
C SER A 61 9.65 7.88 -10.30
N LYS A 62 8.52 7.35 -10.71
CA LYS A 62 8.09 7.46 -12.13
C LYS A 62 6.58 7.67 -12.21
N THR A 63 6.08 7.98 -13.38
CA THR A 63 4.62 8.20 -13.55
C THR A 63 3.86 6.89 -13.32
N LEU A 64 2.65 6.97 -12.83
CA LEU A 64 1.86 5.73 -12.58
C LEU A 64 0.61 5.71 -13.46
N ALA A 65 0.24 4.56 -13.94
CA ALA A 65 -0.97 4.46 -14.82
C ALA A 65 -2.18 4.02 -13.99
N GLY A 66 -3.12 4.90 -13.78
CA GLY A 66 -4.33 4.54 -12.98
C GLY A 66 -5.58 4.71 -13.86
N PRO A 67 -6.72 4.37 -13.30
CA PRO A 67 -7.97 4.50 -14.10
C PRO A 67 -8.22 5.97 -14.45
N LYS A 68 -7.83 6.86 -13.59
CA LYS A 68 -8.04 8.32 -13.85
C LYS A 68 -7.11 8.80 -14.97
N GLY A 69 -5.95 8.20 -15.06
CA GLY A 69 -4.97 8.61 -16.11
C GLY A 69 -3.55 8.61 -15.52
N PRO A 70 -2.66 9.31 -16.18
CA PRO A 70 -1.27 9.36 -15.65
C PRO A 70 -1.23 10.14 -14.33
N ILE A 71 -0.51 9.64 -13.36
CA ILE A 71 -0.43 10.35 -12.05
C ILE A 71 1.01 10.75 -11.74
N THR A 72 1.22 11.99 -11.37
CA THR A 72 2.61 12.45 -11.04
C THR A 72 2.92 12.14 -9.56
N GLN A 73 4.16 11.90 -9.24
CA GLN A 73 4.52 11.57 -7.82
C GLN A 73 5.05 12.81 -7.09
N MET A 74 4.80 12.88 -5.80
CA MET A 74 5.27 14.05 -5.01
C MET A 74 6.33 13.61 -3.99
N TYR A 75 6.31 12.37 -3.59
CA TYR A 75 7.30 11.88 -2.59
C TYR A 75 8.13 10.74 -3.16
N THR A 76 9.42 10.77 -2.96
CA THR A 76 10.31 9.69 -3.48
C THR A 76 11.39 9.35 -2.46
N ASN A 77 11.51 8.10 -2.10
CA ASN A 77 12.55 7.70 -1.09
C ASN A 77 13.19 6.36 -1.48
N VAL A 78 14.38 6.40 -2.00
CA VAL A 78 15.07 5.13 -2.41
C VAL A 78 15.46 4.32 -1.16
N ASP A 79 16.00 4.97 -0.17
CA ASP A 79 16.40 4.24 1.08
C ASP A 79 15.18 3.58 1.73
N GLN A 80 14.12 4.34 1.90
CA GLN A 80 12.88 3.77 2.51
C GLN A 80 12.07 2.97 1.48
N ASP A 81 12.42 3.06 0.22
CA ASP A 81 11.66 2.30 -0.84
C ASP A 81 10.17 2.65 -0.78
N LEU A 82 9.85 3.91 -0.69
CA LEU A 82 8.41 4.33 -0.63
C LEU A 82 8.17 5.63 -1.38
N VAL A 83 7.18 5.66 -2.24
CA VAL A 83 6.87 6.91 -3.01
C VAL A 83 5.37 7.20 -2.90
N GLY A 84 4.95 8.41 -3.14
CA GLY A 84 3.50 8.74 -3.04
C GLY A 84 3.06 9.63 -4.22
N TRP A 85 1.78 9.62 -4.51
CA TRP A 85 1.25 10.46 -5.63
C TRP A 85 0.23 11.45 -5.10
N GLN A 86 -0.04 12.50 -5.83
CA GLN A 86 -1.06 13.48 -5.36
C GLN A 86 -2.45 12.86 -5.48
N ALA A 87 -3.20 12.83 -4.41
CA ALA A 87 -4.57 12.22 -4.46
C ALA A 87 -5.52 13.14 -5.23
N PRO A 88 -6.23 12.58 -6.18
CA PRO A 88 -7.19 13.43 -6.95
C PRO A 88 -8.37 13.84 -6.07
N PRO A 89 -9.04 14.90 -6.47
CA PRO A 89 -10.20 15.36 -5.66
C PRO A 89 -11.35 14.35 -5.76
N GLY A 90 -12.02 14.09 -4.66
CA GLY A 90 -13.15 13.11 -4.69
C GLY A 90 -12.69 11.76 -4.19
N ALA A 91 -11.39 11.49 -4.21
CA ALA A 91 -10.88 10.18 -3.73
C ALA A 91 -11.04 10.07 -2.21
N ARG A 92 -11.22 8.88 -1.71
CA ARG A 92 -11.37 8.69 -0.23
C ARG A 92 -10.02 8.41 0.42
N SER A 93 -9.96 8.43 1.72
CA SER A 93 -8.67 8.17 2.43
C SER A 93 -8.87 7.14 3.55
N LEU A 94 -7.81 6.51 3.99
CA LEU A 94 -7.94 5.51 5.08
C LEU A 94 -7.29 6.02 6.37
N THR A 95 -7.98 5.90 7.47
CA THR A 95 -7.41 6.37 8.77
C THR A 95 -6.37 5.37 9.28
N PRO A 96 -5.51 5.82 10.17
CA PRO A 96 -4.47 4.88 10.70
C PRO A 96 -5.09 3.94 11.74
N CYS A 97 -4.40 2.87 12.06
CA CYS A 97 -4.93 1.90 13.06
C CYS A 97 -4.83 2.49 14.47
N THR A 98 -5.91 2.48 15.20
CA THR A 98 -5.90 3.03 16.58
C THR A 98 -6.55 2.04 17.54
N CYS A 99 -6.08 0.82 17.56
CA CYS A 99 -6.69 -0.21 18.46
C CYS A 99 -5.64 -1.18 19.05
N GLY A 100 -4.40 -1.11 18.61
CA GLY A 100 -3.35 -2.03 19.15
C GLY A 100 -3.75 -3.48 18.87
N SER A 101 -4.32 -3.74 17.72
CA SER A 101 -4.73 -5.13 17.37
C SER A 101 -3.70 -5.79 16.45
N SER A 102 -3.18 -6.91 16.86
CA SER A 102 -2.16 -7.62 16.02
C SER A 102 -2.82 -8.20 14.76
N ASP A 103 -4.09 -8.47 14.82
CA ASP A 103 -4.79 -9.04 13.62
C ASP A 103 -4.79 -8.02 12.48
N LEU A 104 -4.38 -8.44 11.30
CA LEU A 104 -4.33 -7.51 10.14
C LEU A 104 -4.87 -8.18 8.88
N TYR A 105 -5.69 -7.49 8.12
CA TYR A 105 -6.25 -8.08 6.87
C TYR A 105 -5.57 -7.43 5.65
N LEU A 106 -4.92 -8.22 4.84
CA LEU A 106 -4.23 -7.66 3.63
C LEU A 106 -5.10 -7.84 2.39
N VAL A 107 -5.13 -6.85 1.53
CA VAL A 107 -5.96 -6.95 0.28
C VAL A 107 -5.06 -7.26 -0.92
N THR A 108 -5.41 -8.24 -1.70
CA THR A 108 -4.57 -8.60 -2.89
C THR A 108 -5.16 -7.98 -4.17
N ARG A 109 -4.51 -8.20 -5.28
CA ARG A 109 -5.01 -7.64 -6.58
C ARG A 109 -6.30 -8.33 -7.03
N HIS A 110 -6.59 -9.50 -6.49
CA HIS A 110 -7.83 -10.23 -6.90
C HIS A 110 -8.99 -9.89 -5.95
N ALA A 111 -8.95 -8.75 -5.32
CA ALA A 111 -10.05 -8.36 -4.38
C ALA A 111 -10.28 -9.44 -3.31
N ASP A 112 -9.21 -10.03 -2.84
CA ASP A 112 -9.35 -11.10 -1.79
C ASP A 112 -8.59 -10.68 -0.53
N VAL A 113 -9.15 -10.93 0.63
CA VAL A 113 -8.45 -10.53 1.88
C VAL A 113 -8.10 -11.76 2.72
N ILE A 114 -6.94 -11.77 3.32
CA ILE A 114 -6.52 -12.93 4.16
C ILE A 114 -6.16 -12.44 5.57
N PRO A 115 -6.37 -13.30 6.54
CA PRO A 115 -6.04 -12.89 7.93
C PRO A 115 -4.55 -13.09 8.22
N VAL A 116 -3.89 -12.06 8.68
CA VAL A 116 -2.43 -12.16 8.99
C VAL A 116 -2.18 -11.64 10.41
N ARG A 117 -1.48 -12.39 11.22
CA ARG A 117 -1.21 -11.93 12.61
C ARG A 117 0.05 -11.04 12.63
N ARG A 118 0.07 -10.06 13.51
CA ARG A 118 1.26 -9.15 13.58
C ARG A 118 2.35 -9.79 14.43
N ARG A 119 3.54 -9.93 13.89
CA ARG A 119 4.66 -10.53 14.66
C ARG A 119 5.77 -9.49 14.90
N GLY A 120 5.45 -8.23 14.80
CA GLY A 120 6.48 -7.17 15.02
C GLY A 120 5.95 -5.83 14.51
N ASP A 121 6.72 -4.78 14.65
CA ASP A 121 6.26 -3.44 14.18
C ASP A 121 5.99 -3.47 12.67
N SER A 122 6.83 -4.13 11.92
CA SER A 122 6.62 -4.21 10.44
C SER A 122 6.72 -5.66 9.95
N ARG A 123 6.45 -6.60 10.82
CA ARG A 123 6.53 -8.04 10.40
C ARG A 123 5.21 -8.76 10.73
N GLY A 124 4.77 -9.62 9.85
CA GLY A 124 3.50 -10.37 10.09
C GLY A 124 3.65 -11.82 9.61
N SER A 125 2.73 -12.67 9.99
CA SER A 125 2.81 -14.10 9.55
C SER A 125 1.52 -14.52 8.86
N LEU A 126 1.61 -15.40 7.90
CA LEU A 126 0.39 -15.85 7.17
C LEU A 126 -0.14 -17.15 7.78
N LEU A 127 -1.37 -17.14 8.23
CA LEU A 127 -1.96 -18.37 8.84
C LEU A 127 -2.01 -19.49 7.80
N SER A 128 -2.35 -19.16 6.57
CA SER A 128 -2.40 -20.19 5.50
C SER A 128 -1.23 -19.98 4.52
N PRO A 129 -0.38 -20.99 4.44
CA PRO A 129 0.78 -20.84 3.51
C PRO A 129 0.31 -20.76 2.06
N ARG A 130 0.69 -19.72 1.36
CA ARG A 130 0.25 -19.57 -0.07
C ARG A 130 1.50 -19.47 -0.98
N PRO A 131 1.30 -19.74 -2.25
CA PRO A 131 2.46 -19.67 -3.17
C PRO A 131 2.91 -18.22 -3.36
N VAL A 132 4.13 -18.02 -3.78
CA VAL A 132 4.64 -16.63 -3.98
C VAL A 132 3.89 -15.95 -5.14
N SER A 133 3.44 -16.73 -6.09
CA SER A 133 2.70 -16.14 -7.26
C SER A 133 1.44 -15.41 -6.77
N TYR A 134 0.75 -15.97 -5.81
CA TYR A 134 -0.48 -15.31 -5.29
C TYR A 134 -0.15 -13.93 -4.72
N LEU A 135 0.86 -13.85 -3.88
CA LEU A 135 1.25 -12.54 -3.28
C LEU A 135 1.87 -11.63 -4.35
N LYS A 136 2.51 -12.20 -5.34
CA LYS A 136 3.13 -11.36 -6.41
C LYS A 136 2.07 -10.51 -7.10
N GLY A 137 2.39 -9.28 -7.41
CA GLY A 137 1.40 -8.38 -8.08
C GLY A 137 0.42 -7.83 -7.04
N SER A 138 0.71 -7.97 -5.77
CA SER A 138 -0.21 -7.45 -4.71
C SER A 138 0.46 -6.33 -3.92
N SER A 139 1.52 -5.75 -4.43
CA SER A 139 2.22 -4.65 -3.69
C SER A 139 1.25 -3.47 -3.47
N GLY A 140 1.35 -2.82 -2.35
CA GLY A 140 0.45 -1.67 -2.05
C GLY A 140 -0.75 -2.16 -1.22
N GLY A 141 -1.01 -3.45 -1.21
CA GLY A 141 -2.15 -3.99 -0.41
C GLY A 141 -2.01 -3.53 1.06
N PRO A 142 -2.88 -2.64 1.47
CA PRO A 142 -2.78 -2.15 2.86
C PRO A 142 -3.33 -3.17 3.85
N LEU A 143 -2.82 -3.19 5.06
CA LEU A 143 -3.32 -4.14 6.08
C LEU A 143 -4.30 -3.42 7.01
N LEU A 144 -5.56 -3.75 6.93
CA LEU A 144 -6.58 -3.06 7.78
C LEU A 144 -6.94 -3.91 9.00
N CYS A 145 -6.87 -3.33 10.17
CA CYS A 145 -7.23 -4.09 11.41
C CYS A 145 -8.74 -4.34 11.43
N PRO A 146 -9.17 -5.34 12.18
CA PRO A 146 -10.63 -5.65 12.21
C PRO A 146 -11.49 -4.42 12.54
N SER A 147 -10.93 -3.45 13.21
CA SER A 147 -11.73 -2.23 13.55
C SER A 147 -12.15 -1.51 12.27
N GLY A 148 -11.29 -1.45 11.28
CA GLY A 148 -11.64 -0.77 10.00
C GLY A 148 -10.68 0.38 9.72
N HIS A 149 -9.42 0.23 10.07
CA HIS A 149 -8.43 1.32 9.82
C HIS A 149 -7.16 0.74 9.19
N ALA A 150 -6.50 1.52 8.37
CA ALA A 150 -5.24 1.03 7.71
C ALA A 150 -4.12 0.90 8.74
N VAL A 151 -3.27 -0.08 8.58
CA VAL A 151 -2.15 -0.29 9.54
C VAL A 151 -0.80 -0.13 8.83
N GLY A 152 -0.72 -0.62 7.62
CA GLY A 152 0.57 -0.51 6.86
C GLY A 152 0.35 -0.95 5.41
N ILE A 153 1.40 -1.12 4.65
CA ILE A 153 1.27 -1.54 3.23
C ILE A 153 2.22 -2.70 2.93
N PHE A 154 1.76 -3.67 2.17
CA PHE A 154 2.63 -4.84 1.82
C PHE A 154 3.85 -4.36 1.03
N ARG A 155 5.01 -4.90 1.32
CA ARG A 155 6.25 -4.49 0.59
C ARG A 155 6.91 -5.71 -0.07
N ALA A 156 7.15 -6.75 0.69
CA ALA A 156 7.79 -7.97 0.12
C ALA A 156 7.32 -9.22 0.87
N ALA A 157 7.49 -10.37 0.27
CA ALA A 157 7.06 -11.64 0.94
C ALA A 157 8.28 -12.53 1.20
N VAL A 158 8.22 -13.33 2.24
CA VAL A 158 9.36 -14.23 2.57
C VAL A 158 8.98 -15.69 2.29
N CYS A 159 9.66 -16.32 1.39
CA CYS A 159 9.35 -17.75 1.06
C CYS A 159 10.65 -18.56 0.91
N THR A 160 10.55 -19.86 1.01
CA THR A 160 11.78 -20.71 0.87
C THR A 160 11.66 -21.66 -0.32
N ARG A 161 10.63 -22.47 -0.35
CA ARG A 161 10.45 -23.43 -1.49
C ARG A 161 9.27 -23.00 -2.36
N GLY A 162 9.01 -21.72 -2.43
CA GLY A 162 7.87 -21.23 -3.27
C GLY A 162 6.65 -20.93 -2.38
N VAL A 163 6.75 -21.13 -1.10
CA VAL A 163 5.59 -20.85 -0.19
C VAL A 163 5.94 -19.72 0.77
N ALA A 164 5.13 -18.69 0.81
CA ALA A 164 5.42 -17.54 1.72
C ALA A 164 4.69 -17.72 3.06
N LYS A 165 5.41 -17.72 4.14
CA LYS A 165 4.78 -17.90 5.48
C LYS A 165 4.71 -16.55 6.23
N ALA A 166 5.56 -15.63 5.89
CA ALA A 166 5.55 -14.30 6.58
C ALA A 166 5.83 -13.19 5.57
N VAL A 167 5.46 -11.97 5.89
CA VAL A 167 5.70 -10.83 4.95
C VAL A 167 6.11 -9.57 5.72
N ASP A 168 6.69 -8.61 5.03
CA ASP A 168 7.12 -7.36 5.71
C ASP A 168 6.30 -6.16 5.17
N PHE A 169 5.88 -5.28 6.04
CA PHE A 169 5.09 -4.10 5.58
C PHE A 169 5.52 -2.84 6.33
N VAL A 170 5.32 -1.68 5.75
CA VAL A 170 5.70 -0.42 6.44
C VAL A 170 4.49 0.19 7.16
N PRO A 171 4.62 0.38 8.45
CA PRO A 171 3.47 0.96 9.19
C PRO A 171 3.17 2.38 8.74
N VAL A 172 1.96 2.84 8.91
CA VAL A 172 1.59 4.22 8.48
C VAL A 172 2.39 5.27 9.28
N GLU A 173 2.87 4.91 10.44
CA GLU A 173 3.64 5.89 11.28
C GLU A 173 4.88 6.38 10.51
N SER A 174 5.54 5.50 9.80
CA SER A 174 6.76 5.90 9.05
C SER A 174 6.42 6.99 8.03
N MET A 175 5.24 6.95 7.45
CA MET A 175 4.85 7.98 6.44
C MET A 175 4.88 9.38 7.08
N GLU A 176 4.43 9.50 8.30
CA GLU A 176 4.42 10.84 8.97
C GLU A 176 5.85 11.40 9.07
N THR A 177 6.81 10.55 9.36
CA THR A 177 8.22 11.03 9.46
C THR A 177 8.68 11.62 8.13
N THR A 178 8.45 10.92 7.05
CA THR A 178 8.87 11.45 5.71
C THR A 178 8.00 12.63 5.32
N MET A 179 6.70 12.50 5.48
CA MET A 179 5.78 13.62 5.12
C MET A 179 6.10 14.87 5.96
N ARG A 180 6.39 14.68 7.23
CA ARG A 180 6.71 15.84 8.11
C ARG A 180 7.93 16.61 7.56
N ALA A 181 8.92 15.89 7.09
CA ALA A 181 10.14 16.57 6.54
C ALA A 181 9.76 17.48 5.37
N SER A 182 8.88 17.03 4.51
CA SER A 182 8.43 17.84 3.33
C SER A 182 9.60 18.09 2.36
N LYS A 183 10.58 18.87 2.75
CA LYS A 183 11.73 19.14 1.84
C LYS A 183 13.00 19.41 2.66
N LYS A 184 14.13 19.47 2.02
CA LYS A 184 15.41 19.72 2.76
C LYS A 184 16.30 20.68 1.96
N LYS A 185 17.24 21.32 2.62
CA LYS A 185 18.14 22.28 1.91
C LYS A 185 18.96 21.54 0.85
N LYS A 186 19.15 22.15 -0.29
CA LYS A 186 19.94 21.49 -1.37
C LYS A 186 21.16 22.34 -1.73
N GLU B 2 11.76 -11.39 -0.98
CA GLU B 2 11.36 -11.20 -2.41
C GLU B 2 10.45 -9.98 -2.54
N LEU B 3 10.50 -9.32 -3.66
CA LEU B 3 9.63 -8.11 -3.88
C LEU B 3 8.44 -8.47 -4.78
N THR A 22 -7.28 18.14 -19.12
CA THR A 22 -6.08 18.68 -18.41
C THR A 22 -6.48 19.86 -17.51
N GLY A 23 -5.87 20.00 -16.37
CA GLY A 23 -6.21 21.13 -15.45
C GLY A 23 -7.33 20.69 -14.51
N ARG A 24 -8.55 21.08 -14.80
CA ARG A 24 -9.70 20.69 -13.91
C ARG A 24 -9.87 19.17 -13.93
N ASP A 25 -10.16 18.58 -12.78
CA ASP A 25 -10.35 17.11 -12.72
C ASP A 25 -11.69 16.71 -13.36
N LYS A 26 -11.76 15.52 -13.92
CA LYS A 26 -13.03 15.08 -14.56
C LYS A 26 -13.49 13.74 -13.97
N ASN A 27 -13.10 13.44 -12.75
CA ASN A 27 -13.52 12.16 -12.12
C ASN A 27 -14.51 12.41 -10.98
N GLN A 28 -15.70 11.88 -11.09
CA GLN A 28 -16.72 12.09 -10.01
C GLN A 28 -16.31 11.36 -8.73
N VAL A 29 -15.79 10.17 -8.87
CA VAL A 29 -15.37 9.39 -7.67
C VAL A 29 -13.94 8.86 -7.85
N GLU A 30 -13.28 8.52 -6.77
CA GLU A 30 -11.89 7.99 -6.86
C GLU A 30 -11.78 6.65 -6.15
N GLY A 31 -12.25 6.57 -4.93
CA GLY A 31 -12.18 5.29 -4.17
C GLY A 31 -10.90 5.28 -3.33
N GLU A 32 -10.94 4.62 -2.19
CA GLU A 32 -9.73 4.56 -1.32
C GLU A 32 -8.65 3.72 -1.97
N VAL A 33 -9.02 2.67 -2.66
CA VAL A 33 -8.02 1.79 -3.34
C VAL A 33 -8.19 1.86 -4.86
N GLN A 34 -7.12 2.13 -5.56
CA GLN A 34 -7.20 2.21 -7.06
C GLN A 34 -6.18 1.25 -7.69
N VAL A 35 -6.39 0.89 -8.93
CA VAL A 35 -5.44 -0.04 -9.62
C VAL A 35 -4.35 0.75 -10.33
N VAL A 36 -3.13 0.63 -9.88
CA VAL A 36 -2.00 1.37 -10.51
C VAL A 36 -1.09 0.39 -11.26
N SER A 37 -0.56 0.79 -12.39
CA SER A 37 0.31 -0.13 -13.17
C SER A 37 1.54 0.61 -13.71
N THR A 38 2.45 -0.11 -14.31
CA THR A 38 3.69 0.50 -14.86
C THR A 38 4.10 -0.21 -16.15
N ALA A 39 5.03 0.35 -16.87
CA ALA A 39 5.49 -0.29 -18.14
C ALA A 39 6.21 -1.62 -17.83
N THR A 40 6.62 -1.84 -16.60
CA THR A 40 7.34 -3.10 -16.26
C THR A 40 6.50 -4.01 -15.36
N GLN A 41 5.78 -3.47 -14.41
CA GLN A 41 4.95 -4.33 -13.51
C GLN A 41 3.66 -3.64 -13.08
N SER A 42 2.77 -4.37 -12.43
CA SER A 42 1.48 -3.77 -11.97
C SER A 42 1.26 -4.06 -10.49
N PHE A 43 0.54 -3.20 -9.80
CA PHE A 43 0.28 -3.43 -8.34
C PHE A 43 -0.85 -2.51 -7.85
N LEU A 44 -1.16 -2.56 -6.58
CA LEU A 44 -2.27 -1.71 -6.04
C LEU A 44 -1.73 -0.65 -5.08
N ALA A 45 -2.40 0.47 -5.00
CA ALA A 45 -1.95 1.56 -4.08
C ALA A 45 -3.08 1.98 -3.15
N THR A 46 -2.77 2.59 -2.04
CA THR A 46 -3.84 3.02 -1.09
C THR A 46 -3.80 4.54 -0.87
N CYS A 47 -4.93 5.20 -0.97
CA CYS A 47 -4.96 6.68 -0.77
C CYS A 47 -5.21 7.00 0.70
N VAL A 48 -4.18 7.37 1.42
CA VAL A 48 -4.33 7.71 2.86
C VAL A 48 -4.16 9.22 3.06
N ASN A 49 -5.07 9.86 3.75
CA ASN A 49 -4.98 11.34 3.98
C ASN A 49 -4.89 12.09 2.65
N GLY A 50 -5.66 11.67 1.67
CA GLY A 50 -5.65 12.37 0.35
C GLY A 50 -4.34 12.14 -0.38
N VAL A 51 -3.59 11.12 -0.03
CA VAL A 51 -2.30 10.85 -0.73
C VAL A 51 -2.21 9.37 -1.11
N CYS A 52 -1.88 9.09 -2.36
CA CYS A 52 -1.78 7.67 -2.80
C CYS A 52 -0.48 7.07 -2.25
N TRP A 53 -0.48 5.79 -1.96
CA TRP A 53 0.75 5.15 -1.40
C TRP A 53 1.10 3.88 -2.17
N THR A 54 2.37 3.54 -2.20
CA THR A 54 2.81 2.32 -2.92
C THR A 54 4.28 2.02 -2.58
N VAL A 55 4.82 0.97 -3.14
CA VAL A 55 6.25 0.64 -2.84
C VAL A 55 7.19 1.31 -3.86
N TYR A 56 8.43 1.51 -3.48
CA TYR A 56 9.40 2.19 -4.40
C TYR A 56 9.76 1.27 -5.58
N HIS A 57 9.97 0.00 -5.35
CA HIS A 57 10.34 -0.91 -6.47
C HIS A 57 9.14 -1.17 -7.39
N GLY A 58 7.94 -0.93 -6.92
CA GLY A 58 6.73 -1.13 -7.78
C GLY A 58 6.64 -0.03 -8.82
N ALA A 59 6.60 1.21 -8.37
CA ALA A 59 6.52 2.35 -9.32
C ALA A 59 7.92 2.79 -9.76
N GLY A 60 8.85 2.82 -8.83
CA GLY A 60 10.25 3.23 -9.16
C GLY A 60 10.32 4.74 -9.36
N SER A 61 9.46 5.49 -8.70
CA SER A 61 9.47 6.99 -8.83
C SER A 61 9.31 7.39 -10.30
N LYS A 62 8.24 6.96 -10.92
CA LYS A 62 8.00 7.31 -12.36
C LYS A 62 6.52 7.63 -12.59
N THR A 63 6.16 7.97 -13.80
CA THR A 63 4.73 8.28 -14.08
C THR A 63 3.89 7.03 -13.89
N LEU A 64 2.72 7.15 -13.30
CA LEU A 64 1.86 5.96 -13.06
C LEU A 64 0.56 6.06 -13.88
N ALA A 65 0.23 5.01 -14.59
CA ALA A 65 -1.02 5.02 -15.39
C ALA A 65 -2.17 4.41 -14.58
N GLY A 66 -3.10 5.23 -14.15
CA GLY A 66 -4.25 4.71 -13.34
C GLY A 66 -5.54 4.79 -14.17
N PRO A 67 -6.65 4.88 -13.48
CA PRO A 67 -7.94 4.98 -14.21
C PRO A 67 -8.09 6.35 -14.86
N LYS A 68 -7.53 7.37 -14.26
CA LYS A 68 -7.64 8.75 -14.83
C LYS A 68 -6.57 8.97 -15.91
N GLY A 69 -5.50 8.22 -15.86
CA GLY A 69 -4.41 8.41 -16.87
C GLY A 69 -3.06 8.39 -16.16
N PRO A 70 -2.17 9.27 -16.59
CA PRO A 70 -0.83 9.31 -15.93
C PRO A 70 -0.93 10.01 -14.58
N ILE A 71 -0.04 9.71 -13.68
CA ILE A 71 -0.07 10.37 -12.33
C ILE A 71 1.31 10.90 -11.94
N THR A 72 1.36 12.06 -11.34
CA THR A 72 2.67 12.65 -10.93
C THR A 72 2.97 12.31 -9.46
N GLN A 73 4.19 12.00 -9.15
CA GLN A 73 4.54 11.63 -7.74
C GLN A 73 5.03 12.87 -6.97
N MET A 74 4.63 12.99 -5.72
CA MET A 74 5.05 14.17 -4.91
C MET A 74 5.99 13.74 -3.79
N TYR A 75 5.83 12.53 -3.30
CA TYR A 75 6.71 12.05 -2.19
C TYR A 75 7.52 10.83 -2.64
N THR A 76 8.76 10.76 -2.24
CA THR A 76 9.62 9.60 -2.63
C THR A 76 10.50 9.18 -1.45
N ASN A 77 10.56 7.92 -1.15
CA ASN A 77 11.40 7.45 0.00
C ASN A 77 12.17 6.18 -0.39
N VAL A 78 13.41 6.34 -0.79
CA VAL A 78 14.23 5.15 -1.18
C VAL A 78 14.57 4.32 0.06
N ASP A 79 14.88 4.98 1.16
CA ASP A 79 15.23 4.23 2.40
C ASP A 79 14.06 3.35 2.85
N GLN A 80 12.87 3.89 2.87
CA GLN A 80 11.68 3.08 3.27
C GLN A 80 11.04 2.39 2.07
N ASP A 81 11.58 2.57 0.88
CA ASP A 81 11.00 1.92 -0.34
C ASP A 81 9.51 2.26 -0.46
N LEU A 82 9.14 3.50 -0.29
CA LEU A 82 7.71 3.90 -0.39
C LEU A 82 7.56 5.25 -1.10
N VAL A 83 6.62 5.36 -2.00
CA VAL A 83 6.40 6.65 -2.71
C VAL A 83 4.90 6.97 -2.75
N GLY A 84 4.53 8.20 -3.04
CA GLY A 84 3.08 8.55 -3.06
C GLY A 84 2.78 9.51 -4.22
N TRP A 85 1.56 9.54 -4.66
CA TRP A 85 1.17 10.46 -5.77
C TRP A 85 0.15 11.48 -5.27
N GLN A 86 0.11 12.64 -5.87
CA GLN A 86 -0.87 13.68 -5.43
C GLN A 86 -2.29 13.19 -5.72
N ALA A 87 -3.02 12.80 -4.70
CA ALA A 87 -4.42 12.32 -4.92
C ALA A 87 -5.33 13.49 -5.30
N PRO A 88 -6.27 13.23 -6.19
CA PRO A 88 -7.20 14.32 -6.59
C PRO A 88 -8.14 14.68 -5.43
N PRO A 89 -8.55 15.93 -5.40
CA PRO A 89 -9.47 16.33 -4.30
C PRO A 89 -10.80 15.60 -4.43
N GLY A 90 -11.56 15.52 -3.36
CA GLY A 90 -12.88 14.83 -3.42
C GLY A 90 -12.65 13.31 -3.54
N ALA A 91 -11.55 12.83 -3.01
CA ALA A 91 -11.27 11.36 -3.10
C ALA A 91 -11.42 10.71 -1.71
N ARG A 92 -11.81 9.46 -1.67
CA ARG A 92 -11.98 8.78 -0.36
C ARG A 92 -10.63 8.22 0.09
N SER A 93 -10.39 8.21 1.38
CA SER A 93 -9.09 7.69 1.88
C SER A 93 -9.30 6.81 3.12
N LEU A 94 -8.25 6.19 3.59
CA LEU A 94 -8.37 5.30 4.79
C LEU A 94 -7.72 5.95 6.01
N THR A 95 -8.23 5.66 7.18
CA THR A 95 -7.65 6.25 8.43
C THR A 95 -6.55 5.33 8.97
N PRO A 96 -5.90 5.77 10.03
CA PRO A 96 -4.82 4.93 10.61
C PRO A 96 -5.38 3.98 11.66
N CYS A 97 -4.66 2.93 11.97
CA CYS A 97 -5.14 1.94 12.99
C CYS A 97 -5.13 2.59 14.38
N THR A 98 -6.19 2.42 15.11
CA THR A 98 -6.27 3.01 16.49
C THR A 98 -6.86 1.99 17.46
N CYS A 99 -6.29 0.80 17.50
CA CYS A 99 -6.82 -0.25 18.41
C CYS A 99 -5.71 -1.13 19.03
N GLY A 100 -4.48 -0.99 18.58
CA GLY A 100 -3.38 -1.82 19.15
C GLY A 100 -3.68 -3.31 18.91
N SER A 101 -4.23 -3.63 17.77
CA SER A 101 -4.56 -5.06 17.47
C SER A 101 -3.49 -5.68 16.58
N SER A 102 -2.90 -6.77 17.01
CA SER A 102 -1.85 -7.44 16.18
C SER A 102 -2.48 -8.08 14.95
N ASP A 103 -3.68 -8.58 15.06
CA ASP A 103 -4.36 -9.22 13.89
C ASP A 103 -4.54 -8.19 12.77
N LEU A 104 -4.14 -8.52 11.58
CA LEU A 104 -4.28 -7.56 10.44
C LEU A 104 -4.82 -8.27 9.20
N TYR A 105 -5.54 -7.56 8.37
CA TYR A 105 -6.10 -8.16 7.12
C TYR A 105 -5.43 -7.55 5.89
N LEU A 106 -5.12 -8.34 4.90
CA LEU A 106 -4.44 -7.80 3.69
C LEU A 106 -5.36 -7.92 2.46
N VAL A 107 -5.33 -6.94 1.59
CA VAL A 107 -6.18 -6.98 0.37
C VAL A 107 -5.30 -7.18 -0.87
N THR A 108 -5.62 -8.13 -1.71
CA THR A 108 -4.80 -8.38 -2.93
C THR A 108 -5.57 -7.97 -4.20
N ARG A 109 -4.97 -8.14 -5.35
CA ARG A 109 -5.65 -7.76 -6.63
C ARG A 109 -6.95 -8.55 -6.80
N HIS A 110 -7.03 -9.71 -6.22
CA HIS A 110 -8.26 -10.55 -6.36
C HIS A 110 -9.28 -10.23 -5.25
N ALA A 111 -9.13 -9.11 -4.58
CA ALA A 111 -10.09 -8.73 -3.48
C ALA A 111 -10.20 -9.87 -2.46
N ASP A 112 -9.10 -10.52 -2.16
CA ASP A 112 -9.12 -11.63 -1.17
C ASP A 112 -8.60 -11.14 0.18
N VAL A 113 -9.23 -11.56 1.25
CA VAL A 113 -8.77 -11.11 2.61
C VAL A 113 -8.13 -12.28 3.35
N ILE A 114 -6.87 -12.15 3.71
CA ILE A 114 -6.18 -13.24 4.45
C ILE A 114 -5.74 -12.73 5.84
N PRO A 115 -6.20 -13.39 6.88
CA PRO A 115 -5.80 -12.93 8.23
C PRO A 115 -4.30 -13.10 8.44
N VAL A 116 -3.63 -12.09 8.95
CA VAL A 116 -2.17 -12.17 9.18
C VAL A 116 -1.84 -11.74 10.62
N ARG A 117 -1.08 -12.53 11.33
CA ARG A 117 -0.73 -12.15 12.73
C ARG A 117 0.51 -11.25 12.74
N ARG A 118 0.46 -10.16 13.46
CA ARG A 118 1.63 -9.24 13.51
C ARG A 118 2.80 -9.87 14.28
N ARG A 119 3.96 -9.87 13.71
CA ARG A 119 5.16 -10.45 14.40
C ARG A 119 6.03 -9.35 14.99
N GLY A 120 5.91 -8.14 14.49
CA GLY A 120 6.73 -7.01 15.02
C GLY A 120 6.18 -5.68 14.48
N ASP A 121 6.92 -4.62 14.64
CA ASP A 121 6.44 -3.30 14.14
C ASP A 121 6.23 -3.34 12.62
N SER A 122 7.11 -4.00 11.91
CA SER A 122 6.96 -4.09 10.42
C SER A 122 7.08 -5.55 9.96
N ARG A 123 6.77 -6.49 10.82
CA ARG A 123 6.86 -7.93 10.43
C ARG A 123 5.53 -8.64 10.70
N GLY A 124 5.12 -9.51 9.80
CA GLY A 124 3.84 -10.24 9.99
C GLY A 124 4.03 -11.71 9.63
N SER A 125 3.08 -12.55 9.98
CA SER A 125 3.20 -14.00 9.67
C SER A 125 1.94 -14.48 8.94
N LEU A 126 2.07 -15.46 8.10
CA LEU A 126 0.89 -15.99 7.35
C LEU A 126 0.41 -17.31 7.96
N LEU A 127 -0.86 -17.44 8.22
CA LEU A 127 -1.39 -18.71 8.80
C LEU A 127 -1.14 -19.87 7.84
N SER A 128 -1.30 -19.63 6.56
CA SER A 128 -1.08 -20.72 5.56
C SER A 128 0.05 -20.31 4.61
N PRO A 129 0.77 -21.29 4.11
CA PRO A 129 1.89 -20.96 3.18
C PRO A 129 1.38 -20.80 1.74
N ARG A 130 0.85 -19.64 1.42
CA ARG A 130 0.34 -19.42 0.04
C ARG A 130 1.50 -19.31 -0.95
N PRO A 131 1.21 -19.52 -2.21
CA PRO A 131 2.31 -19.44 -3.22
C PRO A 131 2.77 -18.00 -3.37
N VAL A 132 4.04 -17.81 -3.69
CA VAL A 132 4.57 -16.41 -3.86
C VAL A 132 3.81 -15.69 -4.98
N SER A 133 3.42 -16.42 -6.00
CA SER A 133 2.67 -15.80 -7.14
C SER A 133 1.40 -15.11 -6.64
N TYR A 134 0.75 -15.68 -5.66
CA TYR A 134 -0.52 -15.07 -5.13
C TYR A 134 -0.21 -13.67 -4.57
N LEU A 135 0.90 -13.51 -3.90
CA LEU A 135 1.25 -12.18 -3.33
C LEU A 135 1.87 -11.27 -4.39
N LYS A 136 2.38 -11.84 -5.46
CA LYS A 136 3.00 -10.99 -6.54
C LYS A 136 1.96 -10.03 -7.11
N GLY A 137 2.35 -8.80 -7.38
CA GLY A 137 1.39 -7.80 -7.93
C GLY A 137 0.52 -7.23 -6.80
N SER A 138 0.73 -7.65 -5.57
CA SER A 138 -0.10 -7.12 -4.44
C SER A 138 0.68 -6.06 -3.64
N SER A 139 1.87 -5.71 -4.07
CA SER A 139 2.66 -4.67 -3.33
C SER A 139 1.89 -3.35 -3.31
N GLY A 140 1.91 -2.66 -2.20
CA GLY A 140 1.16 -1.38 -2.10
C GLY A 140 -0.22 -1.63 -1.51
N GLY A 141 -0.69 -2.86 -1.51
CA GLY A 141 -2.04 -3.18 -0.94
C GLY A 141 -2.08 -2.71 0.53
N PRO A 142 -3.20 -2.16 0.93
CA PRO A 142 -3.27 -1.68 2.33
C PRO A 142 -3.73 -2.78 3.28
N LEU A 143 -3.21 -2.77 4.48
CA LEU A 143 -3.61 -3.79 5.49
C LEU A 143 -4.56 -3.13 6.48
N LEU A 144 -5.69 -3.73 6.75
CA LEU A 144 -6.67 -3.09 7.69
C LEU A 144 -6.92 -3.97 8.92
N CYS A 145 -6.83 -3.39 10.10
CA CYS A 145 -7.09 -4.16 11.34
C CYS A 145 -8.58 -4.51 11.42
N PRO A 146 -8.92 -5.51 12.21
CA PRO A 146 -10.37 -5.90 12.30
C PRO A 146 -11.29 -4.71 12.61
N SER A 147 -10.78 -3.70 13.26
CA SER A 147 -11.64 -2.51 13.58
C SER A 147 -12.10 -1.84 12.28
N GLY A 148 -11.23 -1.75 11.30
CA GLY A 148 -11.62 -1.11 10.00
C GLY A 148 -10.73 0.09 9.72
N HIS A 149 -9.48 0.02 10.07
CA HIS A 149 -8.55 1.17 9.81
C HIS A 149 -7.23 0.68 9.18
N ALA A 150 -6.60 1.50 8.39
CA ALA A 150 -5.32 1.09 7.73
C ALA A 150 -4.22 0.90 8.79
N VAL A 151 -3.41 -0.11 8.63
CA VAL A 151 -2.30 -0.36 9.61
C VAL A 151 -0.93 -0.25 8.93
N GLY A 152 -0.88 -0.40 7.63
CA GLY A 152 0.43 -0.30 6.91
C GLY A 152 0.27 -0.73 5.46
N ILE A 153 1.36 -0.86 4.75
CA ILE A 153 1.29 -1.28 3.31
C ILE A 153 2.24 -2.45 3.06
N PHE A 154 1.81 -3.40 2.26
CA PHE A 154 2.69 -4.58 1.96
C PHE A 154 3.84 -4.15 1.05
N ARG A 155 5.04 -4.59 1.35
CA ARG A 155 6.22 -4.21 0.50
C ARG A 155 6.81 -5.47 -0.15
N ALA A 156 7.12 -6.47 0.64
CA ALA A 156 7.71 -7.72 0.06
C ALA A 156 7.29 -8.94 0.89
N ALA A 157 7.37 -10.11 0.32
CA ALA A 157 6.98 -11.34 1.05
C ALA A 157 8.18 -12.25 1.26
N VAL A 158 8.18 -13.03 2.31
CA VAL A 158 9.33 -13.95 2.57
C VAL A 158 8.89 -15.39 2.33
N CYS A 159 9.52 -16.06 1.41
CA CYS A 159 9.15 -17.49 1.11
C CYS A 159 10.39 -18.38 1.10
N THR A 160 10.20 -19.67 1.28
CA THR A 160 11.37 -20.61 1.28
C THR A 160 11.44 -21.35 -0.06
N ARG A 161 10.41 -22.09 -0.38
CA ARG A 161 10.41 -22.86 -1.66
C ARG A 161 9.11 -22.59 -2.44
N GLY A 162 8.91 -21.36 -2.84
CA GLY A 162 7.67 -21.03 -3.60
C GLY A 162 6.48 -20.85 -2.63
N VAL A 163 6.73 -20.82 -1.34
CA VAL A 163 5.63 -20.65 -0.36
C VAL A 163 5.93 -19.47 0.58
N ALA A 164 4.98 -18.60 0.77
CA ALA A 164 5.20 -17.43 1.68
C ALA A 164 4.70 -17.75 3.10
N LYS A 165 5.57 -17.62 4.08
CA LYS A 165 5.14 -17.91 5.48
C LYS A 165 5.08 -16.60 6.29
N ALA A 166 5.89 -15.64 5.94
CA ALA A 166 5.87 -14.35 6.69
C ALA A 166 6.04 -13.18 5.71
N VAL A 167 5.49 -12.03 6.05
CA VAL A 167 5.61 -10.85 5.14
C VAL A 167 6.11 -9.62 5.91
N ASP A 168 6.63 -8.65 5.21
CA ASP A 168 7.14 -7.42 5.88
C ASP A 168 6.43 -6.18 5.33
N PHE A 169 5.92 -5.34 6.19
CA PHE A 169 5.20 -4.12 5.72
C PHE A 169 5.67 -2.88 6.50
N VAL A 170 5.45 -1.71 5.95
CA VAL A 170 5.85 -0.46 6.67
C VAL A 170 4.67 0.07 7.48
N PRO A 171 4.91 0.28 8.76
CA PRO A 171 3.79 0.79 9.61
C PRO A 171 3.35 2.18 9.14
N VAL A 172 2.13 2.57 9.45
CA VAL A 172 1.62 3.90 9.03
C VAL A 172 2.51 5.02 9.62
N GLU A 173 3.16 4.76 10.72
CA GLU A 173 4.03 5.81 11.35
C GLU A 173 5.13 6.24 10.37
N SER A 174 5.70 5.30 9.66
CA SER A 174 6.79 5.66 8.68
C SER A 174 6.21 6.53 7.56
N MET A 175 5.00 6.25 7.13
CA MET A 175 4.38 7.06 6.03
C MET A 175 4.27 8.53 6.45
N GLU A 176 3.89 8.78 7.67
CA GLU A 176 3.77 10.20 8.14
C GLU A 176 5.16 10.84 8.24
N THR A 177 6.12 10.09 8.73
CA THR A 177 7.50 10.65 8.86
C THR A 177 8.05 11.04 7.49
N THR A 178 7.78 10.23 6.48
CA THR A 178 8.28 10.54 5.10
C THR A 178 7.73 11.88 4.64
N MET A 179 6.48 12.15 4.90
CA MET A 179 5.86 13.44 4.48
C MET A 179 6.61 14.62 5.10
N ARG A 180 6.89 14.55 6.38
CA ARG A 180 7.63 15.66 7.06
C ARG A 180 9.08 15.69 6.58
N ALA A 181 9.68 14.53 6.43
CA ALA A 181 11.10 14.48 5.97
C ALA A 181 11.23 14.99 4.54
N SER A 182 10.15 14.93 3.77
CA SER A 182 10.22 15.41 2.36
C SER A 182 10.60 16.90 2.32
N LYS A 183 10.06 17.68 3.22
CA LYS A 183 10.39 19.14 3.24
C LYS A 183 11.33 19.44 4.41
N LYS A 184 12.57 19.77 4.12
CA LYS A 184 13.54 20.08 5.21
C LYS A 184 14.66 20.97 4.66
N LYS A 185 15.11 21.92 5.44
CA LYS A 185 16.20 22.83 4.99
C LYS A 185 17.03 23.31 6.19
N LYS A 186 18.23 23.77 5.94
CA LYS A 186 19.09 24.26 7.06
C LYS A 186 20.30 25.03 6.51
N GLU B 2 11.41 -11.70 -1.35
CA GLU B 2 11.40 -11.27 -2.77
C GLU B 2 10.38 -10.13 -2.97
N LEU B 3 10.80 -9.06 -3.60
CA LEU B 3 9.87 -7.92 -3.84
C LEU B 3 8.70 -8.35 -4.71
N THR A 22 -17.16 21.48 -8.77
CA THR A 22 -17.89 21.60 -7.48
C THR A 22 -19.36 21.95 -7.74
N GLY A 23 -20.25 21.01 -7.51
CA GLY A 23 -21.70 21.27 -7.73
C GLY A 23 -22.48 19.96 -7.63
N ARG A 24 -22.58 19.40 -6.45
CA ARG A 24 -23.33 18.12 -6.27
C ARG A 24 -22.82 17.04 -7.24
N ASP A 25 -21.53 16.98 -7.44
CA ASP A 25 -20.96 15.97 -8.38
C ASP A 25 -20.29 14.84 -7.59
N LYS A 26 -20.88 13.67 -7.59
CA LYS A 26 -20.28 12.52 -6.84
C LYS A 26 -20.00 11.36 -7.80
N ASN A 27 -18.86 10.74 -7.66
CA ASN A 27 -18.51 9.59 -8.54
C ASN A 27 -17.90 8.45 -7.74
N GLN A 28 -18.42 7.26 -7.87
CA GLN A 28 -17.88 6.08 -7.12
C GLN A 28 -17.82 6.40 -5.61
N VAL A 29 -18.86 6.07 -4.88
CA VAL A 29 -18.87 6.35 -3.42
C VAL A 29 -17.71 5.62 -2.73
N GLU A 30 -17.44 4.39 -3.13
CA GLU A 30 -16.33 3.63 -2.51
C GLU A 30 -15.19 3.43 -3.52
N GLY A 31 -13.98 3.80 -3.15
CA GLY A 31 -12.83 3.66 -4.08
C GLY A 31 -11.56 4.15 -3.39
N GLU A 32 -11.38 3.81 -2.14
CA GLU A 32 -10.16 4.27 -1.40
C GLU A 32 -8.90 3.65 -2.02
N VAL A 33 -9.00 2.44 -2.51
CA VAL A 33 -7.82 1.78 -3.13
C VAL A 33 -7.97 1.76 -4.66
N GLN A 34 -6.98 2.25 -5.36
CA GLN A 34 -7.05 2.28 -6.86
C GLN A 34 -5.91 1.45 -7.47
N VAL A 35 -6.18 0.76 -8.55
CA VAL A 35 -5.12 -0.08 -9.18
C VAL A 35 -4.17 0.80 -10.00
N VAL A 36 -2.89 0.66 -9.78
CA VAL A 36 -1.90 1.47 -10.55
C VAL A 36 -0.93 0.54 -11.28
N SER A 37 -0.48 0.94 -12.44
CA SER A 37 0.45 0.07 -13.20
C SER A 37 1.50 0.91 -13.95
N THR A 38 2.48 0.27 -14.51
CA THR A 38 3.54 0.99 -15.27
C THR A 38 3.79 0.29 -16.60
N ALA A 39 4.81 0.69 -17.31
CA ALA A 39 5.11 0.04 -18.62
C ALA A 39 5.40 -1.46 -18.44
N THR A 40 5.98 -1.84 -17.32
CA THR A 40 6.31 -3.29 -17.11
C THR A 40 5.88 -3.78 -15.72
N GLN A 41 5.51 -2.91 -14.81
CA GLN A 41 5.11 -3.37 -13.44
C GLN A 41 3.63 -3.08 -13.17
N SER A 42 3.03 -3.86 -12.30
CA SER A 42 1.59 -3.65 -11.97
C SER A 42 1.35 -3.95 -10.49
N PHE A 43 0.73 -3.03 -9.77
CA PHE A 43 0.47 -3.27 -8.31
C PHE A 43 -0.66 -2.36 -7.82
N LEU A 44 -0.98 -2.43 -6.55
CA LEU A 44 -2.09 -1.59 -6.00
C LEU A 44 -1.57 -0.56 -5.01
N ALA A 45 -2.27 0.52 -4.83
CA ALA A 45 -1.83 1.58 -3.88
C ALA A 45 -2.96 1.97 -2.93
N THR A 46 -2.63 2.58 -1.82
CA THR A 46 -3.69 2.98 -0.84
C THR A 46 -3.67 4.50 -0.63
N CYS A 47 -4.80 5.14 -0.72
CA CYS A 47 -4.85 6.62 -0.53
C CYS A 47 -5.07 6.97 0.94
N VAL A 48 -4.02 7.40 1.61
CA VAL A 48 -4.14 7.77 3.05
C VAL A 48 -3.99 9.28 3.20
N ASN A 49 -4.91 9.91 3.90
CA ASN A 49 -4.84 11.40 4.10
C ASN A 49 -4.83 12.12 2.75
N GLY A 50 -5.60 11.64 1.80
CA GLY A 50 -5.66 12.30 0.46
C GLY A 50 -4.35 12.10 -0.31
N VAL A 51 -3.56 11.11 0.06
CA VAL A 51 -2.27 10.87 -0.66
C VAL A 51 -2.13 9.37 -0.97
N CYS A 52 -1.82 9.04 -2.20
CA CYS A 52 -1.65 7.59 -2.56
C CYS A 52 -0.36 7.06 -1.95
N TRP A 53 -0.32 5.80 -1.59
CA TRP A 53 0.91 5.23 -0.98
C TRP A 53 1.17 3.82 -1.50
N THR A 54 2.42 3.46 -1.65
CA THR A 54 2.77 2.09 -2.16
C THR A 54 4.28 1.86 -2.00
N VAL A 55 4.76 0.72 -2.43
CA VAL A 55 6.21 0.43 -2.31
C VAL A 55 6.99 1.15 -3.41
N TYR A 56 8.28 1.29 -3.24
CA TYR A 56 9.11 2.00 -4.27
C TYR A 56 9.60 1.06 -5.37
N HIS A 57 9.89 -0.18 -5.04
CA HIS A 57 10.39 -1.12 -6.10
C HIS A 57 9.30 -1.35 -7.17
N GLY A 58 8.06 -1.11 -6.83
CA GLY A 58 6.96 -1.30 -7.84
C GLY A 58 6.93 -0.06 -8.74
N ALA A 59 6.70 1.09 -8.17
CA ALA A 59 6.66 2.34 -8.99
C ALA A 59 8.08 2.88 -9.21
N GLY A 60 8.76 3.22 -8.14
CA GLY A 60 10.15 3.75 -8.27
C GLY A 60 10.11 5.23 -8.65
N SER A 61 9.16 5.97 -8.12
CA SER A 61 9.05 7.43 -8.43
C SER A 61 8.99 7.65 -9.96
N LYS A 62 8.28 6.80 -10.65
CA LYS A 62 8.17 6.95 -12.14
C LYS A 62 6.74 7.34 -12.51
N THR A 63 6.46 7.51 -13.77
CA THR A 63 5.08 7.88 -14.19
C THR A 63 4.13 6.73 -13.86
N LEU A 64 2.95 7.03 -13.38
CA LEU A 64 1.99 5.96 -13.02
C LEU A 64 0.70 6.09 -13.83
N ALA A 65 0.18 4.99 -14.30
CA ALA A 65 -1.08 5.04 -15.10
C ALA A 65 -2.22 4.38 -14.33
N GLY A 66 -3.16 5.16 -13.86
CA GLY A 66 -4.31 4.59 -13.09
C GLY A 66 -5.55 4.56 -13.98
N PRO A 67 -6.68 4.22 -13.39
CA PRO A 67 -7.92 4.17 -14.22
C PRO A 67 -8.29 5.57 -14.71
N LYS A 68 -7.98 6.58 -13.95
CA LYS A 68 -8.32 7.97 -14.36
C LYS A 68 -7.33 8.45 -15.43
N GLY A 69 -6.11 7.97 -15.38
CA GLY A 69 -5.09 8.39 -16.39
C GLY A 69 -3.72 8.50 -15.70
N PRO A 70 -2.94 9.45 -16.14
CA PRO A 70 -1.59 9.62 -15.53
C PRO A 70 -1.72 10.19 -14.11
N ILE A 71 -0.76 9.95 -13.27
CA ILE A 71 -0.82 10.47 -11.87
C ILE A 71 0.49 11.20 -11.52
N THR A 72 0.40 12.30 -10.82
CA THR A 72 1.62 13.07 -10.44
C THR A 72 2.20 12.54 -9.12
N GLN A 73 3.50 12.65 -8.95
CA GLN A 73 4.15 12.18 -7.69
C GLN A 73 4.26 13.32 -6.67
N MET A 74 4.02 13.03 -5.42
CA MET A 74 4.11 14.09 -4.37
C MET A 74 5.19 13.74 -3.34
N TYR A 75 5.39 12.46 -3.08
CA TYR A 75 6.43 12.06 -2.08
C TYR A 75 7.21 10.84 -2.59
N THR A 76 8.45 10.72 -2.19
CA THR A 76 9.28 9.55 -2.62
C THR A 76 10.30 9.20 -1.54
N ASN A 77 10.44 7.94 -1.23
CA ASN A 77 11.42 7.53 -0.18
C ASN A 77 12.11 6.22 -0.56
N VAL A 78 13.31 6.30 -1.07
CA VAL A 78 14.04 5.07 -1.47
C VAL A 78 14.46 4.27 -0.23
N ASP A 79 14.85 4.95 0.82
CA ASP A 79 15.28 4.25 2.07
C ASP A 79 14.13 3.40 2.62
N GLN A 80 12.95 3.93 2.68
CA GLN A 80 11.79 3.15 3.21
C GLN A 80 11.08 2.37 2.08
N ASP A 81 11.59 2.44 0.87
CA ASP A 81 10.93 1.72 -0.27
C ASP A 81 9.46 2.10 -0.38
N LEU A 82 9.16 3.38 -0.33
CA LEU A 82 7.73 3.83 -0.44
C LEU A 82 7.61 5.08 -1.30
N VAL A 83 6.56 5.18 -2.08
CA VAL A 83 6.34 6.38 -2.94
C VAL A 83 4.86 6.77 -2.91
N GLY A 84 4.57 8.05 -2.96
CA GLY A 84 3.14 8.49 -2.92
C GLY A 84 2.84 9.43 -4.08
N TRP A 85 1.61 9.47 -4.50
CA TRP A 85 1.21 10.38 -5.62
C TRP A 85 0.15 11.37 -5.14
N GLN A 86 -0.13 12.39 -5.93
CA GLN A 86 -1.17 13.37 -5.52
C GLN A 86 -2.56 12.78 -5.75
N ALA A 87 -3.26 12.46 -4.69
CA ALA A 87 -4.62 11.85 -4.84
C ALA A 87 -5.57 12.85 -5.52
N PRO A 88 -6.41 12.35 -6.39
CA PRO A 88 -7.36 13.27 -7.07
C PRO A 88 -8.42 13.77 -6.09
N PRO A 89 -9.05 14.87 -6.44
CA PRO A 89 -10.09 15.42 -5.53
C PRO A 89 -11.33 14.50 -5.52
N GLY A 90 -12.11 14.57 -4.48
CA GLY A 90 -13.33 13.71 -4.40
C GLY A 90 -12.92 12.26 -4.20
N ALA A 91 -11.81 12.03 -3.56
CA ALA A 91 -11.33 10.63 -3.32
C ALA A 91 -11.38 10.30 -1.82
N ARG A 92 -11.78 9.10 -1.48
CA ARG A 92 -11.86 8.71 -0.05
C ARG A 92 -10.48 8.22 0.42
N SER A 93 -10.20 8.34 1.70
CA SER A 93 -8.87 7.89 2.21
C SER A 93 -9.06 7.00 3.45
N LEU A 94 -8.00 6.36 3.89
CA LEU A 94 -8.11 5.47 5.09
C LEU A 94 -7.39 6.10 6.28
N THR A 95 -7.92 5.91 7.47
CA THR A 95 -7.26 6.47 8.68
C THR A 95 -6.20 5.49 9.21
N PRO A 96 -5.45 5.94 10.20
CA PRO A 96 -4.40 5.04 10.76
C PRO A 96 -5.00 4.08 11.78
N CYS A 97 -4.32 3.01 12.08
CA CYS A 97 -4.84 2.03 13.08
C CYS A 97 -4.61 2.55 14.50
N THR A 98 -5.64 2.53 15.31
CA THR A 98 -5.51 3.01 16.71
C THR A 98 -6.21 2.03 17.66
N CYS A 99 -5.82 0.79 17.62
CA CYS A 99 -6.48 -0.23 18.50
C CYS A 99 -5.48 -1.29 19.02
N GLY A 100 -4.24 -1.26 18.59
CA GLY A 100 -3.25 -2.27 19.07
C GLY A 100 -3.72 -3.67 18.69
N SER A 101 -4.27 -3.83 17.51
CA SER A 101 -4.76 -5.18 17.09
C SER A 101 -3.74 -5.85 16.17
N SER A 102 -3.23 -6.99 16.56
CA SER A 102 -2.23 -7.72 15.71
C SER A 102 -2.89 -8.26 14.45
N ASP A 103 -4.17 -8.55 14.51
CA ASP A 103 -4.88 -9.08 13.30
C ASP A 103 -4.92 -8.03 12.20
N LEU A 104 -4.53 -8.39 11.01
CA LEU A 104 -4.54 -7.41 9.88
C LEU A 104 -5.13 -8.04 8.62
N TYR A 105 -5.76 -7.25 7.78
CA TYR A 105 -6.34 -7.78 6.52
C TYR A 105 -5.65 -7.14 5.31
N LEU A 106 -5.12 -7.94 4.43
CA LEU A 106 -4.41 -7.38 3.23
C LEU A 106 -5.31 -7.43 2.00
N VAL A 107 -5.29 -6.40 1.19
CA VAL A 107 -6.14 -6.38 -0.04
C VAL A 107 -5.31 -6.82 -1.25
N THR A 108 -5.89 -7.60 -2.14
CA THR A 108 -5.13 -8.07 -3.34
C THR A 108 -5.82 -7.60 -4.62
N ARG A 109 -5.19 -7.82 -5.75
CA ARG A 109 -5.80 -7.39 -7.06
C ARG A 109 -7.12 -8.12 -7.31
N HIS A 110 -7.29 -9.29 -6.74
CA HIS A 110 -8.55 -10.07 -6.96
C HIS A 110 -9.57 -9.76 -5.85
N ALA A 111 -9.47 -8.61 -5.22
CA ALA A 111 -10.44 -8.24 -4.14
C ALA A 111 -10.47 -9.32 -3.05
N ASP A 112 -9.43 -10.10 -2.93
CA ASP A 112 -9.39 -11.16 -1.89
C ASP A 112 -8.68 -10.64 -0.63
N VAL A 113 -8.97 -11.20 0.50
CA VAL A 113 -8.32 -10.73 1.76
C VAL A 113 -7.74 -11.91 2.54
N ILE A 114 -6.49 -11.81 2.94
CA ILE A 114 -5.85 -12.92 3.71
C ILE A 114 -5.52 -12.43 5.13
N PRO A 115 -6.04 -13.11 6.12
CA PRO A 115 -5.77 -12.67 7.51
C PRO A 115 -4.28 -12.82 7.84
N VAL A 116 -3.68 -11.77 8.35
CA VAL A 116 -2.23 -11.82 8.70
C VAL A 116 -2.02 -11.34 10.14
N ARG A 117 -1.30 -12.09 10.93
CA ARG A 117 -1.07 -11.67 12.35
C ARG A 117 0.14 -10.74 12.42
N ARG A 118 0.15 -9.84 13.37
CA ARG A 118 1.30 -8.89 13.50
C ARG A 118 2.36 -9.47 14.44
N ARG A 119 3.56 -9.67 13.95
CA ARG A 119 4.64 -10.22 14.80
C ARG A 119 5.73 -9.16 15.04
N GLY A 120 5.42 -7.90 14.86
CA GLY A 120 6.42 -6.83 15.07
C GLY A 120 5.90 -5.51 14.48
N ASP A 121 6.69 -4.46 14.58
CA ASP A 121 6.24 -3.15 14.03
C ASP A 121 6.05 -3.24 12.51
N SER A 122 6.93 -3.93 11.84
CA SER A 122 6.82 -4.07 10.35
C SER A 122 6.94 -5.54 9.94
N ARG A 123 6.64 -6.45 10.82
CA ARG A 123 6.74 -7.90 10.48
C ARG A 123 5.42 -8.62 10.77
N GLY A 124 5.01 -9.50 9.90
CA GLY A 124 3.73 -10.25 10.13
C GLY A 124 3.92 -11.71 9.71
N SER A 125 2.95 -12.55 10.01
CA SER A 125 3.06 -13.98 9.64
C SER A 125 1.90 -14.37 8.72
N LEU A 126 2.09 -15.36 7.88
CA LEU A 126 1.00 -15.79 6.95
C LEU A 126 0.26 -17.00 7.52
N LEU A 127 -1.01 -16.87 7.78
CA LEU A 127 -1.79 -18.01 8.33
C LEU A 127 -1.88 -19.14 7.30
N SER A 128 -2.04 -18.79 6.05
CA SER A 128 -2.13 -19.83 4.98
C SER A 128 -0.87 -19.78 4.10
N PRO A 129 -0.04 -20.80 4.21
CA PRO A 129 1.19 -20.80 3.38
C PRO A 129 0.84 -20.90 1.90
N ARG A 130 1.14 -19.88 1.13
CA ARG A 130 0.83 -19.91 -0.33
C ARG A 130 2.09 -19.60 -1.15
N PRO A 131 2.06 -19.98 -2.41
CA PRO A 131 3.26 -19.72 -3.26
C PRO A 131 3.47 -18.20 -3.41
N VAL A 132 4.68 -17.80 -3.72
CA VAL A 132 4.96 -16.34 -3.88
C VAL A 132 4.09 -15.75 -5.00
N SER A 133 3.75 -16.55 -5.99
CA SER A 133 2.91 -16.05 -7.12
C SER A 133 1.55 -15.61 -6.58
N TYR A 134 1.07 -16.26 -5.55
CA TYR A 134 -0.26 -15.88 -4.98
C TYR A 134 -0.24 -14.42 -4.49
N LEU A 135 0.83 -14.00 -3.89
CA LEU A 135 0.91 -12.59 -3.39
C LEU A 135 1.70 -11.69 -4.36
N LYS A 136 2.22 -12.24 -5.43
CA LYS A 136 2.98 -11.38 -6.40
C LYS A 136 2.02 -10.44 -7.14
N GLY A 137 2.43 -9.21 -7.35
CA GLY A 137 1.54 -8.24 -8.05
C GLY A 137 0.55 -7.61 -7.06
N SER A 138 0.56 -8.03 -5.81
CA SER A 138 -0.38 -7.44 -4.81
C SER A 138 0.38 -6.54 -3.83
N SER A 139 1.59 -6.17 -4.14
CA SER A 139 2.36 -5.28 -3.23
C SER A 139 1.75 -3.89 -3.23
N GLY A 140 1.85 -3.17 -2.13
CA GLY A 140 1.25 -1.82 -2.06
C GLY A 140 -0.11 -1.89 -1.37
N GLY A 141 -0.72 -3.07 -1.32
CA GLY A 141 -2.05 -3.20 -0.65
C GLY A 141 -1.95 -2.74 0.80
N PRO A 142 -3.03 -2.25 1.33
CA PRO A 142 -2.99 -1.76 2.73
C PRO A 142 -3.46 -2.84 3.71
N LEU A 143 -2.92 -2.83 4.89
CA LEU A 143 -3.34 -3.82 5.93
C LEU A 143 -4.30 -3.14 6.90
N LEU A 144 -5.56 -3.48 6.84
CA LEU A 144 -6.55 -2.83 7.75
C LEU A 144 -6.88 -3.72 8.95
N CYS A 145 -6.82 -3.16 10.14
CA CYS A 145 -7.14 -3.96 11.36
C CYS A 145 -8.66 -4.24 11.39
N PRO A 146 -9.06 -5.25 12.13
CA PRO A 146 -10.52 -5.58 12.17
C PRO A 146 -11.39 -4.36 12.49
N SER A 147 -10.83 -3.36 13.13
CA SER A 147 -11.64 -2.14 13.46
C SER A 147 -12.05 -1.42 12.17
N GLY A 148 -11.15 -1.35 11.21
CA GLY A 148 -11.50 -0.66 9.92
C GLY A 148 -10.54 0.51 9.68
N HIS A 149 -9.30 0.38 10.06
CA HIS A 149 -8.31 1.49 9.85
C HIS A 149 -7.03 0.95 9.21
N ALA A 150 -6.41 1.74 8.37
CA ALA A 150 -5.14 1.28 7.71
C ALA A 150 -4.03 1.09 8.75
N VAL A 151 -3.19 0.10 8.55
CA VAL A 151 -2.09 -0.15 9.53
C VAL A 151 -0.74 -0.01 8.83
N GLY A 152 -0.63 -0.48 7.61
CA GLY A 152 0.66 -0.38 6.86
C GLY A 152 0.47 -0.89 5.43
N ILE A 153 1.54 -1.11 4.72
CA ILE A 153 1.42 -1.60 3.31
C ILE A 153 2.34 -2.82 3.10
N PHE A 154 1.84 -3.82 2.42
CA PHE A 154 2.67 -5.05 2.15
C PHE A 154 3.86 -4.67 1.27
N ARG A 155 5.03 -5.19 1.56
CA ARG A 155 6.22 -4.86 0.74
C ARG A 155 6.76 -6.12 0.04
N ALA A 156 7.00 -7.17 0.79
CA ALA A 156 7.52 -8.43 0.16
C ALA A 156 7.21 -9.64 1.05
N ALA A 157 7.26 -10.82 0.49
CA ALA A 157 6.97 -12.05 1.29
C ALA A 157 8.25 -12.85 1.50
N VAL A 158 8.33 -13.58 2.58
CA VAL A 158 9.55 -14.39 2.86
C VAL A 158 9.24 -15.88 2.65
N CYS A 159 9.92 -16.50 1.72
CA CYS A 159 9.68 -17.95 1.45
C CYS A 159 11.01 -18.70 1.35
N THR A 160 10.97 -20.01 1.38
CA THR A 160 12.23 -20.81 1.29
C THR A 160 12.12 -21.84 0.17
N ARG A 161 11.11 -22.66 0.20
CA ARG A 161 10.94 -23.70 -0.86
C ARG A 161 9.88 -23.26 -1.88
N GLY A 162 9.68 -21.98 -2.04
CA GLY A 162 8.67 -21.48 -3.01
C GLY A 162 7.37 -21.10 -2.27
N VAL A 163 7.31 -21.29 -0.98
CA VAL A 163 6.06 -20.93 -0.22
C VAL A 163 6.39 -19.87 0.84
N ALA A 164 5.66 -18.80 0.87
CA ALA A 164 5.92 -17.73 1.87
C ALA A 164 5.15 -17.99 3.16
N LYS A 165 5.83 -17.99 4.29
CA LYS A 165 5.14 -18.22 5.59
C LYS A 165 4.95 -16.89 6.34
N ALA A 166 5.72 -15.89 5.99
CA ALA A 166 5.59 -14.57 6.68
C ALA A 166 5.78 -13.43 5.67
N VAL A 167 5.33 -12.25 6.02
CA VAL A 167 5.48 -11.09 5.10
C VAL A 167 6.04 -9.88 5.85
N ASP A 168 6.34 -8.81 5.13
CA ASP A 168 6.88 -7.59 5.80
C ASP A 168 6.16 -6.35 5.27
N PHE A 169 5.73 -5.47 6.15
CA PHE A 169 5.01 -4.25 5.71
C PHE A 169 5.52 -3.02 6.48
N VAL A 170 5.36 -1.85 5.91
CA VAL A 170 5.82 -0.61 6.61
C VAL A 170 4.60 0.06 7.29
N PRO A 171 4.71 0.26 8.59
CA PRO A 171 3.56 0.89 9.31
C PRO A 171 3.33 2.32 8.79
N VAL A 172 2.11 2.79 8.89
CA VAL A 172 1.78 4.17 8.40
C VAL A 172 2.67 5.22 9.11
N GLU A 173 3.21 4.88 10.25
CA GLU A 173 4.06 5.87 10.99
C GLU A 173 5.24 6.33 10.11
N SER A 174 5.80 5.43 9.32
CA SER A 174 6.94 5.81 8.44
C SER A 174 6.54 6.93 7.47
N MET A 175 5.30 6.91 7.02
CA MET A 175 4.84 7.97 6.07
C MET A 175 4.97 9.36 6.70
N GLU A 176 4.65 9.47 7.96
CA GLU A 176 4.74 10.80 8.64
C GLU A 176 6.18 11.31 8.61
N THR A 177 7.14 10.44 8.81
CA THR A 177 8.57 10.87 8.79
C THR A 177 8.97 11.34 7.38
N THR A 178 8.50 10.65 6.37
CA THR A 178 8.85 11.05 4.97
C THR A 178 8.34 12.47 4.68
N MET A 179 7.12 12.75 5.03
CA MET A 179 6.56 14.12 4.77
C MET A 179 7.32 15.16 5.60
N ARG A 180 7.65 14.83 6.82
CA ARG A 180 8.39 15.80 7.69
C ARG A 180 9.82 15.99 7.17
N ALA A 181 10.45 14.92 6.74
CA ALA A 181 11.85 15.03 6.23
C ALA A 181 11.90 15.98 5.02
N SER A 182 10.92 15.92 4.16
CA SER A 182 10.91 16.81 2.97
C SER A 182 9.68 17.72 2.99
N LYS A 183 9.79 18.86 3.64
CA LYS A 183 8.63 19.80 3.71
C LYS A 183 8.22 20.24 2.31
N LYS A 184 9.18 20.49 1.45
CA LYS A 184 8.86 20.92 0.06
C LYS A 184 9.45 19.94 -0.95
N LYS A 185 8.65 19.48 -1.88
CA LYS A 185 9.16 18.52 -2.91
C LYS A 185 8.95 19.08 -4.32
N LYS A 186 9.98 19.07 -5.13
CA LYS A 186 9.84 19.61 -6.52
C LYS A 186 10.44 18.62 -7.52
N GLU B 2 10.89 -11.55 -0.82
CA GLU B 2 10.67 -11.38 -2.28
C GLU B 2 9.76 -10.18 -2.54
N LEU B 3 10.16 -9.30 -3.42
CA LEU B 3 9.32 -8.10 -3.73
C LEU B 3 8.15 -8.48 -4.63
N THR A 22 -12.07 22.90 -6.87
CA THR A 22 -12.60 21.67 -7.54
C THR A 22 -12.22 21.68 -9.03
N GLY A 23 -11.05 21.19 -9.35
CA GLY A 23 -10.62 21.17 -10.78
C GLY A 23 -11.59 20.32 -11.60
N ARG A 24 -12.03 19.21 -11.05
CA ARG A 24 -12.99 18.33 -11.79
C ARG A 24 -14.31 18.22 -11.04
N ASP A 25 -15.41 18.24 -11.75
CA ASP A 25 -16.75 18.14 -11.08
C ASP A 25 -17.68 17.24 -11.89
N LYS A 26 -17.61 15.95 -11.66
CA LYS A 26 -18.49 15.00 -12.42
C LYS A 26 -18.61 13.68 -11.66
N ASN A 27 -17.51 13.18 -11.14
CA ASN A 27 -17.54 11.90 -10.39
C ASN A 27 -17.06 12.11 -8.95
N GLN A 28 -17.70 11.47 -8.01
CA GLN A 28 -17.30 11.64 -6.58
C GLN A 28 -17.11 10.28 -5.92
N VAL A 29 -16.39 10.24 -4.82
CA VAL A 29 -16.15 8.93 -4.10
C VAL A 29 -15.62 7.87 -5.07
N GLU A 30 -14.40 8.02 -5.53
CA GLU A 30 -13.82 7.02 -6.48
C GLU A 30 -13.55 5.70 -5.75
N GLY A 31 -13.07 5.77 -4.53
CA GLY A 31 -12.78 4.54 -3.75
C GLY A 31 -11.52 4.74 -2.92
N GLU A 32 -11.46 4.13 -1.76
CA GLU A 32 -10.24 4.27 -0.89
C GLU A 32 -9.03 3.58 -1.53
N VAL A 33 -9.25 2.45 -2.16
CA VAL A 33 -8.12 1.71 -2.80
C VAL A 33 -8.23 1.81 -4.32
N GLN A 34 -7.16 2.15 -4.99
CA GLN A 34 -7.19 2.28 -6.47
C GLN A 34 -6.12 1.38 -7.10
N VAL A 35 -6.27 1.04 -8.35
CA VAL A 35 -5.27 0.18 -9.03
C VAL A 35 -4.23 1.05 -9.75
N VAL A 36 -3.01 0.98 -9.31
CA VAL A 36 -1.92 1.80 -9.94
C VAL A 36 -0.88 0.86 -10.55
N SER A 37 -0.39 1.17 -11.72
CA SER A 37 0.62 0.27 -12.37
C SER A 37 1.63 1.07 -13.18
N THR A 38 2.64 0.40 -13.69
CA THR A 38 3.67 1.08 -14.50
C THR A 38 3.87 0.33 -15.82
N ALA A 39 4.77 0.80 -16.64
CA ALA A 39 5.03 0.11 -17.94
C ALA A 39 5.77 -1.22 -17.72
N THR A 40 6.22 -1.50 -16.52
CA THR A 40 6.97 -2.76 -16.28
C THR A 40 6.15 -3.76 -15.45
N GLN A 41 5.38 -3.30 -14.49
CA GLN A 41 4.57 -4.25 -13.66
C GLN A 41 3.31 -3.56 -13.09
N SER A 42 2.41 -4.34 -12.54
CA SER A 42 1.15 -3.75 -11.97
C SER A 42 1.03 -4.08 -10.48
N PHE A 43 0.44 -3.19 -9.72
CA PHE A 43 0.28 -3.43 -8.25
C PHE A 43 -0.84 -2.55 -7.69
N LEU A 44 -1.08 -2.60 -6.40
CA LEU A 44 -2.18 -1.77 -5.80
C LEU A 44 -1.59 -0.71 -4.89
N ALA A 45 -2.33 0.35 -4.65
CA ALA A 45 -1.82 1.44 -3.76
C ALA A 45 -2.91 1.88 -2.78
N THR A 46 -2.53 2.26 -1.59
CA THR A 46 -3.52 2.70 -0.57
C THR A 46 -3.56 4.23 -0.51
N CYS A 47 -4.71 4.83 -0.68
CA CYS A 47 -4.81 6.30 -0.63
C CYS A 47 -5.02 6.78 0.82
N VAL A 48 -3.99 7.27 1.45
CA VAL A 48 -4.12 7.75 2.85
C VAL A 48 -4.01 9.28 2.90
N ASN A 49 -4.93 9.93 3.55
CA ASN A 49 -4.91 11.43 3.64
C ASN A 49 -4.91 12.05 2.24
N GLY A 50 -5.67 11.49 1.34
CA GLY A 50 -5.74 12.04 -0.05
C GLY A 50 -4.42 11.81 -0.80
N VAL A 51 -3.63 10.87 -0.37
CA VAL A 51 -2.33 10.59 -1.07
C VAL A 51 -2.20 9.10 -1.37
N CYS A 52 -1.89 8.73 -2.58
CA CYS A 52 -1.73 7.29 -2.93
C CYS A 52 -0.41 6.77 -2.36
N TRP A 53 -0.41 5.58 -1.83
CA TRP A 53 0.85 5.03 -1.24
C TRP A 53 1.15 3.61 -1.73
N THR A 54 2.39 3.35 -2.05
CA THR A 54 2.79 1.99 -2.50
C THR A 54 4.32 1.84 -2.32
N VAL A 55 4.88 0.72 -2.67
CA VAL A 55 6.35 0.54 -2.49
C VAL A 55 7.14 1.23 -3.61
N TYR A 56 8.40 1.48 -3.37
CA TYR A 56 9.25 2.18 -4.39
C TYR A 56 9.60 1.25 -5.56
N HIS A 57 9.94 0.00 -5.30
CA HIS A 57 10.31 -0.92 -6.41
C HIS A 57 9.16 -1.05 -7.43
N GLY A 58 7.95 -0.82 -7.00
CA GLY A 58 6.80 -0.89 -7.95
C GLY A 58 6.86 0.34 -8.87
N ALA A 59 6.99 1.51 -8.28
CA ALA A 59 7.09 2.76 -9.08
C ALA A 59 7.97 3.77 -8.35
N GLY A 60 9.26 3.61 -8.41
CA GLY A 60 10.18 4.54 -7.70
C GLY A 60 10.46 5.77 -8.57
N SER A 61 9.82 6.87 -8.26
CA SER A 61 10.03 8.14 -9.06
C SER A 61 9.92 7.89 -10.56
N LYS A 62 8.81 7.35 -11.00
CA LYS A 62 8.61 7.07 -12.46
C LYS A 62 7.19 7.40 -12.87
N THR A 63 6.90 7.31 -14.14
CA THR A 63 5.52 7.63 -14.62
C THR A 63 4.54 6.60 -14.05
N LEU A 64 3.37 7.05 -13.63
CA LEU A 64 2.37 6.10 -13.06
C LEU A 64 1.12 6.06 -13.93
N ALA A 65 0.36 5.01 -13.83
CA ALA A 65 -0.88 4.90 -14.64
C ALA A 65 -2.03 4.40 -13.77
N GLY A 66 -2.98 5.26 -13.49
CA GLY A 66 -4.13 4.86 -12.63
C GLY A 66 -5.41 4.87 -13.46
N PRO A 67 -6.54 4.86 -12.79
CA PRO A 67 -7.83 4.87 -13.55
C PRO A 67 -8.07 6.24 -14.16
N LYS A 68 -7.63 7.28 -13.50
CA LYS A 68 -7.84 8.66 -14.04
C LYS A 68 -6.86 8.92 -15.18
N GLY A 69 -5.70 8.33 -15.13
CA GLY A 69 -4.69 8.53 -16.21
C GLY A 69 -3.29 8.61 -15.60
N PRO A 70 -2.42 9.37 -16.23
CA PRO A 70 -1.05 9.50 -15.67
C PRO A 70 -1.04 10.44 -14.47
N ILE A 71 -0.28 10.13 -13.46
CA ILE A 71 -0.23 10.99 -12.24
C ILE A 71 1.23 11.30 -11.86
N THR A 72 1.51 12.52 -11.46
CA THR A 72 2.90 12.88 -11.08
C THR A 72 3.18 12.52 -9.61
N GLN A 73 4.34 11.96 -9.34
CA GLN A 73 4.68 11.57 -7.94
C GLN A 73 5.07 12.80 -7.11
N MET A 74 4.65 12.84 -5.87
CA MET A 74 4.99 14.00 -5.00
C MET A 74 5.98 13.58 -3.91
N TYR A 75 5.94 12.33 -3.51
CA TYR A 75 6.87 11.86 -2.43
C TYR A 75 7.75 10.72 -2.95
N THR A 76 9.01 10.72 -2.59
CA THR A 76 9.93 9.64 -3.04
C THR A 76 10.83 9.18 -1.88
N ASN A 77 11.02 7.90 -1.74
CA ASN A 77 11.89 7.39 -0.63
C ASN A 77 12.55 6.08 -1.03
N VAL A 78 13.74 6.16 -1.58
CA VAL A 78 14.47 4.92 -2.00
C VAL A 78 14.91 4.12 -0.76
N ASP A 79 15.44 4.80 0.22
CA ASP A 79 15.90 4.09 1.46
C ASP A 79 14.74 3.35 2.13
N GLN A 80 13.60 3.98 2.22
CA GLN A 80 12.41 3.33 2.86
C GLN A 80 11.58 2.57 1.81
N ASP A 81 11.99 2.58 0.55
CA ASP A 81 11.22 1.87 -0.51
C ASP A 81 9.74 2.31 -0.50
N LEU A 82 9.52 3.60 -0.44
CA LEU A 82 8.10 4.12 -0.43
C LEU A 82 7.93 5.29 -1.39
N VAL A 83 6.77 5.42 -1.98
CA VAL A 83 6.51 6.54 -2.93
C VAL A 83 5.03 6.93 -2.88
N GLY A 84 4.66 8.04 -3.49
CA GLY A 84 3.23 8.46 -3.48
C GLY A 84 2.98 9.51 -4.56
N TRP A 85 1.75 9.66 -4.98
CA TRP A 85 1.43 10.67 -6.03
C TRP A 85 0.27 11.56 -5.56
N GLN A 86 0.13 12.72 -6.14
CA GLN A 86 -0.98 13.63 -5.72
C GLN A 86 -2.33 13.01 -6.11
N ALA A 87 -3.12 12.63 -5.14
CA ALA A 87 -4.44 12.00 -5.44
C ALA A 87 -5.46 13.09 -5.83
N PRO A 88 -6.21 12.82 -6.88
CA PRO A 88 -7.22 13.83 -7.31
C PRO A 88 -8.37 13.90 -6.28
N PRO A 89 -9.09 15.00 -6.32
CA PRO A 89 -10.22 15.13 -5.36
C PRO A 89 -11.34 14.15 -5.70
N GLY A 90 -12.19 13.85 -4.76
CA GLY A 90 -13.31 12.89 -5.04
C GLY A 90 -12.94 11.49 -4.56
N ALA A 91 -11.66 11.20 -4.42
CA ALA A 91 -11.23 9.85 -3.96
C ALA A 91 -11.38 9.74 -2.44
N ARG A 92 -11.44 8.53 -1.93
CA ARG A 92 -11.58 8.33 -0.46
C ARG A 92 -10.21 8.12 0.18
N SER A 93 -10.12 8.30 1.48
CA SER A 93 -8.81 8.10 2.18
C SER A 93 -8.98 7.11 3.33
N LEU A 94 -7.91 6.49 3.75
CA LEU A 94 -7.99 5.51 4.87
C LEU A 94 -7.32 6.06 6.13
N THR A 95 -7.97 5.97 7.25
CA THR A 95 -7.38 6.48 8.52
C THR A 95 -6.36 5.49 9.06
N PRO A 96 -5.48 5.97 9.91
CA PRO A 96 -4.44 5.05 10.47
C PRO A 96 -5.04 4.16 11.57
N CYS A 97 -4.35 3.10 11.92
CA CYS A 97 -4.85 2.18 12.98
C CYS A 97 -4.59 2.77 14.37
N THR A 98 -5.59 2.77 15.22
CA THR A 98 -5.42 3.31 16.59
C THR A 98 -5.98 2.32 17.62
N CYS A 99 -5.55 1.09 17.56
CA CYS A 99 -6.08 0.07 18.52
C CYS A 99 -5.00 -0.94 18.97
N GLY A 100 -3.83 -0.92 18.37
CA GLY A 100 -2.75 -1.87 18.78
C GLY A 100 -3.24 -3.31 18.58
N SER A 101 -4.03 -3.54 17.57
CA SER A 101 -4.55 -4.92 17.32
C SER A 101 -3.52 -5.74 16.54
N SER A 102 -3.34 -6.98 16.90
CA SER A 102 -2.35 -7.86 16.19
C SER A 102 -2.99 -8.42 14.91
N ASP A 103 -4.28 -8.64 14.91
CA ASP A 103 -4.96 -9.20 13.71
C ASP A 103 -4.98 -8.16 12.59
N LEU A 104 -4.57 -8.54 11.41
CA LEU A 104 -4.57 -7.57 10.26
C LEU A 104 -5.23 -8.20 9.03
N TYR A 105 -5.85 -7.39 8.21
CA TYR A 105 -6.51 -7.91 6.99
C TYR A 105 -5.88 -7.28 5.74
N LEU A 106 -5.21 -8.06 4.93
CA LEU A 106 -4.57 -7.50 3.70
C LEU A 106 -5.47 -7.71 2.48
N VAL A 107 -5.49 -6.75 1.58
CA VAL A 107 -6.34 -6.88 0.36
C VAL A 107 -5.45 -7.07 -0.88
N THR A 108 -5.75 -8.06 -1.67
CA THR A 108 -4.92 -8.31 -2.91
C THR A 108 -5.61 -7.75 -4.15
N ARG A 109 -5.07 -8.02 -5.30
CA ARG A 109 -5.69 -7.51 -6.57
C ARG A 109 -7.13 -8.01 -6.72
N HIS A 110 -7.42 -9.16 -6.17
CA HIS A 110 -8.81 -9.72 -6.28
C HIS A 110 -9.67 -9.28 -5.09
N ALA A 111 -9.29 -8.23 -4.40
CA ALA A 111 -10.08 -7.75 -3.23
C ALA A 111 -10.30 -8.89 -2.21
N ASP A 112 -9.42 -9.85 -2.19
CA ASP A 112 -9.56 -10.98 -1.22
C ASP A 112 -9.07 -10.55 0.15
N VAL A 113 -9.48 -11.26 1.19
CA VAL A 113 -9.05 -10.90 2.57
C VAL A 113 -8.08 -11.96 3.10
N ILE A 114 -6.87 -11.58 3.42
CA ILE A 114 -5.89 -12.56 3.96
C ILE A 114 -5.55 -12.21 5.42
N PRO A 115 -6.00 -13.04 6.33
CA PRO A 115 -5.70 -12.76 7.76
C PRO A 115 -4.19 -12.88 8.02
N VAL A 116 -3.57 -11.79 8.42
CA VAL A 116 -2.11 -11.82 8.70
C VAL A 116 -1.85 -11.43 10.15
N ARG A 117 -1.09 -12.23 10.87
CA ARG A 117 -0.80 -11.90 12.30
C ARG A 117 0.35 -10.90 12.40
N ARG A 118 0.34 -10.07 13.41
CA ARG A 118 1.44 -9.09 13.58
C ARG A 118 2.52 -9.67 14.50
N ARG A 119 3.69 -9.90 13.97
CA ARG A 119 4.78 -10.49 14.81
C ARG A 119 5.86 -9.44 15.08
N GLY A 120 5.53 -8.17 14.94
CA GLY A 120 6.53 -7.09 15.20
C GLY A 120 6.01 -5.78 14.62
N ASP A 121 6.78 -4.73 14.72
CA ASP A 121 6.33 -3.41 14.17
C ASP A 121 6.11 -3.51 12.66
N SER A 122 6.98 -4.21 11.98
CA SER A 122 6.82 -4.35 10.50
C SER A 122 6.96 -5.82 10.08
N ARG A 123 6.66 -6.74 10.96
CA ARG A 123 6.78 -8.19 10.62
C ARG A 123 5.46 -8.91 10.89
N GLY A 124 5.08 -9.81 10.03
CA GLY A 124 3.80 -10.56 10.21
C GLY A 124 3.97 -11.99 9.71
N SER A 125 3.06 -12.86 10.05
CA SER A 125 3.15 -14.29 9.59
C SER A 125 1.93 -14.65 8.74
N LEU A 126 2.10 -15.57 7.82
CA LEU A 126 0.96 -15.99 6.95
C LEU A 126 0.27 -17.21 7.55
N LEU A 127 -0.97 -17.07 7.95
CA LEU A 127 -1.71 -18.23 8.56
C LEU A 127 -1.84 -19.36 7.54
N SER A 128 -2.12 -19.02 6.30
CA SER A 128 -2.26 -20.07 5.24
C SER A 128 -1.06 -20.04 4.29
N PRO A 129 -0.34 -21.14 4.22
CA PRO A 129 0.84 -21.15 3.31
C PRO A 129 0.39 -21.04 1.85
N ARG A 130 0.84 -20.03 1.16
CA ARG A 130 0.45 -19.85 -0.27
C ARG A 130 1.69 -19.65 -1.14
N PRO A 131 1.55 -19.87 -2.42
CA PRO A 131 2.72 -19.71 -3.32
C PRO A 131 3.13 -18.23 -3.39
N VAL A 132 4.32 -17.97 -3.87
CA VAL A 132 4.80 -16.55 -3.97
C VAL A 132 3.98 -15.79 -5.02
N SER A 133 3.66 -16.42 -6.12
CA SER A 133 2.87 -15.73 -7.19
C SER A 133 1.58 -15.14 -6.63
N TYR A 134 1.02 -15.75 -5.61
CA TYR A 134 -0.24 -15.21 -5.01
C TYR A 134 -0.01 -13.80 -4.47
N LEU A 135 1.13 -13.56 -3.88
CA LEU A 135 1.43 -12.19 -3.33
C LEU A 135 2.07 -11.32 -4.40
N LYS A 136 2.69 -11.91 -5.39
CA LYS A 136 3.35 -11.10 -6.47
C LYS A 136 2.30 -10.23 -7.18
N GLY A 137 2.56 -8.96 -7.31
CA GLY A 137 1.59 -8.05 -7.98
C GLY A 137 0.60 -7.46 -6.96
N SER A 138 0.60 -7.96 -5.74
CA SER A 138 -0.35 -7.43 -4.71
C SER A 138 0.39 -6.52 -3.72
N SER A 139 1.57 -6.06 -4.06
CA SER A 139 2.33 -5.16 -3.14
C SER A 139 1.64 -3.80 -3.06
N GLY A 140 1.76 -3.12 -1.96
CA GLY A 140 1.10 -1.78 -1.82
C GLY A 140 -0.27 -1.95 -1.14
N GLY A 141 -0.80 -3.16 -1.11
CA GLY A 141 -2.13 -3.38 -0.46
C GLY A 141 -2.06 -2.91 1.01
N PRO A 142 -3.18 -2.47 1.51
CA PRO A 142 -3.17 -1.98 2.92
C PRO A 142 -3.69 -3.05 3.88
N LEU A 143 -3.15 -3.08 5.07
CA LEU A 143 -3.61 -4.07 6.09
C LEU A 143 -4.52 -3.35 7.08
N LEU A 144 -5.81 -3.57 7.00
CA LEU A 144 -6.76 -2.88 7.93
C LEU A 144 -7.05 -3.73 9.17
N CYS A 145 -6.95 -3.14 10.33
CA CYS A 145 -7.24 -3.89 11.59
C CYS A 145 -8.75 -4.17 11.66
N PRO A 146 -9.13 -5.14 12.46
CA PRO A 146 -10.58 -5.48 12.55
C PRO A 146 -11.45 -4.24 12.87
N SER A 147 -10.86 -3.22 13.45
CA SER A 147 -11.66 -2.00 13.76
C SER A 147 -12.11 -1.32 12.46
N GLY A 148 -11.25 -1.28 11.47
CA GLY A 148 -11.63 -0.66 10.17
C GLY A 148 -10.68 0.51 9.84
N HIS A 149 -9.42 0.37 10.19
CA HIS A 149 -8.44 1.46 9.90
C HIS A 149 -7.17 0.89 9.28
N ALA A 150 -6.54 1.61 8.39
CA ALA A 150 -5.29 1.11 7.74
C ALA A 150 -4.19 0.95 8.78
N VAL A 151 -3.41 -0.11 8.68
CA VAL A 151 -2.31 -0.33 9.67
C VAL A 151 -0.95 -0.16 8.98
N GLY A 152 -0.76 -0.82 7.87
CA GLY A 152 0.54 -0.71 7.15
C GLY A 152 0.36 -1.15 5.69
N ILE A 153 1.43 -1.26 4.96
CA ILE A 153 1.34 -1.68 3.52
C ILE A 153 2.28 -2.85 3.25
N PHE A 154 1.81 -3.86 2.55
CA PHE A 154 2.68 -5.02 2.22
C PHE A 154 3.85 -4.57 1.33
N ARG A 155 5.05 -5.01 1.63
CA ARG A 155 6.22 -4.60 0.80
C ARG A 155 6.92 -5.82 0.21
N ALA A 156 7.25 -6.79 1.01
CA ALA A 156 7.93 -8.01 0.49
C ALA A 156 7.43 -9.25 1.24
N ALA A 157 7.55 -10.41 0.63
CA ALA A 157 7.08 -11.66 1.30
C ALA A 157 8.25 -12.64 1.49
N VAL A 158 8.30 -13.29 2.61
CA VAL A 158 9.39 -14.28 2.87
C VAL A 158 8.92 -15.67 2.44
N CYS A 159 9.57 -16.25 1.47
CA CYS A 159 9.13 -17.60 0.99
C CYS A 159 10.33 -18.52 0.74
N THR A 160 10.08 -19.81 0.72
CA THR A 160 11.17 -20.80 0.46
C THR A 160 10.65 -21.90 -0.46
N ARG A 161 11.46 -22.33 -1.39
CA ARG A 161 11.02 -23.41 -2.34
C ARG A 161 9.72 -23.03 -3.05
N GLY A 162 9.51 -21.76 -3.27
CA GLY A 162 8.26 -21.31 -3.96
C GLY A 162 7.07 -21.31 -2.98
N VAL A 163 7.35 -21.22 -1.70
CA VAL A 163 6.23 -21.21 -0.69
C VAL A 163 6.41 -20.03 0.27
N ALA A 164 5.38 -19.24 0.46
CA ALA A 164 5.48 -18.07 1.39
C ALA A 164 4.86 -18.41 2.74
N LYS A 165 5.57 -18.15 3.81
CA LYS A 165 5.03 -18.46 5.17
C LYS A 165 4.91 -17.18 6.00
N ALA A 166 5.76 -16.22 5.76
CA ALA A 166 5.70 -14.94 6.55
C ALA A 166 5.86 -13.74 5.62
N VAL A 167 5.40 -12.58 6.03
CA VAL A 167 5.52 -11.37 5.17
C VAL A 167 5.99 -10.17 5.99
N ASP A 168 6.57 -9.18 5.34
CA ASP A 168 7.04 -7.96 6.06
C ASP A 168 6.33 -6.73 5.52
N PHE A 169 5.89 -5.85 6.38
CA PHE A 169 5.18 -4.63 5.90
C PHE A 169 5.65 -3.39 6.68
N VAL A 170 5.55 -2.23 6.09
CA VAL A 170 5.96 -0.98 6.79
C VAL A 170 4.72 -0.30 7.39
N PRO A 171 4.76 -0.04 8.67
CA PRO A 171 3.58 0.60 9.32
C PRO A 171 3.34 1.99 8.72
N VAL A 172 2.13 2.46 8.80
CA VAL A 172 1.79 3.82 8.24
C VAL A 172 2.69 4.90 8.85
N GLU A 173 3.26 4.64 10.01
CA GLU A 173 4.13 5.67 10.66
C GLU A 173 5.29 6.08 9.72
N SER A 174 5.82 5.15 8.97
CA SER A 174 6.94 5.49 8.04
C SER A 174 6.50 6.56 7.03
N MET A 175 5.33 6.40 6.47
CA MET A 175 4.84 7.40 5.46
C MET A 175 4.57 8.75 6.15
N GLU A 176 4.01 8.71 7.33
CA GLU A 176 3.72 10.00 8.06
C GLU A 176 5.02 10.77 8.30
N THR A 177 6.07 10.09 8.65
CA THR A 177 7.37 10.79 8.91
C THR A 177 7.86 11.47 7.64
N THR A 178 7.71 10.82 6.51
CA THR A 178 8.17 11.43 5.22
C THR A 178 7.42 12.74 4.96
N MET A 179 6.14 12.77 5.24
CA MET A 179 5.35 14.02 5.01
C MET A 179 5.91 15.16 5.85
N ARG A 180 6.29 14.89 7.07
CA ARG A 180 6.84 15.97 7.96
C ARG A 180 8.11 16.55 7.34
N ALA A 181 8.95 15.71 6.78
CA ALA A 181 10.22 16.21 6.16
C ALA A 181 9.90 17.01 4.89
N SER A 182 9.17 16.42 3.98
CA SER A 182 8.81 17.13 2.70
C SER A 182 10.07 17.71 2.03
N LYS A 183 9.88 18.57 1.05
CA LYS A 183 11.05 19.20 0.34
C LYS A 183 11.99 18.11 -0.22
N LYS A 184 12.94 17.64 0.56
CA LYS A 184 13.89 16.59 0.07
C LYS A 184 14.51 17.00 -1.28
N LYS A 185 15.30 18.05 -1.29
CA LYS A 185 15.94 18.51 -2.56
C LYS A 185 16.82 17.39 -3.15
N LYS A 186 16.79 17.22 -4.44
CA LYS A 186 17.62 16.16 -5.08
C LYS A 186 18.04 16.58 -6.49
N GLU B 2 10.72 -11.02 -0.40
CA GLU B 2 10.79 -10.80 -1.88
C GLU B 2 9.83 -9.68 -2.29
N LEU B 3 10.30 -8.75 -3.08
CA LEU B 3 9.43 -7.61 -3.52
C LEU B 3 8.32 -8.14 -4.45
N THR A 22 -21.19 24.16 -10.67
CA THR A 22 -19.72 23.90 -10.81
C THR A 22 -19.41 22.45 -10.46
N GLY A 23 -18.62 21.79 -11.27
CA GLY A 23 -18.27 20.36 -10.99
C GLY A 23 -17.78 19.70 -12.27
N ARG A 24 -16.96 20.37 -13.03
CA ARG A 24 -16.45 19.77 -14.30
C ARG A 24 -15.68 18.48 -14.01
N ASP A 25 -14.91 18.45 -12.96
CA ASP A 25 -14.14 17.22 -12.60
C ASP A 25 -14.73 16.55 -11.37
N LYS A 26 -16.00 16.76 -11.11
CA LYS A 26 -16.64 16.13 -9.91
C LYS A 26 -17.37 14.84 -10.32
N ASN A 27 -16.94 14.22 -11.40
CA ASN A 27 -17.59 12.95 -11.84
C ASN A 27 -16.70 11.74 -11.55
N GLN A 28 -15.76 11.88 -10.64
CA GLN A 28 -14.85 10.74 -10.30
C GLN A 28 -15.55 9.77 -9.36
N VAL A 29 -15.05 8.55 -9.27
CA VAL A 29 -15.69 7.54 -8.38
C VAL A 29 -14.88 7.40 -7.07
N GLU A 30 -15.53 7.53 -5.95
CA GLU A 30 -14.81 7.41 -4.65
C GLU A 30 -14.38 5.97 -4.40
N GLY A 31 -13.21 5.77 -3.85
CA GLY A 31 -12.73 4.38 -3.57
C GLY A 31 -11.39 4.45 -2.84
N GLU A 32 -11.32 3.90 -1.65
CA GLU A 32 -10.04 3.93 -0.88
C GLU A 32 -8.99 3.04 -1.55
N VAL A 33 -9.41 2.03 -2.27
CA VAL A 33 -8.43 1.14 -2.95
C VAL A 33 -8.50 1.36 -4.46
N GLN A 34 -7.36 1.61 -5.09
CA GLN A 34 -7.36 1.85 -6.56
C GLN A 34 -6.26 1.01 -7.23
N VAL A 35 -6.42 0.74 -8.49
CA VAL A 35 -5.40 -0.08 -9.21
C VAL A 35 -4.32 0.83 -9.82
N VAL A 36 -3.09 0.67 -9.40
CA VAL A 36 -1.98 1.52 -9.95
C VAL A 36 -1.01 0.63 -10.71
N SER A 37 -0.50 1.11 -11.83
CA SER A 37 0.45 0.28 -12.63
C SER A 37 1.49 1.16 -13.30
N THR A 38 2.37 0.55 -14.06
CA THR A 38 3.44 1.33 -14.75
C THR A 38 3.69 0.76 -16.14
N ALA A 39 4.74 1.18 -16.79
CA ALA A 39 5.04 0.68 -18.16
C ALA A 39 5.15 -0.85 -18.20
N THR A 40 5.66 -1.46 -17.16
CA THR A 40 5.82 -2.95 -17.17
C THR A 40 5.42 -3.61 -15.83
N GLN A 41 5.15 -2.85 -14.81
CA GLN A 41 4.77 -3.47 -13.50
C GLN A 41 3.33 -3.11 -13.12
N SER A 42 2.63 -4.03 -12.52
CA SER A 42 1.22 -3.77 -12.10
C SER A 42 1.03 -4.15 -10.63
N PHE A 43 0.31 -3.36 -9.89
CA PHE A 43 0.10 -3.65 -8.43
C PHE A 43 -1.03 -2.78 -7.87
N LEU A 44 -1.29 -2.91 -6.59
CA LEU A 44 -2.39 -2.10 -5.97
C LEU A 44 -1.81 -1.09 -4.98
N ALA A 45 -2.43 0.06 -4.87
CA ALA A 45 -1.92 1.09 -3.92
C ALA A 45 -3.06 1.59 -3.02
N THR A 46 -2.72 2.20 -1.91
CA THR A 46 -3.77 2.70 -0.98
C THR A 46 -3.62 4.22 -0.78
N CYS A 47 -4.71 4.93 -0.72
CA CYS A 47 -4.64 6.41 -0.54
C CYS A 47 -4.83 6.77 0.94
N VAL A 48 -3.79 7.23 1.59
CA VAL A 48 -3.90 7.61 3.01
C VAL A 48 -3.81 9.13 3.15
N ASN A 49 -4.74 9.73 3.86
CA ASN A 49 -4.72 11.22 4.03
C ASN A 49 -4.73 11.93 2.66
N GLY A 50 -5.47 11.42 1.72
CA GLY A 50 -5.54 12.06 0.38
C GLY A 50 -4.23 11.88 -0.38
N VAL A 51 -3.44 10.89 -0.02
CA VAL A 51 -2.14 10.66 -0.74
C VAL A 51 -2.00 9.18 -1.11
N CYS A 52 -1.68 8.89 -2.35
CA CYS A 52 -1.52 7.48 -2.78
C CYS A 52 -0.22 6.91 -2.17
N TRP A 53 -0.21 5.64 -1.82
CA TRP A 53 1.02 5.06 -1.21
C TRP A 53 1.29 3.64 -1.74
N THR A 54 2.53 3.36 -2.05
CA THR A 54 2.92 2.01 -2.53
C THR A 54 4.43 1.83 -2.35
N VAL A 55 4.96 0.66 -2.61
CA VAL A 55 6.42 0.44 -2.42
C VAL A 55 7.21 1.02 -3.61
N TYR A 56 8.42 1.45 -3.36
CA TYR A 56 9.26 2.06 -4.45
C TYR A 56 9.50 1.09 -5.61
N HIS A 57 9.92 -0.13 -5.32
CA HIS A 57 10.20 -1.10 -6.44
C HIS A 57 8.95 -1.30 -7.31
N GLY A 58 7.77 -1.08 -6.77
CA GLY A 58 6.54 -1.24 -7.58
C GLY A 58 6.42 -0.03 -8.51
N ALA A 59 6.62 1.15 -7.99
CA ALA A 59 6.55 2.39 -8.82
C ALA A 59 7.71 3.31 -8.48
N GLY A 60 8.79 3.24 -9.21
CA GLY A 60 9.97 4.10 -8.92
C GLY A 60 9.63 5.56 -9.22
N SER A 61 10.63 6.40 -9.28
CA SER A 61 10.38 7.85 -9.57
C SER A 61 9.97 8.04 -11.03
N LYS A 62 8.80 7.58 -11.38
CA LYS A 62 8.32 7.72 -12.79
C LYS A 62 6.83 8.02 -12.81
N THR A 63 6.27 8.20 -13.98
CA THR A 63 4.81 8.49 -14.09
C THR A 63 4.01 7.29 -13.60
N LEU A 64 2.86 7.53 -13.00
CA LEU A 64 2.03 6.41 -12.49
C LEU A 64 0.72 6.32 -13.29
N ALA A 65 0.37 5.13 -13.71
CA ALA A 65 -0.89 4.96 -14.50
C ALA A 65 -2.01 4.46 -13.58
N GLY A 66 -2.97 5.31 -13.30
CA GLY A 66 -4.10 4.89 -12.41
C GLY A 66 -5.40 4.86 -13.23
N PRO A 67 -6.51 4.67 -12.54
CA PRO A 67 -7.80 4.63 -13.28
C PRO A 67 -8.09 5.99 -13.92
N LYS A 68 -7.67 7.05 -13.29
CA LYS A 68 -7.93 8.42 -13.84
C LYS A 68 -6.97 8.69 -15.01
N GLY A 69 -5.79 8.13 -14.96
CA GLY A 69 -4.80 8.35 -16.04
C GLY A 69 -3.41 8.50 -15.44
N PRO A 70 -2.59 9.32 -16.06
CA PRO A 70 -1.21 9.51 -15.51
C PRO A 70 -1.27 10.38 -14.25
N ILE A 71 -0.42 10.10 -13.29
CA ILE A 71 -0.41 10.90 -12.03
C ILE A 71 1.01 11.36 -11.69
N THR A 72 1.16 12.58 -11.23
CA THR A 72 2.52 13.09 -10.88
C THR A 72 2.88 12.70 -9.44
N GLN A 73 4.10 12.26 -9.22
CA GLN A 73 4.52 11.85 -7.85
C GLN A 73 4.97 13.05 -7.03
N MET A 74 4.78 12.99 -5.73
CA MET A 74 5.19 14.13 -4.86
C MET A 74 6.24 13.68 -3.83
N TYR A 75 6.35 12.40 -3.58
CA TYR A 75 7.35 11.92 -2.57
C TYR A 75 8.24 10.82 -3.19
N THR A 76 9.48 10.76 -2.76
CA THR A 76 10.40 9.72 -3.29
C THR A 76 11.35 9.23 -2.19
N ASN A 77 11.39 7.94 -1.95
CA ASN A 77 12.29 7.41 -0.88
C ASN A 77 12.90 6.08 -1.34
N VAL A 78 14.05 6.13 -1.96
CA VAL A 78 14.71 4.87 -2.44
C VAL A 78 15.21 4.07 -1.24
N ASP A 79 15.88 4.71 -0.31
CA ASP A 79 16.40 3.99 0.89
C ASP A 79 15.25 3.34 1.67
N GLN A 80 14.16 4.05 1.82
CA GLN A 80 12.99 3.49 2.56
C GLN A 80 12.04 2.73 1.62
N ASP A 81 12.34 2.68 0.34
CA ASP A 81 11.44 1.96 -0.63
C ASP A 81 10.00 2.47 -0.53
N LEU A 82 9.80 3.77 -0.45
CA LEU A 82 8.42 4.32 -0.34
C LEU A 82 8.21 5.49 -1.31
N VAL A 83 7.01 5.62 -1.82
CA VAL A 83 6.71 6.73 -2.78
C VAL A 83 5.21 7.09 -2.70
N GLY A 84 4.81 8.17 -3.31
CA GLY A 84 3.37 8.57 -3.26
C GLY A 84 3.06 9.63 -4.33
N TRP A 85 1.82 9.75 -4.71
CA TRP A 85 1.43 10.76 -5.74
C TRP A 85 0.26 11.60 -5.23
N GLN A 86 -0.05 12.68 -5.89
CA GLN A 86 -1.20 13.53 -5.45
C GLN A 86 -2.51 12.80 -5.73
N ALA A 87 -3.27 12.53 -4.70
CA ALA A 87 -4.57 11.81 -4.90
C ALA A 87 -5.58 12.73 -5.61
N PRO A 88 -6.46 12.13 -6.38
CA PRO A 88 -7.47 12.96 -7.09
C PRO A 88 -8.47 13.56 -6.09
N PRO A 89 -9.05 14.68 -6.47
CA PRO A 89 -10.04 15.30 -5.56
C PRO A 89 -11.29 14.44 -5.44
N GLY A 90 -11.99 14.52 -4.33
CA GLY A 90 -13.22 13.71 -4.15
C GLY A 90 -12.84 12.23 -4.00
N ALA A 91 -11.69 11.96 -3.46
CA ALA A 91 -11.24 10.55 -3.28
C ALA A 91 -11.30 10.17 -1.79
N ARG A 92 -11.58 8.92 -1.50
CA ARG A 92 -11.66 8.49 -0.08
C ARG A 92 -10.27 8.03 0.40
N SER A 93 -10.00 8.18 1.66
CA SER A 93 -8.67 7.76 2.20
C SER A 93 -8.86 6.83 3.40
N LEU A 94 -7.80 6.21 3.85
CA LEU A 94 -7.91 5.27 5.02
C LEU A 94 -7.25 5.88 6.26
N THR A 95 -7.89 5.75 7.40
CA THR A 95 -7.31 6.31 8.66
C THR A 95 -6.22 5.37 9.20
N PRO A 96 -5.43 5.86 10.12
CA PRO A 96 -4.37 5.00 10.68
C PRO A 96 -4.93 4.03 11.73
N CYS A 97 -4.30 2.90 11.91
CA CYS A 97 -4.79 1.91 12.92
C CYS A 97 -4.68 2.50 14.34
N THR A 98 -5.73 2.39 15.10
CA THR A 98 -5.71 2.94 16.50
C THR A 98 -6.35 1.94 17.45
N CYS A 99 -5.86 0.71 17.45
CA CYS A 99 -6.46 -0.33 18.35
C CYS A 99 -5.39 -1.30 18.90
N GLY A 100 -4.16 -1.23 18.42
CA GLY A 100 -3.11 -2.15 18.94
C GLY A 100 -3.49 -3.60 18.60
N SER A 101 -4.14 -3.81 17.48
CA SER A 101 -4.55 -5.19 17.09
C SER A 101 -3.50 -5.80 16.15
N SER A 102 -3.10 -7.02 16.42
CA SER A 102 -2.08 -7.69 15.55
C SER A 102 -2.75 -8.25 14.28
N ASP A 103 -4.02 -8.57 14.36
CA ASP A 103 -4.73 -9.12 13.17
C ASP A 103 -4.83 -8.07 12.07
N LEU A 104 -4.45 -8.42 10.87
CA LEU A 104 -4.52 -7.45 9.73
C LEU A 104 -5.21 -8.07 8.52
N TYR A 105 -5.75 -7.27 7.64
CA TYR A 105 -6.43 -7.80 6.42
C TYR A 105 -5.74 -7.27 5.16
N LEU A 106 -5.14 -8.14 4.39
CA LEU A 106 -4.44 -7.70 3.15
C LEU A 106 -5.37 -7.77 1.94
N VAL A 107 -5.33 -6.78 1.08
CA VAL A 107 -6.21 -6.80 -0.13
C VAL A 107 -5.41 -7.30 -1.34
N THR A 108 -5.94 -8.25 -2.06
CA THR A 108 -5.21 -8.80 -3.25
C THR A 108 -5.85 -8.30 -4.56
N ARG A 109 -5.15 -8.46 -5.65
CA ARG A 109 -5.70 -8.00 -6.97
C ARG A 109 -7.02 -8.72 -7.28
N HIS A 110 -7.19 -9.91 -6.76
CA HIS A 110 -8.44 -10.67 -7.03
C HIS A 110 -9.47 -10.44 -5.92
N ALA A 111 -9.43 -9.29 -5.28
CA ALA A 111 -10.40 -8.99 -4.17
C ALA A 111 -10.36 -10.09 -3.10
N ASP A 112 -9.19 -10.57 -2.78
CA ASP A 112 -9.07 -11.65 -1.75
C ASP A 112 -8.54 -11.05 -0.44
N VAL A 113 -9.22 -11.27 0.65
CA VAL A 113 -8.75 -10.73 1.96
C VAL A 113 -8.26 -11.86 2.86
N ILE A 114 -7.01 -11.80 3.25
CA ILE A 114 -6.45 -12.88 4.14
C ILE A 114 -6.09 -12.29 5.51
N PRO A 115 -6.25 -13.10 6.54
CA PRO A 115 -5.91 -12.58 7.89
C PRO A 115 -4.43 -12.78 8.20
N VAL A 116 -3.69 -11.71 8.30
CA VAL A 116 -2.22 -11.81 8.60
C VAL A 116 -1.97 -11.31 10.03
N ARG A 117 -1.43 -12.14 10.88
CA ARG A 117 -1.15 -11.71 12.28
C ARG A 117 0.15 -10.89 12.33
N ARG A 118 0.14 -9.81 13.07
CA ARG A 118 1.36 -8.96 13.17
C ARG A 118 2.35 -9.57 14.17
N ARG A 119 3.60 -9.72 13.77
CA ARG A 119 4.61 -10.31 14.68
C ARG A 119 5.81 -9.36 14.82
N GLY A 120 5.60 -8.08 14.58
CA GLY A 120 6.71 -7.10 14.69
C GLY A 120 6.21 -5.71 14.25
N ASP A 121 7.09 -4.74 14.25
CA ASP A 121 6.67 -3.37 13.83
C ASP A 121 6.36 -3.33 12.34
N SER A 122 7.14 -4.01 11.54
CA SER A 122 6.89 -4.02 10.07
C SER A 122 6.88 -5.46 9.54
N ARG A 123 6.55 -6.41 10.37
CA ARG A 123 6.53 -7.84 9.90
C ARG A 123 5.21 -8.50 10.32
N GLY A 124 4.85 -9.57 9.67
CA GLY A 124 3.59 -10.28 10.01
C GLY A 124 3.71 -11.76 9.65
N SER A 125 2.73 -12.56 10.01
CA SER A 125 2.79 -14.01 9.69
C SER A 125 1.52 -14.44 8.96
N LEU A 126 1.63 -15.39 8.07
CA LEU A 126 0.43 -15.86 7.32
C LEU A 126 -0.11 -17.15 7.94
N LEU A 127 -1.35 -17.15 8.37
CA LEU A 127 -1.93 -18.39 8.97
C LEU A 127 -1.94 -19.53 7.95
N SER A 128 -2.25 -19.22 6.71
CA SER A 128 -2.27 -20.26 5.65
C SER A 128 -1.11 -20.06 4.68
N PRO A 129 -0.16 -20.98 4.69
CA PRO A 129 1.00 -20.82 3.77
C PRO A 129 0.53 -20.89 2.31
N ARG A 130 0.89 -19.90 1.52
CA ARG A 130 0.49 -19.90 0.09
C ARG A 130 1.72 -19.72 -0.81
N PRO A 131 1.58 -20.09 -2.06
CA PRO A 131 2.73 -19.95 -2.99
C PRO A 131 3.07 -18.47 -3.19
N VAL A 132 4.33 -18.16 -3.37
CA VAL A 132 4.73 -16.73 -3.59
C VAL A 132 4.06 -16.16 -4.84
N SER A 133 3.73 -17.01 -5.78
CA SER A 133 3.07 -16.52 -7.04
C SER A 133 1.75 -15.83 -6.71
N TYR A 134 1.00 -16.38 -5.77
CA TYR A 134 -0.32 -15.75 -5.41
C TYR A 134 -0.09 -14.39 -4.77
N LEU A 135 0.92 -14.26 -3.95
CA LEU A 135 1.21 -12.95 -3.28
C LEU A 135 1.74 -11.93 -4.31
N LYS A 136 2.36 -12.39 -5.36
CA LYS A 136 2.90 -11.46 -6.39
C LYS A 136 1.77 -10.58 -6.97
N GLY A 137 2.05 -9.32 -7.18
CA GLY A 137 1.01 -8.40 -7.73
C GLY A 137 0.16 -7.81 -6.60
N SER A 138 0.54 -8.03 -5.36
CA SER A 138 -0.24 -7.47 -4.22
C SER A 138 0.55 -6.39 -3.48
N SER A 139 1.79 -6.15 -3.86
CA SER A 139 2.61 -5.11 -3.15
C SER A 139 1.92 -3.75 -3.30
N GLY A 140 1.93 -2.95 -2.26
CA GLY A 140 1.26 -1.62 -2.33
C GLY A 140 -0.13 -1.72 -1.69
N GLY A 141 -0.70 -2.90 -1.66
CA GLY A 141 -2.06 -3.08 -1.06
C GLY A 141 -2.00 -2.66 0.42
N PRO A 142 -3.11 -2.17 0.93
CA PRO A 142 -3.10 -1.74 2.36
C PRO A 142 -3.54 -2.87 3.28
N LEU A 143 -3.13 -2.79 4.53
CA LEU A 143 -3.53 -3.83 5.53
C LEU A 143 -4.38 -3.17 6.61
N LEU A 144 -5.68 -3.36 6.55
CA LEU A 144 -6.58 -2.71 7.55
C LEU A 144 -6.87 -3.65 8.74
N CYS A 145 -6.76 -3.14 9.93
CA CYS A 145 -7.07 -3.97 11.14
C CYS A 145 -8.57 -4.24 11.20
N PRO A 146 -8.96 -5.27 11.93
CA PRO A 146 -10.42 -5.61 12.01
C PRO A 146 -11.26 -4.40 12.42
N SER A 147 -10.70 -3.45 13.13
CA SER A 147 -11.50 -2.25 13.54
C SER A 147 -11.96 -1.48 12.31
N GLY A 148 -11.12 -1.36 11.32
CA GLY A 148 -11.51 -0.62 10.08
C GLY A 148 -10.55 0.55 9.84
N HIS A 149 -9.29 0.36 10.08
CA HIS A 149 -8.29 1.46 9.86
C HIS A 149 -7.04 0.90 9.18
N ALA A 150 -6.43 1.68 8.31
CA ALA A 150 -5.20 1.20 7.60
C ALA A 150 -4.05 1.04 8.61
N VAL A 151 -3.27 0.00 8.45
CA VAL A 151 -2.12 -0.24 9.39
C VAL A 151 -0.81 -0.07 8.64
N GLY A 152 -0.75 -0.47 7.40
CA GLY A 152 0.50 -0.34 6.61
C GLY A 152 0.28 -0.89 5.20
N ILE A 153 1.33 -1.07 4.44
CA ILE A 153 1.19 -1.59 3.05
C ILE A 153 2.15 -2.77 2.83
N PHE A 154 1.70 -3.78 2.13
CA PHE A 154 2.57 -4.97 1.86
C PHE A 154 3.81 -4.54 1.08
N ARG A 155 4.96 -5.03 1.44
CA ARG A 155 6.22 -4.65 0.72
C ARG A 155 6.83 -5.89 0.05
N ALA A 156 7.02 -6.95 0.78
CA ALA A 156 7.61 -8.18 0.20
C ALA A 156 7.21 -9.42 1.02
N ALA A 157 7.30 -10.58 0.44
CA ALA A 157 6.93 -11.82 1.18
C ALA A 157 8.18 -12.66 1.47
N VAL A 158 8.16 -13.42 2.54
CA VAL A 158 9.34 -14.26 2.88
C VAL A 158 8.98 -15.75 2.67
N CYS A 159 9.69 -16.40 1.80
CA CYS A 159 9.42 -17.85 1.54
C CYS A 159 10.73 -18.64 1.50
N THR A 160 10.66 -19.92 1.78
CA THR A 160 11.90 -20.77 1.77
C THR A 160 11.95 -21.62 0.50
N ARG A 161 10.88 -22.30 0.18
CA ARG A 161 10.87 -23.16 -1.03
C ARG A 161 9.63 -22.88 -1.88
N GLY A 162 9.37 -21.64 -2.17
CA GLY A 162 8.17 -21.29 -2.98
C GLY A 162 6.95 -21.05 -2.07
N VAL A 163 7.08 -21.27 -0.79
CA VAL A 163 5.92 -21.05 0.13
C VAL A 163 6.21 -19.87 1.06
N ALA A 164 5.30 -18.95 1.16
CA ALA A 164 5.52 -17.76 2.04
C ALA A 164 4.78 -17.93 3.36
N LYS A 165 5.50 -17.84 4.47
CA LYS A 165 4.85 -17.99 5.81
C LYS A 165 4.81 -16.65 6.54
N ALA A 166 5.61 -15.70 6.13
CA ALA A 166 5.62 -14.36 6.80
C ALA A 166 5.81 -13.25 5.77
N VAL A 167 5.33 -12.06 6.07
CA VAL A 167 5.48 -10.92 5.11
C VAL A 167 5.90 -9.65 5.84
N ASP A 168 6.39 -8.68 5.12
CA ASP A 168 6.84 -7.40 5.76
C ASP A 168 6.07 -6.22 5.17
N PHE A 169 5.59 -5.33 6.01
CA PHE A 169 4.83 -4.14 5.49
C PHE A 169 5.35 -2.86 6.15
N VAL A 170 5.14 -1.74 5.53
CA VAL A 170 5.61 -0.45 6.12
C VAL A 170 4.46 0.18 6.94
N PRO A 171 4.71 0.39 8.21
CA PRO A 171 3.63 0.99 9.05
C PRO A 171 3.35 2.44 8.61
N VAL A 172 2.12 2.86 8.75
CA VAL A 172 1.75 4.26 8.34
C VAL A 172 2.59 5.29 9.12
N GLU A 173 3.09 4.93 10.28
CA GLU A 173 3.89 5.90 11.08
C GLU A 173 5.12 6.38 10.29
N SER A 174 5.69 5.52 9.49
CA SER A 174 6.89 5.92 8.69
C SER A 174 6.50 6.92 7.59
N MET A 175 5.34 6.74 7.00
CA MET A 175 4.89 7.68 5.91
C MET A 175 4.79 9.11 6.45
N GLU A 176 4.12 9.30 7.56
CA GLU A 176 3.97 10.68 8.11
C GLU A 176 5.33 11.23 8.54
N THR A 177 6.25 10.38 8.91
CA THR A 177 7.60 10.85 9.33
C THR A 177 8.28 11.58 8.17
N THR A 178 8.18 11.06 6.98
CA THR A 178 8.81 11.73 5.80
C THR A 178 8.07 13.03 5.47
N MET A 179 6.76 13.01 5.54
CA MET A 179 5.97 14.24 5.23
C MET A 179 6.31 15.35 6.22
N ARG A 180 6.46 15.02 7.48
CA ARG A 180 6.79 16.05 8.51
C ARG A 180 8.21 16.59 8.28
N ALA A 181 9.13 15.73 7.95
CA ALA A 181 10.54 16.18 7.71
C ALA A 181 10.60 17.14 6.51
N SER A 182 9.85 16.84 5.47
CA SER A 182 9.85 17.72 4.26
C SER A 182 9.40 19.14 4.62
N LYS A 183 8.30 19.26 5.32
CA LYS A 183 7.80 20.62 5.70
C LYS A 183 8.72 21.24 6.75
N LYS A 184 9.33 20.43 7.58
CA LYS A 184 10.24 20.96 8.65
C LYS A 184 9.53 22.01 9.50
N LYS A 185 8.80 21.58 10.50
CA LYS A 185 8.07 22.54 11.38
C LYS A 185 7.17 23.47 10.55
N LYS A 186 6.42 24.32 11.21
CA LYS A 186 5.52 25.25 10.46
C LYS A 186 6.21 26.61 10.26
N GLU B 2 11.15 -11.43 -0.80
CA GLU B 2 10.86 -11.28 -2.26
C GLU B 2 9.95 -10.07 -2.49
N LEU B 3 10.22 -9.29 -3.51
CA LEU B 3 9.38 -8.10 -3.80
C LEU B 3 8.22 -8.48 -4.72
N THR A 22 -15.45 22.07 2.24
CA THR A 22 -15.76 20.62 2.43
C THR A 22 -16.37 20.04 1.14
N GLY A 23 -17.51 20.55 0.73
CA GLY A 23 -18.16 20.04 -0.51
C GLY A 23 -19.28 19.07 -0.13
N ARG A 24 -20.38 19.13 -0.83
CA ARG A 24 -21.52 18.21 -0.53
C ARG A 24 -21.08 16.75 -0.69
N ASP A 25 -20.29 16.46 -1.70
CA ASP A 25 -19.82 15.05 -1.93
C ASP A 25 -21.01 14.09 -2.02
N LYS A 26 -21.58 13.96 -3.19
CA LYS A 26 -22.75 13.04 -3.36
C LYS A 26 -22.30 11.57 -3.50
N ASN A 27 -21.01 11.34 -3.66
CA ASN A 27 -20.53 9.93 -3.81
C ASN A 27 -20.15 9.35 -2.43
N GLN A 28 -20.82 8.32 -2.01
CA GLN A 28 -20.51 7.70 -0.68
C GLN A 28 -19.06 7.22 -0.64
N VAL A 29 -18.66 6.48 -1.64
CA VAL A 29 -17.25 5.98 -1.69
C VAL A 29 -16.72 5.98 -3.12
N GLU A 30 -15.84 6.90 -3.43
CA GLU A 30 -15.28 6.98 -4.82
C GLU A 30 -14.36 5.78 -5.08
N GLY A 31 -13.58 5.40 -4.10
CA GLY A 31 -12.65 4.23 -4.29
C GLY A 31 -11.32 4.52 -3.57
N GLU A 32 -11.24 4.15 -2.32
CA GLU A 32 -9.98 4.38 -1.54
C GLU A 32 -8.82 3.60 -2.16
N VAL A 33 -9.08 2.40 -2.63
CA VAL A 33 -8.01 1.57 -3.24
C VAL A 33 -8.18 1.54 -4.76
N GLN A 34 -7.13 1.82 -5.50
CA GLN A 34 -7.22 1.82 -6.99
C GLN A 34 -6.13 0.94 -7.59
N VAL A 35 -6.32 0.50 -8.81
CA VAL A 35 -5.30 -0.37 -9.47
C VAL A 35 -4.38 0.51 -10.34
N VAL A 36 -3.09 0.38 -10.17
CA VAL A 36 -2.15 1.21 -10.98
C VAL A 36 -1.10 0.30 -11.61
N SER A 37 -0.47 0.75 -12.65
CA SER A 37 0.58 -0.09 -13.31
C SER A 37 1.61 0.80 -14.02
N THR A 38 2.74 0.23 -14.36
CA THR A 38 3.79 1.01 -15.09
C THR A 38 4.05 0.38 -16.46
N ALA A 39 5.08 0.81 -17.12
CA ALA A 39 5.39 0.25 -18.47
C ALA A 39 5.65 -1.27 -18.38
N THR A 40 6.23 -1.73 -17.30
CA THR A 40 6.52 -3.20 -17.20
C THR A 40 6.06 -3.80 -15.87
N GLN A 41 5.68 -2.99 -14.91
CA GLN A 41 5.24 -3.55 -13.58
C GLN A 41 3.78 -3.20 -13.29
N SER A 42 3.12 -4.03 -12.50
CA SER A 42 1.70 -3.76 -12.15
C SER A 42 1.46 -4.05 -10.67
N PHE A 43 0.71 -3.23 -9.99
CA PHE A 43 0.46 -3.46 -8.52
C PHE A 43 -0.67 -2.56 -8.02
N LEU A 44 -0.97 -2.64 -6.75
CA LEU A 44 -2.10 -1.81 -6.20
C LEU A 44 -1.56 -0.76 -5.21
N ALA A 45 -2.30 0.29 -5.00
CA ALA A 45 -1.86 1.36 -4.06
C ALA A 45 -3.02 1.78 -3.15
N THR A 46 -2.72 2.43 -2.06
CA THR A 46 -3.80 2.88 -1.13
C THR A 46 -3.72 4.39 -0.89
N CYS A 47 -4.84 5.05 -0.84
CA CYS A 47 -4.82 6.54 -0.61
C CYS A 47 -5.07 6.86 0.87
N VAL A 48 -4.09 7.41 1.53
CA VAL A 48 -4.26 7.76 2.97
C VAL A 48 -4.03 9.26 3.18
N ASN A 49 -4.90 9.90 3.92
CA ASN A 49 -4.76 11.37 4.19
C ASN A 49 -4.73 12.17 2.87
N GLY A 50 -5.54 11.80 1.92
CA GLY A 50 -5.58 12.55 0.62
C GLY A 50 -4.28 12.36 -0.15
N VAL A 51 -3.60 11.27 0.07
CA VAL A 51 -2.32 11.01 -0.67
C VAL A 51 -2.24 9.54 -1.08
N CYS A 52 -1.78 9.26 -2.27
CA CYS A 52 -1.67 7.85 -2.72
C CYS A 52 -0.39 7.23 -2.15
N TRP A 53 -0.40 5.96 -1.85
CA TRP A 53 0.81 5.31 -1.28
C TRP A 53 1.15 4.03 -2.05
N THR A 54 2.40 3.67 -2.04
CA THR A 54 2.85 2.44 -2.77
C THR A 54 4.30 2.12 -2.38
N VAL A 55 4.86 1.08 -2.93
CA VAL A 55 6.27 0.73 -2.59
C VAL A 55 7.24 1.31 -3.63
N TYR A 56 8.40 1.73 -3.20
CA TYR A 56 9.39 2.33 -4.14
C TYR A 56 9.80 1.34 -5.24
N HIS A 57 10.03 0.09 -4.91
CA HIS A 57 10.45 -0.88 -5.98
C HIS A 57 9.29 -1.19 -6.94
N GLY A 58 8.08 -0.93 -6.52
CA GLY A 58 6.90 -1.18 -7.41
C GLY A 58 6.64 0.09 -8.24
N ALA A 59 6.70 1.23 -7.60
CA ALA A 59 6.47 2.51 -8.31
C ALA A 59 7.56 3.52 -7.94
N GLY A 60 8.68 3.47 -8.62
CA GLY A 60 9.79 4.42 -8.31
C GLY A 60 9.34 5.84 -8.61
N SER A 61 10.25 6.78 -8.61
CA SER A 61 9.87 8.19 -8.91
C SER A 61 9.55 8.35 -10.39
N LYS A 62 8.48 7.74 -10.85
CA LYS A 62 8.11 7.84 -12.29
C LYS A 62 6.60 7.99 -12.44
N THR A 63 6.15 8.29 -13.64
CA THR A 63 4.69 8.45 -13.87
C THR A 63 3.97 7.12 -13.67
N LEU A 64 2.81 7.15 -13.05
CA LEU A 64 2.05 5.90 -12.81
C LEU A 64 0.73 5.94 -13.58
N ALA A 65 0.40 4.87 -14.26
CA ALA A 65 -0.88 4.85 -15.05
C ALA A 65 -2.01 4.30 -14.19
N GLY A 66 -3.03 5.09 -13.97
CA GLY A 66 -4.19 4.62 -13.14
C GLY A 66 -5.48 4.79 -13.94
N PRO A 67 -6.58 4.35 -13.36
CA PRO A 67 -7.87 4.49 -14.08
C PRO A 67 -8.21 5.96 -14.31
N LYS A 68 -7.81 6.82 -13.40
CA LYS A 68 -8.10 8.27 -13.56
C LYS A 68 -7.27 8.85 -14.70
N GLY A 69 -6.09 8.31 -14.91
CA GLY A 69 -5.22 8.82 -16.01
C GLY A 69 -3.75 8.82 -15.52
N PRO A 70 -2.98 9.72 -16.06
CA PRO A 70 -1.54 9.77 -15.63
C PRO A 70 -1.45 10.30 -14.20
N ILE A 71 -0.39 9.95 -13.51
CA ILE A 71 -0.24 10.42 -12.09
C ILE A 71 1.15 11.03 -11.87
N THR A 72 1.24 12.10 -11.13
CA THR A 72 2.56 12.75 -10.87
C THR A 72 3.07 12.36 -9.47
N GLN A 73 4.35 12.09 -9.35
CA GLN A 73 4.92 11.70 -8.03
C GLN A 73 4.94 12.89 -7.06
N MET A 74 4.70 12.64 -5.80
CA MET A 74 4.72 13.75 -4.80
C MET A 74 5.80 13.50 -3.74
N TYR A 75 5.81 12.33 -3.17
CA TYR A 75 6.84 12.01 -2.12
C TYR A 75 7.71 10.83 -2.54
N THR A 76 8.99 10.89 -2.28
CA THR A 76 9.89 9.77 -2.67
C THR A 76 10.87 9.45 -1.52
N ASN A 77 11.02 8.19 -1.20
CA ASN A 77 11.95 7.80 -0.10
C ASN A 77 12.61 6.46 -0.42
N VAL A 78 13.82 6.48 -0.90
CA VAL A 78 14.53 5.21 -1.24
C VAL A 78 14.88 4.44 0.03
N ASP A 79 15.23 5.12 1.08
CA ASP A 79 15.61 4.44 2.36
C ASP A 79 14.45 3.58 2.89
N GLN A 80 13.28 4.16 2.98
CA GLN A 80 12.10 3.39 3.48
C GLN A 80 11.35 2.69 2.34
N ASP A 81 11.80 2.84 1.11
CA ASP A 81 11.08 2.20 -0.04
C ASP A 81 9.61 2.62 -0.05
N LEU A 82 9.36 3.87 0.24
CA LEU A 82 7.94 4.37 0.28
C LEU A 82 7.76 5.58 -0.65
N VAL A 83 6.74 5.57 -1.46
CA VAL A 83 6.48 6.73 -2.38
C VAL A 83 4.97 6.92 -2.53
N GLY A 84 4.54 8.12 -2.90
CA GLY A 84 3.08 8.37 -3.04
C GLY A 84 2.81 9.34 -4.21
N TRP A 85 1.56 9.57 -4.49
CA TRP A 85 1.19 10.49 -5.60
C TRP A 85 0.15 11.50 -5.10
N GLN A 86 -0.01 12.61 -5.77
CA GLN A 86 -1.02 13.61 -5.33
C GLN A 86 -2.42 13.01 -5.52
N ALA A 87 -3.20 12.95 -4.47
CA ALA A 87 -4.57 12.37 -4.59
C ALA A 87 -5.53 13.38 -5.19
N PRO A 88 -6.39 12.92 -6.07
CA PRO A 88 -7.36 13.86 -6.70
C PRO A 88 -8.40 14.33 -5.66
N PRO A 89 -9.02 15.45 -5.95
CA PRO A 89 -10.03 15.97 -5.00
C PRO A 89 -11.29 15.09 -5.02
N GLY A 90 -11.82 14.77 -3.86
CA GLY A 90 -13.04 13.92 -3.81
C GLY A 90 -12.66 12.47 -3.51
N ALA A 91 -11.44 12.08 -3.82
CA ALA A 91 -11.00 10.68 -3.55
C ALA A 91 -11.10 10.37 -2.05
N ARG A 92 -11.53 9.19 -1.71
CA ARG A 92 -11.65 8.82 -0.26
C ARG A 92 -10.28 8.40 0.27
N SER A 93 -10.09 8.44 1.56
CA SER A 93 -8.78 8.05 2.15
C SER A 93 -8.98 7.06 3.30
N LEU A 94 -7.92 6.45 3.76
CA LEU A 94 -8.05 5.47 4.89
C LEU A 94 -7.36 6.01 6.15
N THR A 95 -7.97 5.80 7.29
CA THR A 95 -7.37 6.28 8.57
C THR A 95 -6.30 5.28 9.07
N PRO A 96 -5.50 5.73 10.00
CA PRO A 96 -4.44 4.81 10.52
C PRO A 96 -5.01 3.86 11.57
N CYS A 97 -4.32 2.78 11.85
CA CYS A 97 -4.81 1.79 12.85
C CYS A 97 -4.66 2.36 14.27
N THR A 98 -5.70 2.32 15.05
CA THR A 98 -5.62 2.84 16.45
C THR A 98 -6.23 1.82 17.42
N CYS A 99 -5.76 0.60 17.39
CA CYS A 99 -6.33 -0.45 18.30
C CYS A 99 -5.25 -1.43 18.81
N GLY A 100 -4.04 -1.37 18.29
CA GLY A 100 -2.97 -2.30 18.75
C GLY A 100 -3.41 -3.76 18.52
N SER A 101 -4.00 -4.03 17.38
CA SER A 101 -4.46 -5.42 17.10
C SER A 101 -3.44 -6.15 16.21
N SER A 102 -2.90 -7.24 16.68
CA SER A 102 -1.91 -8.02 15.87
C SER A 102 -2.57 -8.54 14.59
N ASP A 103 -3.79 -9.01 14.70
CA ASP A 103 -4.50 -9.55 13.49
C ASP A 103 -4.68 -8.44 12.45
N LEU A 104 -4.32 -8.71 11.21
CA LEU A 104 -4.48 -7.68 10.15
C LEU A 104 -5.02 -8.32 8.86
N TYR A 105 -5.66 -7.54 8.03
CA TYR A 105 -6.20 -8.09 6.75
C TYR A 105 -5.34 -7.59 5.58
N LEU A 106 -5.00 -8.46 4.66
CA LEU A 106 -4.15 -8.04 3.50
C LEU A 106 -5.00 -7.91 2.22
N VAL A 107 -4.93 -6.79 1.55
CA VAL A 107 -5.71 -6.60 0.30
C VAL A 107 -4.91 -7.14 -0.89
N THR A 108 -5.58 -7.79 -1.81
CA THR A 108 -4.87 -8.35 -3.01
C THR A 108 -5.57 -7.94 -4.31
N ARG A 109 -4.95 -8.18 -5.43
CA ARG A 109 -5.58 -7.81 -6.73
C ARG A 109 -6.92 -8.54 -6.93
N HIS A 110 -7.11 -9.64 -6.25
CA HIS A 110 -8.39 -10.40 -6.41
C HIS A 110 -9.43 -9.94 -5.38
N ALA A 111 -9.26 -8.76 -4.81
CA ALA A 111 -10.26 -8.24 -3.80
C ALA A 111 -10.46 -9.26 -2.68
N ASP A 112 -9.40 -9.90 -2.25
CA ASP A 112 -9.52 -10.90 -1.15
C ASP A 112 -8.79 -10.40 0.10
N VAL A 113 -9.15 -10.90 1.25
CA VAL A 113 -8.48 -10.46 2.51
C VAL A 113 -8.02 -11.67 3.32
N ILE A 114 -6.80 -11.63 3.81
CA ILE A 114 -6.28 -12.77 4.62
C ILE A 114 -5.84 -12.27 5.99
N PRO A 115 -5.98 -13.11 6.99
CA PRO A 115 -5.57 -12.68 8.35
C PRO A 115 -4.06 -12.86 8.54
N VAL A 116 -3.38 -11.84 9.00
CA VAL A 116 -1.91 -11.94 9.21
C VAL A 116 -1.57 -11.45 10.62
N ARG A 117 -0.80 -12.21 11.35
CA ARG A 117 -0.42 -11.80 12.74
C ARG A 117 0.72 -10.78 12.69
N ARG A 118 0.81 -9.94 13.69
CA ARG A 118 1.90 -8.92 13.72
C ARG A 118 3.04 -9.40 14.62
N ARG A 119 4.21 -9.56 14.08
CA ARG A 119 5.36 -10.01 14.90
C ARG A 119 6.43 -8.91 14.98
N GLY A 120 6.03 -7.68 14.80
CA GLY A 120 7.01 -6.56 14.86
C GLY A 120 6.40 -5.33 14.19
N ASP A 121 7.17 -4.27 14.08
CA ASP A 121 6.63 -3.02 13.44
C ASP A 121 6.30 -3.28 11.96
N SER A 122 7.14 -4.03 11.28
CA SER A 122 6.88 -4.31 9.83
C SER A 122 7.00 -5.82 9.55
N ARG A 123 6.73 -6.64 10.52
CA ARG A 123 6.84 -8.13 10.30
C ARG A 123 5.59 -8.84 10.83
N GLY A 124 5.20 -9.91 10.18
CA GLY A 124 4.00 -10.67 10.62
C GLY A 124 4.04 -12.08 10.04
N SER A 125 3.17 -12.95 10.48
CA SER A 125 3.17 -14.35 9.95
C SER A 125 1.93 -14.57 9.07
N LEU A 126 1.98 -15.55 8.20
CA LEU A 126 0.81 -15.83 7.32
C LEU A 126 0.03 -17.04 7.82
N LEU A 127 -1.23 -16.85 8.16
CA LEU A 127 -2.05 -17.99 8.66
C LEU A 127 -2.23 -19.04 7.57
N SER A 128 -2.44 -18.61 6.35
CA SER A 128 -2.61 -19.57 5.22
C SER A 128 -1.39 -19.51 4.29
N PRO A 129 -0.61 -20.58 4.31
CA PRO A 129 0.59 -20.59 3.42
C PRO A 129 0.16 -20.59 1.95
N ARG A 130 0.55 -19.58 1.21
CA ARG A 130 0.17 -19.52 -0.23
C ARG A 130 1.44 -19.48 -1.10
N PRO A 131 1.28 -19.82 -2.36
CA PRO A 131 2.47 -19.80 -3.26
C PRO A 131 2.96 -18.36 -3.44
N VAL A 132 4.21 -18.21 -3.80
CA VAL A 132 4.78 -16.83 -4.00
C VAL A 132 4.10 -16.15 -5.19
N SER A 133 3.69 -16.91 -6.17
CA SER A 133 3.04 -16.31 -7.37
C SER A 133 1.78 -15.56 -6.97
N TYR A 134 1.02 -16.08 -6.05
CA TYR A 134 -0.24 -15.40 -5.61
C TYR A 134 0.11 -14.06 -4.94
N LEU A 135 1.15 -14.03 -4.15
CA LEU A 135 1.54 -12.76 -3.46
C LEU A 135 2.09 -11.74 -4.47
N LYS A 136 2.70 -12.22 -5.52
CA LYS A 136 3.26 -11.27 -6.55
C LYS A 136 2.15 -10.41 -7.14
N GLY A 137 2.43 -9.16 -7.42
CA GLY A 137 1.40 -8.25 -7.99
C GLY A 137 0.47 -7.74 -6.87
N SER A 138 0.80 -8.00 -5.63
CA SER A 138 -0.06 -7.54 -4.51
C SER A 138 0.66 -6.47 -3.66
N SER A 139 1.93 -6.24 -3.91
CA SER A 139 2.68 -5.21 -3.12
C SER A 139 2.02 -3.84 -3.27
N GLY A 140 1.95 -3.09 -2.21
CA GLY A 140 1.31 -1.74 -2.29
C GLY A 140 -0.10 -1.81 -1.70
N GLY A 141 -0.68 -2.99 -1.64
CA GLY A 141 -2.06 -3.12 -1.06
C GLY A 141 -2.03 -2.67 0.41
N PRO A 142 -3.11 -2.05 0.84
CA PRO A 142 -3.14 -1.57 2.25
C PRO A 142 -3.61 -2.68 3.20
N LEU A 143 -3.03 -2.75 4.36
CA LEU A 143 -3.46 -3.77 5.36
C LEU A 143 -4.36 -3.10 6.41
N LEU A 144 -5.57 -3.58 6.57
CA LEU A 144 -6.49 -2.94 7.56
C LEU A 144 -6.77 -3.87 8.74
N CYS A 145 -6.70 -3.33 9.93
CA CYS A 145 -6.98 -4.16 11.15
C CYS A 145 -8.48 -4.49 11.19
N PRO A 146 -8.84 -5.52 11.94
CA PRO A 146 -10.29 -5.90 12.00
C PRO A 146 -11.19 -4.71 12.36
N SER A 147 -10.65 -3.70 13.00
CA SER A 147 -11.49 -2.51 13.36
C SER A 147 -11.95 -1.79 12.09
N GLY A 148 -11.08 -1.69 11.11
CA GLY A 148 -11.46 -1.00 9.84
C GLY A 148 -10.53 0.20 9.58
N HIS A 149 -9.28 0.10 9.95
CA HIS A 149 -8.33 1.23 9.72
C HIS A 149 -7.04 0.71 9.08
N ALA A 150 -6.43 1.50 8.22
CA ALA A 150 -5.17 1.06 7.56
C ALA A 150 -4.02 1.09 8.56
N VAL A 151 -3.18 0.08 8.55
CA VAL A 151 -2.02 0.04 9.49
C VAL A 151 -0.69 0.10 8.73
N GLY A 152 -0.69 -0.26 7.47
CA GLY A 152 0.58 -0.22 6.67
C GLY A 152 0.32 -0.76 5.26
N ILE A 153 1.36 -0.97 4.49
CA ILE A 153 1.19 -1.48 3.10
C ILE A 153 2.11 -2.68 2.86
N PHE A 154 1.63 -3.68 2.18
CA PHE A 154 2.47 -4.89 1.90
C PHE A 154 3.70 -4.48 1.07
N ARG A 155 4.85 -5.02 1.40
CA ARG A 155 6.10 -4.67 0.63
C ARG A 155 6.68 -5.91 -0.04
N ALA A 156 6.90 -6.96 0.72
CA ALA A 156 7.47 -8.21 0.12
C ALA A 156 7.04 -9.44 0.93
N ALA A 157 7.12 -10.61 0.35
CA ALA A 157 6.71 -11.85 1.07
C ALA A 157 7.92 -12.75 1.28
N VAL A 158 7.93 -13.49 2.37
CA VAL A 158 9.08 -14.40 2.65
C VAL A 158 8.63 -15.86 2.50
N CYS A 159 9.25 -16.59 1.61
CA CYS A 159 8.85 -18.02 1.40
C CYS A 159 10.08 -18.94 1.52
N THR A 160 9.89 -20.11 2.07
CA THR A 160 11.03 -21.05 2.22
C THR A 160 11.28 -21.82 0.92
N ARG A 161 10.28 -22.49 0.42
CA ARG A 161 10.44 -23.25 -0.87
C ARG A 161 9.23 -22.99 -1.78
N GLY A 162 8.99 -21.75 -2.11
CA GLY A 162 7.84 -21.43 -3.00
C GLY A 162 6.58 -21.15 -2.16
N VAL A 163 6.61 -21.43 -0.88
CA VAL A 163 5.41 -21.18 -0.02
C VAL A 163 5.70 -20.03 0.94
N ALA A 164 4.91 -18.98 0.88
CA ALA A 164 5.13 -17.81 1.78
C ALA A 164 4.58 -18.11 3.18
N LYS A 165 5.39 -17.91 4.19
CA LYS A 165 4.92 -18.15 5.59
C LYS A 165 4.81 -16.84 6.35
N ALA A 166 5.56 -15.84 5.96
CA ALA A 166 5.50 -14.52 6.67
C ALA A 166 5.61 -13.38 5.65
N VAL A 167 5.16 -12.21 6.03
CA VAL A 167 5.23 -11.04 5.09
C VAL A 167 5.78 -9.80 5.80
N ASP A 168 6.26 -8.85 5.04
CA ASP A 168 6.81 -7.59 5.64
C ASP A 168 6.05 -6.38 5.10
N PHE A 169 5.66 -5.47 5.97
CA PHE A 169 4.93 -4.25 5.50
C PHE A 169 5.43 -3.01 6.22
N VAL A 170 5.35 -1.86 5.59
CA VAL A 170 5.82 -0.60 6.25
C VAL A 170 4.67 0.01 7.06
N PRO A 171 4.90 0.21 8.34
CA PRO A 171 3.81 0.79 9.17
C PRO A 171 3.53 2.25 8.76
N VAL A 172 2.33 2.71 9.02
CA VAL A 172 1.97 4.12 8.65
C VAL A 172 2.92 5.12 9.32
N GLU A 173 3.57 4.72 10.39
CA GLU A 173 4.49 5.66 11.10
C GLU A 173 5.59 6.16 10.15
N SER A 174 6.11 5.31 9.30
CA SER A 174 7.17 5.75 8.35
C SER A 174 6.55 6.61 7.25
N MET A 175 5.35 6.27 6.84
CA MET A 175 4.67 7.06 5.77
C MET A 175 4.44 8.50 6.23
N GLU A 176 4.06 8.68 7.48
CA GLU A 176 3.81 10.05 8.00
C GLU A 176 5.13 10.82 8.13
N THR A 177 6.17 10.16 8.57
CA THR A 177 7.49 10.84 8.72
C THR A 177 8.02 11.26 7.34
N THR A 178 7.86 10.42 6.36
CA THR A 178 8.36 10.76 4.98
C THR A 178 7.64 12.02 4.47
N MET A 179 6.35 12.06 4.57
CA MET A 179 5.58 13.26 4.09
C MET A 179 6.04 14.51 4.84
N ARG A 180 6.10 14.44 6.14
CA ARG A 180 6.52 15.63 6.94
C ARG A 180 7.94 16.05 6.53
N ALA A 181 8.81 15.11 6.30
CA ALA A 181 10.21 15.45 5.90
C ALA A 181 10.23 16.10 4.52
N SER A 182 9.41 15.61 3.61
CA SER A 182 9.37 16.19 2.23
C SER A 182 10.77 16.26 1.61
N LYS A 183 11.57 15.26 1.83
CA LYS A 183 12.96 15.26 1.27
C LYS A 183 13.03 14.36 0.04
N LYS A 184 13.74 14.77 -0.97
CA LYS A 184 13.86 13.94 -2.21
C LYS A 184 15.22 13.24 -2.24
N LYS A 185 15.24 12.00 -2.67
CA LYS A 185 16.53 11.23 -2.74
C LYS A 185 17.23 11.21 -1.38
N LYS A 186 18.04 12.20 -1.07
CA LYS A 186 18.74 12.21 0.24
C LYS A 186 18.88 13.65 0.74
N GLU B 2 10.92 -11.61 -0.84
CA GLU B 2 10.94 -11.26 -2.28
C GLU B 2 10.01 -10.07 -2.55
N LEU B 3 10.47 -9.08 -3.28
CA LEU B 3 9.62 -7.90 -3.58
C LEU B 3 8.48 -8.27 -4.53
N THR A 22 -16.87 22.93 -16.77
CA THR A 22 -18.06 22.05 -16.65
C THR A 22 -17.62 20.58 -16.55
N GLY A 23 -18.57 19.67 -16.47
CA GLY A 23 -18.21 18.23 -16.36
C GLY A 23 -17.42 17.98 -15.09
N ARG A 24 -16.34 17.24 -15.17
CA ARG A 24 -15.51 16.94 -13.95
C ARG A 24 -16.37 16.36 -12.83
N ASP A 25 -17.31 15.51 -13.17
CA ASP A 25 -18.19 14.89 -12.13
C ASP A 25 -17.37 13.97 -11.22
N LYS A 26 -16.46 13.23 -11.79
CA LYS A 26 -15.61 12.28 -10.97
C LYS A 26 -16.49 11.36 -10.11
N ASN A 27 -15.88 10.49 -9.36
CA ASN A 27 -16.67 9.55 -8.50
C ASN A 27 -16.52 9.93 -7.03
N GLN A 28 -17.60 10.25 -6.36
CA GLN A 28 -17.54 10.63 -4.93
C GLN A 28 -16.96 9.48 -4.09
N VAL A 29 -17.35 8.27 -4.40
CA VAL A 29 -16.84 7.09 -3.62
C VAL A 29 -16.05 6.16 -4.55
N GLU A 30 -14.79 5.94 -4.23
CA GLU A 30 -13.96 5.05 -5.09
C GLU A 30 -13.61 3.76 -4.33
N GLY A 31 -13.55 3.82 -3.02
CA GLY A 31 -13.22 2.61 -2.22
C GLY A 31 -11.88 2.80 -1.50
N GLU A 32 -11.36 4.02 -1.47
CA GLU A 32 -10.05 4.28 -0.78
C GLU A 32 -8.94 3.38 -1.33
N VAL A 33 -9.11 2.85 -2.51
CA VAL A 33 -8.05 1.97 -3.10
C VAL A 33 -8.05 2.13 -4.63
N GLN A 34 -6.89 2.33 -5.22
CA GLN A 34 -6.82 2.50 -6.71
C GLN A 34 -5.85 1.48 -7.31
N VAL A 35 -6.04 1.15 -8.57
CA VAL A 35 -5.14 0.17 -9.24
C VAL A 35 -4.15 0.92 -10.14
N VAL A 36 -2.88 0.74 -9.91
CA VAL A 36 -1.85 1.44 -10.75
C VAL A 36 -1.01 0.40 -11.50
N SER A 37 -0.59 0.71 -12.69
CA SER A 37 0.22 -0.26 -13.48
C SER A 37 1.46 0.43 -14.07
N THR A 38 2.39 -0.34 -14.58
CA THR A 38 3.62 0.26 -15.18
C THR A 38 4.04 -0.52 -16.43
N ALA A 39 5.03 -0.02 -17.13
CA ALA A 39 5.50 -0.73 -18.36
C ALA A 39 6.20 -2.05 -18.02
N THR A 40 6.51 -2.28 -16.76
CA THR A 40 7.19 -3.56 -16.38
C THR A 40 6.26 -4.46 -15.56
N GLN A 41 5.52 -3.88 -14.63
CA GLN A 41 4.60 -4.72 -13.80
C GLN A 41 3.47 -3.86 -13.21
N SER A 42 2.46 -4.50 -12.66
CA SER A 42 1.32 -3.74 -12.06
C SER A 42 1.19 -4.05 -10.57
N PHE A 43 0.66 -3.12 -9.80
CA PHE A 43 0.52 -3.36 -8.33
C PHE A 43 -0.63 -2.50 -7.78
N LEU A 44 -0.87 -2.57 -6.49
CA LEU A 44 -2.01 -1.79 -5.90
C LEU A 44 -1.49 -0.68 -4.97
N ALA A 45 -2.24 0.37 -4.81
CA ALA A 45 -1.82 1.49 -3.92
C ALA A 45 -2.95 1.86 -2.96
N THR A 46 -2.65 2.55 -1.89
CA THR A 46 -3.71 2.94 -0.92
C THR A 46 -3.73 4.46 -0.71
N CYS A 47 -4.89 5.04 -0.54
CA CYS A 47 -4.97 6.51 -0.33
C CYS A 47 -5.05 6.83 1.16
N VAL A 48 -4.00 7.37 1.72
CA VAL A 48 -4.01 7.71 3.18
C VAL A 48 -3.70 9.20 3.36
N ASN A 49 -4.47 9.88 4.18
CA ASN A 49 -4.25 11.35 4.42
C ASN A 49 -4.26 12.12 3.09
N GLY A 50 -5.10 11.72 2.17
CA GLY A 50 -5.19 12.42 0.85
C GLY A 50 -3.93 12.18 0.02
N VAL A 51 -3.18 11.14 0.31
CA VAL A 51 -1.94 10.85 -0.48
C VAL A 51 -1.86 9.35 -0.79
N CYS A 52 -1.64 9.00 -2.03
CA CYS A 52 -1.53 7.56 -2.39
C CYS A 52 -0.19 7.00 -1.92
N TRP A 53 -0.14 5.74 -1.58
CA TRP A 53 1.14 5.15 -1.09
C TRP A 53 1.39 3.78 -1.73
N THR A 54 2.64 3.43 -1.86
CA THR A 54 2.99 2.11 -2.48
C THR A 54 4.48 1.81 -2.25
N VAL A 55 4.97 0.71 -2.76
CA VAL A 55 6.41 0.39 -2.59
C VAL A 55 7.26 1.13 -3.64
N TYR A 56 8.53 1.26 -3.41
CA TYR A 56 9.40 2.00 -4.39
C TYR A 56 9.90 1.08 -5.52
N HIS A 57 10.15 -0.17 -5.24
CA HIS A 57 10.64 -1.08 -6.34
C HIS A 57 9.53 -1.36 -7.36
N GLY A 58 8.29 -1.17 -6.98
CA GLY A 58 7.17 -1.41 -7.94
C GLY A 58 7.06 -0.24 -8.92
N ALA A 59 7.01 0.97 -8.39
CA ALA A 59 6.90 2.16 -9.27
C ALA A 59 8.28 2.75 -9.54
N GLY A 60 9.05 2.99 -8.51
CA GLY A 60 10.42 3.55 -8.68
C GLY A 60 10.33 5.07 -8.86
N SER A 61 9.34 5.69 -8.25
CA SER A 61 9.18 7.19 -8.37
C SER A 61 9.07 7.59 -9.84
N LYS A 62 8.35 6.81 -10.61
CA LYS A 62 8.18 7.13 -12.06
C LYS A 62 6.71 7.42 -12.36
N THR A 63 6.39 7.75 -13.59
CA THR A 63 4.97 8.02 -13.93
C THR A 63 4.15 6.74 -13.78
N LEU A 64 2.97 6.84 -13.22
CA LEU A 64 2.12 5.63 -13.02
C LEU A 64 0.82 5.76 -13.82
N ALA A 65 0.35 4.67 -14.38
CA ALA A 65 -0.91 4.72 -15.17
C ALA A 65 -2.09 4.20 -14.31
N GLY A 66 -3.04 5.05 -14.02
CA GLY A 66 -4.20 4.63 -13.19
C GLY A 66 -5.49 4.78 -14.01
N PRO A 67 -6.59 4.33 -13.44
CA PRO A 67 -7.87 4.44 -14.18
C PRO A 67 -8.21 5.91 -14.44
N LYS A 68 -7.83 6.78 -13.54
CA LYS A 68 -8.13 8.24 -13.72
C LYS A 68 -7.25 8.81 -14.83
N GLY A 69 -6.07 8.28 -14.98
CA GLY A 69 -5.16 8.79 -16.05
C GLY A 69 -3.71 8.76 -15.52
N PRO A 70 -2.92 9.70 -15.98
CA PRO A 70 -1.50 9.72 -15.51
C PRO A 70 -1.45 10.15 -14.04
N ILE A 71 -0.45 9.69 -13.32
CA ILE A 71 -0.33 10.06 -11.88
C ILE A 71 0.99 10.80 -11.62
N THR A 72 0.93 11.93 -10.97
CA THR A 72 2.18 12.70 -10.68
C THR A 72 2.76 12.29 -9.32
N GLN A 73 4.06 12.27 -9.20
CA GLN A 73 4.69 11.88 -7.90
C GLN A 73 4.86 13.09 -6.98
N MET A 74 4.51 12.94 -5.74
CA MET A 74 4.66 14.07 -4.77
C MET A 74 5.66 13.71 -3.67
N TYR A 75 5.70 12.46 -3.30
CA TYR A 75 6.65 12.02 -2.22
C TYR A 75 7.43 10.78 -2.66
N THR A 76 8.71 10.75 -2.39
CA THR A 76 9.53 9.57 -2.80
C THR A 76 10.53 9.23 -1.69
N ASN A 77 10.61 7.98 -1.29
CA ASN A 77 11.56 7.59 -0.21
C ASN A 77 12.26 6.28 -0.57
N VAL A 78 13.48 6.37 -1.06
CA VAL A 78 14.24 5.14 -1.42
C VAL A 78 14.62 4.34 -0.17
N ASP A 79 14.92 5.04 0.90
CA ASP A 79 15.32 4.34 2.17
C ASP A 79 14.18 3.43 2.65
N GLN A 80 12.98 3.94 2.70
CA GLN A 80 11.83 3.10 3.16
C GLN A 80 11.17 2.36 1.98
N ASP A 81 11.72 2.48 0.78
CA ASP A 81 11.12 1.79 -0.41
C ASP A 81 9.63 2.13 -0.54
N LEU A 82 9.30 3.40 -0.48
CA LEU A 82 7.86 3.81 -0.60
C LEU A 82 7.72 5.08 -1.44
N VAL A 83 6.70 5.15 -2.26
CA VAL A 83 6.48 6.38 -3.09
C VAL A 83 4.98 6.70 -3.11
N GLY A 84 4.62 7.96 -3.05
CA GLY A 84 3.18 8.34 -3.05
C GLY A 84 2.89 9.34 -4.16
N TRP A 85 1.65 9.42 -4.58
CA TRP A 85 1.26 10.38 -5.66
C TRP A 85 0.23 11.38 -5.12
N GLN A 86 -0.02 12.44 -5.85
CA GLN A 86 -1.05 13.43 -5.39
C GLN A 86 -2.44 12.82 -5.53
N ALA A 87 -3.13 12.64 -4.43
CA ALA A 87 -4.50 12.04 -4.50
C ALA A 87 -5.48 13.03 -5.13
N PRO A 88 -6.44 12.50 -5.86
CA PRO A 88 -7.43 13.42 -6.51
C PRO A 88 -8.34 14.06 -5.44
N PRO A 89 -8.95 15.15 -5.82
CA PRO A 89 -9.85 15.83 -4.84
C PRO A 89 -11.12 15.00 -4.62
N GLY A 90 -11.71 15.10 -3.46
CA GLY A 90 -12.96 14.32 -3.18
C GLY A 90 -12.62 12.83 -3.07
N ALA A 91 -11.42 12.51 -2.65
CA ALA A 91 -11.03 11.08 -2.51
C ALA A 91 -11.06 10.64 -1.05
N ARG A 92 -11.54 9.46 -0.78
CA ARG A 92 -11.61 8.96 0.62
C ARG A 92 -10.30 8.25 0.99
N SER A 93 -9.86 8.40 2.21
CA SER A 93 -8.59 7.73 2.62
C SER A 93 -8.79 6.94 3.91
N LEU A 94 -7.91 6.00 4.19
CA LEU A 94 -8.04 5.17 5.42
C LEU A 94 -7.49 5.94 6.63
N THR A 95 -7.88 5.55 7.81
CA THR A 95 -7.38 6.24 9.04
C THR A 95 -6.31 5.38 9.72
N PRO A 96 -5.38 6.04 10.39
CA PRO A 96 -4.30 5.27 11.06
C PRO A 96 -4.89 4.30 12.11
N CYS A 97 -4.34 3.13 12.22
CA CYS A 97 -4.85 2.14 13.22
C CYS A 97 -4.75 2.71 14.64
N THR A 98 -5.79 2.58 15.40
CA THR A 98 -5.78 3.09 16.81
C THR A 98 -6.42 2.05 17.73
N CYS A 99 -5.89 0.85 17.74
CA CYS A 99 -6.48 -0.22 18.60
C CYS A 99 -5.41 -1.15 19.22
N GLY A 100 -4.17 -1.04 18.80
CA GLY A 100 -3.11 -1.93 19.37
C GLY A 100 -3.48 -3.40 19.10
N SER A 101 -3.92 -3.71 17.91
CA SER A 101 -4.31 -5.12 17.59
C SER A 101 -3.29 -5.75 16.64
N SER A 102 -2.86 -6.95 16.95
CA SER A 102 -1.86 -7.65 16.08
C SER A 102 -2.54 -8.21 14.82
N ASP A 103 -3.81 -8.51 14.92
CA ASP A 103 -4.55 -9.06 13.74
C ASP A 103 -4.64 -8.01 12.64
N LEU A 104 -4.28 -8.36 11.42
CA LEU A 104 -4.35 -7.38 10.30
C LEU A 104 -4.97 -8.03 9.05
N TYR A 105 -5.71 -7.27 8.29
CA TYR A 105 -6.34 -7.82 7.05
C TYR A 105 -5.61 -7.28 5.82
N LEU A 106 -5.23 -8.14 4.91
CA LEU A 106 -4.48 -7.67 3.69
C LEU A 106 -5.38 -7.76 2.45
N VAL A 107 -5.26 -6.81 1.56
CA VAL A 107 -6.09 -6.82 0.31
C VAL A 107 -5.19 -7.13 -0.89
N THR A 108 -5.58 -8.08 -1.71
CA THR A 108 -4.75 -8.43 -2.90
C THR A 108 -5.35 -7.83 -4.18
N ARG A 109 -4.68 -8.03 -5.29
CA ARG A 109 -5.18 -7.48 -6.59
C ARG A 109 -6.46 -8.21 -7.03
N HIS A 110 -6.70 -9.39 -6.50
CA HIS A 110 -7.93 -10.16 -6.90
C HIS A 110 -9.10 -9.85 -5.96
N ALA A 111 -9.08 -8.71 -5.31
CA ALA A 111 -10.20 -8.35 -4.36
C ALA A 111 -10.41 -9.44 -3.31
N ASP A 112 -9.33 -10.02 -2.83
CA ASP A 112 -9.46 -11.08 -1.80
C ASP A 112 -8.85 -10.60 -0.48
N VAL A 113 -9.22 -11.21 0.62
CA VAL A 113 -8.66 -10.77 1.94
C VAL A 113 -8.13 -11.98 2.73
N ILE A 114 -6.98 -11.84 3.33
CA ILE A 114 -6.39 -12.96 4.11
C ILE A 114 -5.98 -12.46 5.51
N PRO A 115 -6.38 -13.19 6.53
CA PRO A 115 -6.01 -12.75 7.90
C PRO A 115 -4.51 -12.92 8.13
N VAL A 116 -3.85 -11.87 8.53
CA VAL A 116 -2.38 -11.95 8.80
C VAL A 116 -2.07 -11.49 10.22
N ARG A 117 -1.32 -12.27 10.96
CA ARG A 117 -1.00 -11.88 12.37
C ARG A 117 0.24 -10.98 12.38
N ARG A 118 0.21 -9.93 13.16
CA ARG A 118 1.38 -9.00 13.24
C ARG A 118 2.42 -9.53 14.23
N ARG A 119 3.62 -9.76 13.77
CA ARG A 119 4.69 -10.27 14.69
C ARG A 119 5.75 -9.18 14.92
N GLY A 120 5.41 -7.94 14.68
CA GLY A 120 6.39 -6.83 14.88
C GLY A 120 5.88 -5.57 14.18
N ASP A 121 6.63 -4.50 14.26
CA ASP A 121 6.19 -3.23 13.60
C ASP A 121 6.26 -3.37 12.08
N SER A 122 7.29 -4.01 11.58
CA SER A 122 7.42 -4.17 10.11
C SER A 122 7.46 -5.65 9.72
N ARG A 123 6.94 -6.52 10.56
CA ARG A 123 6.96 -7.98 10.23
C ARG A 123 5.59 -8.60 10.52
N GLY A 124 5.14 -9.48 9.66
CA GLY A 124 3.81 -10.13 9.87
C GLY A 124 3.91 -11.62 9.51
N SER A 125 2.97 -12.41 9.93
CA SER A 125 3.00 -13.87 9.62
C SER A 125 1.68 -14.31 8.97
N LEU A 126 1.74 -15.23 8.05
CA LEU A 126 0.49 -15.71 7.37
C LEU A 126 0.03 -17.03 7.98
N LEU A 127 -1.23 -17.11 8.34
CA LEU A 127 -1.76 -18.38 8.93
C LEU A 127 -1.79 -19.48 7.87
N SER A 128 -2.18 -19.12 6.66
CA SER A 128 -2.24 -20.13 5.57
C SER A 128 -1.12 -19.86 4.56
N PRO A 129 -0.17 -20.78 4.48
CA PRO A 129 0.95 -20.56 3.52
C PRO A 129 0.43 -20.59 2.08
N ARG A 130 0.89 -19.69 1.26
CA ARG A 130 0.43 -19.64 -0.17
C ARG A 130 1.65 -19.58 -1.10
N PRO A 131 1.42 -19.94 -2.34
CA PRO A 131 2.56 -19.90 -3.30
C PRO A 131 3.02 -18.46 -3.52
N VAL A 132 4.27 -18.28 -3.86
CA VAL A 132 4.80 -16.89 -4.09
C VAL A 132 4.12 -16.25 -5.30
N SER A 133 3.64 -17.05 -6.22
CA SER A 133 2.96 -16.48 -7.43
C SER A 133 1.74 -15.65 -7.02
N TYR A 134 1.00 -16.11 -6.04
CA TYR A 134 -0.20 -15.35 -5.59
C TYR A 134 0.23 -14.02 -4.95
N LEU A 135 1.29 -14.05 -4.19
CA LEU A 135 1.77 -12.79 -3.52
C LEU A 135 2.23 -11.78 -4.58
N LYS A 136 2.81 -12.25 -5.65
CA LYS A 136 3.29 -11.32 -6.72
C LYS A 136 2.13 -10.49 -7.27
N GLY A 137 2.36 -9.25 -7.58
CA GLY A 137 1.28 -8.37 -8.11
C GLY A 137 0.40 -7.85 -6.96
N SER A 138 0.81 -8.06 -5.74
CA SER A 138 -0.01 -7.58 -4.58
C SER A 138 0.77 -6.54 -3.76
N SER A 139 2.03 -6.31 -4.08
CA SER A 139 2.82 -5.30 -3.31
C SER A 139 2.17 -3.93 -3.42
N GLY A 140 2.15 -3.18 -2.35
CA GLY A 140 1.52 -1.83 -2.37
C GLY A 140 0.11 -1.90 -1.76
N GLY A 141 -0.46 -3.08 -1.67
CA GLY A 141 -1.82 -3.20 -1.08
C GLY A 141 -1.80 -2.72 0.37
N PRO A 142 -2.92 -2.22 0.85
CA PRO A 142 -2.94 -1.73 2.25
C PRO A 142 -3.46 -2.79 3.21
N LEU A 143 -2.92 -2.82 4.40
CA LEU A 143 -3.39 -3.81 5.43
C LEU A 143 -4.41 -3.10 6.32
N LEU A 144 -5.67 -3.36 6.12
CA LEU A 144 -6.73 -2.68 6.92
C LEU A 144 -6.94 -3.36 8.27
N CYS A 145 -7.51 -2.63 9.20
CA CYS A 145 -7.78 -3.18 10.56
C CYS A 145 -9.22 -3.69 10.65
N PRO A 146 -9.48 -4.48 11.66
CA PRO A 146 -10.89 -4.97 11.82
C PRO A 146 -11.79 -3.75 12.11
N SER A 147 -11.23 -2.77 12.77
CA SER A 147 -12.01 -1.54 13.08
C SER A 147 -12.27 -0.75 11.80
N GLY A 148 -11.31 -0.75 10.90
CA GLY A 148 -11.48 -0.01 9.61
C GLY A 148 -10.40 1.06 9.48
N HIS A 149 -9.18 0.74 9.84
CA HIS A 149 -8.07 1.74 9.76
C HIS A 149 -6.86 1.14 9.02
N ALA A 150 -6.15 1.94 8.27
CA ALA A 150 -4.95 1.43 7.55
C ALA A 150 -3.83 1.10 8.54
N VAL A 151 -3.13 0.03 8.32
CA VAL A 151 -2.02 -0.35 9.26
C VAL A 151 -0.67 -0.23 8.56
N GLY A 152 -0.57 -0.71 7.34
CA GLY A 152 0.74 -0.61 6.60
C GLY A 152 0.56 -1.08 5.17
N ILE A 153 1.62 -1.06 4.40
CA ILE A 153 1.53 -1.50 2.97
C ILE A 153 2.47 -2.69 2.72
N PHE A 154 1.96 -3.74 2.11
CA PHE A 154 2.81 -4.94 1.83
C PHE A 154 4.00 -4.54 0.93
N ARG A 155 5.18 -5.03 1.25
CA ARG A 155 6.37 -4.68 0.43
C ARG A 155 6.93 -5.93 -0.25
N ALA A 156 7.19 -6.96 0.51
CA ALA A 156 7.74 -8.22 -0.09
C ALA A 156 7.30 -9.43 0.74
N ALA A 157 7.32 -10.61 0.15
CA ALA A 157 6.90 -11.83 0.89
C ALA A 157 8.11 -12.73 1.16
N VAL A 158 8.09 -13.44 2.25
CA VAL A 158 9.23 -14.34 2.59
C VAL A 158 8.80 -15.80 2.45
N CYS A 159 9.44 -16.53 1.59
CA CYS A 159 9.07 -17.97 1.39
C CYS A 159 10.32 -18.86 1.44
N THR A 160 10.17 -20.07 1.90
CA THR A 160 11.34 -21.01 1.98
C THR A 160 11.77 -21.42 0.57
N ARG A 161 10.82 -21.81 -0.25
CA ARG A 161 11.15 -22.23 -1.64
C ARG A 161 9.88 -22.26 -2.49
N GLY A 162 9.15 -21.17 -2.51
CA GLY A 162 7.89 -21.13 -3.31
C GLY A 162 6.69 -20.94 -2.37
N VAL A 163 6.85 -21.22 -1.09
CA VAL A 163 5.70 -21.07 -0.14
C VAL A 163 5.98 -19.89 0.81
N ALA A 164 5.13 -18.89 0.79
CA ALA A 164 5.33 -17.72 1.68
C ALA A 164 4.60 -17.91 3.01
N LYS A 165 5.31 -17.80 4.11
CA LYS A 165 4.67 -17.97 5.44
C LYS A 165 4.68 -16.65 6.22
N ALA A 166 5.66 -15.82 5.96
CA ALA A 166 5.75 -14.51 6.68
C ALA A 166 5.94 -13.38 5.66
N VAL A 167 5.46 -12.20 5.98
CA VAL A 167 5.60 -11.05 5.04
C VAL A 167 6.16 -9.83 5.77
N ASP A 168 6.71 -8.90 5.03
CA ASP A 168 7.28 -7.66 5.65
C ASP A 168 6.61 -6.42 5.05
N PHE A 169 6.20 -5.50 5.89
CA PHE A 169 5.53 -4.27 5.36
C PHE A 169 5.99 -3.04 6.15
N VAL A 170 5.82 -1.86 5.58
CA VAL A 170 6.23 -0.62 6.29
C VAL A 170 5.01 -0.04 7.03
N PRO A 171 5.15 0.14 8.33
CA PRO A 171 4.00 0.68 9.10
C PRO A 171 3.65 2.10 8.62
N VAL A 172 2.41 2.48 8.77
CA VAL A 172 1.97 3.85 8.31
C VAL A 172 2.79 4.94 9.01
N GLU A 173 3.35 4.64 10.16
CA GLU A 173 4.16 5.66 10.90
C GLU A 173 5.35 6.11 10.03
N SER A 174 5.99 5.21 9.35
CA SER A 174 7.16 5.58 8.50
C SER A 174 6.74 6.60 7.44
N MET A 175 5.58 6.41 6.85
CA MET A 175 5.11 7.36 5.79
C MET A 175 4.75 8.71 6.43
N GLU A 176 4.13 8.69 7.58
CA GLU A 176 3.74 9.97 8.25
C GLU A 176 4.99 10.81 8.54
N THR A 177 6.05 10.19 8.96
CA THR A 177 7.31 10.96 9.26
C THR A 177 7.83 11.61 7.97
N THR A 178 7.77 10.91 6.87
CA THR A 178 8.27 11.48 5.58
C THR A 178 7.33 12.60 5.11
N MET A 179 6.04 12.41 5.27
CA MET A 179 5.06 13.45 4.82
C MET A 179 5.31 14.76 5.58
N ARG A 180 5.59 14.67 6.86
CA ARG A 180 5.83 15.91 7.66
C ARG A 180 7.02 16.69 7.07
N ALA A 181 8.05 16.00 6.66
CA ALA A 181 9.24 16.70 6.08
C ALA A 181 8.88 17.31 4.72
N SER A 182 8.11 16.60 3.92
CA SER A 182 7.71 17.13 2.58
C SER A 182 8.92 17.63 1.79
N LYS A 183 10.03 16.93 1.87
CA LYS A 183 11.26 17.36 1.13
C LYS A 183 11.41 16.55 -0.15
N LYS A 184 11.41 17.21 -1.28
CA LYS A 184 11.56 16.48 -2.58
C LYS A 184 12.69 17.10 -3.41
N LYS A 185 13.67 17.67 -2.77
CA LYS A 185 14.80 18.31 -3.50
C LYS A 185 15.51 17.26 -4.38
N LYS A 186 15.69 16.06 -3.87
CA LYS A 186 16.37 14.99 -4.66
C LYS A 186 16.05 13.62 -4.08
N GLU B 2 10.95 -11.54 -0.97
CA GLU B 2 10.85 -11.34 -2.45
C GLU B 2 9.98 -10.12 -2.76
N LEU B 3 10.46 -9.23 -3.59
CA LEU B 3 9.65 -8.02 -3.93
C LEU B 3 8.50 -8.40 -4.88
N THR A 22 -17.62 23.09 -9.26
CA THR A 22 -18.47 22.23 -10.12
C THR A 22 -18.37 20.76 -9.68
N GLY A 23 -19.48 20.12 -9.48
CA GLY A 23 -19.46 18.69 -9.05
C GLY A 23 -20.80 18.32 -8.41
N ARG A 24 -20.99 18.69 -7.16
CA ARG A 24 -22.28 18.37 -6.46
C ARG A 24 -22.56 16.85 -6.49
N ASP A 25 -23.20 16.36 -7.53
CA ASP A 25 -23.51 14.90 -7.61
C ASP A 25 -22.69 14.24 -8.73
N LYS A 26 -21.57 14.82 -9.08
CA LYS A 26 -20.73 14.23 -10.17
C LYS A 26 -19.69 13.29 -9.58
N ASN A 27 -19.72 12.04 -9.96
CA ASN A 27 -18.73 11.05 -9.44
C ASN A 27 -18.47 9.97 -10.49
N GLN A 28 -17.49 10.20 -11.35
CA GLN A 28 -17.18 9.20 -12.42
C GLN A 28 -16.57 7.94 -11.80
N VAL A 29 -15.71 8.11 -10.81
CA VAL A 29 -15.09 6.92 -10.16
C VAL A 29 -14.82 7.20 -8.67
N GLU A 30 -14.88 6.19 -7.85
CA GLU A 30 -14.64 6.39 -6.39
C GLU A 30 -14.15 5.07 -5.76
N GLY A 31 -13.51 5.15 -4.62
CA GLY A 31 -13.01 3.92 -3.95
C GLY A 31 -11.71 4.23 -3.19
N GLU A 32 -11.63 3.86 -1.95
CA GLU A 32 -10.39 4.12 -1.15
C GLU A 32 -9.19 3.39 -1.78
N VAL A 33 -9.42 2.19 -2.27
CA VAL A 33 -8.31 1.42 -2.90
C VAL A 33 -8.42 1.48 -4.43
N GLN A 34 -7.36 1.86 -5.10
CA GLN A 34 -7.41 1.95 -6.58
C GLN A 34 -6.29 1.09 -7.20
N VAL A 35 -6.47 0.68 -8.43
CA VAL A 35 -5.43 -0.16 -9.10
C VAL A 35 -4.41 0.75 -9.79
N VAL A 36 -3.17 0.67 -9.39
CA VAL A 36 -2.10 1.50 -10.02
C VAL A 36 -1.20 0.61 -10.86
N SER A 37 -0.70 1.10 -11.98
CA SER A 37 0.18 0.26 -12.85
C SER A 37 1.27 1.10 -13.51
N THR A 38 2.27 0.45 -14.04
CA THR A 38 3.38 1.18 -14.72
C THR A 38 3.84 0.40 -15.95
N ALA A 39 4.82 0.89 -16.66
CA ALA A 39 5.31 0.19 -17.88
C ALA A 39 6.16 -1.05 -17.50
N THR A 40 6.44 -1.23 -16.23
CA THR A 40 7.27 -2.40 -15.81
C THR A 40 6.41 -3.49 -15.16
N GLN A 41 5.70 -3.16 -14.11
CA GLN A 41 4.85 -4.17 -13.41
C GLN A 41 3.55 -3.53 -12.91
N SER A 42 2.60 -4.35 -12.47
CA SER A 42 1.31 -3.80 -11.98
C SER A 42 1.10 -4.14 -10.49
N PHE A 43 0.43 -3.29 -9.76
CA PHE A 43 0.22 -3.55 -8.30
C PHE A 43 -0.92 -2.66 -7.78
N LEU A 44 -1.21 -2.75 -6.51
CA LEU A 44 -2.33 -1.93 -5.94
C LEU A 44 -1.78 -0.88 -4.97
N ALA A 45 -2.44 0.26 -4.88
CA ALA A 45 -1.97 1.33 -3.96
C ALA A 45 -3.10 1.75 -3.03
N THR A 46 -2.78 2.36 -1.93
CA THR A 46 -3.84 2.80 -0.96
C THR A 46 -3.80 4.31 -0.77
N CYS A 47 -4.95 4.94 -0.71
CA CYS A 47 -4.99 6.42 -0.52
C CYS A 47 -5.11 6.75 0.96
N VAL A 48 -4.08 7.31 1.55
CA VAL A 48 -4.14 7.68 2.99
C VAL A 48 -3.91 9.19 3.13
N ASN A 49 -4.77 9.86 3.87
CA ASN A 49 -4.64 11.34 4.05
C ASN A 49 -4.62 12.05 2.69
N GLY A 50 -5.37 11.54 1.74
CA GLY A 50 -5.42 12.17 0.38
C GLY A 50 -4.09 11.96 -0.35
N VAL A 51 -3.31 10.99 0.05
CA VAL A 51 -2.01 10.74 -0.65
C VAL A 51 -1.88 9.26 -1.01
N CYS A 52 -1.55 8.95 -2.24
CA CYS A 52 -1.39 7.53 -2.65
C CYS A 52 -0.06 6.99 -2.11
N TRP A 53 -0.08 5.85 -1.46
CA TRP A 53 1.18 5.29 -0.90
C TRP A 53 1.43 3.86 -1.36
N THR A 54 2.64 3.55 -1.73
CA THR A 54 3.00 2.17 -2.17
C THR A 54 4.52 2.00 -2.07
N VAL A 55 5.03 0.84 -2.43
CA VAL A 55 6.50 0.63 -2.34
C VAL A 55 7.21 1.23 -3.57
N TYR A 56 8.46 1.57 -3.42
CA TYR A 56 9.23 2.18 -4.55
C TYR A 56 9.52 1.17 -5.66
N HIS A 57 9.86 -0.05 -5.33
CA HIS A 57 10.20 -1.05 -6.39
C HIS A 57 8.96 -1.32 -7.27
N GLY A 58 7.78 -1.12 -6.75
CA GLY A 58 6.55 -1.35 -7.55
C GLY A 58 6.36 -0.20 -8.54
N ALA A 59 6.41 1.01 -8.06
CA ALA A 59 6.25 2.20 -8.95
C ALA A 59 7.59 2.92 -9.11
N GLY A 60 8.15 3.38 -8.03
CA GLY A 60 9.46 4.09 -8.11
C GLY A 60 9.23 5.54 -8.54
N SER A 61 10.28 6.30 -8.72
CA SER A 61 10.13 7.72 -9.15
C SER A 61 9.88 7.78 -10.65
N LYS A 62 8.73 7.31 -11.09
CA LYS A 62 8.40 7.34 -12.54
C LYS A 62 6.92 7.66 -12.75
N THR A 63 6.50 7.75 -13.98
CA THR A 63 5.06 8.06 -14.26
C THR A 63 4.18 6.92 -13.77
N LEU A 64 3.05 7.23 -13.18
CA LEU A 64 2.14 6.17 -12.67
C LEU A 64 0.85 6.13 -13.50
N ALA A 65 0.40 4.96 -13.85
CA ALA A 65 -0.85 4.84 -14.66
C ALA A 65 -2.03 4.44 -13.75
N GLY A 66 -2.94 5.35 -13.52
CA GLY A 66 -4.11 5.02 -12.66
C GLY A 66 -5.38 4.96 -13.52
N PRO A 67 -6.50 4.70 -12.88
CA PRO A 67 -7.76 4.61 -13.68
C PRO A 67 -8.10 5.98 -14.28
N LYS A 68 -7.76 7.04 -13.58
CA LYS A 68 -8.06 8.41 -14.10
C LYS A 68 -7.10 8.77 -15.23
N GLY A 69 -5.89 8.27 -15.17
CA GLY A 69 -4.88 8.58 -16.23
C GLY A 69 -3.49 8.68 -15.60
N PRO A 70 -2.64 9.49 -16.20
CA PRO A 70 -1.28 9.63 -15.64
C PRO A 70 -1.31 10.41 -14.32
N ILE A 71 -0.48 10.03 -13.39
CA ILE A 71 -0.47 10.74 -12.07
C ILE A 71 0.94 11.23 -11.73
N THR A 72 1.08 12.48 -11.37
CA THR A 72 2.43 13.03 -11.01
C THR A 72 2.83 12.56 -9.61
N GLN A 73 4.11 12.41 -9.37
CA GLN A 73 4.56 11.95 -8.01
C GLN A 73 5.06 13.12 -7.17
N MET A 74 4.75 13.13 -5.90
CA MET A 74 5.20 14.23 -5.01
C MET A 74 6.20 13.72 -3.98
N TYR A 75 6.14 12.44 -3.67
CA TYR A 75 7.09 11.87 -2.66
C TYR A 75 7.94 10.77 -3.29
N THR A 76 9.21 10.72 -2.95
CA THR A 76 10.11 9.67 -3.51
C THR A 76 11.20 9.33 -2.50
N ASN A 77 11.39 8.05 -2.23
CA ASN A 77 12.45 7.64 -1.25
C ASN A 77 13.00 6.26 -1.62
N VAL A 78 14.13 6.24 -2.29
CA VAL A 78 14.73 4.92 -2.68
C VAL A 78 15.27 4.19 -1.45
N ASP A 79 15.88 4.91 -0.53
CA ASP A 79 16.43 4.27 0.70
C ASP A 79 15.30 3.60 1.49
N GLN A 80 14.18 4.27 1.64
CA GLN A 80 13.05 3.67 2.41
C GLN A 80 12.11 2.88 1.47
N ASP A 81 12.41 2.83 0.19
CA ASP A 81 11.54 2.08 -0.77
C ASP A 81 10.08 2.54 -0.66
N LEU A 82 9.86 3.83 -0.61
CA LEU A 82 8.45 4.35 -0.52
C LEU A 82 8.24 5.50 -1.49
N VAL A 83 7.06 5.59 -2.07
CA VAL A 83 6.76 6.68 -3.04
C VAL A 83 5.26 7.01 -2.98
N GLY A 84 4.88 8.20 -3.39
CA GLY A 84 3.44 8.57 -3.36
C GLY A 84 3.13 9.62 -4.44
N TRP A 85 1.88 9.75 -4.79
CA TRP A 85 1.49 10.75 -5.84
C TRP A 85 0.35 11.63 -5.30
N GLN A 86 0.23 12.83 -5.81
CA GLN A 86 -0.86 13.74 -5.34
C GLN A 86 -2.22 13.12 -5.68
N ALA A 87 -3.00 12.80 -4.68
CA ALA A 87 -4.33 12.18 -4.94
C ALA A 87 -5.35 13.27 -5.38
N PRO A 88 -6.11 12.96 -6.41
CA PRO A 88 -7.11 13.96 -6.87
C PRO A 88 -8.23 14.11 -5.85
N PRO A 89 -8.93 15.23 -5.93
CA PRO A 89 -10.04 15.44 -4.96
C PRO A 89 -11.22 14.54 -5.31
N GLY A 90 -12.07 14.25 -4.35
CA GLY A 90 -13.24 13.37 -4.61
C GLY A 90 -12.94 11.93 -4.19
N ALA A 91 -11.68 11.57 -4.11
CA ALA A 91 -11.32 10.19 -3.71
C ALA A 91 -11.40 10.04 -2.18
N ARG A 92 -11.52 8.82 -1.69
CA ARG A 92 -11.61 8.61 -0.22
C ARG A 92 -10.23 8.27 0.36
N SER A 93 -10.08 8.34 1.65
CA SER A 93 -8.76 8.03 2.28
C SER A 93 -8.96 7.08 3.47
N LEU A 94 -7.89 6.54 3.99
CA LEU A 94 -8.00 5.60 5.14
C LEU A 94 -7.25 6.14 6.36
N THR A 95 -7.82 6.02 7.53
CA THR A 95 -7.16 6.52 8.77
C THR A 95 -6.15 5.47 9.28
N PRO A 96 -5.31 5.89 10.20
CA PRO A 96 -4.31 4.93 10.74
C PRO A 96 -4.95 4.01 11.79
N CYS A 97 -4.29 2.94 12.15
CA CYS A 97 -4.85 2.00 13.17
C CYS A 97 -4.85 2.68 14.55
N THR A 98 -5.93 2.52 15.27
CA THR A 98 -6.02 3.13 16.63
C THR A 98 -6.63 2.12 17.61
N CYS A 99 -6.05 0.94 17.71
CA CYS A 99 -6.62 -0.09 18.63
C CYS A 99 -5.52 -0.93 19.32
N GLY A 100 -4.27 -0.79 18.94
CA GLY A 100 -3.19 -1.58 19.59
C GLY A 100 -3.46 -3.08 19.39
N SER A 101 -3.90 -3.46 18.22
CA SER A 101 -4.19 -4.90 17.95
C SER A 101 -3.16 -5.49 16.99
N SER A 102 -3.02 -6.79 16.97
CA SER A 102 -2.03 -7.45 16.07
C SER A 102 -2.73 -8.17 14.92
N ASP A 103 -3.95 -7.80 14.62
CA ASP A 103 -4.69 -8.48 13.50
C ASP A 103 -4.62 -7.62 12.23
N LEU A 104 -4.07 -8.14 11.17
CA LEU A 104 -3.96 -7.36 9.91
C LEU A 104 -4.46 -8.19 8.72
N TYR A 105 -5.29 -7.61 7.89
CA TYR A 105 -5.82 -8.34 6.70
C TYR A 105 -5.15 -7.81 5.43
N LEU A 106 -4.46 -8.67 4.71
CA LEU A 106 -3.77 -8.22 3.45
C LEU A 106 -4.76 -8.17 2.29
N VAL A 107 -4.81 -7.07 1.59
CA VAL A 107 -5.74 -6.96 0.42
C VAL A 107 -4.96 -7.22 -0.87
N THR A 108 -5.34 -8.23 -1.60
CA THR A 108 -4.61 -8.57 -2.87
C THR A 108 -5.44 -8.14 -4.08
N ARG A 109 -4.90 -8.33 -5.26
CA ARG A 109 -5.64 -7.93 -6.50
C ARG A 109 -6.97 -8.69 -6.60
N HIS A 110 -7.08 -9.82 -5.94
CA HIS A 110 -8.34 -10.61 -6.01
C HIS A 110 -9.31 -10.20 -4.87
N ALA A 111 -9.12 -9.04 -4.30
CA ALA A 111 -10.02 -8.57 -3.19
C ALA A 111 -10.09 -9.60 -2.07
N ASP A 112 -8.98 -10.20 -1.74
CA ASP A 112 -8.98 -11.22 -0.64
C ASP A 112 -8.45 -10.59 0.65
N VAL A 113 -9.23 -10.64 1.70
CA VAL A 113 -8.78 -10.03 3.00
C VAL A 113 -7.49 -10.71 3.49
N ILE A 114 -7.38 -12.01 3.34
CA ILE A 114 -6.15 -12.74 3.79
C ILE A 114 -5.82 -12.39 5.25
N PRO A 115 -6.32 -13.19 6.15
CA PRO A 115 -6.05 -12.91 7.59
C PRO A 115 -4.58 -13.13 7.91
N VAL A 116 -3.91 -12.12 8.39
CA VAL A 116 -2.46 -12.24 8.74
C VAL A 116 -2.24 -11.77 10.17
N ARG A 117 -1.57 -12.57 10.98
CA ARG A 117 -1.31 -12.16 12.39
C ARG A 117 -0.04 -11.32 12.48
N ARG A 118 -0.10 -10.21 13.17
CA ARG A 118 1.10 -9.34 13.31
C ARG A 118 2.13 -9.99 14.23
N ARG A 119 3.37 -10.07 13.81
CA ARG A 119 4.43 -10.69 14.66
C ARG A 119 5.63 -9.75 14.80
N GLY A 120 5.44 -8.48 14.56
CA GLY A 120 6.57 -7.52 14.67
C GLY A 120 6.07 -6.10 14.35
N ASP A 121 6.90 -5.11 14.55
CA ASP A 121 6.48 -3.70 14.25
C ASP A 121 6.10 -3.56 12.78
N SER A 122 6.86 -4.18 11.90
CA SER A 122 6.55 -4.07 10.44
C SER A 122 6.61 -5.45 9.77
N ARG A 123 6.31 -6.49 10.51
CA ARG A 123 6.36 -7.86 9.91
C ARG A 123 5.19 -8.71 10.43
N GLY A 124 4.57 -9.46 9.56
CA GLY A 124 3.42 -10.32 9.98
C GLY A 124 3.69 -11.77 9.55
N SER A 125 2.73 -12.64 9.79
CA SER A 125 2.92 -14.08 9.40
C SER A 125 1.68 -14.59 8.67
N LEU A 126 1.85 -15.54 7.79
CA LEU A 126 0.67 -16.09 7.04
C LEU A 126 0.17 -17.38 7.70
N LEU A 127 -1.11 -17.46 7.95
CA LEU A 127 -1.68 -18.70 8.59
C LEU A 127 -1.57 -19.88 7.63
N SER A 128 -1.82 -19.65 6.35
CA SER A 128 -1.74 -20.76 5.36
C SER A 128 -0.61 -20.47 4.35
N PRO A 129 0.26 -21.45 4.18
CA PRO A 129 1.38 -21.22 3.22
C PRO A 129 0.85 -21.14 1.79
N ARG A 130 1.08 -20.04 1.12
CA ARG A 130 0.59 -19.89 -0.29
C ARG A 130 1.78 -19.64 -1.23
N PRO A 131 1.57 -19.90 -2.49
CA PRO A 131 2.68 -19.68 -3.47
C PRO A 131 3.05 -18.21 -3.53
N VAL A 132 4.28 -17.91 -3.89
CA VAL A 132 4.72 -16.49 -3.97
C VAL A 132 3.99 -15.76 -5.12
N SER A 133 3.50 -16.49 -6.09
CA SER A 133 2.77 -15.83 -7.23
C SER A 133 1.55 -15.08 -6.71
N TYR A 134 0.85 -15.64 -5.76
CA TYR A 134 -0.36 -14.94 -5.20
C TYR A 134 0.05 -13.59 -4.60
N LEU A 135 1.11 -13.58 -3.82
CA LEU A 135 1.59 -12.30 -3.21
C LEU A 135 2.17 -11.40 -4.30
N LYS A 136 2.72 -12.01 -5.34
CA LYS A 136 3.32 -11.20 -6.45
C LYS A 136 2.26 -10.29 -7.08
N GLY A 137 2.55 -9.02 -7.22
CA GLY A 137 1.55 -8.08 -7.82
C GLY A 137 0.65 -7.47 -6.74
N SER A 138 0.75 -7.92 -5.51
CA SER A 138 -0.12 -7.34 -4.44
C SER A 138 0.65 -6.27 -3.63
N SER A 139 1.85 -5.93 -4.04
CA SER A 139 2.63 -4.90 -3.29
C SER A 139 1.86 -3.57 -3.27
N GLY A 140 1.91 -2.85 -2.18
CA GLY A 140 1.18 -1.56 -2.08
C GLY A 140 -0.22 -1.81 -1.49
N GLY A 141 -0.66 -3.05 -1.44
CA GLY A 141 -2.01 -3.34 -0.85
C GLY A 141 -2.03 -2.85 0.60
N PRO A 142 -3.18 -2.39 1.04
CA PRO A 142 -3.25 -1.88 2.44
C PRO A 142 -3.69 -2.98 3.40
N LEU A 143 -3.11 -3.00 4.57
CA LEU A 143 -3.49 -4.00 5.60
C LEU A 143 -4.56 -3.35 6.49
N LEU A 144 -5.79 -3.73 6.31
CA LEU A 144 -6.89 -3.10 7.11
C LEU A 144 -7.02 -3.73 8.49
N CYS A 145 -7.60 -2.98 9.40
CA CYS A 145 -7.78 -3.46 10.80
C CYS A 145 -9.20 -4.04 10.95
N PRO A 146 -9.39 -4.81 12.00
CA PRO A 146 -10.76 -5.35 12.22
C PRO A 146 -11.71 -4.17 12.50
N SER A 147 -11.18 -3.12 13.08
CA SER A 147 -12.00 -1.91 13.37
C SER A 147 -12.33 -1.19 12.06
N GLY A 148 -11.40 -1.20 11.13
CA GLY A 148 -11.64 -0.53 9.82
C GLY A 148 -10.61 0.57 9.60
N HIS A 149 -9.36 0.31 9.94
CA HIS A 149 -8.30 1.35 9.76
C HIS A 149 -7.09 0.75 9.03
N ALA A 150 -6.33 1.58 8.36
CA ALA A 150 -5.13 1.07 7.63
C ALA A 150 -3.93 1.00 8.57
N VAL A 151 -3.39 -0.17 8.76
CA VAL A 151 -2.21 -0.32 9.69
C VAL A 151 -0.90 -0.15 8.92
N GLY A 152 -0.80 -0.72 7.74
CA GLY A 152 0.47 -0.59 6.95
C GLY A 152 0.24 -1.03 5.50
N ILE A 153 1.30 -1.20 4.76
CA ILE A 153 1.17 -1.61 3.32
C ILE A 153 2.11 -2.79 3.03
N PHE A 154 1.65 -3.75 2.26
CA PHE A 154 2.51 -4.93 1.91
C PHE A 154 3.73 -4.46 1.11
N ARG A 155 4.88 -5.01 1.37
CA ARG A 155 6.10 -4.60 0.62
C ARG A 155 6.75 -5.81 -0.06
N ALA A 156 7.02 -6.85 0.69
CA ALA A 156 7.66 -8.06 0.09
C ALA A 156 7.18 -9.33 0.81
N ALA A 157 7.41 -10.48 0.22
CA ALA A 157 6.98 -11.75 0.87
C ALA A 157 8.18 -12.68 1.09
N VAL A 158 8.18 -13.41 2.17
CA VAL A 158 9.31 -14.34 2.45
C VAL A 158 8.83 -15.79 2.30
N CYS A 159 9.43 -16.53 1.40
CA CYS A 159 9.01 -17.95 1.20
C CYS A 159 10.21 -18.90 1.32
N THR A 160 9.98 -20.08 1.84
CA THR A 160 11.10 -21.06 2.00
C THR A 160 11.33 -21.81 0.68
N ARG A 161 10.36 -22.58 0.24
CA ARG A 161 10.52 -23.34 -1.04
C ARG A 161 9.32 -23.10 -1.95
N GLY A 162 9.12 -21.88 -2.38
CA GLY A 162 7.98 -21.57 -3.28
C GLY A 162 6.72 -21.20 -2.46
N VAL A 163 6.76 -21.36 -1.16
CA VAL A 163 5.58 -21.01 -0.33
C VAL A 163 5.91 -19.87 0.62
N ALA A 164 5.07 -18.85 0.66
CA ALA A 164 5.33 -17.70 1.56
C ALA A 164 4.73 -17.95 2.95
N LYS A 165 5.53 -17.86 3.98
CA LYS A 165 5.02 -18.09 5.37
C LYS A 165 4.96 -16.77 6.13
N ALA A 166 5.84 -15.86 5.80
CA ALA A 166 5.85 -14.53 6.51
C ALA A 166 6.07 -13.41 5.50
N VAL A 167 5.55 -12.24 5.79
CA VAL A 167 5.71 -11.08 4.84
C VAL A 167 6.21 -9.85 5.61
N ASP A 168 6.48 -8.79 4.89
CA ASP A 168 6.96 -7.53 5.54
C ASP A 168 6.14 -6.34 5.01
N PHE A 169 5.64 -5.50 5.89
CA PHE A 169 4.84 -4.33 5.42
C PHE A 169 5.35 -3.04 6.08
N VAL A 170 5.16 -1.92 5.42
CA VAL A 170 5.63 -0.62 6.00
C VAL A 170 4.48 0.03 6.77
N PRO A 171 4.69 0.24 8.06
CA PRO A 171 3.60 0.86 8.87
C PRO A 171 3.31 2.27 8.38
N VAL A 172 2.10 2.74 8.59
CA VAL A 172 1.72 4.11 8.14
C VAL A 172 2.57 5.16 8.86
N GLU A 173 3.02 4.86 10.05
CA GLU A 173 3.84 5.85 10.82
C GLU A 173 5.11 6.22 10.03
N SER A 174 5.73 5.26 9.38
CA SER A 174 6.98 5.55 8.62
C SER A 174 6.71 6.59 7.53
N MET A 175 5.63 6.44 6.79
CA MET A 175 5.31 7.43 5.71
C MET A 175 4.90 8.78 6.32
N GLU A 176 4.14 8.75 7.38
CA GLU A 176 3.70 10.03 8.01
C GLU A 176 4.91 10.85 8.48
N THR A 177 5.91 10.19 9.00
CA THR A 177 7.13 10.93 9.47
C THR A 177 7.83 11.59 8.28
N THR A 178 7.88 10.90 7.16
CA THR A 178 8.55 11.48 5.96
C THR A 178 7.71 12.63 5.39
N MET A 179 6.42 12.46 5.37
CA MET A 179 5.52 13.54 4.83
C MET A 179 5.70 14.83 5.63
N ARG A 180 5.82 14.72 6.93
CA ARG A 180 5.99 15.95 7.78
C ARG A 180 7.35 16.60 7.49
N ALA A 181 8.38 15.81 7.31
CA ALA A 181 9.73 16.38 7.03
C ALA A 181 9.76 16.99 5.61
N SER A 182 9.43 16.21 4.61
CA SER A 182 9.43 16.73 3.21
C SER A 182 10.78 17.38 2.86
N LYS A 183 10.93 17.86 1.66
CA LYS A 183 12.22 18.50 1.25
C LYS A 183 12.41 19.82 2.01
N LYS A 184 11.35 20.57 2.18
CA LYS A 184 11.46 21.87 2.92
C LYS A 184 10.54 21.85 4.15
N LYS A 185 11.01 22.40 5.25
CA LYS A 185 10.18 22.42 6.48
C LYS A 185 9.52 23.79 6.66
N LYS A 186 8.28 23.82 7.09
CA LYS A 186 7.58 25.11 7.27
C LYS A 186 7.46 25.45 8.77
N GLU B 2 11.30 -11.33 -0.59
CA GLU B 2 11.25 -11.13 -2.06
C GLU B 2 10.26 -10.02 -2.42
N LEU B 3 10.67 -9.08 -3.23
CA LEU B 3 9.74 -7.97 -3.62
C LEU B 3 8.64 -8.50 -4.53
#